data_9KHF
#
_entry.id   9KHF
#
_cell.length_a   1.00
_cell.length_b   1.00
_cell.length_c   1.00
_cell.angle_alpha   90.00
_cell.angle_beta   90.00
_cell.angle_gamma   90.00
#
_symmetry.space_group_name_H-M   'P 1'
#
loop_
_entity.id
_entity.type
_entity.pdbx_description
1 polymer 'Potassium channel GORK'
2 non-polymer 'POTASSIUM ION'
#
_entity_poly.entity_id   1
_entity_poly.type   'polypeptide(L)'
_entity_poly.pdbx_seq_one_letter_code
;IHPKNRWYKAWEMFILVWAIYSSLFTPMEFGFFRGLPERLFVLDIVGQIAFLVDIVLQFFVAYRDTQTYRTVYKPTRIAF
RYLKSHFLMDFIGCFPWDLIYKASGKHELVRYLLWIRLFRVRKVVEFFQRLEKDTRINYLFTRILKLLFVEVYCTHTAAC
IFYYLATTLPPENEGYTWIGSLKLGDYSYENFREIDLWKRYTTALYFAIVTMATVGYGDIHAVNLREMIFVMIYVSFDMV
LGAYLIGNITALIVKGSNTERFRDKMNDLISFMNRKKLGRDLRSQITGHVRLQYDSHYTDTVMLQDIPASIRAKIAQLLY
LPYIKKVPLFKGCSTEFINQIVIRLHEEYFLPGEVITEQGNVVDHLYFVCEGLLEALVTKTDGSEESVTLLGPHTSFGDI
SIICNISQPFTVRVCELCHLLRLDKQSFSNILEIYFHDGRTILNNIMEEKESNDRIKKLESDIVIHIGKQEAELALKVNS
AAFQGDFYQLKSLIRSGADPNKTDYDGRSPLHLAACRGYEDITLFLIQEGVDVNLKDKFGHTPLFEAVKAGQEGVIGLLV
KEGASFNLEDSGNFLCTTVAKGDSDFLKRLLSSGMNPNSEDYDHRTPLHVAASEGLFLMAKMLVEAGASVISKDRWGNSP
LDEARLCGNKKLIKLLEDVKNAQSSIYPSSLRELQEERIERRKCTVFPFHPQEAKEERSRKHGVVVWIPSNLEKLIVTAA
KELGLSDGASFVLLSEDQGRITDIDMISDGHKLYMISDTTDQT
;
_entity_poly.pdbx_strand_id   A,B,C,D
#
loop_
_chem_comp.id
_chem_comp.type
_chem_comp.name
_chem_comp.formula
K non-polymer 'POTASSIUM ION' 'K 1'
#
# COMPACT_ATOMS: atom_id res chain seq x y z
N ILE A 1 -12.80 14.46 -49.62
CA ILE A 1 -13.51 15.28 -48.64
C ILE A 1 -13.22 14.83 -47.24
N HIS A 2 -13.48 15.67 -46.25
CA HIS A 2 -13.09 15.27 -44.91
C HIS A 2 -14.22 14.91 -43.97
N PRO A 3 -14.09 13.75 -43.29
CA PRO A 3 -15.21 13.31 -42.45
C PRO A 3 -15.74 14.38 -41.50
N LYS A 4 -15.20 15.59 -41.51
CA LYS A 4 -15.77 16.59 -40.62
C LYS A 4 -15.96 17.95 -41.29
N ASN A 5 -16.12 17.94 -42.61
CA ASN A 5 -16.34 19.18 -43.33
C ASN A 5 -17.55 20.00 -42.94
N ARG A 6 -17.46 21.31 -43.06
CA ARG A 6 -18.60 22.12 -42.65
C ARG A 6 -20.06 21.72 -43.09
N TRP A 7 -20.23 21.72 -44.41
CA TRP A 7 -21.49 21.24 -44.96
C TRP A 7 -21.77 19.76 -45.09
N TYR A 8 -20.71 18.99 -45.21
CA TYR A 8 -20.86 17.53 -45.22
C TYR A 8 -21.72 17.19 -44.01
N LYS A 9 -21.48 17.87 -42.88
CA LYS A 9 -22.34 17.68 -41.71
C LYS A 9 -23.75 18.18 -41.99
N ALA A 10 -23.89 19.29 -42.72
CA ALA A 10 -25.22 19.75 -43.12
C ALA A 10 -25.94 18.70 -43.96
N TRP A 11 -25.21 18.10 -44.91
CA TRP A 11 -25.79 17.03 -45.71
C TRP A 11 -26.15 15.83 -44.84
N GLU A 12 -25.33 15.52 -43.84
CA GLU A 12 -25.63 14.42 -42.94
C GLU A 12 -26.95 14.67 -42.21
N MET A 13 -27.17 15.89 -41.74
CA MET A 13 -28.42 16.20 -41.04
C MET A 13 -29.62 16.15 -41.99
N PHE A 14 -29.46 16.68 -43.19
CA PHE A 14 -30.52 16.60 -44.20
C PHE A 14 -30.90 15.14 -44.46
N ILE A 15 -29.89 14.29 -44.67
CA ILE A 15 -30.16 12.90 -44.97
C ILE A 15 -30.68 12.16 -43.74
N LEU A 16 -30.32 12.59 -42.54
CA LEU A 16 -30.91 12.00 -41.34
C LEU A 16 -32.40 12.28 -41.28
N VAL A 17 -32.81 13.51 -41.58
CA VAL A 17 -34.24 13.83 -41.60
C VAL A 17 -34.95 12.98 -42.66
N TRP A 18 -34.35 12.89 -43.85
CA TRP A 18 -34.96 12.08 -44.91
C TRP A 18 -35.03 10.61 -44.52
N ALA A 19 -34.00 10.11 -43.84
CA ALA A 19 -33.99 8.72 -43.41
C ALA A 19 -35.07 8.45 -42.38
N ILE A 20 -35.29 9.38 -41.45
CA ILE A 20 -36.38 9.22 -40.50
C ILE A 20 -37.72 9.17 -41.23
N TYR A 21 -37.89 10.06 -42.21
CA TYR A 21 -39.14 10.07 -42.97
C TYR A 21 -39.37 8.74 -43.68
N SER A 22 -38.33 8.24 -44.37
CA SER A 22 -38.49 7.01 -45.14
C SER A 22 -38.71 5.81 -44.22
N SER A 23 -38.00 5.76 -43.09
CA SER A 23 -38.19 4.67 -42.14
C SER A 23 -39.61 4.67 -41.59
N LEU A 24 -40.17 5.84 -41.30
CA LEU A 24 -41.53 5.89 -40.77
C LEU A 24 -42.60 5.80 -41.86
N PHE A 25 -42.23 5.94 -43.13
CA PHE A 25 -43.22 5.89 -44.19
C PHE A 25 -43.29 4.56 -44.90
N THR A 26 -42.19 3.83 -45.02
CA THR A 26 -42.19 2.60 -45.81
C THR A 26 -43.14 1.53 -45.28
N PRO A 27 -43.17 1.21 -43.98
CA PRO A 27 -44.18 0.25 -43.50
C PRO A 27 -45.61 0.72 -43.76
N MET A 28 -45.87 2.03 -43.66
CA MET A 28 -47.21 2.52 -43.93
C MET A 28 -47.56 2.43 -45.41
N GLU A 29 -46.59 2.68 -46.29
CA GLU A 29 -46.84 2.52 -47.72
C GLU A 29 -47.09 1.06 -48.05
N PHE A 30 -46.36 0.15 -47.42
CA PHE A 30 -46.50 -1.27 -47.72
C PHE A 30 -47.82 -1.82 -47.19
N GLY A 31 -48.17 -1.50 -45.95
CA GLY A 31 -49.32 -2.09 -45.31
C GLY A 31 -50.66 -1.52 -45.72
N PHE A 32 -50.87 -0.23 -45.48
CA PHE A 32 -52.16 0.40 -45.66
C PHE A 32 -52.46 0.78 -47.11
N PHE A 33 -51.59 0.41 -48.06
CA PHE A 33 -51.71 0.93 -49.42
C PHE A 33 -51.30 -0.18 -50.38
N ARG A 34 -52.28 -0.78 -51.05
CA ARG A 34 -52.01 -1.74 -52.11
C ARG A 34 -51.80 -0.98 -53.41
N GLY A 35 -50.65 -0.32 -53.49
CA GLY A 35 -50.35 0.57 -54.60
C GLY A 35 -50.57 2.02 -54.24
N LEU A 36 -49.51 2.81 -54.29
CA LEU A 36 -49.58 4.20 -53.85
C LEU A 36 -50.58 4.96 -54.72
N PRO A 37 -51.34 5.89 -54.14
CA PRO A 37 -52.29 6.67 -54.95
C PRO A 37 -51.56 7.57 -55.94
N GLU A 38 -52.36 8.25 -56.77
CA GLU A 38 -51.80 9.16 -57.75
C GLU A 38 -51.25 10.43 -57.11
N ARG A 39 -51.88 10.89 -56.02
CA ARG A 39 -51.46 12.15 -55.39
C ARG A 39 -50.05 12.06 -54.82
N LEU A 40 -49.60 10.87 -54.43
CA LEU A 40 -48.35 10.69 -53.72
C LEU A 40 -47.29 10.31 -54.75
N PHE A 41 -47.38 10.86 -55.97
CA PHE A 41 -46.38 10.62 -57.00
C PHE A 41 -45.01 11.24 -56.68
N VAL A 42 -45.01 12.58 -56.59
CA VAL A 42 -43.76 13.31 -56.38
C VAL A 42 -43.02 13.08 -55.07
N LEU A 43 -43.72 12.70 -54.00
CA LEU A 43 -43.04 12.47 -52.73
C LEU A 43 -42.08 11.29 -52.83
N ASP A 44 -42.55 10.18 -53.37
CA ASP A 44 -41.69 9.02 -53.60
C ASP A 44 -40.55 9.38 -54.53
N ILE A 45 -40.84 10.09 -55.63
CA ILE A 45 -39.80 10.43 -56.59
C ILE A 45 -38.70 11.25 -55.92
N VAL A 46 -39.09 12.29 -55.17
CA VAL A 46 -38.12 13.17 -54.55
C VAL A 46 -37.28 12.43 -53.51
N GLY A 47 -37.92 11.58 -52.71
CA GLY A 47 -37.15 10.79 -51.75
C GLY A 47 -36.11 9.92 -52.43
N GLN A 48 -36.51 9.28 -53.54
CA GLN A 48 -35.57 8.43 -54.26
C GLN A 48 -34.39 9.23 -54.80
N ILE A 49 -34.66 10.39 -55.42
CA ILE A 49 -33.56 11.15 -55.99
C ILE A 49 -32.64 11.70 -54.89
N ALA A 50 -33.23 12.05 -53.74
CA ALA A 50 -32.40 12.54 -52.64
C ALA A 50 -31.45 11.45 -52.14
N PHE A 51 -31.95 10.22 -51.98
CA PHE A 51 -31.06 9.19 -51.48
C PHE A 51 -30.06 8.74 -52.53
N LEU A 52 -30.41 8.81 -53.82
CA LEU A 52 -29.44 8.53 -54.86
C LEU A 52 -28.32 9.57 -54.88
N VAL A 53 -28.68 10.84 -54.70
CA VAL A 53 -27.68 11.89 -54.61
C VAL A 53 -26.76 11.64 -53.42
N ASP A 54 -27.34 11.22 -52.29
CA ASP A 54 -26.51 10.88 -51.14
C ASP A 54 -25.57 9.72 -51.47
N ILE A 55 -26.04 8.73 -52.22
CA ILE A 55 -25.18 7.62 -52.61
C ILE A 55 -23.99 8.14 -53.39
N VAL A 56 -24.26 8.99 -54.39
CA VAL A 56 -23.19 9.51 -55.24
C VAL A 56 -22.20 10.32 -54.41
N LEU A 57 -22.70 11.14 -53.49
CA LEU A 57 -21.82 11.98 -52.69
C LEU A 57 -21.02 11.15 -51.68
N GLN A 58 -21.62 10.11 -51.12
CA GLN A 58 -20.90 9.21 -50.23
C GLN A 58 -19.79 8.48 -50.99
N PHE A 59 -19.98 8.29 -52.29
CA PHE A 59 -18.93 7.68 -53.11
C PHE A 59 -17.67 8.55 -53.17
N PHE A 60 -17.76 9.82 -52.77
CA PHE A 60 -16.67 10.79 -52.86
C PHE A 60 -16.17 11.25 -51.49
N VAL A 61 -16.24 10.39 -50.47
CA VAL A 61 -15.95 10.80 -49.10
C VAL A 61 -14.83 9.92 -48.55
N ALA A 62 -13.80 10.56 -48.01
CA ALA A 62 -12.70 9.85 -47.38
C ALA A 62 -13.18 9.15 -46.11
N TYR A 63 -12.65 7.95 -45.87
CA TYR A 63 -13.06 7.13 -44.74
C TYR A 63 -11.91 7.01 -43.76
N ARG A 64 -12.23 6.98 -42.46
CA ARG A 64 -11.23 6.79 -41.42
C ARG A 64 -10.96 5.30 -41.26
N ASP A 65 -9.69 4.92 -41.31
CA ASP A 65 -9.32 3.52 -41.10
C ASP A 65 -9.59 3.12 -39.66
N THR A 66 -9.83 1.82 -39.45
CA THR A 66 -10.29 1.31 -38.17
C THR A 66 -9.16 0.81 -37.29
N GLN A 67 -8.39 -0.19 -37.75
CA GLN A 67 -7.31 -0.72 -36.93
C GLN A 67 -6.24 0.32 -36.73
N THR A 68 -6.11 1.26 -37.67
CA THR A 68 -5.07 2.26 -37.67
C THR A 68 -5.52 3.70 -37.81
N TYR A 69 -4.91 4.59 -37.02
CA TYR A 69 -5.41 5.97 -37.01
C TYR A 69 -5.10 6.86 -38.21
N ARG A 70 -5.31 6.31 -39.38
CA ARG A 70 -5.10 7.08 -40.59
C ARG A 70 -6.41 7.20 -41.33
N THR A 71 -6.75 8.39 -41.79
CA THR A 71 -7.94 8.49 -42.59
C THR A 71 -7.38 8.47 -43.98
N VAL A 72 -7.85 7.53 -44.78
CA VAL A 72 -7.29 7.39 -46.10
C VAL A 72 -8.05 8.27 -47.05
N TYR A 73 -7.40 8.75 -48.09
CA TYR A 73 -8.16 9.51 -49.06
C TYR A 73 -7.97 8.93 -50.44
N LYS A 74 -7.72 7.63 -50.55
CA LYS A 74 -7.48 6.98 -51.83
C LYS A 74 -8.82 6.72 -52.51
N PRO A 75 -9.13 7.39 -53.63
CA PRO A 75 -10.47 7.22 -54.23
C PRO A 75 -10.80 5.77 -54.57
N THR A 76 -9.84 5.00 -55.05
CA THR A 76 -10.10 3.59 -55.32
C THR A 76 -10.46 2.84 -54.05
N ARG A 77 -9.81 3.17 -52.94
CA ARG A 77 -10.08 2.45 -51.70
C ARG A 77 -11.39 2.89 -51.05
N ILE A 78 -11.73 4.18 -51.15
CA ILE A 78 -13.05 4.61 -50.69
C ILE A 78 -14.13 3.94 -51.53
N ALA A 79 -13.88 3.80 -52.83
CA ALA A 79 -14.76 3.03 -53.70
C ALA A 79 -14.93 1.64 -53.12
N PHE A 80 -13.84 0.88 -53.05
CA PHE A 80 -13.88 -0.50 -52.57
C PHE A 80 -14.65 -0.64 -51.25
N ARG A 81 -14.32 0.20 -50.27
CA ARG A 81 -14.96 0.09 -48.97
C ARG A 81 -16.45 0.36 -49.06
N TYR A 82 -16.87 1.40 -49.79
CA TYR A 82 -18.29 1.68 -49.91
C TYR A 82 -19.02 0.60 -50.68
N LEU A 83 -18.44 0.15 -51.79
CA LEU A 83 -19.06 -0.89 -52.61
C LEU A 83 -19.10 -2.24 -51.91
N LYS A 84 -18.33 -2.41 -50.84
CA LYS A 84 -18.44 -3.65 -50.07
C LYS A 84 -19.65 -3.63 -49.14
N SER A 85 -19.70 -2.67 -48.22
CA SER A 85 -20.62 -2.76 -47.10
C SER A 85 -22.03 -2.30 -47.44
N HIS A 86 -22.18 -1.02 -47.79
CA HIS A 86 -23.49 -0.38 -47.85
C HIS A 86 -23.73 0.28 -49.21
N PHE A 87 -23.48 -0.47 -50.29
CA PHE A 87 -23.86 0.01 -51.61
C PHE A 87 -25.02 -0.78 -52.21
N LEU A 88 -24.94 -2.12 -52.17
CA LEU A 88 -25.96 -2.93 -52.84
C LEU A 88 -27.34 -2.66 -52.29
N MET A 89 -27.48 -2.64 -50.95
CA MET A 89 -28.79 -2.42 -50.36
C MET A 89 -29.31 -1.02 -50.66
N ASP A 90 -28.43 -0.01 -50.58
CA ASP A 90 -28.86 1.36 -50.82
C ASP A 90 -29.22 1.58 -52.28
N PHE A 91 -28.54 0.88 -53.19
CA PHE A 91 -28.90 0.99 -54.60
C PHE A 91 -30.22 0.28 -54.90
N ILE A 92 -30.39 -0.94 -54.38
CA ILE A 92 -31.63 -1.67 -54.63
C ILE A 92 -32.82 -0.93 -54.05
N GLY A 93 -32.67 -0.37 -52.85
CA GLY A 93 -33.75 0.41 -52.27
C GLY A 93 -34.09 1.65 -53.04
N CYS A 94 -33.21 2.11 -53.93
CA CYS A 94 -33.45 3.35 -54.66
C CYS A 94 -34.34 3.18 -55.88
N PHE A 95 -34.59 1.94 -56.32
CA PHE A 95 -35.40 1.72 -57.50
C PHE A 95 -36.85 2.12 -57.24
N PRO A 96 -37.60 2.52 -58.28
CA PRO A 96 -39.02 2.83 -58.08
C PRO A 96 -39.83 1.57 -57.87
N TRP A 97 -40.24 1.31 -56.62
CA TRP A 97 -40.94 0.09 -56.28
C TRP A 97 -42.44 0.26 -56.25
N ASP A 98 -42.95 1.40 -56.69
CA ASP A 98 -44.37 1.59 -56.93
C ASP A 98 -44.71 1.55 -58.42
N LEU A 99 -43.90 2.19 -59.26
CA LEU A 99 -44.10 2.09 -60.70
C LEU A 99 -43.88 0.67 -61.19
N ILE A 100 -42.88 -0.02 -60.64
CA ILE A 100 -42.65 -1.42 -61.01
C ILE A 100 -43.84 -2.27 -60.63
N TYR A 101 -44.42 -2.04 -59.44
CA TYR A 101 -45.60 -2.79 -59.04
C TYR A 101 -46.77 -2.51 -59.97
N LYS A 102 -46.98 -1.25 -60.34
CA LYS A 102 -48.07 -0.87 -61.23
C LYS A 102 -47.70 -1.02 -62.71
N ALA A 103 -46.68 -1.80 -63.02
CA ALA A 103 -46.34 -2.10 -64.41
C ALA A 103 -46.16 -3.61 -64.60
N SER A 104 -45.72 -4.30 -63.56
CA SER A 104 -45.47 -5.74 -63.64
C SER A 104 -46.70 -6.56 -63.25
N GLY A 105 -47.83 -6.25 -63.87
CA GLY A 105 -49.03 -7.04 -63.69
C GLY A 105 -49.56 -7.08 -62.28
N LYS A 106 -49.14 -6.16 -61.41
CA LYS A 106 -49.59 -6.08 -60.03
C LYS A 106 -49.41 -7.42 -59.30
N HIS A 107 -48.15 -7.83 -59.20
CA HIS A 107 -47.79 -9.03 -58.45
C HIS A 107 -47.30 -8.64 -57.06
N GLU A 108 -47.59 -9.51 -56.09
CA GLU A 108 -47.46 -9.12 -54.69
C GLU A 108 -45.99 -9.04 -54.26
N LEU A 109 -45.13 -9.90 -54.80
CA LEU A 109 -43.77 -9.99 -54.27
C LEU A 109 -42.95 -8.74 -54.58
N VAL A 110 -43.20 -8.08 -55.71
CA VAL A 110 -42.47 -6.86 -56.00
C VAL A 110 -42.82 -5.78 -54.98
N ARG A 111 -44.03 -5.83 -54.42
CA ARG A 111 -44.36 -4.93 -53.32
C ARG A 111 -43.77 -5.41 -52.01
N TYR A 112 -43.70 -6.72 -51.79
CA TYR A 112 -43.03 -7.25 -50.60
C TYR A 112 -41.57 -6.82 -50.56
N LEU A 113 -40.99 -6.54 -51.72
CA LEU A 113 -39.60 -6.08 -51.80
C LEU A 113 -39.41 -4.70 -51.20
N LEU A 114 -40.49 -3.97 -50.91
CA LEU A 114 -40.37 -2.59 -50.43
C LEU A 114 -39.60 -2.50 -49.12
N TRP A 115 -39.53 -3.59 -48.37
CA TRP A 115 -38.88 -3.55 -47.06
C TRP A 115 -37.37 -3.42 -47.13
N ILE A 116 -36.79 -3.34 -48.33
CA ILE A 116 -35.38 -3.02 -48.45
C ILE A 116 -35.12 -1.60 -47.98
N ARG A 117 -36.09 -0.71 -48.16
CA ARG A 117 -35.94 0.69 -47.79
C ARG A 117 -35.82 0.91 -46.30
N LEU A 118 -36.10 -0.11 -45.48
CA LEU A 118 -35.88 0.00 -44.04
C LEU A 118 -34.40 0.04 -43.67
N PHE A 119 -33.51 -0.23 -44.62
CA PHE A 119 -32.08 -0.21 -44.33
C PHE A 119 -31.57 1.19 -44.04
N ARG A 120 -32.37 2.23 -44.30
CA ARG A 120 -31.96 3.59 -43.99
C ARG A 120 -31.98 3.89 -42.50
N VAL A 121 -32.50 3.00 -41.66
CA VAL A 121 -32.42 3.20 -40.21
C VAL A 121 -30.98 3.13 -39.71
N ARG A 122 -30.07 2.63 -40.54
CA ARG A 122 -28.65 2.70 -40.21
C ARG A 122 -28.22 4.15 -39.99
N LYS A 123 -28.88 5.10 -40.65
CA LYS A 123 -28.53 6.51 -40.47
C LYS A 123 -28.79 6.96 -39.05
N VAL A 124 -29.97 6.63 -38.51
CA VAL A 124 -30.28 6.94 -37.12
C VAL A 124 -29.36 6.18 -36.17
N VAL A 125 -29.01 4.94 -36.52
CA VAL A 125 -28.10 4.17 -35.67
C VAL A 125 -26.75 4.86 -35.56
N GLU A 126 -26.18 5.28 -36.70
CA GLU A 126 -24.91 5.99 -36.67
C GLU A 126 -25.04 7.34 -35.96
N PHE A 127 -26.17 8.02 -36.11
CA PHE A 127 -26.37 9.27 -35.38
C PHE A 127 -26.32 9.04 -33.88
N PHE A 128 -26.97 7.98 -33.41
CA PHE A 128 -26.90 7.68 -31.98
C PHE A 128 -25.50 7.28 -31.55
N GLN A 129 -24.73 6.62 -32.43
CA GLN A 129 -23.34 6.33 -32.12
C GLN A 129 -22.54 7.62 -31.95
N ARG A 130 -22.73 8.58 -32.86
CA ARG A 130 -22.04 9.87 -32.75
C ARG A 130 -22.42 10.56 -31.45
N LEU A 131 -23.72 10.56 -31.12
CA LEU A 131 -24.16 11.19 -29.88
C LEU A 131 -23.55 10.51 -28.66
N GLU A 132 -23.38 9.18 -28.73
CA GLU A 132 -22.74 8.47 -27.63
C GLU A 132 -21.28 8.89 -27.47
N LYS A 133 -20.56 9.07 -28.60
CA LYS A 133 -19.16 9.49 -28.50
C LYS A 133 -19.03 10.87 -27.88
N ASP A 134 -19.97 11.76 -28.17
CA ASP A 134 -19.90 13.14 -27.66
C ASP A 134 -19.96 13.14 -26.13
N THR A 135 -19.21 14.08 -25.53
CA THR A 135 -19.09 14.17 -24.08
C THR A 135 -20.17 15.01 -23.43
N ARG A 136 -20.99 15.71 -24.20
CA ARG A 136 -22.07 16.49 -23.61
C ARG A 136 -23.10 15.58 -22.94
N ILE A 137 -23.43 14.46 -23.56
CA ILE A 137 -24.51 13.59 -23.11
C ILE A 137 -23.92 12.36 -22.45
N ASN A 138 -24.44 12.01 -21.28
CA ASN A 138 -24.01 10.82 -20.57
C ASN A 138 -24.23 9.58 -21.42
N TYR A 139 -23.36 8.59 -21.24
CA TYR A 139 -23.44 7.37 -22.05
C TYR A 139 -24.74 6.62 -21.80
N LEU A 140 -25.12 6.46 -20.54
CA LEU A 140 -26.24 5.57 -20.21
C LEU A 140 -27.58 6.22 -20.54
N PHE A 141 -27.70 7.54 -20.41
CA PHE A 141 -28.91 8.19 -20.89
C PHE A 141 -29.03 8.06 -22.40
N THR A 142 -27.90 8.10 -23.11
CA THR A 142 -27.94 7.86 -24.55
C THR A 142 -28.42 6.45 -24.86
N ARG A 143 -27.96 5.46 -24.09
CA ARG A 143 -28.45 4.10 -24.30
C ARG A 143 -29.95 3.97 -24.03
N ILE A 144 -30.43 4.62 -22.97
CA ILE A 144 -31.87 4.60 -22.67
C ILE A 144 -32.66 5.25 -23.80
N LEU A 145 -32.19 6.39 -24.29
CA LEU A 145 -32.87 7.07 -25.39
C LEU A 145 -32.89 6.22 -26.66
N LYS A 146 -31.77 5.55 -26.95
CA LYS A 146 -31.73 4.68 -28.13
C LYS A 146 -32.73 3.53 -28.00
N LEU A 147 -32.81 2.92 -26.81
CA LEU A 147 -33.80 1.86 -26.62
C LEU A 147 -35.23 2.38 -26.72
N LEU A 148 -35.50 3.57 -26.20
CA LEU A 148 -36.83 4.16 -26.35
C LEU A 148 -37.18 4.42 -27.80
N PHE A 149 -36.22 4.82 -28.64
CA PHE A 149 -36.54 4.96 -30.05
C PHE A 149 -36.74 3.61 -30.73
N VAL A 150 -35.95 2.60 -30.34
CA VAL A 150 -36.12 1.26 -30.92
C VAL A 150 -37.50 0.71 -30.61
N GLU A 151 -37.96 0.88 -29.37
CA GLU A 151 -39.28 0.39 -28.99
C GLU A 151 -40.38 1.04 -29.83
N VAL A 152 -40.30 2.36 -30.02
CA VAL A 152 -41.35 3.05 -30.75
C VAL A 152 -41.34 2.67 -32.22
N TYR A 153 -40.15 2.53 -32.81
CA TYR A 153 -40.11 2.10 -34.20
C TYR A 153 -40.67 0.69 -34.37
N CYS A 154 -40.30 -0.22 -33.47
CA CYS A 154 -40.81 -1.58 -33.56
C CYS A 154 -42.33 -1.60 -33.40
N THR A 155 -42.86 -0.76 -32.50
CA THR A 155 -44.30 -0.71 -32.30
C THR A 155 -45.02 -0.18 -33.54
N HIS A 156 -44.49 0.88 -34.15
CA HIS A 156 -45.12 1.42 -35.36
C HIS A 156 -45.08 0.41 -36.50
N THR A 157 -43.94 -0.25 -36.69
CA THR A 157 -43.83 -1.26 -37.74
C THR A 157 -44.78 -2.43 -37.47
N ALA A 158 -44.89 -2.86 -36.21
CA ALA A 158 -45.78 -3.96 -35.86
C ALA A 158 -47.23 -3.58 -36.10
N ALA A 159 -47.60 -2.31 -35.83
CA ALA A 159 -48.95 -1.88 -36.14
C ALA A 159 -49.23 -1.94 -37.65
N CYS A 160 -48.26 -1.49 -38.46
CA CYS A 160 -48.44 -1.58 -39.91
C CYS A 160 -48.61 -3.02 -40.37
N ILE A 161 -47.78 -3.92 -39.85
CA ILE A 161 -47.89 -5.33 -40.24
C ILE A 161 -49.20 -5.93 -39.76
N PHE A 162 -49.66 -5.54 -38.57
CA PHE A 162 -50.89 -6.10 -38.03
C PHE A 162 -52.09 -5.65 -38.84
N TYR A 163 -52.09 -4.42 -39.35
CA TYR A 163 -53.17 -4.07 -40.26
C TYR A 163 -53.02 -4.78 -41.59
N TYR A 164 -51.78 -5.00 -42.04
CA TYR A 164 -51.59 -5.69 -43.31
C TYR A 164 -52.17 -7.10 -43.27
N LEU A 165 -51.98 -7.81 -42.15
CA LEU A 165 -52.46 -9.18 -42.05
C LEU A 165 -53.98 -9.27 -42.18
N ALA A 166 -54.70 -8.18 -41.97
CA ALA A 166 -56.15 -8.17 -42.11
C ALA A 166 -56.61 -7.85 -43.53
N THR A 167 -55.68 -7.60 -44.45
CA THR A 167 -56.03 -7.41 -45.85
C THR A 167 -55.71 -8.62 -46.72
N THR A 168 -54.96 -9.60 -46.18
CA THR A 168 -54.71 -10.82 -46.92
C THR A 168 -55.99 -11.62 -47.11
N LEU A 169 -56.91 -11.57 -46.16
CA LEU A 169 -58.16 -12.30 -46.26
C LEU A 169 -59.07 -11.65 -47.30
N PRO A 170 -59.86 -12.45 -48.01
CA PRO A 170 -60.70 -11.90 -49.08
C PRO A 170 -61.69 -10.92 -48.53
N PRO A 171 -62.08 -9.91 -49.31
CA PRO A 171 -63.00 -8.89 -48.80
C PRO A 171 -64.36 -9.44 -48.37
N GLU A 172 -64.86 -10.48 -49.02
CA GLU A 172 -66.14 -11.05 -48.60
C GLU A 172 -66.05 -11.67 -47.22
N ASN A 173 -64.96 -12.37 -46.92
CA ASN A 173 -64.75 -12.99 -45.62
C ASN A 173 -63.92 -12.08 -44.72
N GLU A 174 -64.45 -10.87 -44.52
CA GLU A 174 -63.81 -9.87 -43.67
C GLU A 174 -64.31 -9.92 -42.23
N GLY A 175 -65.33 -10.71 -41.95
CA GLY A 175 -65.82 -10.85 -40.59
C GLY A 175 -64.97 -11.74 -39.72
N TYR A 176 -63.85 -12.25 -40.25
CA TYR A 176 -62.96 -13.15 -39.53
C TYR A 176 -61.57 -12.54 -39.38
N THR A 177 -61.48 -11.25 -39.09
CA THR A 177 -60.22 -10.55 -38.90
C THR A 177 -60.29 -9.71 -37.63
N TRP A 178 -59.13 -9.24 -37.16
CA TRP A 178 -59.11 -8.40 -35.97
C TRP A 178 -59.89 -7.12 -36.20
N ILE A 179 -59.70 -6.50 -37.34
CA ILE A 179 -60.54 -5.39 -37.78
C ILE A 179 -61.63 -5.96 -38.66
N GLY A 180 -62.73 -5.22 -38.81
CA GLY A 180 -63.90 -5.74 -39.46
C GLY A 180 -64.79 -6.56 -38.57
N SER A 181 -64.32 -6.90 -37.37
CA SER A 181 -65.14 -7.51 -36.33
C SER A 181 -65.28 -6.59 -35.11
N LEU A 182 -64.66 -5.41 -35.16
CA LEU A 182 -64.77 -4.47 -34.06
C LEU A 182 -66.15 -3.86 -34.00
N LYS A 183 -66.64 -3.62 -32.78
CA LYS A 183 -67.85 -2.85 -32.55
C LYS A 183 -67.60 -1.88 -31.41
N LEU A 184 -66.50 -1.13 -31.50
CA LEU A 184 -66.13 -0.20 -30.44
C LEU A 184 -67.22 0.83 -30.20
N GLY A 185 -67.88 0.75 -29.03
CA GLY A 185 -68.91 1.69 -28.66
C GLY A 185 -70.12 1.64 -29.58
N ASP A 186 -70.33 2.69 -30.34
CA ASP A 186 -71.40 2.74 -31.32
C ASP A 186 -70.93 2.48 -32.74
N TYR A 187 -69.63 2.66 -33.00
CA TYR A 187 -69.08 2.53 -34.33
C TYR A 187 -68.73 1.07 -34.61
N SER A 188 -69.10 0.59 -35.80
CA SER A 188 -68.76 -0.74 -36.25
C SER A 188 -67.96 -0.64 -37.53
N TYR A 189 -66.85 -1.36 -37.60
CA TYR A 189 -65.99 -1.39 -38.79
C TYR A 189 -66.55 -2.44 -39.74
N GLU A 190 -67.53 -2.04 -40.54
CA GLU A 190 -68.14 -2.98 -41.47
C GLU A 190 -67.26 -3.18 -42.71
N ASN A 191 -67.07 -2.12 -43.49
CA ASN A 191 -66.19 -2.16 -44.65
C ASN A 191 -64.92 -1.38 -44.28
N PHE A 192 -63.98 -2.08 -43.66
CA PHE A 192 -62.82 -1.40 -43.09
C PHE A 192 -61.86 -0.87 -44.15
N ARG A 193 -62.04 -1.23 -45.42
CA ARG A 193 -61.24 -0.65 -46.49
C ARG A 193 -61.83 0.64 -47.03
N GLU A 194 -62.97 1.09 -46.49
CA GLU A 194 -63.62 2.31 -46.94
C GLU A 194 -63.62 3.39 -45.87
N ILE A 195 -62.80 3.25 -44.83
CA ILE A 195 -62.66 4.25 -43.80
C ILE A 195 -61.45 5.10 -44.15
N ASP A 196 -61.36 6.28 -43.54
CA ASP A 196 -60.21 7.14 -43.74
C ASP A 196 -58.94 6.42 -43.32
N LEU A 197 -57.82 6.80 -43.92
CA LEU A 197 -56.56 6.16 -43.60
C LEU A 197 -56.20 6.33 -42.13
N TRP A 198 -56.50 7.50 -41.57
CA TRP A 198 -56.06 7.79 -40.21
C TRP A 198 -56.87 7.02 -39.18
N LYS A 199 -58.13 6.72 -39.45
CA LYS A 199 -58.91 5.91 -38.53
C LYS A 199 -58.32 4.52 -38.39
N ARG A 200 -58.07 3.86 -39.53
CA ARG A 200 -57.47 2.52 -39.50
C ARG A 200 -56.09 2.56 -38.87
N TYR A 201 -55.28 3.56 -39.23
CA TYR A 201 -53.93 3.63 -38.68
C TYR A 201 -53.96 3.83 -37.17
N THR A 202 -54.82 4.73 -36.68
CA THR A 202 -54.86 4.97 -35.25
C THR A 202 -55.39 3.78 -34.49
N THR A 203 -56.37 3.06 -35.05
CA THR A 203 -56.85 1.84 -34.39
C THR A 203 -55.73 0.81 -34.27
N ALA A 204 -55.02 0.55 -35.38
CA ALA A 204 -53.96 -0.43 -35.36
C ALA A 204 -52.84 -0.03 -34.40
N LEU A 205 -52.46 1.24 -34.42
CA LEU A 205 -51.41 1.72 -33.53
C LEU A 205 -51.86 1.69 -32.07
N TYR A 206 -53.14 1.92 -31.81
CA TYR A 206 -53.67 1.80 -30.46
C TYR A 206 -53.50 0.37 -29.95
N PHE A 207 -53.86 -0.60 -30.78
CA PHE A 207 -53.66 -2.00 -30.41
C PHE A 207 -52.18 -2.27 -30.11
N ALA A 208 -51.30 -1.82 -31.00
CA ALA A 208 -49.88 -2.12 -30.84
C ALA A 208 -49.29 -1.44 -29.61
N ILE A 209 -49.73 -0.21 -29.30
CA ILE A 209 -49.16 0.52 -28.18
C ILE A 209 -49.65 -0.02 -26.86
N VAL A 210 -50.95 -0.35 -26.76
CA VAL A 210 -51.40 -0.97 -25.51
C VAL A 210 -51.02 -2.44 -25.42
N THR A 211 -50.44 -3.01 -26.47
CA THR A 211 -49.81 -4.31 -26.34
C THR A 211 -48.34 -4.22 -25.92
N MET A 212 -47.60 -3.21 -26.40
CA MET A 212 -46.20 -3.11 -26.01
C MET A 212 -46.03 -2.70 -24.55
N ALA A 213 -47.01 -2.02 -23.97
CA ALA A 213 -46.97 -1.64 -22.56
C ALA A 213 -47.50 -2.74 -21.65
N THR A 214 -47.89 -3.87 -22.23
CA THR A 214 -48.47 -5.01 -21.49
C THR A 214 -49.70 -4.59 -20.69
N VAL A 215 -50.48 -3.66 -21.22
CA VAL A 215 -51.78 -3.38 -20.62
C VAL A 215 -52.82 -4.36 -21.14
N GLY A 216 -52.94 -4.45 -22.45
CA GLY A 216 -53.86 -5.40 -23.05
C GLY A 216 -55.29 -5.27 -22.55
N TYR A 217 -56.02 -4.34 -23.08
CA TYR A 217 -57.37 -4.13 -22.59
C TYR A 217 -58.15 -5.31 -23.11
N GLY A 218 -58.02 -5.62 -24.38
CA GLY A 218 -58.80 -6.69 -24.97
C GLY A 218 -59.98 -6.26 -25.80
N ASP A 219 -60.18 -4.95 -26.00
CA ASP A 219 -61.20 -4.50 -26.94
C ASP A 219 -60.83 -4.87 -28.37
N ILE A 220 -59.54 -4.80 -28.69
CA ILE A 220 -59.00 -5.23 -29.98
C ILE A 220 -58.06 -6.40 -29.71
N HIS A 221 -58.35 -7.55 -30.32
CA HIS A 221 -57.52 -8.74 -30.12
C HIS A 221 -57.38 -9.46 -31.45
N ALA A 222 -56.60 -10.54 -31.44
CA ALA A 222 -56.38 -11.34 -32.63
C ALA A 222 -57.49 -12.37 -32.78
N VAL A 223 -57.88 -12.62 -34.03
CA VAL A 223 -58.99 -13.53 -34.34
C VAL A 223 -58.56 -14.65 -35.28
N ASN A 224 -57.85 -14.29 -36.34
CA ASN A 224 -57.42 -15.29 -37.33
C ASN A 224 -56.33 -16.19 -36.80
N LEU A 225 -55.91 -17.14 -37.62
CA LEU A 225 -54.83 -18.02 -37.23
C LEU A 225 -53.47 -17.41 -37.55
N ARG A 226 -53.43 -16.45 -38.47
CA ARG A 226 -52.21 -15.72 -38.79
C ARG A 226 -51.98 -14.54 -37.87
N GLU A 227 -53.03 -14.01 -37.25
CA GLU A 227 -52.87 -12.91 -36.31
C GLU A 227 -52.44 -13.40 -34.93
N MET A 228 -52.72 -14.66 -34.61
CA MET A 228 -52.24 -15.22 -33.35
C MET A 228 -50.74 -15.42 -33.39
N ILE A 229 -50.23 -16.02 -34.48
CA ILE A 229 -48.80 -16.29 -34.60
C ILE A 229 -48.01 -15.00 -34.63
N PHE A 230 -48.60 -13.91 -35.11
CA PHE A 230 -47.89 -12.65 -35.11
C PHE A 230 -47.81 -12.06 -33.71
N VAL A 231 -48.90 -12.10 -32.95
CA VAL A 231 -48.89 -11.52 -31.61
C VAL A 231 -47.98 -12.31 -30.68
N MET A 232 -47.91 -13.64 -30.86
CA MET A 232 -46.98 -14.42 -30.04
C MET A 232 -45.55 -13.92 -30.22
N ILE A 233 -45.11 -13.78 -31.47
CA ILE A 233 -43.76 -13.32 -31.75
C ILE A 233 -43.55 -11.91 -31.23
N TYR A 234 -44.54 -11.03 -31.46
CA TYR A 234 -44.40 -9.64 -31.07
C TYR A 234 -44.25 -9.50 -29.56
N VAL A 235 -45.08 -10.20 -28.78
CA VAL A 235 -44.97 -10.08 -27.34
C VAL A 235 -43.72 -10.76 -26.81
N SER A 236 -43.29 -11.86 -27.44
CA SER A 236 -42.06 -12.51 -26.99
C SER A 236 -40.85 -11.58 -27.17
N PHE A 237 -40.82 -10.83 -28.27
CA PHE A 237 -39.71 -9.91 -28.51
C PHE A 237 -39.83 -8.66 -27.62
N ASP A 238 -41.05 -8.16 -27.45
CA ASP A 238 -41.28 -7.01 -26.59
C ASP A 238 -40.88 -7.28 -25.15
N MET A 239 -41.04 -8.53 -24.68
CA MET A 239 -40.66 -8.85 -23.31
C MET A 239 -39.18 -8.56 -23.06
N VAL A 240 -38.31 -9.05 -23.95
CA VAL A 240 -36.88 -8.84 -23.78
C VAL A 240 -36.54 -7.37 -23.97
N LEU A 241 -37.23 -6.68 -24.89
CA LEU A 241 -36.97 -5.25 -25.04
C LEU A 241 -37.27 -4.49 -23.74
N GLY A 242 -38.40 -4.80 -23.10
CA GLY A 242 -38.75 -4.13 -21.86
C GLY A 242 -37.79 -4.46 -20.72
N ALA A 243 -37.34 -5.71 -20.66
CA ALA A 243 -36.34 -6.07 -19.66
C ALA A 243 -35.05 -5.28 -19.86
N TYR A 244 -34.63 -5.09 -21.13
CA TYR A 244 -33.46 -4.27 -21.40
C TYR A 244 -33.65 -2.84 -20.94
N LEU A 245 -34.83 -2.27 -21.20
CA LEU A 245 -35.10 -0.89 -20.76
C LEU A 245 -34.98 -0.77 -19.24
N ILE A 246 -35.60 -1.70 -18.52
CA ILE A 246 -35.55 -1.67 -17.06
C ILE A 246 -34.11 -1.80 -16.58
N GLY A 247 -33.33 -2.69 -17.22
CA GLY A 247 -31.95 -2.87 -16.81
C GLY A 247 -31.09 -1.64 -17.02
N ASN A 248 -31.27 -0.96 -18.16
CA ASN A 248 -30.49 0.24 -18.42
C ASN A 248 -30.84 1.36 -17.45
N ILE A 249 -32.13 1.55 -17.17
CA ILE A 249 -32.50 2.58 -16.21
C ILE A 249 -31.95 2.24 -14.83
N THR A 250 -31.98 0.95 -14.46
CA THR A 250 -31.42 0.54 -13.18
C THR A 250 -29.93 0.84 -13.09
N ALA A 251 -29.18 0.55 -14.15
CA ALA A 251 -27.75 0.85 -14.12
C ALA A 251 -27.50 2.35 -13.99
N LEU A 252 -28.23 3.15 -14.77
CA LEU A 252 -28.07 4.60 -14.69
C LEU A 252 -28.31 5.10 -13.27
N ILE A 253 -29.34 4.58 -12.60
CA ILE A 253 -29.62 5.02 -11.24
C ILE A 253 -28.55 4.51 -10.27
N VAL A 254 -28.12 3.25 -10.43
CA VAL A 254 -27.18 2.66 -9.49
C VAL A 254 -25.79 3.22 -9.61
N LYS A 255 -25.49 4.00 -10.66
CA LYS A 255 -24.20 4.67 -10.72
C LYS A 255 -23.96 5.55 -9.50
N GLY A 256 -24.94 6.35 -9.11
CA GLY A 256 -24.89 7.12 -7.88
C GLY A 256 -25.22 8.57 -8.09
N SER A 257 -25.27 9.29 -6.97
CA SER A 257 -25.57 10.72 -6.96
C SER A 257 -24.94 11.37 -5.73
N ASN A 258 -24.85 12.70 -5.77
CA ASN A 258 -24.15 13.43 -4.71
C ASN A 258 -24.90 13.33 -3.38
N THR A 259 -26.23 13.50 -3.41
CA THR A 259 -27.00 13.42 -2.18
C THR A 259 -26.89 12.03 -1.56
N GLU A 260 -26.88 10.99 -2.38
CA GLU A 260 -26.71 9.63 -1.87
C GLU A 260 -25.38 9.47 -1.16
N ARG A 261 -24.30 9.97 -1.77
CA ARG A 261 -22.98 9.87 -1.14
C ARG A 261 -22.93 10.65 0.16
N PHE A 262 -23.52 11.85 0.18
CA PHE A 262 -23.53 12.63 1.42
C PHE A 262 -24.32 11.92 2.51
N ARG A 263 -25.45 11.30 2.14
CA ARG A 263 -26.25 10.62 3.15
C ARG A 263 -25.51 9.39 3.69
N ASP A 264 -24.77 8.69 2.84
CA ASP A 264 -23.95 7.59 3.35
C ASP A 264 -22.86 8.09 4.30
N LYS A 265 -22.20 9.19 3.94
CA LYS A 265 -21.18 9.76 4.81
C LYS A 265 -21.77 10.17 6.16
N MET A 266 -22.92 10.83 6.13
CA MET A 266 -23.57 11.23 7.37
C MET A 266 -24.10 10.05 8.15
N ASN A 267 -24.46 8.96 7.46
CA ASN A 267 -24.83 7.73 8.16
C ASN A 267 -23.65 7.21 8.98
N ASP A 268 -22.48 7.10 8.35
CA ASP A 268 -21.29 6.67 9.08
C ASP A 268 -20.98 7.64 10.23
N LEU A 269 -21.07 8.94 9.97
CA LEU A 269 -20.76 9.93 10.99
C LEU A 269 -21.71 9.80 12.17
N ILE A 270 -23.02 9.73 11.92
CA ILE A 270 -23.99 9.69 13.02
C ILE A 270 -23.84 8.39 13.80
N SER A 271 -23.53 7.29 13.12
CA SER A 271 -23.28 6.04 13.85
C SER A 271 -22.10 6.19 14.79
N PHE A 272 -20.97 6.69 14.27
CA PHE A 272 -19.79 6.85 15.12
C PHE A 272 -20.02 7.83 16.25
N MET A 273 -20.74 8.92 15.99
CA MET A 273 -20.95 9.96 16.99
C MET A 273 -21.94 9.57 18.06
N ASN A 274 -23.00 8.83 17.71
CA ASN A 274 -23.88 8.33 18.76
C ASN A 274 -23.23 7.20 19.54
N ARG A 275 -22.33 6.44 18.90
CA ARG A 275 -21.66 5.36 19.60
C ARG A 275 -20.77 5.88 20.72
N LYS A 276 -20.03 6.97 20.46
CA LYS A 276 -19.10 7.52 21.44
C LYS A 276 -19.76 8.48 22.43
N LYS A 277 -21.04 8.80 22.25
CA LYS A 277 -21.82 9.60 23.20
C LYS A 277 -21.22 11.00 23.40
N LEU A 278 -20.90 11.67 22.28
CA LEU A 278 -20.41 13.03 22.38
C LEU A 278 -21.57 14.03 22.48
N GLY A 279 -21.23 15.27 22.80
CA GLY A 279 -22.23 16.27 23.09
C GLY A 279 -22.95 16.76 21.85
N ARG A 280 -24.13 17.36 22.08
CA ARG A 280 -24.98 17.78 20.99
C ARG A 280 -24.42 18.99 20.25
N ASP A 281 -23.77 19.91 20.95
CA ASP A 281 -23.15 21.05 20.27
C ASP A 281 -22.03 20.59 19.34
N LEU A 282 -21.26 19.59 19.77
CA LEU A 282 -20.27 18.99 18.89
C LEU A 282 -20.94 18.33 17.69
N ARG A 283 -22.09 17.69 17.92
CA ARG A 283 -22.84 17.09 16.81
C ARG A 283 -23.23 18.15 15.79
N SER A 284 -23.74 19.29 16.26
CA SER A 284 -24.12 20.37 15.35
C SER A 284 -22.92 20.91 14.60
N GLN A 285 -21.80 21.12 15.29
CA GLN A 285 -20.60 21.63 14.64
C GLN A 285 -20.13 20.68 13.54
N ILE A 286 -20.07 19.38 13.87
CA ILE A 286 -19.58 18.39 12.91
C ILE A 286 -20.51 18.30 11.71
N THR A 287 -21.83 18.26 11.94
CA THR A 287 -22.75 18.13 10.83
C THR A 287 -22.73 19.37 9.95
N GLY A 288 -22.60 20.56 10.54
CA GLY A 288 -22.47 21.76 9.73
C GLY A 288 -21.22 21.76 8.89
N HIS A 289 -20.09 21.37 9.49
CA HIS A 289 -18.85 21.35 8.73
C HIS A 289 -18.91 20.33 7.59
N VAL A 290 -19.46 19.14 7.84
CA VAL A 290 -19.52 18.14 6.78
C VAL A 290 -20.52 18.55 5.70
N ARG A 291 -21.61 19.24 6.07
CA ARG A 291 -22.54 19.74 5.07
C ARG A 291 -21.88 20.76 4.17
N LEU A 292 -21.10 21.69 4.75
CA LEU A 292 -20.35 22.62 3.93
C LEU A 292 -19.33 21.88 3.07
N GLN A 293 -18.67 20.87 3.65
CA GLN A 293 -17.66 20.11 2.93
C GLN A 293 -18.25 19.49 1.65
N TYR A 294 -19.42 18.88 1.77
CA TYR A 294 -20.04 18.27 0.60
C TYR A 294 -20.72 19.29 -0.30
N ASP A 295 -21.03 20.48 0.21
CA ASP A 295 -21.54 21.55 -0.64
C ASP A 295 -20.42 22.20 -1.44
N SER A 296 -19.20 22.17 -0.93
CA SER A 296 -18.05 22.81 -1.56
C SER A 296 -17.37 21.91 -2.59
N HIS A 297 -17.92 20.74 -2.87
CA HIS A 297 -17.30 19.77 -3.77
C HIS A 297 -15.90 19.40 -3.29
N TYR A 298 -15.81 19.00 -2.02
CA TYR A 298 -14.53 18.60 -1.46
C TYR A 298 -14.04 17.27 -2.02
N THR A 299 -14.95 16.41 -2.48
CA THR A 299 -14.58 15.08 -2.96
C THR A 299 -13.87 15.11 -4.30
N ASP A 300 -13.78 16.27 -4.96
CA ASP A 300 -13.04 16.33 -6.21
C ASP A 300 -11.55 16.17 -5.99
N THR A 301 -11.06 16.55 -4.80
CA THR A 301 -9.63 16.46 -4.52
C THR A 301 -9.13 15.02 -4.58
N VAL A 302 -9.86 14.09 -3.95
CA VAL A 302 -9.46 12.69 -3.98
C VAL A 302 -9.65 12.11 -5.37
N MET A 303 -10.73 12.50 -6.06
CA MET A 303 -10.94 12.02 -7.42
C MET A 303 -9.78 12.39 -8.32
N LEU A 304 -9.31 13.63 -8.21
CA LEU A 304 -8.09 14.03 -8.92
C LEU A 304 -6.89 13.27 -8.38
N GLN A 305 -6.90 12.95 -7.09
CA GLN A 305 -5.76 12.30 -6.46
C GLN A 305 -5.50 10.89 -6.98
N ASP A 306 -6.49 10.25 -7.58
CA ASP A 306 -6.37 8.86 -8.02
C ASP A 306 -5.62 8.81 -9.34
N ILE A 307 -4.31 8.64 -9.28
CA ILE A 307 -3.43 8.45 -10.42
C ILE A 307 -3.63 9.51 -11.51
N PRO A 308 -3.34 10.77 -11.24
CA PRO A 308 -3.15 11.70 -12.35
C PRO A 308 -1.71 11.66 -12.80
N ALA A 309 -0.79 11.32 -11.89
CA ALA A 309 0.64 11.13 -12.19
C ALA A 309 1.34 12.42 -12.63
N SER A 310 1.29 13.44 -11.77
CA SER A 310 2.16 14.62 -11.78
C SER A 310 1.85 15.61 -12.89
N ILE A 311 0.82 15.39 -13.71
CA ILE A 311 0.30 16.45 -14.58
C ILE A 311 -0.53 17.41 -13.73
N ARG A 312 -0.59 17.15 -12.43
CA ARG A 312 -1.14 18.13 -11.50
C ARG A 312 -0.33 19.42 -11.48
N ALA A 313 0.91 19.37 -11.96
CA ALA A 313 1.81 20.51 -11.87
C ALA A 313 1.18 21.77 -12.46
N LYS A 314 0.83 21.73 -13.74
CA LYS A 314 0.28 22.91 -14.39
C LYS A 314 -1.16 23.19 -13.97
N ILE A 315 -1.92 22.16 -13.53
CA ILE A 315 -3.25 22.41 -12.98
C ILE A 315 -3.14 23.34 -11.76
N ALA A 316 -2.32 22.94 -10.78
CA ALA A 316 -2.11 23.80 -9.62
C ALA A 316 -1.44 25.10 -10.01
N GLN A 317 -0.55 25.07 -11.01
CA GLN A 317 0.17 26.27 -11.42
C GLN A 317 -0.79 27.33 -11.96
N LEU A 318 -1.78 26.91 -12.74
CA LEU A 318 -2.76 27.84 -13.29
C LEU A 318 -3.90 28.11 -12.32
N LEU A 319 -4.06 27.29 -11.29
CA LEU A 319 -5.21 27.46 -10.38
C LEU A 319 -4.88 28.21 -9.09
N TYR A 320 -3.66 28.14 -8.59
CA TYR A 320 -3.37 28.64 -7.24
C TYR A 320 -2.42 29.82 -7.18
N LEU A 321 -1.43 29.91 -8.07
CA LEU A 321 -0.49 31.02 -8.08
C LEU A 321 -1.13 32.40 -8.07
N PRO A 322 -2.34 32.58 -8.63
CA PRO A 322 -3.03 33.88 -8.44
C PRO A 322 -3.08 34.36 -7.00
N TYR A 323 -3.25 33.46 -6.04
CA TYR A 323 -3.29 33.84 -4.63
C TYR A 323 -1.95 33.69 -3.92
N ILE A 324 -0.90 33.30 -4.63
CA ILE A 324 0.35 32.92 -3.97
C ILE A 324 1.30 34.10 -3.87
N LYS A 325 1.65 34.70 -5.01
CA LYS A 325 2.61 35.80 -5.00
C LYS A 325 2.07 37.02 -4.27
N LYS A 326 0.76 37.11 -4.07
CA LYS A 326 0.17 38.31 -3.50
C LYS A 326 0.47 38.44 -2.00
N VAL A 327 0.63 37.31 -1.32
CA VAL A 327 0.75 37.35 0.15
C VAL A 327 2.03 38.07 0.54
N PRO A 328 2.00 38.99 1.53
CA PRO A 328 3.19 39.74 1.94
C PRO A 328 4.18 38.95 2.78
N LEU A 329 4.49 37.72 2.34
CA LEU A 329 5.61 36.98 2.89
C LEU A 329 6.40 36.26 1.80
N PHE A 330 5.98 36.35 0.54
CA PHE A 330 6.69 35.78 -0.59
C PHE A 330 7.34 36.82 -1.47
N LYS A 331 7.28 38.10 -1.08
CA LYS A 331 7.76 39.19 -1.92
C LYS A 331 9.25 39.06 -2.21
N GLY A 332 9.60 38.86 -3.48
CA GLY A 332 10.99 38.75 -3.87
C GLY A 332 11.59 37.37 -3.77
N CYS A 333 10.77 36.33 -3.63
CA CYS A 333 11.28 34.97 -3.56
C CYS A 333 11.41 34.38 -4.95
N SER A 334 12.00 33.19 -5.03
CA SER A 334 12.27 32.57 -6.32
C SER A 334 11.01 31.97 -6.93
N THR A 335 11.01 31.86 -8.26
CA THR A 335 9.85 31.36 -8.98
C THR A 335 9.66 29.86 -8.75
N GLU A 336 10.74 29.08 -8.86
CA GLU A 336 10.63 27.65 -8.59
C GLU A 336 10.26 27.38 -7.15
N PHE A 337 10.69 28.26 -6.23
CA PHE A 337 10.25 28.17 -4.85
C PHE A 337 8.74 28.31 -4.74
N ILE A 338 8.15 29.21 -5.54
CA ILE A 338 6.70 29.35 -5.55
C ILE A 338 6.04 28.11 -6.15
N ASN A 339 6.59 27.61 -7.26
CA ASN A 339 5.99 26.45 -7.92
C ASN A 339 5.99 25.24 -7.01
N GLN A 340 7.08 25.01 -6.29
CA GLN A 340 7.19 23.81 -5.46
C GLN A 340 6.20 23.84 -4.30
N ILE A 341 6.01 24.99 -3.67
CA ILE A 341 5.00 25.07 -2.61
C ILE A 341 3.61 24.93 -3.21
N VAL A 342 3.40 25.47 -4.41
CA VAL A 342 2.08 25.40 -5.02
C VAL A 342 1.68 23.95 -5.33
N ILE A 343 2.61 23.16 -5.88
CA ILE A 343 2.26 21.80 -6.27
C ILE A 343 1.89 20.93 -5.07
N ARG A 344 2.12 21.41 -3.86
CA ARG A 344 1.71 20.72 -2.63
C ARG A 344 0.84 21.68 -1.83
N LEU A 345 -0.46 21.68 -2.13
CA LEU A 345 -1.40 22.58 -1.46
C LEU A 345 -2.77 21.93 -1.44
N HIS A 346 -3.62 22.42 -0.54
CA HIS A 346 -4.99 21.95 -0.42
C HIS A 346 -5.86 23.10 0.07
N GLU A 347 -7.10 23.14 -0.41
CA GLU A 347 -8.04 24.15 0.02
C GLU A 347 -9.01 23.58 1.05
N GLU A 348 -9.68 24.48 1.77
CA GLU A 348 -10.62 24.06 2.80
C GLU A 348 -11.53 25.23 3.13
N TYR A 349 -12.77 24.92 3.52
CA TYR A 349 -13.77 25.91 3.87
C TYR A 349 -14.17 25.72 5.32
N PHE A 350 -14.16 26.81 6.08
CA PHE A 350 -14.52 26.79 7.50
C PHE A 350 -15.72 27.68 7.74
N LEU A 351 -16.73 27.14 8.41
CA LEU A 351 -17.92 27.91 8.78
C LEU A 351 -17.65 28.74 10.03
N PRO A 352 -18.41 29.82 10.24
CA PRO A 352 -18.14 30.70 11.39
C PRO A 352 -18.24 29.97 12.72
N GLY A 353 -17.40 30.39 13.66
CA GLY A 353 -17.35 29.83 14.99
C GLY A 353 -16.19 28.88 15.22
N GLU A 354 -15.59 28.36 14.16
CA GLU A 354 -14.49 27.42 14.27
C GLU A 354 -13.19 28.16 14.62
N VAL A 355 -12.21 27.40 15.09
CA VAL A 355 -10.87 27.89 15.39
C VAL A 355 -9.88 27.15 14.50
N ILE A 356 -9.12 27.89 13.71
CA ILE A 356 -8.18 27.26 12.78
C ILE A 356 -6.91 26.85 13.51
N THR A 357 -6.39 27.73 14.36
CA THR A 357 -5.10 27.48 15.02
C THR A 357 -5.18 27.99 16.45
N GLU A 358 -4.82 27.14 17.40
CA GLU A 358 -4.73 27.51 18.80
C GLU A 358 -3.32 27.95 19.13
N GLN A 359 -3.19 28.94 20.00
CA GLN A 359 -1.87 29.43 20.36
C GLN A 359 -1.07 28.39 21.13
N GLY A 360 -1.75 27.52 21.88
CA GLY A 360 -1.03 26.57 22.72
C GLY A 360 -0.27 25.53 21.91
N ASN A 361 -0.93 24.91 20.94
CA ASN A 361 -0.32 23.81 20.21
C ASN A 361 0.56 24.33 19.08
N VAL A 362 1.63 23.58 18.80
CA VAL A 362 2.56 23.97 17.74
C VAL A 362 1.86 23.85 16.39
N VAL A 363 2.26 24.69 15.44
CA VAL A 363 1.70 24.65 14.10
C VAL A 363 2.20 23.40 13.39
N ASP A 364 1.35 22.84 12.53
CA ASP A 364 1.72 21.71 11.70
C ASP A 364 1.34 22.00 10.25
N HIS A 365 0.31 22.82 10.07
CA HIS A 365 -0.07 23.36 8.78
C HIS A 365 -0.24 24.86 8.90
N LEU A 366 0.36 25.59 7.96
CA LEU A 366 0.18 27.04 7.86
C LEU A 366 -0.75 27.34 6.69
N TYR A 367 -1.68 28.27 6.90
CA TYR A 367 -2.81 28.47 6.00
C TYR A 367 -2.69 29.82 5.32
N PHE A 368 -2.75 29.83 3.99
CA PHE A 368 -2.82 31.06 3.22
C PHE A 368 -4.28 31.40 2.95
N VAL A 369 -4.67 32.61 3.32
CA VAL A 369 -6.05 33.07 3.13
C VAL A 369 -6.19 33.61 1.73
N CYS A 370 -7.14 33.07 0.97
CA CYS A 370 -7.45 33.56 -0.36
C CYS A 370 -8.85 34.15 -0.49
N GLU A 371 -9.78 33.74 0.37
CA GLU A 371 -11.12 34.32 0.41
C GLU A 371 -11.63 34.27 1.85
N GLY A 372 -12.63 35.10 2.13
CA GLY A 372 -13.20 35.16 3.46
C GLY A 372 -12.37 36.02 4.40
N LEU A 373 -12.85 36.13 5.64
CA LEU A 373 -12.21 36.93 6.66
C LEU A 373 -12.08 36.12 7.94
N LEU A 374 -10.98 36.34 8.66
CA LEU A 374 -10.70 35.62 9.89
C LEU A 374 -9.86 36.52 10.80
N GLU A 375 -9.88 36.22 12.10
CA GLU A 375 -9.41 37.13 13.13
C GLU A 375 -8.26 36.52 13.92
N ALA A 376 -7.23 37.33 14.20
CA ALA A 376 -6.06 36.92 14.95
C ALA A 376 -6.22 37.30 16.42
N LEU A 377 -5.82 36.40 17.31
CA LEU A 377 -6.25 36.42 18.70
C LEU A 377 -5.18 35.83 19.59
N VAL A 378 -4.43 36.68 20.28
CA VAL A 378 -3.47 36.20 21.28
C VAL A 378 -4.18 36.06 22.62
N THR A 379 -3.90 34.97 23.32
CA THR A 379 -4.49 34.75 24.64
C THR A 379 -3.96 35.81 25.60
N LYS A 380 -4.83 36.77 25.93
CA LYS A 380 -4.41 37.92 26.72
C LYS A 380 -4.07 37.50 28.15
N THR A 381 -2.99 38.08 28.68
CA THR A 381 -2.54 37.80 30.04
C THR A 381 -3.52 38.27 31.10
N ASP A 382 -4.49 39.13 30.74
CA ASP A 382 -5.52 39.57 31.65
C ASP A 382 -6.52 38.47 31.98
N GLY A 383 -6.50 37.36 31.24
CA GLY A 383 -7.49 36.32 31.37
C GLY A 383 -8.54 36.32 30.28
N SER A 384 -8.21 36.85 29.10
CA SER A 384 -9.16 37.00 28.02
C SER A 384 -8.40 36.88 26.71
N GLU A 385 -9.00 37.35 25.62
CA GLU A 385 -8.51 37.06 24.28
C GLU A 385 -8.26 38.27 23.40
N GLU A 386 -8.97 39.39 23.62
CA GLU A 386 -8.85 40.64 22.88
C GLU A 386 -8.85 40.41 21.36
N SER A 387 -8.25 41.34 20.60
CA SER A 387 -8.28 41.25 19.13
C SER A 387 -7.05 41.94 18.56
N VAL A 388 -6.48 41.37 17.51
CA VAL A 388 -5.23 41.85 16.92
C VAL A 388 -5.42 42.31 15.47
N THR A 389 -5.77 41.39 14.58
CA THR A 389 -5.82 41.69 13.16
C THR A 389 -6.95 40.91 12.50
N LEU A 390 -7.54 41.50 11.47
CA LEU A 390 -8.62 40.90 10.69
C LEU A 390 -8.05 40.59 9.31
N LEU A 391 -7.65 39.34 9.10
CA LEU A 391 -6.87 38.94 7.93
C LEU A 391 -7.83 38.41 6.87
N GLY A 392 -8.29 39.30 6.00
CA GLY A 392 -9.16 38.94 4.91
C GLY A 392 -8.54 38.63 3.57
N PRO A 393 -7.75 39.57 3.01
CA PRO A 393 -7.25 39.32 1.65
C PRO A 393 -5.78 38.96 1.41
N HIS A 394 -5.52 37.87 0.69
CA HIS A 394 -4.18 37.50 0.26
C HIS A 394 -3.17 37.51 1.41
N THR A 395 -3.52 36.87 2.52
CA THR A 395 -2.72 36.94 3.74
C THR A 395 -2.55 35.54 4.29
N SER A 396 -1.45 35.30 5.01
CA SER A 396 -1.19 34.01 5.60
C SER A 396 -0.85 34.20 7.08
N PHE A 397 -1.04 33.13 7.84
CA PHE A 397 -0.69 33.09 9.24
C PHE A 397 -0.18 31.68 9.57
N GLY A 398 0.62 31.60 10.62
CA GLY A 398 1.30 30.37 10.99
C GLY A 398 2.74 30.34 10.54
N ASP A 399 3.10 31.17 9.56
CA ASP A 399 4.49 31.23 9.12
C ASP A 399 5.41 31.74 10.21
N ILE A 400 4.97 32.77 10.94
CA ILE A 400 5.82 33.36 11.98
C ILE A 400 6.19 32.31 13.02
N SER A 401 5.34 31.29 13.20
CA SER A 401 5.71 30.18 14.07
C SER A 401 6.79 29.32 13.42
N ILE A 402 6.72 29.10 12.11
CA ILE A 402 7.72 28.29 11.44
C ILE A 402 9.07 29.00 11.42
N ILE A 403 9.09 30.32 11.53
CA ILE A 403 10.36 31.04 11.60
C ILE A 403 10.86 31.17 13.03
N CYS A 404 10.00 31.56 13.96
CA CYS A 404 10.42 31.77 15.34
C CYS A 404 10.67 30.47 16.09
N ASN A 405 10.19 29.34 15.56
CA ASN A 405 10.34 28.03 16.19
C ASN A 405 9.77 28.01 17.61
N ILE A 406 8.62 28.65 17.79
CA ILE A 406 7.94 28.66 19.08
C ILE A 406 6.45 28.42 18.87
N SER A 407 5.68 28.49 19.95
CA SER A 407 4.24 28.29 19.85
C SER A 407 3.59 29.44 19.09
N GLN A 408 2.32 29.24 18.72
CA GLN A 408 1.60 30.22 17.94
C GLN A 408 1.38 31.49 18.75
N PRO A 409 1.83 32.65 18.26
CA PRO A 409 1.58 33.89 19.02
C PRO A 409 0.11 34.18 19.22
N PHE A 410 -0.74 33.84 18.25
CA PHE A 410 -2.16 34.13 18.34
C PHE A 410 -3.00 32.91 17.99
N THR A 411 -4.00 32.63 18.82
CA THR A 411 -5.10 31.77 18.39
C THR A 411 -5.85 32.46 17.28
N VAL A 412 -6.31 31.70 16.29
CA VAL A 412 -6.97 32.29 15.13
C VAL A 412 -8.28 31.56 14.90
N ARG A 413 -9.38 32.29 15.05
CA ARG A 413 -10.71 31.76 14.81
C ARG A 413 -11.30 32.41 13.56
N VAL A 414 -12.25 31.70 12.95
CA VAL A 414 -12.87 32.18 11.72
C VAL A 414 -13.90 33.26 12.02
N CYS A 415 -14.29 33.99 10.97
CA CYS A 415 -15.36 34.97 11.03
C CYS A 415 -16.53 34.61 10.13
N GLU A 416 -16.25 34.22 8.88
CA GLU A 416 -17.27 33.76 7.96
C GLU A 416 -16.66 32.66 7.10
N LEU A 417 -17.43 32.16 6.14
CA LEU A 417 -16.92 31.15 5.21
C LEU A 417 -15.66 31.66 4.53
N CYS A 418 -14.55 30.95 4.74
CA CYS A 418 -13.24 31.38 4.27
C CYS A 418 -12.61 30.28 3.42
N HIS A 419 -12.12 30.67 2.24
CA HIS A 419 -11.41 29.76 1.34
C HIS A 419 -9.92 29.84 1.67
N LEU A 420 -9.42 28.86 2.41
CA LEU A 420 -8.06 28.85 2.90
C LEU A 420 -7.25 27.77 2.20
N LEU A 421 -6.04 28.13 1.77
CA LEU A 421 -5.09 27.17 1.21
C LEU A 421 -4.11 26.77 2.29
N ARG A 422 -3.87 25.47 2.42
CA ARG A 422 -3.16 24.92 3.56
C ARG A 422 -1.94 24.13 3.10
N LEU A 423 -0.80 24.40 3.73
CA LEU A 423 0.45 23.66 3.48
C LEU A 423 1.00 23.15 4.81
N ASP A 424 1.49 21.92 4.82
CA ASP A 424 2.06 21.35 6.03
C ASP A 424 3.44 21.94 6.32
N LYS A 425 3.83 21.88 7.59
CA LYS A 425 5.12 22.41 8.00
C LYS A 425 6.26 21.52 7.51
N GLN A 426 6.01 20.21 7.40
CA GLN A 426 7.08 19.29 7.02
C GLN A 426 7.58 19.56 5.62
N SER A 427 6.66 19.72 4.65
CA SER A 427 7.09 20.02 3.30
C SER A 427 7.70 21.41 3.16
N PHE A 428 7.26 22.37 3.98
CA PHE A 428 7.89 23.67 3.99
C PHE A 428 9.35 23.57 4.43
N SER A 429 9.61 22.79 5.48
CA SER A 429 10.99 22.59 5.91
C SER A 429 11.77 21.86 4.82
N ASN A 430 11.15 20.86 4.20
CA ASN A 430 11.81 20.05 3.18
C ASN A 430 12.06 20.81 1.88
N ILE A 431 11.34 21.90 1.64
CA ILE A 431 11.67 22.77 0.51
C ILE A 431 12.61 23.89 0.93
N LEU A 432 12.53 24.35 2.19
CA LEU A 432 13.50 25.34 2.66
C LEU A 432 14.91 24.77 2.67
N GLU A 433 15.07 23.48 2.98
CA GLU A 433 16.40 22.89 3.00
C GLU A 433 17.03 22.88 1.61
N ILE A 434 16.26 22.54 0.58
CA ILE A 434 16.81 22.50 -0.77
C ILE A 434 16.84 23.88 -1.40
N TYR A 435 15.93 24.77 -1.00
CA TYR A 435 15.85 26.13 -1.54
C TYR A 435 16.29 27.15 -0.50
N PHE A 436 17.35 26.81 0.25
CA PHE A 436 17.79 27.66 1.36
C PHE A 436 18.31 29.01 0.89
N HIS A 437 18.96 29.06 -0.27
CA HIS A 437 19.34 30.35 -0.83
C HIS A 437 18.11 31.19 -1.14
N ASP A 438 17.04 30.56 -1.64
CA ASP A 438 15.76 31.25 -1.74
C ASP A 438 15.09 31.36 -0.38
N GLY A 439 15.54 30.56 0.59
CA GLY A 439 14.95 30.58 1.92
C GLY A 439 15.40 31.75 2.77
N ARG A 440 16.57 32.32 2.49
CA ARG A 440 17.02 33.48 3.27
C ARG A 440 16.05 34.64 3.11
N THR A 441 15.53 34.80 1.89
CA THR A 441 14.58 35.88 1.61
C THR A 441 13.33 35.77 2.49
N ILE A 442 12.98 34.56 2.92
CA ILE A 442 11.79 34.41 3.76
C ILE A 442 11.97 35.14 5.09
N LEU A 443 13.04 34.81 5.82
CA LEU A 443 13.28 35.52 7.07
C LEU A 443 13.59 37.00 6.82
N ASN A 444 14.31 37.31 5.75
CA ASN A 444 14.62 38.71 5.47
C ASN A 444 13.35 39.53 5.27
N ASN A 445 12.46 39.08 4.39
CA ASN A 445 11.30 39.89 4.10
C ASN A 445 10.31 39.87 5.26
N ILE A 446 10.24 38.75 6.00
CA ILE A 446 9.37 38.72 7.17
C ILE A 446 9.77 39.73 8.24
N MET A 447 11.07 39.90 8.46
CA MET A 447 11.52 40.89 9.44
C MET A 447 11.37 42.32 8.94
N GLU A 448 11.59 42.54 7.63
CA GLU A 448 11.45 43.90 7.13
C GLU A 448 9.97 44.26 7.15
N GLU A 449 9.09 43.27 7.01
CA GLU A 449 7.67 43.53 7.23
C GLU A 449 7.42 43.84 8.70
N LYS A 450 7.94 43.01 9.61
CA LYS A 450 7.77 43.27 11.03
C LYS A 450 8.26 44.66 11.40
N GLU A 451 9.29 45.16 10.71
CA GLU A 451 9.68 46.55 10.88
C GLU A 451 8.64 47.50 10.29
N SER A 452 8.20 47.25 9.05
CA SER A 452 7.27 48.16 8.39
C SER A 452 5.85 48.03 8.97
N ASN A 453 5.37 46.81 9.16
CA ASN A 453 4.05 46.58 9.75
C ASN A 453 4.23 45.85 11.07
N ASP A 454 4.47 46.62 12.13
CA ASP A 454 4.71 46.05 13.45
C ASP A 454 3.45 45.44 14.06
N ARG A 455 2.27 45.85 13.62
CA ARG A 455 1.03 45.33 14.16
C ARG A 455 0.71 43.93 13.66
N ILE A 456 1.49 43.38 12.73
CA ILE A 456 1.20 42.07 12.17
C ILE A 456 1.71 40.98 13.10
N LYS A 457 3.03 40.92 13.29
CA LYS A 457 3.59 39.87 14.14
C LYS A 457 4.78 40.33 14.98
N LYS A 458 4.97 41.64 15.14
CA LYS A 458 6.07 42.12 15.98
C LYS A 458 5.74 42.07 17.46
N LEU A 459 4.48 41.90 17.84
CA LEU A 459 4.06 41.91 19.24
C LEU A 459 4.50 40.61 19.90
N GLU A 460 5.81 40.54 20.18
CA GLU A 460 6.39 39.37 20.84
C GLU A 460 7.77 39.70 21.39
N SER A 461 8.81 39.31 20.67
CA SER A 461 10.19 39.60 21.05
C SER A 461 11.06 39.46 19.80
N ASP A 462 12.37 39.48 19.98
CA ASP A 462 13.28 39.38 18.86
C ASP A 462 13.34 37.95 18.34
N ILE A 463 13.65 37.82 17.05
CA ILE A 463 13.78 36.52 16.41
C ILE A 463 15.18 36.28 15.85
N VAL A 464 15.92 37.33 15.50
CA VAL A 464 17.24 37.15 14.88
C VAL A 464 18.15 36.35 15.79
N ILE A 465 18.07 36.60 17.11
CA ILE A 465 18.84 35.81 18.05
C ILE A 465 18.42 34.34 17.99
N HIS A 466 17.14 34.07 17.76
CA HIS A 466 16.69 32.68 17.69
C HIS A 466 17.24 31.97 16.47
N ILE A 467 17.27 32.63 15.31
CA ILE A 467 17.84 32.01 14.12
C ILE A 467 19.35 31.84 14.27
N GLY A 468 20.01 32.84 14.86
CA GLY A 468 21.43 32.70 15.16
C GLY A 468 21.70 31.55 16.10
N LYS A 469 20.81 31.34 17.08
CA LYS A 469 20.97 30.20 17.99
C LYS A 469 20.71 28.88 17.28
N GLN A 470 19.76 28.86 16.34
CA GLN A 470 19.57 27.65 15.53
C GLN A 470 20.84 27.31 14.77
N GLU A 471 21.44 28.31 14.13
CA GLU A 471 22.68 28.08 13.39
C GLU A 471 23.81 27.65 14.33
N ALA A 472 23.93 28.31 15.49
CA ALA A 472 25.00 27.98 16.42
C ALA A 472 24.84 26.59 17.00
N GLU A 473 23.62 26.20 17.37
CA GLU A 473 23.38 24.87 17.90
C GLU A 473 23.60 23.81 16.83
N LEU A 474 23.23 24.11 15.58
CA LEU A 474 23.57 23.19 14.49
C LEU A 474 25.07 23.05 14.35
N ALA A 475 25.81 24.15 14.53
CA ALA A 475 27.26 24.08 14.50
C ALA A 475 27.80 23.20 15.63
N LEU A 476 27.28 23.36 16.84
CA LEU A 476 27.76 22.54 17.96
C LEU A 476 27.42 21.07 17.75
N LYS A 477 26.23 20.78 17.23
CA LYS A 477 25.87 19.38 17.03
C LYS A 477 26.59 18.77 15.84
N VAL A 478 26.99 19.57 14.83
CA VAL A 478 27.84 19.01 13.80
C VAL A 478 29.26 18.85 14.32
N ASN A 479 29.66 19.66 15.31
CA ASN A 479 30.92 19.40 16.02
C ASN A 479 30.86 18.06 16.73
N SER A 480 29.74 17.80 17.41
CA SER A 480 29.55 16.51 18.06
C SER A 480 29.53 15.37 17.04
N ALA A 481 28.90 15.60 15.89
CA ALA A 481 28.88 14.58 14.84
C ALA A 481 30.28 14.29 14.31
N ALA A 482 31.08 15.33 14.09
CA ALA A 482 32.46 15.13 13.67
C ALA A 482 33.26 14.40 14.74
N PHE A 483 32.98 14.67 16.00
CA PHE A 483 33.54 13.86 17.08
C PHE A 483 33.05 12.42 17.00
N GLN A 484 31.85 12.20 16.47
CA GLN A 484 31.29 10.86 16.35
C GLN A 484 31.60 10.21 15.00
N GLY A 485 32.00 11.01 14.01
CA GLY A 485 32.36 10.47 12.70
C GLY A 485 31.24 9.79 11.96
N ASP A 486 30.04 10.34 12.01
CA ASP A 486 28.89 9.80 11.29
C ASP A 486 28.87 10.44 9.91
N PHE A 487 29.41 9.73 8.92
CA PHE A 487 29.54 10.27 7.57
C PHE A 487 28.18 10.64 6.98
N TYR A 488 27.20 9.73 7.09
CA TYR A 488 25.88 10.00 6.57
C TYR A 488 25.20 11.15 7.32
N GLN A 489 25.25 11.10 8.65
CA GLN A 489 24.62 12.15 9.45
C GLN A 489 25.30 13.50 9.23
N LEU A 490 26.63 13.51 9.16
CA LEU A 490 27.34 14.77 8.95
C LEU A 490 27.03 15.34 7.57
N LYS A 491 27.00 14.48 6.55
CA LYS A 491 26.65 14.95 5.21
C LYS A 491 25.23 15.51 5.17
N SER A 492 24.28 14.82 5.81
CA SER A 492 22.91 15.30 5.85
C SER A 492 22.82 16.64 6.57
N LEU A 493 23.53 16.77 7.70
CA LEU A 493 23.51 18.04 8.44
C LEU A 493 24.10 19.17 7.62
N ILE A 494 25.22 18.90 6.93
CA ILE A 494 25.88 19.96 6.18
C ILE A 494 25.04 20.38 4.99
N ARG A 495 24.46 19.41 4.27
CA ARG A 495 23.63 19.74 3.11
C ARG A 495 22.24 20.21 3.51
N SER A 496 21.88 20.12 4.79
CA SER A 496 20.59 20.58 5.27
C SER A 496 20.55 22.08 5.55
N GLY A 497 21.56 22.83 5.08
CA GLY A 497 21.60 24.26 5.33
C GLY A 497 22.68 24.67 6.31
N ALA A 498 23.83 24.01 6.23
CA ALA A 498 24.95 24.28 7.12
C ALA A 498 26.12 24.87 6.35
N ASP A 499 26.80 25.83 6.96
CA ASP A 499 28.02 26.39 6.39
C ASP A 499 29.20 25.59 6.92
N PRO A 500 29.92 24.84 6.08
CA PRO A 500 31.05 24.04 6.59
C PRO A 500 32.17 24.88 7.18
N ASN A 501 32.31 26.14 6.75
CA ASN A 501 33.40 26.99 7.22
C ASN A 501 33.25 27.42 8.67
N LYS A 502 32.08 27.21 9.27
CA LYS A 502 31.85 27.59 10.66
C LYS A 502 32.40 26.49 11.56
N THR A 503 33.46 26.81 12.31
CA THR A 503 34.12 25.89 13.20
C THR A 503 33.57 26.03 14.62
N ASP A 504 34.26 25.46 15.58
CA ASP A 504 33.98 25.73 16.99
C ASP A 504 34.12 27.22 17.26
N TYR A 505 33.32 27.71 18.22
CA TYR A 505 33.29 29.15 18.50
C TYR A 505 34.68 29.67 18.86
N ASP A 506 35.48 28.86 19.57
CA ASP A 506 36.86 29.25 19.84
C ASP A 506 37.69 29.23 18.56
N GLY A 507 37.44 28.27 17.68
CA GLY A 507 38.15 28.23 16.41
C GLY A 507 38.56 26.83 15.99
N ARG A 508 38.28 25.83 16.83
CA ARG A 508 38.61 24.45 16.49
C ARG A 508 37.86 24.04 15.23
N SER A 509 38.59 23.86 14.14
CA SER A 509 38.00 23.54 12.86
C SER A 509 37.35 22.16 12.91
N PRO A 510 36.41 21.89 12.03
CA PRO A 510 35.83 20.54 11.98
C PRO A 510 36.88 19.46 11.75
N LEU A 511 38.02 19.83 11.14
CA LEU A 511 39.17 18.92 11.08
C LEU A 511 39.64 18.58 12.50
N HIS A 512 39.69 19.58 13.39
CA HIS A 512 40.03 19.32 14.79
C HIS A 512 39.09 18.29 15.39
N LEU A 513 37.80 18.44 15.11
CA LEU A 513 36.77 17.62 15.74
C LEU A 513 36.81 16.19 15.21
N ALA A 514 37.09 16.03 13.92
CA ALA A 514 37.18 14.68 13.36
C ALA A 514 38.51 14.01 13.71
N ALA A 515 39.57 14.79 13.87
CA ALA A 515 40.88 14.23 14.19
C ALA A 515 41.00 13.86 15.67
N CYS A 516 40.37 14.64 16.55
CA CYS A 516 40.50 14.40 17.98
C CYS A 516 39.98 13.02 18.38
N ARG A 517 38.95 12.54 17.70
CA ARG A 517 38.39 11.22 17.96
C ARG A 517 38.82 10.18 16.93
N GLY A 518 39.82 10.50 16.10
CA GLY A 518 40.36 9.53 15.17
C GLY A 518 39.44 9.16 14.03
N TYR A 519 39.17 10.09 13.13
CA TYR A 519 38.34 9.85 11.96
C TYR A 519 39.07 10.35 10.72
N GLU A 520 39.32 9.44 9.78
CA GLU A 520 40.10 9.75 8.58
C GLU A 520 39.22 10.10 7.39
N ASP A 521 38.33 9.18 7.01
CA ASP A 521 37.41 9.47 5.92
C ASP A 521 36.50 10.64 6.26
N ILE A 522 36.11 10.75 7.53
CA ILE A 522 35.32 11.89 7.98
C ILE A 522 36.09 13.18 7.74
N THR A 523 37.36 13.20 8.15
CA THR A 523 38.19 14.38 7.98
C THR A 523 38.31 14.76 6.50
N LEU A 524 38.58 13.77 5.65
CA LEU A 524 38.78 14.08 4.23
C LEU A 524 37.62 14.72 3.48
N PHE A 525 36.44 14.13 3.51
CA PHE A 525 35.35 14.73 2.75
C PHE A 525 34.59 15.90 3.48
N LEU A 526 35.02 16.10 4.73
CA LEU A 526 34.52 17.27 5.44
C LEU A 526 35.45 18.39 5.00
N ILE A 527 36.75 18.11 4.84
CA ILE A 527 37.66 19.13 4.35
C ILE A 527 37.48 19.36 2.86
N GLN A 528 36.92 18.40 2.12
CA GLN A 528 36.58 18.65 0.73
C GLN A 528 35.33 19.51 0.58
N GLU A 529 34.63 19.82 1.66
CA GLU A 529 33.45 20.68 1.60
C GLU A 529 33.81 22.13 1.30
N GLY A 530 35.08 22.49 1.31
CA GLY A 530 35.50 23.86 1.11
C GLY A 530 35.90 24.60 2.36
N VAL A 531 35.88 23.93 3.52
CA VAL A 531 36.28 24.58 4.76
C VAL A 531 37.78 24.87 4.71
N ASP A 532 38.17 25.98 5.34
CA ASP A 532 39.56 26.42 5.30
C ASP A 532 40.46 25.40 5.97
N VAL A 533 41.67 25.24 5.43
CA VAL A 533 42.61 24.24 5.93
C VAL A 533 43.58 24.82 6.95
N ASN A 534 43.74 26.14 7.01
CA ASN A 534 44.63 26.80 7.94
C ASN A 534 43.86 27.48 9.07
N LEU A 535 42.79 26.84 9.54
CA LEU A 535 41.89 27.43 10.53
C LEU A 535 42.51 27.30 11.91
N LYS A 536 43.47 28.17 12.20
CA LYS A 536 44.03 28.25 13.54
C LYS A 536 42.96 28.77 14.50
N ASP A 537 42.85 28.13 15.66
CA ASP A 537 41.81 28.46 16.62
C ASP A 537 42.04 29.65 17.54
N LYS A 538 41.18 29.78 18.57
CA LYS A 538 41.43 30.81 19.60
C LYS A 538 42.90 30.82 20.15
N PHE A 539 43.32 29.62 20.56
CA PHE A 539 44.72 29.37 20.87
C PHE A 539 45.84 29.49 19.84
N GLY A 540 45.51 29.58 18.56
CA GLY A 540 46.52 29.53 17.53
C GLY A 540 46.98 28.15 17.14
N HIS A 541 46.32 27.09 17.61
CA HIS A 541 46.69 25.71 17.26
C HIS A 541 46.32 25.37 15.79
N THR A 542 47.28 24.96 14.96
CA THR A 542 47.00 24.61 13.56
C THR A 542 46.15 23.35 13.41
N PRO A 543 45.43 23.19 12.28
CA PRO A 543 44.67 21.92 12.23
C PRO A 543 45.71 20.80 12.33
N LEU A 544 46.85 20.95 11.68
CA LEU A 544 47.94 19.97 11.71
C LEU A 544 48.64 20.00 13.06
N PHE A 545 48.73 21.17 13.70
CA PHE A 545 49.26 21.20 15.06
C PHE A 545 48.36 20.41 16.00
N GLU A 546 47.04 20.56 15.84
CA GLU A 546 46.11 19.74 16.61
C GLU A 546 46.29 18.27 16.30
N ALA A 547 46.50 17.94 15.02
CA ALA A 547 46.69 16.56 14.63
C ALA A 547 47.95 15.96 15.25
N VAL A 548 49.05 16.71 15.24
CA VAL A 548 50.29 16.21 15.84
C VAL A 548 50.15 16.13 17.35
N LYS A 549 49.31 16.98 17.95
CA LYS A 549 49.08 16.90 19.39
C LYS A 549 48.25 15.66 19.74
N ALA A 550 47.22 15.36 18.96
CA ALA A 550 46.28 14.30 19.31
C ALA A 550 46.69 12.93 18.80
N GLY A 551 47.72 12.83 17.95
CA GLY A 551 48.24 11.54 17.55
C GLY A 551 47.39 10.74 16.58
N GLN A 552 47.25 11.22 15.34
CA GLN A 552 46.58 10.48 14.28
C GLN A 552 47.35 10.64 12.99
N GLU A 553 47.76 9.53 12.38
CA GLU A 553 48.54 9.58 11.15
C GLU A 553 47.69 9.95 9.94
N GLY A 554 46.43 9.49 9.91
CA GLY A 554 45.61 9.73 8.74
C GLY A 554 45.37 11.19 8.47
N VAL A 555 45.06 11.96 9.51
CA VAL A 555 44.89 13.40 9.36
C VAL A 555 46.20 14.05 8.94
N ILE A 556 47.33 13.54 9.46
CA ILE A 556 48.63 14.04 9.05
C ILE A 556 48.81 13.93 7.55
N GLY A 557 48.46 12.76 7.00
CA GLY A 557 48.54 12.60 5.55
C GLY A 557 47.54 13.48 4.81
N LEU A 558 46.30 13.52 5.30
CA LEU A 558 45.23 14.20 4.57
C LEU A 558 45.48 15.70 4.47
N LEU A 559 45.85 16.34 5.57
CA LEU A 559 46.02 17.78 5.56
C LEU A 559 47.16 18.20 4.63
N VAL A 560 48.24 17.44 4.60
CA VAL A 560 49.29 17.69 3.63
C VAL A 560 48.79 17.44 2.21
N LYS A 561 47.92 16.44 2.02
CA LYS A 561 47.35 16.19 0.70
C LYS A 561 46.57 17.39 0.20
N GLU A 562 45.74 17.98 1.08
CA GLU A 562 44.93 19.13 0.66
C GLU A 562 45.78 20.37 0.46
N GLY A 563 46.74 20.61 1.34
CA GLY A 563 47.57 21.80 1.33
C GLY A 563 47.49 22.54 2.64
N ALA A 564 48.11 23.73 2.66
CA ALA A 564 48.16 24.58 3.85
C ALA A 564 48.63 23.78 5.07
N SER A 565 49.84 23.25 4.94
CA SER A 565 50.36 22.31 5.93
C SER A 565 50.65 23.02 7.25
N PHE A 566 51.18 22.25 8.20
CA PHE A 566 51.46 22.73 9.55
C PHE A 566 52.31 24.00 9.52
N ASN A 567 51.74 25.09 10.01
CA ASN A 567 52.43 26.37 10.10
C ASN A 567 52.28 26.92 11.51
N LEU A 568 53.31 27.65 11.96
CA LEU A 568 53.30 28.20 13.30
C LEU A 568 54.27 29.38 13.36
N GLU A 569 54.07 30.23 14.35
CA GLU A 569 55.01 31.30 14.66
C GLU A 569 56.16 30.82 15.54
N ASP A 570 56.08 29.60 16.07
CA ASP A 570 57.14 29.01 16.87
C ASP A 570 57.35 27.57 16.42
N SER A 571 58.60 27.20 16.19
CA SER A 571 58.95 25.85 15.77
C SER A 571 59.88 25.17 16.77
N GLY A 572 60.94 25.83 17.20
CA GLY A 572 61.88 25.23 18.12
C GLY A 572 61.39 25.15 19.56
N ASN A 573 60.38 25.93 19.93
CA ASN A 573 59.85 25.86 21.28
C ASN A 573 59.14 24.54 21.53
N PHE A 574 58.14 24.22 20.71
CA PHE A 574 57.46 22.94 20.87
C PHE A 574 58.39 21.79 20.57
N LEU A 575 59.34 21.97 19.65
CA LEU A 575 60.31 20.92 19.36
C LEU A 575 61.16 20.62 20.59
N CYS A 576 61.63 21.67 21.27
CA CYS A 576 62.46 21.45 22.46
C CYS A 576 61.64 20.83 23.59
N THR A 577 60.40 21.27 23.74
CA THR A 577 59.54 20.66 24.76
C THR A 577 59.33 19.18 24.49
N THR A 578 59.07 18.81 23.24
CA THR A 578 58.87 17.41 22.89
C THR A 578 60.15 16.60 23.08
N VAL A 579 61.30 17.18 22.72
CA VAL A 579 62.57 16.50 22.95
C VAL A 579 62.79 16.26 24.43
N ALA A 580 62.43 17.25 25.27
CA ALA A 580 62.51 17.06 26.71
C ALA A 580 61.59 15.93 27.17
N LYS A 581 60.36 15.90 26.66
CA LYS A 581 59.45 14.80 26.97
C LYS A 581 59.88 13.50 26.30
N GLY A 582 60.70 13.57 25.26
CA GLY A 582 61.19 12.38 24.59
C GLY A 582 60.11 11.54 23.97
N ASP A 583 59.07 12.18 23.43
CA ASP A 583 57.96 11.47 22.78
C ASP A 583 58.36 11.23 21.33
N SER A 584 58.97 10.08 21.07
CA SER A 584 59.55 9.81 19.76
C SER A 584 58.49 9.84 18.67
N ASP A 585 57.29 9.34 18.96
CA ASP A 585 56.20 9.45 18.00
C ASP A 585 55.91 10.90 17.68
N PHE A 586 55.78 11.75 18.71
CA PHE A 586 55.55 13.17 18.49
C PHE A 586 56.75 13.83 17.80
N LEU A 587 57.97 13.40 18.11
CA LEU A 587 59.15 14.00 17.48
C LEU A 587 59.17 13.72 15.99
N LYS A 588 59.00 12.45 15.59
CA LYS A 588 58.91 12.12 14.18
C LYS A 588 57.68 12.76 13.54
N ARG A 589 56.62 12.95 14.32
CA ARG A 589 55.36 13.46 13.80
C ARG A 589 55.44 14.95 13.45
N LEU A 590 56.05 15.76 14.33
CA LEU A 590 56.31 17.15 14.00
C LEU A 590 57.27 17.25 12.82
N LEU A 591 58.30 16.39 12.80
CA LEU A 591 59.22 16.36 11.68
C LEU A 591 58.58 15.75 10.43
N SER A 592 57.46 15.04 10.57
CA SER A 592 56.79 14.46 9.41
C SER A 592 56.27 15.54 8.48
N SER A 593 55.70 16.61 9.03
CA SER A 593 55.18 17.70 8.22
C SER A 593 56.28 18.62 7.70
N GLY A 594 57.51 18.45 8.14
CA GLY A 594 58.60 19.26 7.66
C GLY A 594 58.79 20.58 8.37
N MET A 595 58.27 20.72 9.59
CA MET A 595 58.48 21.94 10.35
C MET A 595 59.96 22.11 10.67
N ASN A 596 60.42 23.35 10.63
CA ASN A 596 61.84 23.70 10.71
C ASN A 596 62.49 23.18 11.98
N PRO A 597 63.39 22.19 11.87
CA PRO A 597 64.17 21.78 13.05
C PRO A 597 65.41 22.63 13.28
N ASN A 598 65.69 23.58 12.39
CA ASN A 598 66.81 24.49 12.53
C ASN A 598 66.38 25.87 13.04
N SER A 599 65.16 25.99 13.54
CA SER A 599 64.62 27.27 13.97
C SER A 599 65.17 27.63 15.35
N GLU A 600 64.60 28.64 15.97
CA GLU A 600 65.03 29.13 17.28
C GLU A 600 64.00 28.78 18.34
N ASP A 601 64.26 29.22 19.56
CA ASP A 601 63.47 28.96 20.75
C ASP A 601 63.10 30.30 21.38
N TYR A 602 62.63 30.26 22.63
CA TYR A 602 62.42 31.50 23.38
C TYR A 602 63.69 32.35 23.37
N ASP A 603 64.86 31.72 23.40
CA ASP A 603 66.13 32.35 23.07
C ASP A 603 66.65 31.72 21.78
N HIS A 604 67.86 32.10 21.39
CA HIS A 604 68.46 31.53 20.18
C HIS A 604 68.96 30.12 20.47
N ARG A 605 68.00 29.22 20.66
CA ARG A 605 68.26 27.82 20.99
C ARG A 605 67.70 26.94 19.88
N THR A 606 68.58 26.43 19.04
CA THR A 606 68.18 25.51 17.99
C THR A 606 67.74 24.18 18.59
N PRO A 607 66.77 23.50 17.96
CA PRO A 607 66.40 22.16 18.45
C PRO A 607 67.56 21.18 18.48
N LEU A 608 68.53 21.32 17.57
CA LEU A 608 69.74 20.50 17.67
C LEU A 608 70.49 20.81 18.96
N HIS A 609 70.52 22.08 19.36
CA HIS A 609 71.14 22.44 20.64
C HIS A 609 70.43 21.75 21.80
N VAL A 610 69.10 21.68 21.75
CA VAL A 610 68.35 20.98 22.80
C VAL A 610 68.66 19.49 22.77
N ALA A 611 68.75 18.89 21.58
CA ALA A 611 69.08 17.48 21.48
C ALA A 611 70.45 17.20 22.07
N ALA A 612 71.42 18.07 21.81
CA ALA A 612 72.72 17.96 22.47
C ALA A 612 72.59 18.16 23.98
N SER A 613 71.65 19.00 24.42
CA SER A 613 71.44 19.19 25.85
C SER A 613 70.85 17.95 26.51
N GLU A 614 70.19 17.08 25.73
CA GLU A 614 69.61 15.88 26.31
C GLU A 614 70.65 14.77 26.49
N GLY A 615 71.22 14.29 25.39
CA GLY A 615 72.29 13.32 25.51
C GLY A 615 72.28 12.13 24.58
N LEU A 616 71.10 11.73 24.09
CA LEU A 616 70.99 10.50 23.32
C LEU A 616 71.64 10.67 21.93
N PHE A 617 71.66 9.56 21.18
CA PHE A 617 72.29 9.53 19.86
C PHE A 617 71.38 9.21 18.68
N LEU A 618 70.17 8.73 18.91
CA LEU A 618 69.28 8.41 17.82
C LEU A 618 68.45 9.62 17.40
N MET A 619 67.66 10.18 18.33
CA MET A 619 66.82 11.32 17.99
C MET A 619 67.68 12.55 17.72
N ALA A 620 68.82 12.64 18.41
CA ALA A 620 69.66 13.83 18.39
C ALA A 620 69.99 14.28 16.97
N LYS A 621 70.34 13.34 16.09
CA LYS A 621 70.72 13.67 14.73
C LYS A 621 69.59 13.45 13.72
N MET A 622 68.36 13.20 14.20
CA MET A 622 67.22 13.23 13.30
C MET A 622 66.83 14.65 12.91
N LEU A 623 67.27 15.65 13.68
CA LEU A 623 66.96 17.03 13.33
C LEU A 623 67.94 17.58 12.32
N VAL A 624 69.23 17.23 12.42
CA VAL A 624 70.21 17.70 11.45
C VAL A 624 70.11 16.96 10.13
N GLU A 625 69.53 15.75 10.13
CA GLU A 625 69.27 15.08 8.85
C GLU A 625 68.18 15.80 8.06
N ALA A 626 67.36 16.62 8.71
CA ALA A 626 66.41 17.47 8.03
C ALA A 626 66.96 18.87 7.76
N GLY A 627 68.13 19.20 8.31
CA GLY A 627 68.74 20.48 8.03
C GLY A 627 68.99 21.36 9.24
N ALA A 628 69.05 20.77 10.43
CA ALA A 628 69.35 21.57 11.61
C ALA A 628 70.81 21.99 11.62
N SER A 629 71.11 23.01 12.42
CA SER A 629 72.41 23.66 12.42
C SER A 629 73.24 23.15 13.58
N VAL A 630 74.46 22.68 13.29
CA VAL A 630 75.41 22.26 14.31
C VAL A 630 76.44 23.34 14.63
N ILE A 631 76.36 24.49 13.97
CA ILE A 631 77.21 25.63 14.27
C ILE A 631 76.37 26.86 14.66
N SER A 632 75.10 26.66 14.96
CA SER A 632 74.21 27.76 15.34
C SER A 632 74.65 28.32 16.67
N LYS A 633 75.30 29.49 16.64
CA LYS A 633 75.71 30.16 17.87
C LYS A 633 74.48 30.52 18.69
N ASP A 634 74.54 30.22 19.98
CA ASP A 634 73.40 30.38 20.86
C ASP A 634 73.25 31.84 21.29
N ARG A 635 72.42 32.07 22.30
CA ARG A 635 72.29 33.40 22.88
C ARG A 635 73.61 33.88 23.47
N TRP A 636 74.36 32.98 24.12
CA TRP A 636 75.72 33.29 24.52
C TRP A 636 76.59 33.59 23.31
N GLY A 637 76.52 32.73 22.29
CA GLY A 637 77.38 32.85 21.13
C GLY A 637 78.34 31.69 21.00
N ASN A 638 77.94 30.51 21.49
CA ASN A 638 78.77 29.31 21.45
C ASN A 638 78.10 28.24 20.61
N SER A 639 78.93 27.46 19.91
CA SER A 639 78.41 26.37 19.09
C SER A 639 77.84 25.26 19.98
N PRO A 640 76.91 24.46 19.43
CA PRO A 640 76.31 23.37 20.25
C PRO A 640 77.32 22.37 20.79
N LEU A 641 78.52 22.29 20.21
CA LEU A 641 79.54 21.39 20.74
C LEU A 641 79.92 21.77 22.17
N ASP A 642 80.01 23.07 22.43
CA ASP A 642 80.38 23.54 23.78
C ASP A 642 79.34 23.13 24.81
N GLU A 643 78.05 23.29 24.50
CA GLU A 643 77.03 22.84 25.44
C GLU A 643 76.98 21.32 25.52
N ALA A 644 77.32 20.63 24.43
CA ALA A 644 77.38 19.17 24.48
C ALA A 644 78.43 18.70 25.48
N ARG A 645 79.61 19.32 25.48
CA ARG A 645 80.60 18.97 26.50
C ARG A 645 80.19 19.47 27.88
N LEU A 646 79.49 20.62 27.94
CA LEU A 646 79.07 21.15 29.23
C LEU A 646 78.10 20.21 29.94
N CYS A 647 77.17 19.61 29.19
CA CYS A 647 76.18 18.76 29.82
C CYS A 647 76.79 17.49 30.41
N GLY A 648 77.90 17.01 29.84
CA GLY A 648 78.58 15.87 30.41
C GLY A 648 78.73 14.70 29.47
N ASN A 649 78.75 14.94 28.16
CA ASN A 649 78.92 13.88 27.18
C ASN A 649 79.80 14.37 26.04
N LYS A 650 80.83 13.59 25.71
CA LYS A 650 81.73 13.92 24.61
C LYS A 650 81.26 13.06 23.46
N LYS A 651 80.56 11.97 23.77
CA LYS A 651 79.95 11.17 22.71
C LYS A 651 79.14 12.10 21.77
N LEU A 652 78.27 12.89 22.40
CA LEU A 652 77.58 13.94 21.67
C LEU A 652 78.35 14.84 20.71
N ILE A 653 79.50 15.34 21.16
CA ILE A 653 80.37 16.12 20.28
C ILE A 653 80.85 15.27 19.12
N LYS A 654 81.12 13.98 19.37
CA LYS A 654 81.54 13.10 18.28
C LYS A 654 80.44 12.96 17.21
N LEU A 655 79.19 12.81 17.63
CA LEU A 655 78.09 12.75 16.66
C LEU A 655 77.94 14.07 15.93
N LEU A 656 78.05 15.19 16.66
CA LEU A 656 77.96 16.50 16.02
C LEU A 656 79.08 16.68 15.00
N GLU A 657 80.27 16.17 15.29
CA GLU A 657 81.37 16.22 14.34
C GLU A 657 81.16 15.28 13.16
N ASP A 658 80.51 14.13 13.39
CA ASP A 658 80.15 13.26 12.29
C ASP A 658 79.22 13.97 11.32
N VAL A 659 78.26 14.74 11.85
CA VAL A 659 77.42 15.57 11.00
C VAL A 659 78.22 16.71 10.38
N LYS A 660 79.17 17.28 11.14
CA LYS A 660 79.93 18.46 10.75
C LYS A 660 81.09 18.17 9.81
N ASN A 661 81.34 16.90 9.47
CA ASN A 661 82.40 16.57 8.53
C ASN A 661 82.23 17.33 7.22
N ALA A 662 81.01 17.32 6.67
CA ALA A 662 80.76 18.02 5.41
C ALA A 662 80.94 19.52 5.56
N GLN A 663 80.47 20.09 6.67
CA GLN A 663 80.64 21.53 6.89
C GLN A 663 82.11 21.90 7.00
N SER A 664 82.89 21.10 7.73
CA SER A 664 84.32 21.36 7.86
C SER A 664 85.03 21.22 6.52
N SER A 665 84.57 20.29 5.68
CA SER A 665 85.07 20.23 4.30
C SER A 665 84.74 21.53 3.57
N ILE A 666 83.53 22.06 3.78
CA ILE A 666 83.20 23.38 3.24
C ILE A 666 84.00 24.46 3.95
N TYR A 667 84.14 24.35 5.27
CA TYR A 667 84.90 25.32 6.05
C TYR A 667 86.37 25.36 5.62
N ILE B 1 -14.01 -45.27 -23.83
CA ILE B 1 -13.81 -44.11 -24.69
C ILE B 1 -13.87 -42.84 -23.86
N HIS B 2 -12.90 -41.94 -24.06
CA HIS B 2 -12.87 -40.66 -23.40
C HIS B 2 -13.87 -39.70 -24.03
N PRO B 3 -14.38 -38.73 -23.26
CA PRO B 3 -15.39 -37.81 -23.81
C PRO B 3 -14.92 -37.02 -25.03
N LYS B 4 -13.64 -36.69 -25.13
CA LYS B 4 -13.20 -35.78 -26.18
C LYS B 4 -13.21 -36.41 -27.57
N ASN B 5 -13.50 -37.70 -27.68
CA ASN B 5 -13.50 -38.36 -28.98
C ASN B 5 -14.51 -37.70 -29.91
N ARG B 6 -14.11 -37.49 -31.16
CA ARG B 6 -14.91 -36.72 -32.10
C ARG B 6 -16.26 -37.40 -32.37
N TRP B 7 -16.23 -38.70 -32.61
CA TRP B 7 -17.46 -39.42 -32.95
C TRP B 7 -18.45 -39.36 -31.80
N TYR B 8 -17.96 -39.44 -30.56
CA TYR B 8 -18.84 -39.27 -29.42
C TYR B 8 -19.48 -37.89 -29.41
N LYS B 9 -18.72 -36.86 -29.79
CA LYS B 9 -19.27 -35.51 -29.82
C LYS B 9 -20.38 -35.39 -30.87
N ALA B 10 -20.15 -35.96 -32.06
CA ALA B 10 -21.18 -35.93 -33.09
C ALA B 10 -22.44 -36.69 -32.64
N TRP B 11 -22.25 -37.85 -32.01
CA TRP B 11 -23.39 -38.59 -31.49
C TRP B 11 -24.11 -37.80 -30.41
N GLU B 12 -23.37 -37.04 -29.59
CA GLU B 12 -24.00 -36.22 -28.56
C GLU B 12 -24.85 -35.13 -29.19
N MET B 13 -24.38 -34.53 -30.28
CA MET B 13 -25.21 -33.55 -30.97
C MET B 13 -26.47 -34.19 -31.55
N PHE B 14 -26.33 -35.38 -32.13
CA PHE B 14 -27.50 -36.09 -32.65
C PHE B 14 -28.51 -36.38 -31.54
N ILE B 15 -28.03 -36.86 -30.40
CA ILE B 15 -28.94 -37.18 -29.31
C ILE B 15 -29.52 -35.91 -28.70
N LEU B 16 -28.81 -34.78 -28.79
CA LEU B 16 -29.39 -33.52 -28.35
C LEU B 16 -30.56 -33.13 -29.25
N VAL B 17 -30.42 -33.30 -30.55
CA VAL B 17 -31.53 -33.00 -31.46
C VAL B 17 -32.72 -33.89 -31.14
N TRP B 18 -32.47 -35.19 -30.94
CA TRP B 18 -33.56 -36.10 -30.62
C TRP B 18 -34.20 -35.76 -29.27
N ALA B 19 -33.40 -35.34 -28.29
CA ALA B 19 -33.94 -34.95 -27.00
C ALA B 19 -34.82 -33.71 -27.12
N ILE B 20 -34.42 -32.75 -27.95
CA ILE B 20 -35.26 -31.58 -28.17
C ILE B 20 -36.59 -31.98 -28.79
N TYR B 21 -36.53 -32.86 -29.80
CA TYR B 21 -37.77 -33.30 -30.44
C TYR B 21 -38.69 -34.01 -29.44
N SER B 22 -38.12 -34.88 -28.61
CA SER B 22 -38.95 -35.63 -27.66
C SER B 22 -39.53 -34.72 -26.59
N SER B 23 -38.73 -33.77 -26.10
CA SER B 23 -39.22 -32.83 -25.10
C SER B 23 -40.34 -31.96 -25.65
N LEU B 24 -40.25 -31.58 -26.93
CA LEU B 24 -41.31 -30.76 -27.50
C LEU B 24 -42.55 -31.60 -27.82
N PHE B 25 -42.37 -32.87 -28.19
CA PHE B 25 -43.51 -33.65 -28.66
C PHE B 25 -44.27 -34.33 -27.53
N THR B 26 -43.62 -34.67 -26.41
CA THR B 26 -44.30 -35.44 -25.39
C THR B 26 -45.50 -34.72 -24.79
N PRO B 27 -45.43 -33.44 -24.39
CA PRO B 27 -46.66 -32.77 -23.94
C PRO B 27 -47.76 -32.77 -24.99
N MET B 28 -47.40 -32.60 -26.26
CA MET B 28 -48.41 -32.57 -27.31
C MET B 28 -49.03 -33.94 -27.54
N GLU B 29 -48.26 -35.01 -27.38
CA GLU B 29 -48.86 -36.34 -27.47
C GLU B 29 -49.74 -36.64 -26.27
N PHE B 30 -49.33 -36.17 -25.09
CA PHE B 30 -50.13 -36.41 -23.90
C PHE B 30 -51.45 -35.66 -23.94
N GLY B 31 -51.42 -34.39 -24.33
CA GLY B 31 -52.60 -33.56 -24.26
C GLY B 31 -53.59 -33.74 -25.39
N PHE B 32 -53.15 -33.46 -26.62
CA PHE B 32 -54.06 -33.38 -27.75
C PHE B 32 -54.45 -34.72 -28.32
N PHE B 33 -53.73 -35.79 -27.99
CA PHE B 33 -54.00 -37.12 -28.52
C PHE B 33 -54.26 -38.09 -27.37
N ARG B 34 -55.38 -38.81 -27.45
CA ARG B 34 -55.63 -39.94 -26.58
C ARG B 34 -55.44 -41.19 -27.41
N GLY B 35 -54.33 -41.89 -27.16
CA GLY B 35 -53.81 -42.82 -28.13
C GLY B 35 -53.00 -42.06 -29.16
N LEU B 36 -52.79 -42.69 -30.31
CA LEU B 36 -52.14 -42.02 -31.42
C LEU B 36 -52.76 -42.50 -32.73
N PRO B 37 -52.83 -41.63 -33.74
CA PRO B 37 -53.15 -42.11 -35.08
C PRO B 37 -52.08 -43.05 -35.58
N GLU B 38 -52.49 -43.99 -36.44
CA GLU B 38 -51.56 -45.04 -36.87
C GLU B 38 -50.42 -44.49 -37.71
N ARG B 39 -50.51 -43.23 -38.15
CA ARG B 39 -49.45 -42.63 -38.95
C ARG B 39 -48.20 -42.29 -38.15
N LEU B 40 -48.23 -42.40 -36.82
CA LEU B 40 -47.14 -41.97 -35.96
C LEU B 40 -46.43 -43.13 -35.27
N PHE B 41 -46.45 -44.32 -35.87
CA PHE B 41 -45.88 -45.49 -35.21
C PHE B 41 -44.35 -45.52 -35.34
N VAL B 42 -43.85 -45.46 -36.57
CA VAL B 42 -42.42 -45.58 -36.81
C VAL B 42 -41.65 -44.46 -36.12
N LEU B 43 -42.26 -43.27 -35.99
CA LEU B 43 -41.59 -42.17 -35.32
C LEU B 43 -41.25 -42.53 -33.89
N ASP B 44 -42.24 -42.98 -33.13
CA ASP B 44 -42.02 -43.36 -31.73
C ASP B 44 -41.05 -44.53 -31.64
N ILE B 45 -41.19 -45.52 -32.52
CA ILE B 45 -40.33 -46.69 -32.44
C ILE B 45 -38.86 -46.29 -32.61
N VAL B 46 -38.57 -45.50 -33.65
CA VAL B 46 -37.18 -45.11 -33.88
C VAL B 46 -36.68 -44.16 -32.80
N GLY B 47 -37.53 -43.31 -32.24
CA GLY B 47 -37.09 -42.49 -31.13
C GLY B 47 -36.65 -43.32 -29.94
N GLN B 48 -37.45 -44.32 -29.59
CA GLN B 48 -37.09 -45.18 -28.46
C GLN B 48 -35.82 -45.97 -28.74
N ILE B 49 -35.65 -46.49 -29.96
CA ILE B 49 -34.42 -47.22 -30.24
C ILE B 49 -33.21 -46.30 -30.20
N ALA B 50 -33.36 -45.04 -30.64
CA ALA B 50 -32.25 -44.11 -30.56
C ALA B 50 -31.84 -43.86 -29.12
N PHE B 51 -32.82 -43.70 -28.23
CA PHE B 51 -32.44 -43.48 -26.83
C PHE B 51 -31.91 -44.74 -26.16
N LEU B 52 -32.30 -45.93 -26.62
CA LEU B 52 -31.65 -47.15 -26.12
C LEU B 52 -30.18 -47.21 -26.57
N VAL B 53 -29.91 -46.83 -27.82
CA VAL B 53 -28.52 -46.74 -28.26
C VAL B 53 -27.75 -45.74 -27.39
N ASP B 54 -28.41 -44.64 -27.03
CA ASP B 54 -27.77 -43.70 -26.11
C ASP B 54 -27.49 -44.34 -24.77
N ILE B 55 -28.40 -45.19 -24.27
CA ILE B 55 -28.17 -45.81 -22.97
C ILE B 55 -26.93 -46.71 -23.01
N VAL B 56 -26.78 -47.49 -24.08
CA VAL B 56 -25.61 -48.38 -24.12
C VAL B 56 -24.32 -47.57 -24.29
N LEU B 57 -24.35 -46.54 -25.16
CA LEU B 57 -23.17 -45.71 -25.32
C LEU B 57 -22.78 -45.03 -24.02
N GLN B 58 -23.76 -44.51 -23.31
CA GLN B 58 -23.49 -43.79 -22.07
C GLN B 58 -22.87 -44.72 -21.05
N PHE B 59 -23.25 -45.99 -21.11
CA PHE B 59 -22.66 -46.96 -20.19
C PHE B 59 -21.15 -47.10 -20.41
N PHE B 60 -20.71 -47.40 -21.63
CA PHE B 60 -19.27 -47.63 -21.81
C PHE B 60 -18.43 -46.33 -21.76
N VAL B 61 -19.04 -45.19 -22.08
CA VAL B 61 -18.30 -43.92 -21.96
C VAL B 61 -17.70 -43.63 -20.59
N ALA B 62 -16.49 -43.09 -20.56
CA ALA B 62 -15.79 -42.76 -19.33
C ALA B 62 -16.21 -41.37 -18.85
N TYR B 63 -15.52 -40.84 -17.84
CA TYR B 63 -15.87 -39.54 -17.28
C TYR B 63 -14.66 -38.97 -16.55
N ARG B 64 -14.90 -37.85 -15.86
CA ARG B 64 -13.88 -37.12 -15.12
C ARG B 64 -14.35 -36.91 -13.69
N ASP B 65 -13.50 -37.25 -12.73
CA ASP B 65 -13.85 -37.08 -11.32
C ASP B 65 -13.78 -35.61 -10.93
N THR B 66 -14.52 -35.24 -9.89
CA THR B 66 -14.57 -33.84 -9.46
C THR B 66 -13.66 -33.58 -8.27
N GLN B 67 -13.56 -34.52 -7.34
CA GLN B 67 -12.75 -34.30 -6.14
C GLN B 67 -11.27 -34.33 -6.45
N THR B 68 -10.82 -35.32 -7.23
CA THR B 68 -9.41 -35.48 -7.52
C THR B 68 -9.01 -34.96 -8.90
N TYR B 69 -9.97 -34.52 -9.71
CA TYR B 69 -9.75 -34.01 -11.06
C TYR B 69 -9.07 -35.03 -11.97
N ARG B 70 -8.96 -36.29 -11.53
CA ARG B 70 -8.38 -37.34 -12.33
C ARG B 70 -9.44 -37.99 -13.20
N THR B 71 -9.14 -38.12 -14.48
CA THR B 71 -10.03 -38.85 -15.38
C THR B 71 -10.09 -40.32 -14.96
N VAL B 72 -11.29 -40.80 -14.68
CA VAL B 72 -11.51 -42.14 -14.15
C VAL B 72 -11.88 -43.05 -15.31
N TYR B 73 -11.18 -44.17 -15.44
CA TYR B 73 -11.45 -45.14 -16.49
C TYR B 73 -11.87 -46.50 -15.95
N LYS B 74 -12.25 -46.59 -14.68
CA LYS B 74 -12.64 -47.87 -14.11
C LYS B 74 -14.02 -48.26 -14.64
N PRO B 75 -14.12 -49.28 -15.50
CA PRO B 75 -15.44 -49.61 -16.09
C PRO B 75 -16.49 -49.94 -15.05
N THR B 76 -16.10 -50.66 -13.99
CA THR B 76 -17.04 -50.91 -12.90
C THR B 76 -17.49 -49.62 -12.25
N ARG B 77 -16.56 -48.66 -12.09
CA ARG B 77 -16.91 -47.40 -11.45
C ARG B 77 -17.85 -46.57 -12.32
N ILE B 78 -17.61 -46.53 -13.64
CA ILE B 78 -18.49 -45.77 -14.50
C ILE B 78 -19.87 -46.42 -14.57
N ALA B 79 -19.92 -47.76 -14.60
CA ALA B 79 -21.20 -48.44 -14.57
C ALA B 79 -21.94 -48.18 -13.26
N PHE B 80 -21.20 -48.15 -12.14
CA PHE B 80 -21.84 -47.88 -10.85
C PHE B 80 -22.37 -46.46 -10.78
N ARG B 81 -21.62 -45.49 -11.31
CA ARG B 81 -22.11 -44.12 -11.34
C ARG B 81 -23.37 -44.00 -12.19
N TYR B 82 -23.38 -44.65 -13.36
CA TYR B 82 -24.56 -44.59 -14.21
C TYR B 82 -25.76 -45.25 -13.55
N LEU B 83 -25.53 -46.38 -12.85
CA LEU B 83 -26.61 -47.02 -12.11
C LEU B 83 -27.11 -46.11 -11.00
N LYS B 84 -26.20 -45.39 -10.34
CA LYS B 84 -26.59 -44.54 -9.23
C LYS B 84 -27.42 -43.34 -9.69
N SER B 85 -27.03 -42.71 -10.80
CA SER B 85 -27.58 -41.39 -11.13
C SER B 85 -28.71 -41.42 -12.15
N HIS B 86 -28.45 -41.93 -13.36
CA HIS B 86 -29.32 -41.66 -14.50
C HIS B 86 -29.62 -42.93 -15.29
N PHE B 87 -30.04 -43.99 -14.61
CA PHE B 87 -30.48 -45.19 -15.33
C PHE B 87 -31.99 -45.37 -15.30
N LEU B 88 -32.61 -45.18 -14.14
CA LEU B 88 -34.03 -45.49 -14.00
C LEU B 88 -34.88 -44.62 -14.92
N MET B 89 -34.61 -43.32 -14.95
CA MET B 89 -35.43 -42.41 -15.75
C MET B 89 -35.36 -42.76 -17.23
N ASP B 90 -34.15 -42.95 -17.76
CA ASP B 90 -34.00 -43.25 -19.17
C ASP B 90 -34.60 -44.62 -19.52
N PHE B 91 -34.38 -45.62 -18.66
CA PHE B 91 -34.93 -46.94 -18.97
C PHE B 91 -36.46 -46.92 -18.96
N ILE B 92 -37.07 -46.26 -17.98
CA ILE B 92 -38.52 -46.20 -17.96
C ILE B 92 -39.04 -45.37 -19.12
N GLY B 93 -38.32 -44.32 -19.51
CA GLY B 93 -38.72 -43.53 -20.65
C GLY B 93 -38.69 -44.31 -21.95
N CYS B 94 -37.72 -45.22 -22.08
CA CYS B 94 -37.61 -46.00 -23.31
C CYS B 94 -38.71 -47.06 -23.45
N PHE B 95 -39.50 -47.29 -22.40
CA PHE B 95 -40.61 -48.22 -22.52
C PHE B 95 -41.62 -47.68 -23.53
N PRO B 96 -42.13 -48.51 -24.44
CA PRO B 96 -43.12 -48.01 -25.40
C PRO B 96 -44.48 -47.90 -24.74
N TRP B 97 -44.90 -46.69 -24.39
CA TRP B 97 -46.08 -46.52 -23.55
C TRP B 97 -47.38 -46.44 -24.33
N ASP B 98 -47.33 -46.04 -25.60
CA ASP B 98 -48.54 -45.98 -26.39
C ASP B 98 -49.16 -47.36 -26.58
N LEU B 99 -48.33 -48.34 -26.92
CA LEU B 99 -48.86 -49.70 -27.13
C LEU B 99 -49.35 -50.30 -25.82
N ILE B 100 -48.65 -50.04 -24.71
CA ILE B 100 -49.14 -50.52 -23.43
C ILE B 100 -50.50 -49.92 -23.10
N TYR B 101 -50.66 -48.61 -23.33
CA TYR B 101 -51.95 -47.99 -23.09
C TYR B 101 -53.03 -48.57 -23.99
N LYS B 102 -52.67 -48.86 -25.25
CA LYS B 102 -53.64 -49.46 -26.17
C LYS B 102 -54.04 -50.86 -25.73
N ALA B 103 -53.10 -51.61 -25.15
CA ALA B 103 -53.33 -53.00 -24.80
C ALA B 103 -53.67 -53.23 -23.33
N SER B 104 -53.79 -52.16 -22.54
CA SER B 104 -54.12 -52.28 -21.12
C SER B 104 -55.58 -51.96 -20.83
N GLY B 105 -56.48 -52.23 -21.78
CA GLY B 105 -57.87 -51.89 -21.58
C GLY B 105 -58.16 -50.41 -21.64
N LYS B 106 -57.25 -49.61 -22.21
CA LYS B 106 -57.44 -48.17 -22.38
C LYS B 106 -57.68 -47.46 -21.05
N HIS B 107 -57.00 -47.90 -20.00
CA HIS B 107 -57.05 -47.17 -18.74
C HIS B 107 -56.28 -45.86 -18.85
N GLU B 108 -56.80 -44.82 -18.20
CA GLU B 108 -56.25 -43.49 -18.36
C GLU B 108 -54.92 -43.26 -17.62
N LEU B 109 -54.74 -43.88 -16.46
CA LEU B 109 -53.53 -43.63 -15.67
C LEU B 109 -52.27 -44.10 -16.38
N VAL B 110 -52.40 -44.98 -17.37
CA VAL B 110 -51.23 -45.48 -18.10
C VAL B 110 -50.58 -44.31 -18.84
N ARG B 111 -51.40 -43.43 -19.42
CA ARG B 111 -50.86 -42.35 -20.24
C ARG B 111 -49.99 -41.39 -19.41
N TYR B 112 -50.24 -41.29 -18.11
CA TYR B 112 -49.53 -40.31 -17.29
C TYR B 112 -48.06 -40.63 -17.16
N LEU B 113 -47.63 -41.82 -17.57
CA LEU B 113 -46.21 -42.17 -17.56
C LEU B 113 -45.49 -41.64 -18.79
N LEU B 114 -46.19 -41.01 -19.73
CA LEU B 114 -45.52 -40.29 -20.80
C LEU B 114 -44.73 -39.11 -20.27
N TRP B 115 -45.02 -38.65 -19.06
CA TRP B 115 -44.32 -37.49 -18.50
C TRP B 115 -42.95 -37.84 -17.95
N ILE B 116 -42.60 -39.12 -17.87
CA ILE B 116 -41.25 -39.49 -17.50
C ILE B 116 -40.28 -39.14 -18.62
N ARG B 117 -40.74 -39.19 -19.88
CA ARG B 117 -39.91 -38.79 -21.00
C ARG B 117 -39.50 -37.33 -20.94
N LEU B 118 -40.17 -36.53 -20.10
CA LEU B 118 -39.77 -35.14 -19.92
C LEU B 118 -38.41 -35.02 -19.26
N PHE B 119 -37.88 -36.12 -18.70
CA PHE B 119 -36.55 -36.10 -18.12
C PHE B 119 -35.45 -35.96 -19.17
N ARG B 120 -35.78 -36.09 -20.45
CA ARG B 120 -34.81 -35.90 -21.53
C ARG B 120 -34.45 -34.43 -21.74
N VAL B 121 -34.89 -33.54 -20.86
CA VAL B 121 -34.52 -32.14 -20.88
C VAL B 121 -33.09 -32.03 -20.37
N ARG B 122 -32.62 -33.12 -19.75
CA ARG B 122 -31.25 -33.17 -19.23
C ARG B 122 -30.23 -32.88 -20.33
N LYS B 123 -30.46 -33.37 -21.54
CA LYS B 123 -29.51 -33.15 -22.62
C LYS B 123 -29.38 -31.66 -22.95
N VAL B 124 -30.50 -30.95 -23.03
CA VAL B 124 -30.46 -29.52 -23.31
C VAL B 124 -29.83 -28.77 -22.14
N VAL B 125 -30.14 -29.19 -20.91
CA VAL B 125 -29.57 -28.52 -19.75
C VAL B 125 -28.05 -28.67 -19.74
N GLU B 126 -27.57 -29.88 -20.00
CA GLU B 126 -26.13 -30.12 -20.08
C GLU B 126 -25.49 -29.33 -21.21
N PHE B 127 -26.16 -29.28 -22.36
CA PHE B 127 -25.61 -28.55 -23.50
C PHE B 127 -25.45 -27.08 -23.17
N PHE B 128 -26.46 -26.47 -22.56
CA PHE B 128 -26.35 -25.07 -22.18
C PHE B 128 -25.29 -24.88 -21.10
N GLN B 129 -25.21 -25.80 -20.14
CA GLN B 129 -24.22 -25.69 -19.08
C GLN B 129 -22.81 -25.71 -19.65
N ARG B 130 -22.54 -26.61 -20.60
CA ARG B 130 -21.23 -26.64 -21.22
C ARG B 130 -21.02 -25.48 -22.19
N LEU B 131 -22.10 -24.90 -22.70
CA LEU B 131 -21.97 -23.69 -23.50
C LEU B 131 -21.61 -22.47 -22.66
N GLU B 132 -21.95 -22.49 -21.38
CA GLU B 132 -21.55 -21.39 -20.50
C GLU B 132 -20.04 -21.25 -20.44
N LYS B 133 -19.33 -22.38 -20.30
CA LYS B 133 -17.89 -22.38 -20.11
C LYS B 133 -17.11 -22.36 -21.42
N ASP B 134 -17.72 -21.86 -22.49
CA ASP B 134 -17.05 -21.69 -23.78
C ASP B 134 -16.71 -20.21 -23.95
N THR B 135 -15.42 -19.90 -24.06
CA THR B 135 -14.98 -18.51 -24.05
C THR B 135 -15.26 -17.78 -25.35
N ARG B 136 -15.65 -18.50 -26.41
CA ARG B 136 -15.91 -17.86 -27.70
C ARG B 136 -17.33 -17.35 -27.84
N ILE B 137 -18.21 -17.65 -26.89
CA ILE B 137 -19.63 -17.32 -26.99
C ILE B 137 -19.97 -16.27 -25.95
N ASN B 138 -20.73 -15.25 -26.37
CA ASN B 138 -21.04 -14.12 -25.49
C ASN B 138 -21.90 -14.57 -24.32
N TYR B 139 -21.51 -14.11 -23.12
CA TYR B 139 -22.19 -14.53 -21.89
C TYR B 139 -23.61 -13.99 -21.84
N LEU B 140 -23.82 -12.74 -22.26
CA LEU B 140 -25.17 -12.19 -22.33
C LEU B 140 -26.05 -13.04 -23.23
N PHE B 141 -25.54 -13.36 -24.42
CA PHE B 141 -26.27 -14.20 -25.36
C PHE B 141 -26.64 -15.54 -24.72
N THR B 142 -25.68 -16.16 -24.02
CA THR B 142 -25.93 -17.46 -23.43
C THR B 142 -27.00 -17.40 -22.34
N ARG B 143 -26.86 -16.44 -21.41
CA ARG B 143 -27.82 -16.38 -20.30
C ARG B 143 -29.22 -16.04 -20.80
N ILE B 144 -29.32 -15.10 -21.74
CA ILE B 144 -30.63 -14.75 -22.28
C ILE B 144 -31.24 -15.96 -22.99
N LEU B 145 -30.43 -16.70 -23.75
CA LEU B 145 -30.96 -17.89 -24.42
C LEU B 145 -31.46 -18.92 -23.41
N LYS B 146 -30.70 -19.17 -22.35
CA LYS B 146 -31.11 -20.17 -21.38
C LYS B 146 -32.44 -19.79 -20.73
N LEU B 147 -32.55 -18.54 -20.28
CA LEU B 147 -33.77 -18.12 -19.62
C LEU B 147 -34.97 -18.13 -20.56
N LEU B 148 -34.77 -17.66 -21.80
CA LEU B 148 -35.87 -17.66 -22.76
C LEU B 148 -36.30 -19.07 -23.11
N PHE B 149 -35.35 -20.00 -23.26
CA PHE B 149 -35.73 -21.38 -23.54
C PHE B 149 -36.55 -21.96 -22.38
N VAL B 150 -36.15 -21.68 -21.15
CA VAL B 150 -36.90 -22.19 -20.01
C VAL B 150 -38.32 -21.64 -20.02
N GLU B 151 -38.46 -20.33 -20.25
CA GLU B 151 -39.79 -19.73 -20.25
C GLU B 151 -40.67 -20.29 -21.37
N VAL B 152 -40.11 -20.41 -22.58
CA VAL B 152 -40.91 -20.88 -23.71
C VAL B 152 -41.28 -22.35 -23.55
N TYR B 153 -40.39 -23.16 -22.98
CA TYR B 153 -40.76 -24.55 -22.74
C TYR B 153 -41.86 -24.67 -21.69
N CYS B 154 -41.76 -23.90 -20.61
CA CYS B 154 -42.84 -23.92 -19.63
C CYS B 154 -44.15 -23.47 -20.25
N THR B 155 -44.10 -22.48 -21.13
CA THR B 155 -45.30 -22.04 -21.83
C THR B 155 -45.89 -23.14 -22.71
N HIS B 156 -45.04 -23.86 -23.44
CA HIS B 156 -45.52 -24.93 -24.32
C HIS B 156 -46.20 -26.03 -23.51
N THR B 157 -45.55 -26.49 -22.44
CA THR B 157 -46.17 -27.54 -21.63
C THR B 157 -47.42 -27.04 -20.92
N ALA B 158 -47.47 -25.75 -20.55
CA ALA B 158 -48.68 -25.21 -19.94
C ALA B 158 -49.83 -25.17 -20.94
N ALA B 159 -49.55 -24.85 -22.20
CA ALA B 159 -50.60 -24.89 -23.22
C ALA B 159 -51.14 -26.29 -23.39
N CYS B 160 -50.25 -27.29 -23.45
CA CYS B 160 -50.71 -28.67 -23.60
C CYS B 160 -51.53 -29.12 -22.40
N ILE B 161 -51.10 -28.76 -21.19
CA ILE B 161 -51.86 -29.15 -20.00
C ILE B 161 -53.20 -28.43 -19.96
N PHE B 162 -53.25 -27.18 -20.42
CA PHE B 162 -54.52 -26.46 -20.45
C PHE B 162 -55.52 -27.12 -21.38
N TYR B 163 -55.07 -27.51 -22.58
CA TYR B 163 -56.00 -28.21 -23.46
C TYR B 163 -56.40 -29.56 -22.88
N TYR B 164 -55.49 -30.24 -22.18
CA TYR B 164 -55.89 -31.49 -21.52
C TYR B 164 -56.99 -31.25 -20.50
N LEU B 165 -56.84 -30.22 -19.68
CA LEU B 165 -57.88 -29.90 -18.70
C LEU B 165 -59.20 -29.57 -19.40
N ALA B 166 -59.13 -28.94 -20.57
CA ALA B 166 -60.35 -28.72 -21.34
C ALA B 166 -60.99 -30.04 -21.76
N THR B 167 -60.18 -30.99 -22.20
CA THR B 167 -60.74 -32.23 -22.76
C THR B 167 -61.03 -33.28 -21.69
N THR B 168 -60.75 -33.01 -20.42
CA THR B 168 -61.10 -33.97 -19.38
C THR B 168 -62.59 -33.95 -19.02
N LEU B 169 -63.35 -32.99 -19.54
CA LEU B 169 -64.79 -32.94 -19.33
C LEU B 169 -65.51 -33.80 -20.36
N PRO B 170 -66.70 -34.32 -20.03
CA PRO B 170 -67.42 -35.15 -21.00
C PRO B 170 -67.84 -34.34 -22.20
N PRO B 171 -68.02 -34.99 -23.37
CA PRO B 171 -68.37 -34.24 -24.58
C PRO B 171 -69.72 -33.52 -24.50
N GLU B 172 -70.61 -33.97 -23.61
CA GLU B 172 -71.89 -33.29 -23.48
C GLU B 172 -71.72 -31.87 -22.97
N ASN B 173 -70.86 -31.68 -21.97
CA ASN B 173 -70.60 -30.37 -21.40
C ASN B 173 -69.35 -29.74 -22.01
N GLU B 174 -69.37 -29.56 -23.32
CA GLU B 174 -68.29 -28.83 -23.96
C GLU B 174 -68.43 -27.32 -23.77
N GLY B 175 -69.63 -26.85 -23.45
CA GLY B 175 -69.76 -25.58 -22.77
C GLY B 175 -69.25 -25.73 -21.35
N TYR B 176 -69.10 -24.59 -20.68
CA TYR B 176 -68.45 -24.58 -19.36
C TYR B 176 -67.04 -25.13 -19.46
N THR B 177 -66.35 -24.80 -20.55
CA THR B 177 -64.97 -25.17 -20.82
C THR B 177 -64.31 -24.01 -21.54
N TRP B 178 -63.00 -23.82 -21.32
CA TRP B 178 -62.36 -22.65 -21.90
C TRP B 178 -62.43 -22.66 -23.42
N ILE B 179 -62.37 -23.84 -24.03
CA ILE B 179 -62.65 -24.03 -25.44
C ILE B 179 -63.97 -24.77 -25.55
N GLY B 180 -64.77 -24.44 -26.56
CA GLY B 180 -66.14 -24.86 -26.66
C GLY B 180 -67.12 -23.77 -26.28
N SER B 181 -66.67 -22.79 -25.49
CA SER B 181 -67.42 -21.58 -25.22
C SER B 181 -66.72 -20.36 -25.82
N LEU B 182 -65.96 -20.58 -26.88
CA LEU B 182 -65.18 -19.53 -27.53
C LEU B 182 -65.91 -19.06 -28.80
N LYS B 183 -65.88 -17.75 -29.04
CA LYS B 183 -66.57 -17.15 -30.17
C LYS B 183 -65.67 -16.11 -30.84
N LEU B 184 -64.44 -16.50 -31.14
CA LEU B 184 -63.49 -15.57 -31.73
C LEU B 184 -63.94 -15.16 -33.14
N GLY B 185 -64.19 -13.87 -33.33
CA GLY B 185 -64.65 -13.39 -34.62
C GLY B 185 -66.03 -13.94 -34.94
N ASP B 186 -66.16 -14.58 -36.09
CA ASP B 186 -67.38 -15.29 -36.46
C ASP B 186 -67.22 -16.80 -36.36
N TYR B 187 -66.11 -17.27 -35.80
CA TYR B 187 -65.85 -18.69 -35.64
C TYR B 187 -66.25 -19.13 -34.24
N SER B 188 -66.99 -20.24 -34.17
CA SER B 188 -67.40 -20.83 -32.91
C SER B 188 -66.78 -22.21 -32.78
N TYR B 189 -66.08 -22.45 -31.67
CA TYR B 189 -65.45 -23.74 -31.40
C TYR B 189 -66.50 -24.72 -30.86
N GLU B 190 -67.51 -24.99 -31.68
CA GLU B 190 -68.66 -25.77 -31.22
C GLU B 190 -68.25 -27.17 -30.81
N ASN B 191 -67.56 -27.90 -31.70
CA ASN B 191 -67.11 -29.25 -31.44
C ASN B 191 -65.59 -29.23 -31.42
N PHE B 192 -65.01 -28.96 -30.25
CA PHE B 192 -63.58 -28.72 -30.15
C PHE B 192 -62.75 -30.00 -30.24
N ARG B 193 -63.34 -31.13 -30.60
CA ARG B 193 -62.58 -32.35 -30.84
C ARG B 193 -62.47 -32.69 -32.31
N GLU B 194 -63.18 -31.98 -33.18
CA GLU B 194 -63.06 -32.16 -34.62
C GLU B 194 -62.36 -31.01 -35.31
N ILE B 195 -61.95 -29.98 -34.58
CA ILE B 195 -61.14 -28.92 -35.16
C ILE B 195 -59.84 -29.66 -35.49
N ASP B 196 -59.19 -29.25 -36.58
CA ASP B 196 -57.88 -29.84 -36.88
C ASP B 196 -56.91 -29.52 -35.77
N LEU B 197 -55.91 -30.39 -35.58
CA LEU B 197 -54.97 -30.17 -34.48
C LEU B 197 -54.23 -28.85 -34.34
N TRP B 198 -53.88 -28.22 -35.47
CA TRP B 198 -53.08 -27.02 -35.39
C TRP B 198 -53.87 -25.80 -34.94
N LYS B 199 -55.14 -25.71 -35.31
CA LYS B 199 -55.97 -24.62 -34.78
C LYS B 199 -56.07 -24.71 -33.26
N ARG B 200 -56.37 -25.90 -32.74
CA ARG B 200 -56.47 -26.06 -31.29
C ARG B 200 -55.14 -25.79 -30.62
N TYR B 201 -54.05 -26.32 -31.18
CA TYR B 201 -52.74 -26.14 -30.57
C TYR B 201 -52.34 -24.68 -30.51
N THR B 202 -52.47 -23.97 -31.63
CA THR B 202 -52.03 -22.59 -31.65
C THR B 202 -52.98 -21.67 -30.89
N THR B 203 -54.26 -22.03 -30.75
CA THR B 203 -55.14 -21.27 -29.86
C THR B 203 -54.70 -21.41 -28.41
N ALA B 204 -54.43 -22.64 -27.98
CA ALA B 204 -53.96 -22.86 -26.61
C ALA B 204 -52.63 -22.16 -26.37
N LEU B 205 -51.72 -22.23 -27.35
CA LEU B 205 -50.44 -21.56 -27.22
C LEU B 205 -50.60 -20.05 -27.18
N TYR B 206 -51.53 -19.51 -27.97
CA TYR B 206 -51.84 -18.08 -27.91
C TYR B 206 -52.24 -17.68 -26.51
N PHE B 207 -53.17 -18.44 -25.90
CA PHE B 207 -53.58 -18.14 -24.53
C PHE B 207 -52.38 -18.19 -23.58
N ALA B 208 -51.57 -19.25 -23.68
CA ALA B 208 -50.47 -19.42 -22.74
C ALA B 208 -49.42 -18.33 -22.88
N ILE B 209 -49.19 -17.86 -24.11
CA ILE B 209 -48.15 -16.86 -24.30
C ILE B 209 -48.64 -15.47 -23.88
N VAL B 210 -49.88 -15.11 -24.22
CA VAL B 210 -50.37 -13.82 -23.73
C VAL B 210 -50.60 -13.87 -22.23
N THR B 211 -50.50 -15.00 -21.53
CA THR B 211 -50.57 -15.05 -20.07
C THR B 211 -49.14 -15.07 -19.53
N MET B 212 -48.15 -15.59 -20.26
CA MET B 212 -46.79 -15.50 -19.73
C MET B 212 -46.17 -14.13 -19.93
N ALA B 213 -46.61 -13.39 -20.95
CA ALA B 213 -46.16 -12.02 -21.16
C ALA B 213 -46.93 -11.02 -20.31
N THR B 214 -47.90 -11.51 -19.52
CA THR B 214 -48.76 -10.69 -18.67
C THR B 214 -49.50 -9.62 -19.47
N VAL B 215 -49.99 -10.00 -20.65
CA VAL B 215 -50.82 -9.08 -21.42
C VAL B 215 -52.26 -9.42 -21.04
N GLY B 216 -52.64 -10.68 -21.23
CA GLY B 216 -53.98 -11.11 -20.85
C GLY B 216 -55.07 -10.31 -21.53
N TYR B 217 -55.29 -10.58 -22.82
CA TYR B 217 -56.32 -9.87 -23.56
C TYR B 217 -57.71 -10.15 -23.00
N GLY B 218 -58.02 -11.41 -22.74
CA GLY B 218 -59.28 -11.74 -22.11
C GLY B 218 -60.29 -12.41 -23.00
N ASP B 219 -59.94 -12.64 -24.27
CA ASP B 219 -60.83 -13.36 -25.18
C ASP B 219 -60.85 -14.84 -24.85
N ILE B 220 -59.72 -15.35 -24.37
CA ILE B 220 -59.58 -16.75 -23.96
C ILE B 220 -59.22 -16.74 -22.49
N HIS B 221 -60.14 -17.23 -21.66
CA HIS B 221 -59.94 -17.21 -20.21
C HIS B 221 -60.42 -18.53 -19.62
N ALA B 222 -59.90 -18.84 -18.44
CA ALA B 222 -60.35 -20.01 -17.71
C ALA B 222 -61.78 -19.81 -17.21
N VAL B 223 -62.59 -20.85 -17.32
CA VAL B 223 -64.01 -20.75 -16.99
C VAL B 223 -64.49 -21.82 -16.02
N ASN B 224 -63.81 -22.95 -15.90
CA ASN B 224 -64.23 -24.02 -15.01
C ASN B 224 -63.55 -23.85 -13.66
N LEU B 225 -63.71 -24.85 -12.80
CA LEU B 225 -63.01 -24.86 -11.52
C LEU B 225 -61.70 -25.61 -11.56
N ARG B 226 -61.49 -26.45 -12.57
CA ARG B 226 -60.20 -27.10 -12.77
C ARG B 226 -59.25 -26.27 -13.59
N GLU B 227 -59.75 -25.26 -14.29
CA GLU B 227 -58.92 -24.34 -15.06
C GLU B 227 -58.51 -23.10 -14.26
N MET B 228 -59.35 -22.66 -13.33
CA MET B 228 -58.97 -21.55 -12.46
C MET B 228 -57.74 -21.90 -11.64
N ILE B 229 -57.71 -23.13 -11.09
CA ILE B 229 -56.59 -23.54 -10.26
C ILE B 229 -55.30 -23.62 -11.08
N PHE B 230 -55.39 -24.18 -12.29
CA PHE B 230 -54.21 -24.28 -13.13
C PHE B 230 -53.72 -22.89 -13.54
N VAL B 231 -54.64 -21.98 -13.86
CA VAL B 231 -54.23 -20.63 -14.24
C VAL B 231 -53.56 -19.93 -13.07
N MET B 232 -54.07 -20.12 -11.86
CA MET B 232 -53.45 -19.52 -10.69
C MET B 232 -52.02 -20.04 -10.49
N ILE B 233 -51.85 -21.37 -10.54
CA ILE B 233 -50.52 -21.95 -10.35
C ILE B 233 -49.57 -21.46 -11.43
N TYR B 234 -50.01 -21.52 -12.68
CA TYR B 234 -49.16 -21.14 -13.81
C TYR B 234 -48.77 -19.67 -13.73
N VAL B 235 -49.72 -18.80 -13.37
CA VAL B 235 -49.41 -17.38 -13.36
C VAL B 235 -48.49 -17.01 -12.21
N SER B 236 -48.61 -17.69 -11.06
CA SER B 236 -47.64 -17.45 -9.99
C SER B 236 -46.24 -17.87 -10.41
N PHE B 237 -46.13 -19.07 -10.99
CA PHE B 237 -44.82 -19.55 -11.44
C PHE B 237 -44.22 -18.62 -12.48
N ASP B 238 -45.03 -18.12 -13.40
CA ASP B 238 -44.52 -17.21 -14.41
C ASP B 238 -44.18 -15.84 -13.84
N MET B 239 -44.88 -15.39 -12.81
CA MET B 239 -44.48 -14.18 -12.12
C MET B 239 -43.05 -14.30 -11.61
N VAL B 240 -42.76 -15.41 -10.92
CA VAL B 240 -41.40 -15.60 -10.39
C VAL B 240 -40.39 -15.69 -11.52
N LEU B 241 -40.72 -16.42 -12.59
CA LEU B 241 -39.79 -16.56 -13.71
C LEU B 241 -39.49 -15.23 -14.39
N GLY B 242 -40.53 -14.41 -14.60
CA GLY B 242 -40.31 -13.11 -15.23
C GLY B 242 -39.46 -12.19 -14.37
N ALA B 243 -39.69 -12.21 -13.05
CA ALA B 243 -38.81 -11.46 -12.17
C ALA B 243 -37.37 -11.94 -12.29
N TYR B 244 -37.17 -13.25 -12.39
CA TYR B 244 -35.82 -13.79 -12.52
C TYR B 244 -35.14 -13.34 -13.81
N LEU B 245 -35.88 -13.36 -14.93
CA LEU B 245 -35.29 -12.93 -16.20
C LEU B 245 -34.94 -11.44 -16.17
N ILE B 246 -35.82 -10.62 -15.61
CA ILE B 246 -35.50 -9.20 -15.47
C ILE B 246 -34.26 -9.02 -14.62
N GLY B 247 -34.15 -9.78 -13.52
CA GLY B 247 -32.98 -9.66 -12.67
C GLY B 247 -31.68 -10.02 -13.39
N ASN B 248 -31.70 -11.10 -14.17
CA ASN B 248 -30.49 -11.49 -14.89
C ASN B 248 -30.08 -10.43 -15.89
N ILE B 249 -31.03 -9.92 -16.68
CA ILE B 249 -30.68 -8.90 -17.67
C ILE B 249 -30.16 -7.65 -16.98
N THR B 250 -30.80 -7.24 -15.89
CA THR B 250 -30.37 -6.04 -15.18
C THR B 250 -28.96 -6.21 -14.63
N ALA B 251 -28.67 -7.36 -14.02
CA ALA B 251 -27.34 -7.58 -13.46
C ALA B 251 -26.27 -7.57 -14.55
N LEU B 252 -26.54 -8.23 -15.67
CA LEU B 252 -25.53 -8.27 -16.72
C LEU B 252 -25.33 -6.90 -17.37
N ILE B 253 -26.38 -6.08 -17.44
CA ILE B 253 -26.20 -4.72 -17.93
C ILE B 253 -25.41 -3.89 -16.91
N VAL B 254 -25.65 -4.12 -15.62
CA VAL B 254 -25.00 -3.34 -14.57
C VAL B 254 -23.50 -3.64 -14.53
N LYS B 255 -23.11 -4.90 -14.76
CA LYS B 255 -21.71 -5.26 -14.66
C LYS B 255 -20.83 -4.40 -15.56
N GLY B 256 -21.20 -4.27 -16.83
CA GLY B 256 -20.51 -3.37 -17.74
C GLY B 256 -19.15 -3.88 -18.18
N SER B 257 -18.43 -3.00 -18.86
CA SER B 257 -17.10 -3.32 -19.39
C SER B 257 -16.18 -2.12 -19.18
N ASN B 258 -14.92 -2.28 -19.60
CA ASN B 258 -13.93 -1.23 -19.39
C ASN B 258 -14.25 0.03 -20.19
N THR B 259 -14.92 -0.12 -21.34
CA THR B 259 -15.35 1.03 -22.10
C THR B 259 -16.33 1.89 -21.31
N GLU B 260 -16.93 1.33 -20.26
CA GLU B 260 -17.80 2.11 -19.39
C GLU B 260 -17.03 2.80 -18.27
N ARG B 261 -16.03 2.14 -17.69
CA ARG B 261 -15.20 2.80 -16.69
C ARG B 261 -14.47 3.99 -17.29
N PHE B 262 -13.92 3.83 -18.50
CA PHE B 262 -13.29 4.95 -19.19
C PHE B 262 -14.25 6.12 -19.31
N ARG B 263 -15.45 5.88 -19.85
CA ARG B 263 -16.38 6.96 -20.10
C ARG B 263 -16.84 7.61 -18.81
N ASP B 264 -17.05 6.83 -17.75
CA ASP B 264 -17.47 7.39 -16.48
C ASP B 264 -16.40 8.31 -15.90
N LYS B 265 -15.15 7.83 -15.86
CA LYS B 265 -14.08 8.65 -15.32
C LYS B 265 -13.89 9.92 -16.16
N MET B 266 -13.95 9.79 -17.48
CA MET B 266 -13.78 10.95 -18.35
C MET B 266 -14.92 11.94 -18.20
N ASN B 267 -16.15 11.46 -17.98
CA ASN B 267 -17.27 12.36 -17.75
C ASN B 267 -17.09 13.15 -16.46
N ASP B 268 -16.67 12.46 -15.38
CA ASP B 268 -16.42 13.16 -14.13
C ASP B 268 -15.29 14.17 -14.29
N LEU B 269 -14.24 13.80 -15.01
CA LEU B 269 -13.13 14.70 -15.24
C LEU B 269 -13.56 15.93 -16.05
N ILE B 270 -14.42 15.72 -17.05
CA ILE B 270 -14.94 16.85 -17.83
C ILE B 270 -15.73 17.78 -16.93
N SER B 271 -16.59 17.22 -16.08
CA SER B 271 -17.33 18.05 -15.14
C SER B 271 -16.39 18.90 -14.29
N PHE B 272 -15.38 18.27 -13.71
CA PHE B 272 -14.44 18.99 -12.86
C PHE B 272 -13.70 20.08 -13.64
N MET B 273 -13.18 19.73 -14.82
CA MET B 273 -12.35 20.67 -15.57
C MET B 273 -13.17 21.86 -16.06
N ASN B 274 -14.30 21.60 -16.72
CA ASN B 274 -15.10 22.71 -17.24
C ASN B 274 -15.79 23.49 -16.15
N ARG B 275 -15.96 22.91 -14.96
CA ARG B 275 -16.50 23.67 -13.84
C ARG B 275 -15.55 24.80 -13.43
N LYS B 276 -14.25 24.61 -13.60
CA LYS B 276 -13.25 25.59 -13.19
C LYS B 276 -12.55 26.28 -14.36
N LYS B 277 -12.91 25.94 -15.60
CA LYS B 277 -12.35 26.59 -16.80
C LYS B 277 -10.83 26.47 -16.84
N LEU B 278 -10.36 25.23 -16.99
CA LEU B 278 -8.93 24.97 -16.88
C LEU B 278 -8.16 25.40 -18.14
N GLY B 279 -8.43 24.77 -19.28
CA GLY B 279 -7.66 25.07 -20.47
C GLY B 279 -7.38 23.86 -21.34
N ARG B 280 -7.28 24.08 -22.65
CA ARG B 280 -7.31 22.98 -23.61
C ARG B 280 -6.01 22.17 -23.64
N ASP B 281 -4.85 22.78 -23.37
CA ASP B 281 -3.60 22.04 -23.42
C ASP B 281 -3.56 20.96 -22.32
N LEU B 282 -3.86 21.35 -21.08
CA LEU B 282 -3.91 20.36 -20.02
C LEU B 282 -5.07 19.40 -20.23
N ARG B 283 -6.17 19.90 -20.79
CA ARG B 283 -7.30 19.06 -21.04
C ARG B 283 -6.67 17.92 -21.71
N SER B 284 -5.84 18.24 -22.68
CA SER B 284 -5.22 17.22 -23.45
C SER B 284 -4.32 16.33 -22.66
N GLN B 285 -3.55 16.92 -21.77
CA GLN B 285 -2.59 16.09 -21.08
C GLN B 285 -3.35 15.08 -20.29
N ILE B 286 -4.41 15.56 -19.68
CA ILE B 286 -5.21 14.68 -18.87
C ILE B 286 -5.83 13.61 -19.69
N THR B 287 -6.33 13.98 -20.86
CA THR B 287 -7.05 13.01 -21.62
C THR B 287 -6.09 11.95 -21.96
N GLY B 288 -4.89 12.33 -22.32
CA GLY B 288 -4.02 11.27 -22.73
C GLY B 288 -3.78 10.33 -21.58
N HIS B 289 -3.56 10.91 -20.41
CA HIS B 289 -3.23 10.03 -19.32
C HIS B 289 -4.36 9.13 -18.97
N VAL B 290 -5.57 9.65 -19.00
CA VAL B 290 -6.69 8.84 -18.56
C VAL B 290 -6.79 7.69 -19.49
N ARG B 291 -6.54 7.96 -20.75
CA ARG B 291 -6.77 6.93 -21.71
C ARG B 291 -5.88 5.80 -21.39
N LEU B 292 -4.66 6.12 -21.04
CA LEU B 292 -3.72 5.05 -20.84
C LEU B 292 -4.05 4.11 -19.73
N GLN B 293 -4.52 4.63 -18.63
CA GLN B 293 -4.74 3.74 -17.50
C GLN B 293 -5.77 2.71 -17.84
N TYR B 294 -6.81 3.16 -18.51
CA TYR B 294 -7.90 2.26 -18.88
C TYR B 294 -7.48 1.16 -19.84
N ASP B 295 -6.59 1.45 -20.75
CA ASP B 295 -6.23 0.46 -21.76
C ASP B 295 -5.64 -0.78 -21.16
N SER B 296 -5.83 -1.90 -21.83
CA SER B 296 -5.43 -3.20 -21.29
C SER B 296 -3.95 -3.28 -21.04
N HIS B 297 -3.08 -2.58 -21.75
CA HIS B 297 -1.65 -2.65 -21.37
C HIS B 297 -1.39 -2.94 -19.87
N TYR B 298 -1.94 -2.20 -18.90
CA TYR B 298 -1.76 -2.25 -17.41
C TYR B 298 -2.41 -3.42 -16.67
N THR B 299 -3.74 -3.36 -16.63
CA THR B 299 -4.44 -4.42 -15.88
C THR B 299 -3.93 -5.71 -16.51
N ASP B 300 -3.54 -5.67 -17.78
CA ASP B 300 -2.96 -6.88 -18.39
C ASP B 300 -1.86 -7.46 -17.51
N THR B 301 -0.70 -6.82 -17.47
CA THR B 301 0.41 -7.43 -16.69
C THR B 301 -0.08 -7.76 -15.27
N VAL B 302 -0.88 -6.88 -14.66
CA VAL B 302 -1.26 -7.10 -13.24
C VAL B 302 -1.96 -8.47 -13.12
N MET B 303 -3.08 -8.62 -13.81
CA MET B 303 -3.84 -9.90 -13.83
C MET B 303 -2.86 -11.03 -14.17
N LEU B 304 -2.25 -10.98 -15.35
CA LEU B 304 -1.19 -11.98 -15.68
C LEU B 304 -0.81 -12.65 -14.38
N GLN B 305 -0.11 -11.96 -13.48
CA GLN B 305 0.33 -12.53 -12.17
C GLN B 305 0.10 -14.04 -12.06
N ASP B 306 -0.71 -14.46 -11.08
CA ASP B 306 -1.08 -15.90 -10.89
C ASP B 306 -0.27 -16.86 -11.76
N ILE B 307 -0.56 -16.95 -13.05
CA ILE B 307 0.11 -17.96 -13.93
C ILE B 307 1.41 -18.35 -13.25
N PRO B 308 1.48 -19.46 -12.50
CA PRO B 308 2.63 -19.82 -11.69
C PRO B 308 3.86 -18.98 -12.00
N ALA B 309 4.64 -19.42 -12.98
CA ALA B 309 5.84 -18.67 -13.42
C ALA B 309 6.45 -19.55 -14.48
N SER B 310 6.57 -20.83 -14.15
CA SER B 310 7.06 -21.77 -15.18
C SER B 310 6.42 -21.38 -16.51
N ILE B 311 5.09 -21.28 -16.52
CA ILE B 311 4.42 -20.97 -17.76
C ILE B 311 4.81 -19.57 -18.23
N ARG B 312 4.88 -18.62 -17.31
CA ARG B 312 5.14 -17.25 -17.67
C ARG B 312 6.51 -17.22 -18.24
N ALA B 313 7.41 -17.84 -17.55
CA ALA B 313 8.80 -17.91 -18.01
C ALA B 313 8.86 -17.97 -19.53
N LYS B 314 8.04 -18.84 -20.14
CA LYS B 314 8.03 -18.95 -21.59
C LYS B 314 7.46 -17.71 -22.25
N ILE B 315 6.46 -17.09 -21.61
CA ILE B 315 5.91 -15.84 -22.14
C ILE B 315 6.99 -14.77 -22.20
N ALA B 316 7.76 -14.63 -21.11
CA ALA B 316 8.84 -13.67 -21.10
C ALA B 316 9.92 -13.97 -22.14
N GLN B 317 10.34 -15.23 -22.22
CA GLN B 317 11.40 -15.59 -23.16
C GLN B 317 10.94 -15.56 -24.62
N LEU B 318 9.64 -15.45 -24.87
CA LEU B 318 9.16 -15.31 -26.23
C LEU B 318 8.87 -13.84 -26.57
N LEU B 319 8.51 -13.02 -25.57
CA LEU B 319 8.26 -11.61 -25.84
C LEU B 319 9.52 -10.74 -25.70
N TYR B 320 10.18 -10.81 -24.53
CA TYR B 320 11.15 -9.80 -24.13
C TYR B 320 12.59 -10.17 -24.45
N LEU B 321 12.86 -11.39 -24.91
CA LEU B 321 14.25 -11.84 -25.05
C LEU B 321 15.07 -10.98 -25.99
N PRO B 322 14.65 -10.68 -27.24
CA PRO B 322 15.51 -9.85 -28.10
C PRO B 322 15.76 -8.47 -27.53
N TYR B 323 14.76 -7.91 -26.84
CA TYR B 323 14.89 -6.55 -26.31
C TYR B 323 16.03 -6.47 -25.30
N ILE B 324 16.07 -7.43 -24.37
CA ILE B 324 17.14 -7.43 -23.37
C ILE B 324 18.44 -7.93 -23.99
N LYS B 325 18.37 -8.65 -25.10
CA LYS B 325 19.60 -9.12 -25.73
C LYS B 325 20.28 -8.03 -26.56
N LYS B 326 19.54 -7.02 -26.98
CA LYS B 326 20.10 -6.00 -27.86
C LYS B 326 20.77 -4.85 -27.12
N VAL B 327 20.82 -4.89 -25.79
CA VAL B 327 21.45 -3.81 -25.02
C VAL B 327 22.94 -4.12 -24.89
N PRO B 328 23.83 -3.13 -25.04
CA PRO B 328 25.26 -3.45 -25.10
C PRO B 328 25.70 -3.90 -23.72
N LEU B 329 25.20 -3.25 -22.66
CA LEU B 329 25.68 -3.60 -21.31
C LEU B 329 25.79 -5.14 -20.87
N PHE B 330 24.90 -5.88 -21.51
CA PHE B 330 24.83 -7.32 -21.34
C PHE B 330 25.56 -8.27 -22.29
N LYS B 331 26.83 -7.97 -22.57
CA LYS B 331 27.67 -8.79 -23.42
C LYS B 331 28.40 -9.88 -22.65
N GLY B 332 27.81 -10.36 -21.55
CA GLY B 332 28.38 -11.50 -20.85
C GLY B 332 28.42 -12.76 -21.67
N CYS B 333 27.71 -12.77 -22.81
CA CYS B 333 27.74 -13.80 -23.84
C CYS B 333 27.13 -15.12 -23.38
N SER B 334 26.72 -15.22 -22.12
CA SER B 334 26.05 -16.43 -21.62
C SER B 334 24.55 -16.24 -21.82
N THR B 335 24.02 -16.81 -22.91
CA THR B 335 22.59 -16.74 -23.15
C THR B 335 21.80 -17.44 -22.04
N GLU B 336 22.43 -18.31 -21.27
CA GLU B 336 21.80 -18.85 -20.07
C GLU B 336 21.64 -17.76 -19.01
N PHE B 337 22.67 -16.92 -18.84
CA PHE B 337 22.54 -15.76 -17.97
C PHE B 337 21.44 -14.83 -18.48
N ILE B 338 21.36 -14.64 -19.79
CA ILE B 338 20.34 -13.76 -20.35
C ILE B 338 18.94 -14.34 -20.14
N ASN B 339 18.80 -15.66 -20.28
CA ASN B 339 17.49 -16.25 -20.01
C ASN B 339 17.14 -16.20 -18.54
N GLN B 340 18.15 -16.19 -17.67
CA GLN B 340 17.92 -15.88 -16.27
C GLN B 340 17.39 -14.46 -16.11
N ILE B 341 17.91 -13.53 -16.90
CA ILE B 341 17.46 -12.13 -16.81
C ILE B 341 16.02 -12.01 -17.28
N VAL B 342 15.68 -12.62 -18.41
CA VAL B 342 14.34 -12.42 -18.97
C VAL B 342 13.27 -12.99 -18.05
N ILE B 343 13.57 -14.09 -17.37
CA ILE B 343 12.58 -14.83 -16.59
C ILE B 343 11.98 -14.02 -15.45
N ARG B 344 12.51 -12.83 -15.16
CA ARG B 344 12.05 -12.00 -14.05
C ARG B 344 11.88 -10.55 -14.48
N LEU B 345 11.20 -10.33 -15.60
CA LEU B 345 10.95 -8.98 -16.11
C LEU B 345 9.48 -8.62 -16.04
N HIS B 346 9.19 -7.36 -15.72
CA HIS B 346 7.83 -6.84 -15.66
C HIS B 346 7.78 -5.52 -16.41
N GLU B 347 6.80 -5.39 -17.30
CA GLU B 347 6.67 -4.20 -18.13
C GLU B 347 6.02 -3.06 -17.33
N GLU B 348 6.13 -1.85 -17.89
CA GLU B 348 5.53 -0.65 -17.30
C GLU B 348 5.56 0.47 -18.33
N TYR B 349 4.46 1.19 -18.47
CA TYR B 349 4.31 2.25 -19.46
C TYR B 349 4.11 3.58 -18.76
N PHE B 350 4.89 4.59 -19.16
CA PHE B 350 4.75 5.95 -18.64
C PHE B 350 4.57 6.91 -19.81
N LEU B 351 3.73 7.92 -19.62
CA LEU B 351 3.47 8.86 -20.70
C LEU B 351 4.47 10.00 -20.68
N PRO B 352 4.75 10.62 -21.84
CA PRO B 352 5.64 11.79 -21.88
C PRO B 352 5.29 12.83 -20.82
N GLY B 353 6.25 13.12 -19.95
CA GLY B 353 6.02 13.97 -18.80
C GLY B 353 5.84 13.24 -17.48
N GLU B 354 6.45 12.06 -17.32
CA GLU B 354 6.31 11.24 -16.13
C GLU B 354 7.65 11.11 -15.43
N VAL B 355 7.68 11.36 -14.13
CA VAL B 355 8.88 11.17 -13.34
C VAL B 355 9.08 9.69 -13.08
N ILE B 356 10.25 9.17 -13.44
CA ILE B 356 10.54 7.75 -13.22
C ILE B 356 11.37 7.60 -11.96
N THR B 357 12.56 8.17 -11.95
CA THR B 357 13.46 8.07 -10.81
C THR B 357 14.09 9.43 -10.54
N GLU B 358 14.41 9.66 -9.28
CA GLU B 358 15.11 10.87 -8.87
C GLU B 358 16.04 10.52 -7.71
N GLN B 359 16.75 11.54 -7.21
CA GLN B 359 17.74 11.30 -6.16
C GLN B 359 17.12 10.70 -4.91
N GLY B 360 15.88 11.09 -4.58
CA GLY B 360 15.28 10.65 -3.33
C GLY B 360 15.14 9.14 -3.24
N ASN B 361 14.61 8.52 -4.28
CA ASN B 361 14.38 7.08 -4.26
C ASN B 361 15.69 6.33 -4.46
N VAL B 362 15.93 5.35 -3.59
CA VAL B 362 17.08 4.47 -3.73
C VAL B 362 16.76 3.42 -4.78
N VAL B 363 17.76 2.67 -5.23
CA VAL B 363 17.56 1.69 -6.28
C VAL B 363 16.59 0.61 -5.80
N ASP B 364 15.64 0.27 -6.65
CA ASP B 364 14.67 -0.78 -6.34
C ASP B 364 14.56 -1.76 -7.49
N HIS B 365 14.86 -1.30 -8.71
CA HIS B 365 14.70 -2.11 -9.90
C HIS B 365 15.62 -1.62 -11.00
N LEU B 366 15.84 -2.47 -11.98
CA LEU B 366 16.65 -2.14 -13.16
C LEU B 366 15.72 -1.68 -14.27
N TYR B 367 15.54 -0.36 -14.38
CA TYR B 367 14.62 0.21 -15.35
C TYR B 367 15.27 0.21 -16.73
N PHE B 368 14.96 -0.81 -17.52
CA PHE B 368 15.42 -0.86 -18.90
C PHE B 368 14.45 -0.08 -19.79
N VAL B 369 15.00 0.65 -20.75
CA VAL B 369 14.23 1.57 -21.58
C VAL B 369 13.95 0.91 -22.93
N CYS B 370 12.68 0.88 -23.32
CA CYS B 370 12.26 0.38 -24.61
C CYS B 370 12.06 1.55 -25.56
N GLU B 371 11.43 1.29 -26.73
CA GLU B 371 11.20 2.33 -27.72
C GLU B 371 10.59 3.59 -27.13
N GLY B 372 11.31 4.69 -27.20
CA GLY B 372 10.88 5.95 -26.64
C GLY B 372 12.05 6.68 -26.02
N LEU B 373 11.83 7.97 -25.74
CA LEU B 373 12.86 8.84 -25.18
C LEU B 373 12.46 9.25 -23.77
N LEU B 374 13.35 9.01 -22.81
CA LEU B 374 13.16 9.48 -21.44
C LEU B 374 14.27 10.46 -21.10
N GLU B 375 13.89 11.60 -20.55
CA GLU B 375 14.84 12.66 -20.26
C GLU B 375 15.58 12.38 -18.95
N ALA B 376 16.90 12.53 -18.98
CA ALA B 376 17.73 12.46 -17.79
C ALA B 376 18.20 13.87 -17.45
N LEU B 377 18.03 14.26 -16.19
CA LEU B 377 18.44 15.57 -15.69
C LEU B 377 19.04 15.39 -14.30
N VAL B 378 19.67 16.45 -13.79
CA VAL B 378 20.04 16.49 -12.38
C VAL B 378 19.57 17.82 -11.81
N THR B 379 19.87 18.08 -10.55
CA THR B 379 19.44 19.29 -9.88
C THR B 379 20.64 20.20 -9.60
N LYS B 380 20.35 21.49 -9.51
CA LYS B 380 21.33 22.51 -9.21
C LYS B 380 20.70 23.51 -8.24
N THR B 381 21.36 24.63 -7.96
CA THR B 381 20.81 25.57 -7.00
C THR B 381 20.13 26.84 -7.54
N ASP B 382 19.88 26.94 -8.86
CA ASP B 382 19.17 28.06 -9.44
C ASP B 382 18.53 27.49 -10.73
N GLY B 383 17.22 27.27 -10.65
CA GLY B 383 16.54 26.56 -11.71
C GLY B 383 16.86 25.10 -11.93
N SER B 384 17.48 24.45 -10.93
CA SER B 384 18.01 23.10 -11.06
C SER B 384 18.91 22.98 -12.28
N GLU B 385 18.95 21.80 -12.90
CA GLU B 385 19.80 21.56 -14.05
C GLU B 385 18.99 20.88 -15.15
N GLU B 386 19.38 21.15 -16.39
CA GLU B 386 18.69 20.61 -17.56
C GLU B 386 19.68 19.90 -18.47
N SER B 387 19.16 18.98 -19.29
CA SER B 387 19.93 18.32 -20.34
C SER B 387 21.14 17.55 -19.83
N VAL B 388 20.90 16.47 -19.07
CA VAL B 388 21.94 15.55 -18.66
C VAL B 388 22.21 14.49 -19.73
N THR B 389 21.16 13.79 -20.19
CA THR B 389 21.31 12.72 -21.16
C THR B 389 19.94 12.36 -21.72
N LEU B 390 19.90 12.05 -23.01
CA LEU B 390 18.67 11.61 -23.67
C LEU B 390 18.78 10.12 -23.98
N LEU B 391 18.29 9.31 -23.04
CA LEU B 391 18.32 7.86 -23.19
C LEU B 391 17.42 7.40 -24.34
N GLY B 392 17.91 6.40 -25.07
CA GLY B 392 17.17 5.84 -26.19
C GLY B 392 17.10 4.32 -26.11
N PRO B 393 16.53 3.71 -27.13
CA PRO B 393 16.33 2.25 -27.10
C PRO B 393 17.65 1.50 -27.08
N HIS B 394 17.55 0.21 -26.71
CA HIS B 394 18.70 -0.68 -26.61
C HIS B 394 19.78 -0.11 -25.69
N THR B 395 19.35 0.47 -24.58
CA THR B 395 20.25 0.99 -23.56
C THR B 395 19.71 0.60 -22.19
N SER B 396 20.46 0.95 -21.15
CA SER B 396 20.05 0.73 -19.78
C SER B 396 19.73 2.06 -19.12
N PHE B 397 19.26 1.98 -17.88
CA PHE B 397 18.92 3.16 -17.10
C PHE B 397 18.81 2.79 -15.63
N GLY B 398 19.54 3.50 -14.77
CA GLY B 398 19.55 3.17 -13.36
C GLY B 398 20.19 1.83 -13.08
N ASP B 399 21.48 1.72 -13.34
CA ASP B 399 22.23 0.49 -13.14
C ASP B 399 23.35 0.61 -12.13
N ILE B 400 24.09 1.73 -12.15
CA ILE B 400 25.22 1.90 -11.24
C ILE B 400 24.79 1.83 -9.79
N SER B 401 23.54 2.19 -9.49
CA SER B 401 23.07 2.15 -8.12
C SER B 401 23.07 0.73 -7.56
N ILE B 402 22.52 -0.23 -8.32
CA ILE B 402 22.61 -1.61 -7.85
C ILE B 402 24.05 -2.11 -8.00
N ILE B 403 24.79 -1.62 -8.98
CA ILE B 403 26.15 -2.11 -9.20
C ILE B 403 27.03 -1.85 -7.98
N CYS B 404 27.03 -0.61 -7.47
CA CYS B 404 27.91 -0.27 -6.36
C CYS B 404 27.17 0.11 -5.09
N ASN B 405 26.31 1.12 -5.12
CA ASN B 405 25.74 1.65 -3.88
C ASN B 405 24.37 2.24 -4.15
N ILE B 406 23.53 2.21 -3.12
CA ILE B 406 22.12 2.62 -3.21
C ILE B 406 22.02 4.12 -3.44
N SER B 407 20.81 4.58 -3.77
CA SER B 407 20.56 6.00 -4.12
C SER B 407 20.68 6.17 -5.64
N GLN B 408 19.63 6.69 -6.28
CA GLN B 408 19.63 6.81 -7.74
C GLN B 408 19.69 8.29 -8.13
N PRO B 409 20.88 8.82 -8.40
CA PRO B 409 20.98 10.20 -8.87
C PRO B 409 20.49 10.35 -10.30
N PHE B 410 20.69 11.53 -10.87
CA PHE B 410 20.27 11.83 -12.25
C PHE B 410 18.76 11.68 -12.38
N THR B 411 18.07 12.60 -11.69
CA THR B 411 16.61 12.72 -11.74
C THR B 411 16.10 12.61 -13.17
N VAL B 412 15.20 11.66 -13.39
CA VAL B 412 14.71 11.35 -14.73
C VAL B 412 13.21 11.58 -14.76
N ARG B 413 12.77 12.41 -15.70
CA ARG B 413 11.36 12.59 -16.00
C ARG B 413 11.18 12.28 -17.49
N VAL B 414 10.39 11.24 -17.78
CA VAL B 414 10.30 10.74 -19.15
C VAL B 414 9.77 11.82 -20.09
N CYS B 415 10.18 11.74 -21.35
CA CYS B 415 9.79 12.70 -22.37
C CYS B 415 8.98 12.11 -23.51
N GLU B 416 8.95 10.80 -23.67
CA GLU B 416 8.18 10.15 -24.72
C GLU B 416 7.61 8.85 -24.19
N LEU B 417 6.65 8.30 -24.91
CA LEU B 417 6.08 7.01 -24.57
C LEU B 417 7.11 5.90 -24.73
N CYS B 418 7.16 4.99 -23.76
CA CYS B 418 8.13 3.90 -23.78
C CYS B 418 7.62 2.74 -22.93
N HIS B 419 7.90 1.53 -23.40
CA HIS B 419 7.45 0.30 -22.75
C HIS B 419 8.53 -0.26 -21.83
N LEU B 420 8.94 0.55 -20.86
CA LEU B 420 10.10 0.23 -20.03
C LEU B 420 9.91 -1.09 -19.31
N LEU B 421 10.99 -1.88 -19.29
CA LEU B 421 11.03 -3.10 -18.50
C LEU B 421 11.50 -2.79 -17.08
N ARG B 422 11.47 -3.80 -16.22
CA ARG B 422 11.84 -3.61 -14.82
C ARG B 422 12.20 -4.95 -14.22
N LEU B 423 13.40 -5.04 -13.64
CA LEU B 423 13.89 -6.25 -13.00
C LEU B 423 14.31 -5.95 -11.58
N ASP B 424 13.95 -6.84 -10.66
CA ASP B 424 14.22 -6.61 -9.24
C ASP B 424 15.71 -6.61 -8.96
N LYS B 425 16.15 -5.68 -8.11
CA LYS B 425 17.57 -5.57 -7.80
C LYS B 425 18.09 -6.80 -7.07
N GLN B 426 17.29 -7.35 -6.16
CA GLN B 426 17.71 -8.57 -5.46
C GLN B 426 17.81 -9.74 -6.43
N SER B 427 16.92 -9.81 -7.40
CA SER B 427 16.99 -10.86 -8.42
C SER B 427 18.30 -10.75 -9.19
N PHE B 428 18.66 -9.55 -9.62
CA PHE B 428 19.91 -9.35 -10.33
C PHE B 428 21.11 -9.69 -9.44
N SER B 429 21.00 -9.37 -8.15
CA SER B 429 22.07 -9.71 -7.22
C SER B 429 22.26 -11.22 -7.14
N ASN B 430 21.16 -11.97 -7.06
CA ASN B 430 21.25 -13.42 -7.02
C ASN B 430 21.83 -13.96 -8.33
N ILE B 431 21.41 -13.39 -9.46
CA ILE B 431 21.88 -13.88 -10.76
C ILE B 431 23.38 -13.64 -10.90
N LEU B 432 23.87 -12.47 -10.48
CA LEU B 432 25.30 -12.24 -10.50
C LEU B 432 26.03 -13.10 -9.47
N GLU B 433 25.38 -13.45 -8.36
CA GLU B 433 25.96 -14.40 -7.43
C GLU B 433 26.19 -15.75 -8.08
N ILE B 434 25.23 -16.22 -8.87
CA ILE B 434 25.39 -17.50 -9.56
C ILE B 434 26.14 -17.38 -10.88
N TYR B 435 26.42 -16.16 -11.34
CA TYR B 435 27.10 -15.91 -12.61
C TYR B 435 28.19 -14.86 -12.43
N PHE B 436 29.05 -15.07 -11.42
CA PHE B 436 30.06 -14.07 -11.04
C PHE B 436 30.93 -13.66 -12.22
N HIS B 437 31.29 -14.60 -13.08
CA HIS B 437 32.08 -14.26 -14.27
C HIS B 437 31.31 -13.32 -15.19
N ASP B 438 30.01 -13.59 -15.37
CA ASP B 438 29.19 -12.68 -16.16
C ASP B 438 29.06 -11.32 -15.48
N GLY B 439 29.09 -11.30 -14.15
CA GLY B 439 29.18 -10.02 -13.46
C GLY B 439 30.47 -9.29 -13.80
N ARG B 440 31.58 -10.02 -13.84
CA ARG B 440 32.84 -9.40 -14.23
C ARG B 440 32.73 -8.80 -15.63
N THR B 441 32.12 -9.54 -16.56
CA THR B 441 31.91 -9.00 -17.90
C THR B 441 31.00 -7.77 -17.86
N ILE B 442 30.02 -7.78 -16.95
CA ILE B 442 29.09 -6.65 -16.85
C ILE B 442 29.84 -5.38 -16.45
N LEU B 443 30.65 -5.46 -15.39
CA LEU B 443 31.43 -4.28 -15.02
C LEU B 443 32.51 -3.93 -16.04
N ASN B 444 33.01 -4.91 -16.79
CA ASN B 444 33.92 -4.58 -17.89
C ASN B 444 33.23 -3.71 -18.93
N ASN B 445 32.05 -4.13 -19.38
CA ASN B 445 31.28 -3.32 -20.32
C ASN B 445 30.89 -1.99 -19.71
N ILE B 446 30.61 -1.96 -18.41
CA ILE B 446 30.28 -0.71 -17.74
C ILE B 446 31.45 0.25 -17.81
N MET B 447 32.67 -0.25 -17.58
CA MET B 447 33.87 0.57 -17.71
C MET B 447 34.03 1.10 -19.13
N GLU B 448 33.87 0.22 -20.11
CA GLU B 448 34.06 0.60 -21.50
C GLU B 448 33.06 1.68 -21.91
N GLU B 449 31.79 1.49 -21.57
CA GLU B 449 30.78 2.48 -21.93
C GLU B 449 30.85 3.72 -21.06
N LYS B 450 31.46 3.63 -19.87
CA LYS B 450 31.71 4.85 -19.09
C LYS B 450 32.72 5.72 -19.81
N GLU B 451 33.80 5.11 -20.30
CA GLU B 451 34.75 5.88 -21.10
C GLU B 451 34.19 6.21 -22.48
N SER B 452 33.11 5.56 -22.90
CA SER B 452 32.50 5.84 -24.20
C SER B 452 31.54 7.01 -24.14
N ASN B 453 30.48 6.89 -23.33
CA ASN B 453 29.39 7.85 -23.31
C ASN B 453 29.36 8.60 -21.98
N ASP B 454 28.56 9.66 -21.95
CA ASP B 454 28.43 10.52 -20.77
C ASP B 454 27.26 10.12 -19.88
N ARG B 455 27.20 8.85 -19.49
CA ARG B 455 26.25 8.40 -18.47
C ARG B 455 26.95 7.81 -17.26
N ILE B 456 27.90 6.90 -17.48
CA ILE B 456 28.59 6.24 -16.38
C ILE B 456 29.85 6.99 -15.95
N LYS B 457 30.45 7.78 -16.84
CA LYS B 457 31.60 8.59 -16.45
C LYS B 457 31.24 9.60 -15.37
N LYS B 458 29.96 9.93 -15.24
CA LYS B 458 29.51 10.71 -14.09
C LYS B 458 29.57 9.84 -12.83
N LEU B 459 30.18 10.39 -11.77
CA LEU B 459 30.31 9.70 -10.49
C LEU B 459 31.02 8.36 -10.65
N GLU B 460 32.24 8.42 -11.18
CA GLU B 460 33.07 7.24 -11.38
C GLU B 460 33.90 6.88 -10.15
N SER B 461 33.91 7.74 -9.13
CA SER B 461 34.67 7.42 -7.92
C SER B 461 34.12 6.19 -7.22
N ASP B 462 32.79 6.11 -7.09
CA ASP B 462 32.18 4.94 -6.48
C ASP B 462 32.41 3.70 -7.33
N ILE B 463 32.48 3.84 -8.65
CA ILE B 463 32.78 2.71 -9.50
C ILE B 463 34.21 2.23 -9.28
N VAL B 464 35.14 3.17 -9.10
CA VAL B 464 36.52 2.79 -8.78
C VAL B 464 36.56 2.05 -7.44
N ILE B 465 35.83 2.55 -6.45
CA ILE B 465 35.78 1.88 -5.15
C ILE B 465 35.22 0.47 -5.31
N HIS B 466 34.15 0.32 -6.10
CA HIS B 466 33.51 -0.97 -6.25
C HIS B 466 34.43 -1.97 -6.97
N ILE B 467 35.11 -1.52 -8.03
CA ILE B 467 36.01 -2.44 -8.72
C ILE B 467 37.20 -2.80 -7.85
N GLY B 468 37.69 -1.84 -7.04
CA GLY B 468 38.75 -2.16 -6.10
C GLY B 468 38.32 -3.19 -5.07
N LYS B 469 37.10 -3.05 -4.54
CA LYS B 469 36.59 -4.03 -3.58
C LYS B 469 36.39 -5.40 -4.24
N GLN B 470 35.90 -5.41 -5.48
CA GLN B 470 35.73 -6.67 -6.18
C GLN B 470 37.07 -7.36 -6.39
N GLU B 471 38.10 -6.61 -6.79
CA GLU B 471 39.42 -7.20 -6.97
C GLU B 471 40.03 -7.58 -5.65
N ALA B 472 39.71 -6.85 -4.58
CA ALA B 472 40.16 -7.28 -3.26
C ALA B 472 39.59 -8.66 -2.96
N GLU B 473 38.26 -8.81 -3.08
CA GLU B 473 37.60 -10.10 -2.82
C GLU B 473 38.17 -11.20 -3.71
N LEU B 474 38.48 -10.87 -4.97
CA LEU B 474 39.13 -11.82 -5.85
C LEU B 474 40.51 -12.20 -5.32
N ALA B 475 41.24 -11.24 -4.76
CA ALA B 475 42.54 -11.54 -4.17
C ALA B 475 42.40 -12.49 -2.99
N LEU B 476 41.40 -12.26 -2.14
CA LEU B 476 41.15 -13.23 -1.06
C LEU B 476 40.84 -14.61 -1.62
N LYS B 477 40.02 -14.66 -2.67
CA LYS B 477 39.68 -15.95 -3.26
C LYS B 477 40.91 -16.67 -3.81
N VAL B 478 41.75 -15.94 -4.54
CA VAL B 478 42.91 -16.58 -5.17
C VAL B 478 43.92 -17.00 -4.11
N ASN B 479 44.09 -16.20 -3.05
CA ASN B 479 45.02 -16.59 -2.00
C ASN B 479 44.51 -17.78 -1.21
N SER B 480 43.19 -17.85 -0.98
CA SER B 480 42.62 -19.04 -0.35
C SER B 480 42.81 -20.27 -1.23
N ALA B 481 42.60 -20.12 -2.54
CA ALA B 481 42.79 -21.23 -3.46
C ALA B 481 44.23 -21.72 -3.43
N ALA B 482 45.19 -20.81 -3.49
CA ALA B 482 46.59 -21.20 -3.40
C ALA B 482 46.93 -21.78 -2.03
N PHE B 483 46.23 -21.32 -0.99
CA PHE B 483 46.39 -21.91 0.33
C PHE B 483 45.99 -23.37 0.33
N GLN B 484 44.89 -23.68 -0.37
CA GLN B 484 44.51 -25.07 -0.57
C GLN B 484 45.30 -25.72 -1.71
N GLY B 485 46.02 -24.92 -2.50
CA GLY B 485 46.73 -25.43 -3.68
C GLY B 485 45.81 -25.05 -4.81
N ASP B 486 45.06 -26.00 -5.36
CA ASP B 486 44.04 -25.68 -6.38
C ASP B 486 44.57 -25.13 -7.71
N PHE B 487 45.41 -25.89 -8.40
CA PHE B 487 45.87 -25.48 -9.72
C PHE B 487 44.68 -25.28 -10.67
N TYR B 488 43.65 -26.12 -10.54
CA TYR B 488 42.43 -25.92 -11.29
C TYR B 488 41.78 -24.58 -10.92
N GLN B 489 41.80 -24.22 -9.64
CA GLN B 489 41.35 -22.90 -9.27
C GLN B 489 42.31 -21.82 -9.76
N LEU B 490 43.59 -22.14 -9.95
CA LEU B 490 44.50 -21.17 -10.54
C LEU B 490 44.08 -20.83 -11.97
N LYS B 491 43.78 -21.85 -12.77
CA LYS B 491 43.31 -21.55 -14.12
C LYS B 491 41.92 -20.91 -14.10
N SER B 492 41.09 -21.28 -13.11
CA SER B 492 39.79 -20.63 -12.96
C SER B 492 39.95 -19.13 -12.70
N LEU B 493 40.88 -18.76 -11.82
CA LEU B 493 41.06 -17.35 -11.49
C LEU B 493 41.76 -16.58 -12.59
N ILE B 494 42.70 -17.20 -13.31
CA ILE B 494 43.27 -16.49 -14.45
C ILE B 494 42.23 -16.32 -15.54
N ARG B 495 41.27 -17.25 -15.65
CA ARG B 495 40.12 -17.01 -16.50
C ARG B 495 39.27 -15.85 -15.98
N SER B 496 39.11 -15.76 -14.66
CA SER B 496 38.38 -14.66 -14.05
C SER B 496 39.15 -13.34 -14.12
N GLY B 497 40.44 -13.39 -14.44
CA GLY B 497 41.23 -12.19 -14.55
C GLY B 497 41.60 -11.54 -13.24
N ALA B 498 41.55 -12.27 -12.13
CA ALA B 498 41.90 -11.72 -10.83
C ALA B 498 43.38 -11.35 -10.80
N ASP B 499 43.71 -10.33 -10.00
CA ASP B 499 45.07 -9.81 -9.93
C ASP B 499 46.00 -10.83 -9.29
N PRO B 500 47.03 -11.28 -10.00
CA PRO B 500 48.00 -12.21 -9.39
C PRO B 500 49.02 -11.46 -8.55
N ASN B 501 49.38 -10.26 -8.97
CA ASN B 501 50.40 -9.49 -8.26
C ASN B 501 49.91 -9.02 -6.90
N LYS B 502 48.63 -8.71 -6.77
CA LYS B 502 48.09 -8.19 -5.53
C LYS B 502 48.14 -9.24 -4.43
N THR B 503 48.58 -8.83 -3.24
CA THR B 503 48.61 -9.72 -2.10
C THR B 503 47.20 -9.95 -1.54
N ASP B 504 47.14 -10.78 -0.50
CA ASP B 504 45.86 -11.08 0.13
C ASP B 504 45.42 -9.88 0.98
N TYR B 505 44.27 -10.01 1.65
CA TYR B 505 43.78 -8.93 2.47
C TYR B 505 44.67 -8.70 3.68
N ASP B 506 45.25 -9.78 4.24
CA ASP B 506 46.13 -9.64 5.39
C ASP B 506 47.42 -8.92 5.02
N GLY B 507 47.87 -9.03 3.77
CA GLY B 507 49.08 -8.37 3.34
C GLY B 507 50.18 -9.32 2.94
N ARG B 508 49.83 -10.58 2.69
CA ARG B 508 50.78 -11.60 2.28
C ARG B 508 50.59 -11.91 0.80
N SER B 509 51.69 -11.89 0.05
CA SER B 509 51.62 -12.11 -1.38
C SER B 509 51.25 -13.56 -1.67
N PRO B 510 50.68 -13.83 -2.85
CA PRO B 510 50.37 -15.21 -3.21
C PRO B 510 51.59 -16.12 -3.24
N LEU B 511 52.76 -15.58 -3.60
CA LEU B 511 53.95 -16.42 -3.63
C LEU B 511 54.48 -16.68 -2.22
N HIS B 512 54.35 -15.71 -1.32
CA HIS B 512 54.69 -15.96 0.08
C HIS B 512 53.80 -17.06 0.65
N LEU B 513 52.51 -16.98 0.36
CA LEU B 513 51.58 -18.00 0.83
C LEU B 513 51.88 -19.37 0.23
N ALA B 514 52.21 -19.40 -1.06
CA ALA B 514 52.60 -20.66 -1.70
C ALA B 514 53.92 -21.18 -1.16
N ALA B 515 54.77 -20.30 -0.64
CA ALA B 515 55.98 -20.75 0.06
C ALA B 515 55.65 -21.30 1.44
N CYS B 516 54.59 -20.79 2.07
CA CYS B 516 54.20 -21.28 3.39
C CYS B 516 53.67 -22.71 3.31
N ARG B 517 52.90 -23.02 2.27
CA ARG B 517 52.29 -24.34 2.10
C ARG B 517 52.90 -25.03 0.89
N GLY B 518 53.39 -26.24 1.09
CA GLY B 518 54.05 -26.98 0.03
C GLY B 518 53.27 -27.17 -1.24
N TYR B 519 53.65 -26.42 -2.28
CA TYR B 519 53.00 -26.56 -3.58
C TYR B 519 53.97 -26.00 -4.63
N GLU B 520 54.67 -26.90 -5.33
CA GLU B 520 55.64 -26.45 -6.32
C GLU B 520 54.96 -25.99 -7.61
N ASP B 521 53.89 -26.69 -8.00
CA ASP B 521 53.17 -26.30 -9.21
C ASP B 521 52.56 -24.91 -9.08
N ILE B 522 52.00 -24.60 -7.91
CA ILE B 522 51.44 -23.28 -7.67
C ILE B 522 52.53 -22.22 -7.76
N THR B 523 53.69 -22.49 -7.17
CA THR B 523 54.78 -21.52 -7.20
C THR B 523 55.28 -21.27 -8.62
N LEU B 524 55.43 -22.33 -9.42
CA LEU B 524 55.89 -22.12 -10.78
C LEU B 524 54.83 -21.41 -11.63
N PHE B 525 53.54 -21.69 -11.38
CA PHE B 525 52.49 -20.95 -12.08
C PHE B 525 52.51 -19.47 -11.70
N LEU B 526 52.75 -19.17 -10.41
CA LEU B 526 52.86 -17.79 -9.99
C LEU B 526 54.05 -17.09 -10.65
N ILE B 527 55.17 -17.79 -10.75
CA ILE B 527 56.33 -17.23 -11.44
C ILE B 527 56.01 -16.96 -12.91
N GLN B 528 55.34 -17.91 -13.56
CA GLN B 528 54.93 -17.71 -14.95
C GLN B 528 53.90 -16.59 -15.08
N GLU B 529 53.18 -16.29 -14.01
CA GLU B 529 52.12 -15.29 -14.03
C GLU B 529 52.65 -13.87 -13.79
N GLY B 530 53.93 -13.71 -13.53
CA GLY B 530 54.49 -12.41 -13.25
C GLY B 530 54.39 -11.96 -11.81
N VAL B 531 53.96 -12.83 -10.91
CA VAL B 531 53.87 -12.47 -9.49
C VAL B 531 55.26 -12.12 -8.98
N ASP B 532 55.34 -11.06 -8.19
CA ASP B 532 56.62 -10.58 -7.66
C ASP B 532 57.30 -11.68 -6.85
N VAL B 533 58.43 -12.19 -7.36
CA VAL B 533 59.10 -13.30 -6.70
C VAL B 533 59.70 -12.86 -5.36
N ASN B 534 60.21 -11.63 -5.28
CA ASN B 534 60.77 -11.10 -4.05
C ASN B 534 59.88 -9.97 -3.55
N LEU B 535 59.30 -10.15 -2.36
CA LEU B 535 58.44 -9.14 -1.76
C LEU B 535 58.40 -9.38 -0.26
N LYS B 536 58.04 -8.34 0.48
CA LYS B 536 57.92 -8.42 1.92
C LYS B 536 56.48 -8.73 2.32
N ASP B 537 56.33 -9.53 3.36
CA ASP B 537 55.00 -9.84 3.88
C ASP B 537 54.46 -8.64 4.65
N LYS B 538 53.25 -8.79 5.19
CA LYS B 538 52.69 -7.74 6.04
C LYS B 538 53.55 -7.53 7.28
N PHE B 539 54.16 -8.59 7.79
CA PHE B 539 55.09 -8.51 8.91
C PHE B 539 56.53 -8.30 8.46
N GLY B 540 56.77 -8.16 7.16
CA GLY B 540 58.11 -7.98 6.65
C GLY B 540 58.85 -9.28 6.43
N HIS B 541 58.21 -10.27 5.82
CA HIS B 541 58.79 -11.59 5.61
C HIS B 541 58.94 -11.85 4.11
N THR B 542 60.14 -12.24 3.70
CA THR B 542 60.39 -12.65 2.33
C THR B 542 59.83 -14.06 2.10
N PRO B 543 59.44 -14.39 0.87
CA PRO B 543 58.92 -15.75 0.61
C PRO B 543 59.93 -16.85 0.93
N LEU B 544 61.22 -16.58 0.73
CA LEU B 544 62.24 -17.57 1.09
C LEU B 544 62.20 -17.85 2.58
N PHE B 545 61.92 -16.84 3.40
CA PHE B 545 61.78 -17.06 4.83
C PHE B 545 60.61 -17.97 5.14
N GLU B 546 59.49 -17.78 4.45
CA GLU B 546 58.34 -18.66 4.65
C GLU B 546 58.68 -20.09 4.25
N ALA B 547 59.39 -20.27 3.14
CA ALA B 547 59.79 -21.61 2.73
C ALA B 547 60.76 -22.24 3.73
N VAL B 548 61.65 -21.43 4.29
CA VAL B 548 62.62 -21.94 5.26
C VAL B 548 61.91 -22.38 6.53
N LYS B 549 61.03 -21.54 7.06
CA LYS B 549 60.33 -21.88 8.30
C LYS B 549 59.34 -23.02 8.09
N ALA B 550 58.79 -23.16 6.89
CA ALA B 550 57.90 -24.27 6.57
C ALA B 550 58.64 -25.47 5.99
N GLY B 551 59.98 -25.40 5.91
CA GLY B 551 60.76 -26.52 5.41
C GLY B 551 60.54 -26.84 3.96
N GLN B 552 60.29 -25.83 3.13
CA GLN B 552 60.02 -26.04 1.70
C GLN B 552 61.31 -25.86 0.91
N GLU B 553 62.08 -26.94 0.83
CA GLU B 553 63.33 -26.91 0.09
C GLU B 553 63.10 -26.72 -1.40
N GLY B 554 62.02 -27.28 -1.94
CA GLY B 554 61.70 -27.08 -3.34
C GLY B 554 61.37 -25.64 -3.66
N VAL B 555 60.57 -24.99 -2.80
CA VAL B 555 60.26 -23.59 -3.01
C VAL B 555 61.51 -22.73 -2.85
N ILE B 556 62.39 -23.11 -1.92
CA ILE B 556 63.66 -22.40 -1.77
C ILE B 556 64.47 -22.51 -3.06
N GLY B 557 64.55 -23.71 -3.63
CA GLY B 557 65.28 -23.88 -4.88
C GLY B 557 64.68 -23.08 -6.03
N LEU B 558 63.35 -23.07 -6.12
CA LEU B 558 62.69 -22.29 -7.17
C LEU B 558 62.96 -20.81 -7.01
N LEU B 559 62.90 -20.31 -5.78
CA LEU B 559 63.20 -18.90 -5.51
C LEU B 559 64.66 -18.60 -5.86
N VAL B 560 65.57 -19.52 -5.56
CA VAL B 560 66.98 -19.31 -5.86
C VAL B 560 67.22 -19.24 -7.36
N LYS B 561 66.64 -20.19 -8.11
CA LYS B 561 66.83 -20.16 -9.56
C LYS B 561 66.12 -18.97 -10.19
N GLU B 562 65.05 -18.47 -9.57
CA GLU B 562 64.47 -17.21 -10.03
C GLU B 562 65.29 -16.00 -9.60
N GLY B 563 66.00 -16.10 -8.47
CA GLY B 563 66.88 -15.06 -8.02
C GLY B 563 66.42 -14.25 -6.82
N ALA B 564 65.33 -14.64 -6.17
CA ALA B 564 64.82 -13.88 -5.04
C ALA B 564 65.78 -13.98 -3.85
N SER B 565 65.80 -12.92 -3.05
CA SER B 565 66.63 -12.84 -1.85
C SER B 565 65.77 -12.35 -0.68
N PHE B 566 66.35 -12.43 0.52
CA PHE B 566 65.64 -12.03 1.72
C PHE B 566 65.37 -10.52 1.73
N ASN B 567 66.43 -9.72 1.70
CA ASN B 567 66.34 -8.28 1.83
C ASN B 567 65.60 -7.89 3.11
N LEU B 568 65.92 -8.59 4.19
CA LEU B 568 65.24 -8.37 5.47
C LEU B 568 65.84 -7.17 6.19
N GLU B 569 64.98 -6.40 6.86
CA GLU B 569 65.44 -5.21 7.56
C GLU B 569 66.35 -5.55 8.73
N ASP B 570 66.20 -6.75 9.30
CA ASP B 570 66.99 -7.15 10.45
C ASP B 570 67.64 -8.51 10.20
N SER B 571 68.28 -8.67 9.05
CA SER B 571 68.87 -9.97 8.69
C SER B 571 69.88 -10.42 9.73
N GLY B 572 70.67 -9.49 10.28
CA GLY B 572 71.64 -9.83 11.29
C GLY B 572 71.03 -10.39 12.56
N ASN B 573 70.04 -9.68 13.13
CA ASN B 573 69.46 -10.16 14.39
C ASN B 573 68.61 -11.40 14.18
N PHE B 574 67.94 -11.52 13.04
CA PHE B 574 67.26 -12.78 12.71
C PHE B 574 68.27 -13.91 12.61
N LEU B 575 69.44 -13.63 12.04
CA LEU B 575 70.52 -14.62 12.01
C LEU B 575 70.96 -15.01 13.41
N CYS B 576 71.14 -14.03 14.29
CA CYS B 576 71.61 -14.33 15.64
C CYS B 576 70.55 -15.10 16.43
N THR B 577 69.27 -14.81 16.20
CA THR B 577 68.22 -15.59 16.84
C THR B 577 68.21 -17.03 16.33
N THR B 578 68.43 -17.22 15.02
CA THR B 578 68.58 -18.58 14.50
C THR B 578 69.77 -19.27 15.12
N VAL B 579 70.86 -18.52 15.36
CA VAL B 579 72.04 -19.09 16.02
C VAL B 579 71.68 -19.55 17.43
N ALA B 580 70.97 -18.70 18.17
CA ALA B 580 70.57 -19.05 19.53
C ALA B 580 69.63 -20.24 19.54
N LYS B 581 68.82 -20.39 18.48
CA LYS B 581 67.95 -21.56 18.38
C LYS B 581 68.74 -22.83 18.14
N GLY B 582 69.89 -22.74 17.47
CA GLY B 582 70.74 -23.88 17.24
C GLY B 582 70.34 -24.76 16.06
N ASP B 583 69.32 -24.38 15.30
CA ASP B 583 68.87 -25.18 14.17
C ASP B 583 69.84 -25.00 13.01
N SER B 584 70.64 -26.03 12.74
CA SER B 584 71.57 -25.99 11.61
C SER B 584 70.84 -26.03 10.27
N ASP B 585 69.74 -26.78 10.20
CA ASP B 585 69.00 -26.88 8.95
C ASP B 585 68.38 -25.54 8.56
N PHE B 586 67.89 -24.78 9.55
CA PHE B 586 67.34 -23.46 9.27
C PHE B 586 68.39 -22.57 8.62
N LEU B 587 69.57 -22.48 9.23
CA LEU B 587 70.62 -21.64 8.67
C LEU B 587 71.21 -22.05 7.32
N LYS B 588 71.21 -23.34 6.99
CA LYS B 588 71.70 -23.72 5.67
C LYS B 588 70.63 -23.57 4.57
N ARG B 589 69.36 -23.60 4.98
CA ARG B 589 68.30 -23.18 4.08
C ARG B 589 68.57 -21.71 3.81
N LEU B 590 68.89 -20.95 4.87
CA LEU B 590 69.18 -19.53 4.71
C LEU B 590 70.41 -19.30 3.84
N LEU B 591 71.46 -20.08 4.05
CA LEU B 591 72.65 -20.01 3.19
C LEU B 591 72.32 -20.39 1.76
N SER B 592 71.48 -21.41 1.58
CA SER B 592 71.05 -21.78 0.24
C SER B 592 70.33 -20.63 -0.44
N SER B 593 69.62 -19.81 0.33
CA SER B 593 68.99 -18.62 -0.26
C SER B 593 70.02 -17.55 -0.64
N GLY B 594 71.14 -17.46 0.09
CA GLY B 594 72.20 -16.54 -0.28
C GLY B 594 72.66 -15.61 0.82
N MET B 595 72.17 -15.83 2.04
CA MET B 595 72.50 -14.96 3.15
C MET B 595 73.96 -15.16 3.59
N ASN B 596 74.61 -14.07 3.99
CA ASN B 596 75.97 -14.15 4.52
C ASN B 596 75.95 -14.56 5.98
N PRO B 597 76.54 -15.70 6.35
CA PRO B 597 76.32 -16.25 7.70
C PRO B 597 76.84 -15.37 8.83
N ASN B 598 77.74 -14.42 8.55
CA ASN B 598 78.33 -13.58 9.56
C ASN B 598 77.80 -12.14 9.53
N SER B 599 76.59 -11.96 9.00
CA SER B 599 76.02 -10.63 8.91
C SER B 599 75.84 -10.02 10.29
N GLU B 600 76.28 -8.77 10.45
CA GLU B 600 76.24 -8.11 11.74
C GLU B 600 74.82 -7.86 12.20
N ASP B 601 74.58 -8.03 13.50
CA ASP B 601 73.27 -7.79 14.09
C ASP B 601 73.09 -6.29 14.33
N TYR B 602 72.06 -5.93 15.10
CA TYR B 602 71.79 -4.52 15.34
C TYR B 602 72.96 -3.85 16.07
N ASP B 603 73.52 -4.51 17.08
CA ASP B 603 74.67 -3.96 17.79
C ASP B 603 75.98 -4.47 17.23
N HIS B 604 76.13 -4.36 15.90
CA HIS B 604 77.32 -4.79 15.15
C HIS B 604 77.90 -6.08 15.70
N ARG B 605 77.04 -7.06 15.92
CA ARG B 605 77.43 -8.34 16.51
C ARG B 605 77.49 -9.41 15.44
N THR B 606 78.55 -10.20 15.45
CA THR B 606 78.69 -11.28 14.47
C THR B 606 78.13 -12.57 15.05
N PRO B 607 77.30 -13.29 14.31
CA PRO B 607 76.77 -14.57 14.83
C PRO B 607 77.85 -15.61 15.11
N LEU B 608 79.04 -15.46 14.50
CA LEU B 608 80.13 -16.39 14.80
C LEU B 608 80.51 -16.34 16.27
N HIS B 609 80.45 -15.15 16.89
CA HIS B 609 80.80 -15.02 18.30
C HIS B 609 79.87 -15.87 19.18
N VAL B 610 78.55 -15.68 19.02
CA VAL B 610 77.61 -16.42 19.85
C VAL B 610 77.63 -17.91 19.53
N ALA B 611 77.85 -18.27 18.25
CA ALA B 611 77.96 -19.68 17.90
C ALA B 611 79.18 -20.31 18.57
N ALA B 612 80.32 -19.60 18.59
CA ALA B 612 81.50 -20.11 19.28
C ALA B 612 81.27 -20.20 20.78
N SER B 613 80.55 -19.24 21.35
CA SER B 613 80.23 -19.29 22.77
C SER B 613 79.36 -20.50 23.09
N GLU B 614 78.41 -20.83 22.21
CA GLU B 614 77.60 -22.02 22.40
C GLU B 614 78.45 -23.28 22.36
N GLY B 615 79.39 -23.36 21.42
CA GLY B 615 80.33 -24.46 21.35
C GLY B 615 79.96 -25.60 20.42
N LEU B 616 78.86 -25.47 19.68
CA LEU B 616 78.46 -26.53 18.75
C LEU B 616 79.33 -26.46 17.50
N PHE B 617 80.12 -27.50 17.27
CA PHE B 617 81.04 -27.51 16.13
C PHE B 617 80.29 -27.54 14.80
N LEU B 618 79.13 -28.19 14.76
CA LEU B 618 78.39 -28.29 13.50
C LEU B 618 78.04 -26.91 12.95
N MET B 619 77.55 -26.03 13.81
CA MET B 619 77.07 -24.74 13.30
C MET B 619 78.21 -23.77 13.04
N ALA B 620 79.31 -23.85 13.78
CA ALA B 620 80.49 -23.08 13.41
C ALA B 620 81.05 -23.52 12.07
N LYS B 621 81.09 -24.85 11.84
CA LYS B 621 81.51 -25.36 10.55
C LYS B 621 80.57 -24.89 9.44
N MET B 622 79.27 -24.87 9.72
CA MET B 622 78.31 -24.39 8.74
C MET B 622 78.46 -22.89 8.48
N LEU B 623 78.83 -22.11 9.51
CA LEU B 623 79.08 -20.70 9.32
C LEU B 623 80.30 -20.48 8.43
N VAL B 624 81.35 -21.28 8.63
CA VAL B 624 82.56 -21.13 7.83
C VAL B 624 82.45 -21.78 6.46
N GLU B 625 81.43 -22.61 6.22
CA GLU B 625 81.24 -23.17 4.89
C GLU B 625 80.95 -22.08 3.87
N ALA B 626 80.06 -21.14 4.21
CA ALA B 626 79.72 -20.05 3.31
C ALA B 626 80.67 -18.85 3.44
N GLY B 627 81.67 -18.94 4.32
CA GLY B 627 82.60 -17.85 4.51
C GLY B 627 82.30 -17.07 5.78
N ALA B 628 83.04 -17.35 6.85
CA ALA B 628 82.85 -16.68 8.12
C ALA B 628 83.75 -15.45 8.20
N SER B 629 83.49 -14.62 9.22
CA SER B 629 84.26 -13.40 9.46
C SER B 629 84.76 -13.42 10.89
N VAL B 630 85.91 -14.07 11.10
CA VAL B 630 86.55 -14.03 12.40
C VAL B 630 87.14 -12.64 12.66
N ILE B 631 87.53 -11.94 11.59
CA ILE B 631 88.07 -10.59 11.74
C ILE B 631 87.00 -9.62 12.23
N SER B 632 85.73 -9.90 11.94
CA SER B 632 84.65 -9.00 12.35
C SER B 632 84.52 -8.97 13.87
N LYS B 633 84.34 -7.76 14.41
CA LYS B 633 84.23 -7.56 15.84
C LYS B 633 82.76 -7.69 16.26
N ASP B 634 82.52 -7.47 17.56
CA ASP B 634 81.18 -7.59 18.13
C ASP B 634 80.96 -6.42 19.09
N ARG B 635 79.80 -6.42 19.74
CA ARG B 635 79.50 -5.38 20.72
C ARG B 635 80.38 -5.48 21.95
N TRP B 636 81.00 -6.64 22.19
CA TRP B 636 81.86 -6.83 23.34
C TRP B 636 83.31 -6.47 23.07
N GLY B 637 83.65 -6.11 21.83
CA GLY B 637 85.04 -5.90 21.48
C GLY B 637 85.85 -7.16 21.40
N ASN B 638 85.19 -8.31 21.25
CA ASN B 638 85.83 -9.60 21.27
C ASN B 638 85.99 -10.14 19.84
N SER B 639 86.51 -11.35 19.74
CA SER B 639 86.71 -12.04 18.47
C SER B 639 86.19 -13.47 18.59
N PRO B 640 85.76 -14.07 17.47
CA PRO B 640 85.32 -15.46 17.54
C PRO B 640 86.38 -16.41 18.05
N LEU B 641 87.65 -16.12 17.80
CA LEU B 641 88.73 -16.92 18.38
C LEU B 641 88.67 -16.88 19.91
N ASP B 642 88.45 -15.71 20.47
CA ASP B 642 88.39 -15.57 21.93
C ASP B 642 87.22 -16.33 22.52
N GLU B 643 86.04 -16.23 21.90
CA GLU B 643 84.89 -16.96 22.42
C GLU B 643 85.06 -18.46 22.27
N ALA B 644 85.64 -18.90 21.15
CA ALA B 644 85.89 -20.33 20.95
C ALA B 644 86.87 -20.87 21.98
N ARG B 645 87.94 -20.13 22.28
CA ARG B 645 88.88 -20.58 23.28
C ARG B 645 88.30 -20.48 24.69
N LEU B 646 87.36 -19.56 24.90
CA LEU B 646 86.66 -19.51 26.17
C LEU B 646 85.78 -20.73 26.37
N CYS B 647 85.09 -21.16 25.30
CA CYS B 647 84.24 -22.36 25.40
C CYS B 647 85.06 -23.60 25.70
N GLY B 648 86.22 -23.74 25.06
CA GLY B 648 87.13 -24.84 25.33
C GLY B 648 87.14 -25.95 24.31
N ASN B 649 86.26 -25.92 23.32
CA ASN B 649 86.23 -26.96 22.29
C ASN B 649 87.43 -26.79 21.36
N LYS B 650 88.36 -27.74 21.41
CA LYS B 650 89.62 -27.59 20.68
C LYS B 650 89.38 -27.54 19.17
N LYS B 651 88.51 -28.39 18.64
CA LYS B 651 88.26 -28.40 17.21
C LYS B 651 87.59 -27.09 16.76
N LEU B 652 86.73 -26.53 17.62
CA LEU B 652 86.12 -25.23 17.31
C LEU B 652 87.19 -24.16 17.16
N ILE B 653 88.13 -24.10 18.11
CA ILE B 653 89.21 -23.12 18.04
C ILE B 653 90.06 -23.37 16.81
N LYS B 654 90.33 -24.63 16.49
CA LYS B 654 91.14 -24.95 15.32
C LYS B 654 90.48 -24.46 14.03
N LEU B 655 89.19 -24.75 13.87
CA LEU B 655 88.50 -24.33 12.65
C LEU B 655 88.42 -22.81 12.56
N LEU B 656 88.09 -22.15 13.67
CA LEU B 656 88.02 -20.69 13.66
C LEU B 656 89.38 -20.07 13.38
N GLU B 657 90.46 -20.68 13.90
CA GLU B 657 91.80 -20.19 13.61
C GLU B 657 92.15 -20.37 12.14
N ASP B 658 91.75 -21.49 11.54
CA ASP B 658 91.97 -21.68 10.11
C ASP B 658 91.25 -20.61 9.31
N VAL B 659 90.00 -20.31 9.67
CA VAL B 659 89.25 -19.28 8.95
C VAL B 659 89.88 -17.91 9.18
N LYS B 660 90.39 -17.65 10.39
CA LYS B 660 91.06 -16.38 10.65
C LYS B 660 92.34 -16.24 9.83
N ASN B 661 93.09 -17.33 9.69
CA ASN B 661 94.28 -17.30 8.84
C ASN B 661 93.91 -17.07 7.38
N ALA B 662 92.82 -17.70 6.93
CA ALA B 662 92.35 -17.46 5.57
C ALA B 662 91.97 -16.00 5.36
N GLN B 663 91.29 -15.40 6.34
CA GLN B 663 90.93 -13.98 6.23
C GLN B 663 92.18 -13.11 6.22
N SER B 664 93.15 -13.41 7.09
CA SER B 664 94.38 -12.62 7.14
C SER B 664 95.18 -12.73 5.85
N SER B 665 95.11 -13.89 5.18
CA SER B 665 95.77 -14.02 3.89
C SER B 665 95.16 -13.07 2.86
N ILE B 666 93.84 -12.94 2.87
CA ILE B 666 93.16 -11.99 1.99
C ILE B 666 92.93 -10.68 2.72
N ILE C 1 -37.24 -22.33 32.00
CA ILE C 1 -37.01 -23.07 30.76
C ILE C 1 -36.10 -22.21 29.96
N HIS C 2 -35.13 -22.82 29.29
CA HIS C 2 -34.24 -21.90 28.61
C HIS C 2 -34.85 -21.51 27.27
N PRO C 3 -34.45 -20.36 26.72
CA PRO C 3 -34.94 -20.00 25.38
C PRO C 3 -34.65 -21.04 24.32
N LYS C 4 -33.60 -21.84 24.47
CA LYS C 4 -33.24 -22.87 23.51
C LYS C 4 -33.49 -24.28 24.04
N ASN C 5 -34.44 -24.44 24.94
CA ASN C 5 -34.80 -25.77 25.41
C ASN C 5 -35.45 -26.58 24.28
N ARG C 6 -35.19 -27.88 24.27
CA ARG C 6 -35.67 -28.73 23.18
C ARG C 6 -37.20 -28.75 23.12
N TRP C 7 -37.86 -29.03 24.25
CA TRP C 7 -39.32 -29.11 24.26
C TRP C 7 -39.93 -27.74 23.98
N TYR C 8 -39.23 -26.68 24.36
CA TYR C 8 -39.70 -25.34 24.03
C TYR C 8 -39.66 -25.12 22.52
N LYS C 9 -38.63 -25.63 21.84
CA LYS C 9 -38.60 -25.53 20.38
C LYS C 9 -39.71 -26.36 19.75
N ALA C 10 -40.01 -27.53 20.33
CA ALA C 10 -41.14 -28.31 19.85
C ALA C 10 -42.45 -27.54 19.99
N TRP C 11 -42.63 -26.88 21.13
CA TRP C 11 -43.81 -26.02 21.30
C TRP C 11 -43.83 -24.88 20.30
N GLU C 12 -42.66 -24.31 20.01
CA GLU C 12 -42.58 -23.24 19.03
C GLU C 12 -43.05 -23.72 17.67
N MET C 13 -42.64 -24.92 17.25
CA MET C 13 -43.08 -25.44 15.96
C MET C 13 -44.57 -25.75 15.95
N PHE C 14 -45.07 -26.34 17.04
CA PHE C 14 -46.51 -26.58 17.14
C PHE C 14 -47.30 -25.27 17.00
N ILE C 15 -46.87 -24.23 17.72
CA ILE C 15 -47.58 -22.97 17.68
C ILE C 15 -47.39 -22.28 16.33
N LEU C 16 -46.26 -22.52 15.66
CA LEU C 16 -46.11 -21.98 14.31
C LEU C 16 -47.12 -22.59 13.35
N VAL C 17 -47.33 -23.90 13.44
CA VAL C 17 -48.34 -24.54 12.60
C VAL C 17 -49.72 -23.98 12.91
N TRP C 18 -50.03 -23.85 14.20
CA TRP C 18 -51.33 -23.29 14.57
C TRP C 18 -51.48 -21.85 14.11
N ALA C 19 -50.41 -21.07 14.17
CA ALA C 19 -50.45 -19.67 13.73
C ALA C 19 -50.70 -19.58 12.24
N ILE C 20 -50.06 -20.46 11.46
CA ILE C 20 -50.33 -20.49 10.02
C ILE C 20 -51.79 -20.81 9.77
N TYR C 21 -52.32 -21.80 10.49
CA TYR C 21 -53.72 -22.16 10.30
C TYR C 21 -54.64 -20.98 10.62
N SER C 22 -54.42 -20.31 11.75
CA SER C 22 -55.30 -19.22 12.14
C SER C 22 -55.17 -18.03 11.20
N SER C 23 -53.95 -17.73 10.76
CA SER C 23 -53.76 -16.64 9.81
C SER C 23 -54.48 -16.91 8.50
N LEU C 24 -54.44 -18.16 8.03
CA LEU C 24 -55.12 -18.48 6.77
C LEU C 24 -56.62 -18.74 6.95
N PHE C 25 -57.10 -18.87 8.18
CA PHE C 25 -58.52 -19.16 8.37
C PHE C 25 -59.33 -17.93 8.78
N THR C 26 -58.73 -16.98 9.50
CA THR C 26 -59.52 -15.86 10.02
C THR C 26 -60.14 -15.01 8.92
N PRO C 27 -59.43 -14.60 7.86
CA PRO C 27 -60.12 -13.86 6.80
C PRO C 27 -61.23 -14.66 6.14
N MET C 28 -61.06 -15.98 6.01
CA MET C 28 -62.12 -16.80 5.42
C MET C 28 -63.32 -16.92 6.35
N GLU C 29 -63.09 -17.00 7.66
CA GLU C 29 -64.20 -17.02 8.60
C GLU C 29 -64.94 -15.69 8.59
N PHE C 30 -64.20 -14.59 8.48
CA PHE C 30 -64.83 -13.28 8.51
C PHE C 30 -65.62 -13.00 7.23
N GLY C 31 -65.03 -13.29 6.08
CA GLY C 31 -65.64 -12.93 4.81
C GLY C 31 -66.77 -13.84 4.36
N PHE C 32 -66.46 -15.12 4.14
CA PHE C 32 -67.40 -16.05 3.53
C PHE C 32 -68.43 -16.60 4.51
N PHE C 33 -68.45 -16.13 5.75
CA PHE C 33 -69.28 -16.76 6.78
C PHE C 33 -69.82 -15.67 7.69
N ARG C 34 -71.12 -15.37 7.56
CA ARG C 34 -71.79 -14.45 8.47
C ARG C 34 -72.26 -15.25 9.68
N GLY C 35 -71.29 -15.63 10.51
CA GLY C 35 -71.56 -16.50 11.63
C GLY C 35 -71.15 -17.93 11.33
N LEU C 36 -70.21 -18.46 12.11
CA LEU C 36 -69.67 -19.78 11.83
C LEU C 36 -70.78 -20.83 11.95
N PRO C 37 -70.77 -21.86 11.11
CA PRO C 37 -71.79 -22.91 11.20
C PRO C 37 -71.65 -23.68 12.50
N GLU C 38 -72.61 -24.59 12.71
CA GLU C 38 -72.59 -25.42 13.91
C GLU C 38 -71.49 -26.48 13.84
N ARG C 39 -71.18 -26.98 12.65
CA ARG C 39 -70.19 -28.05 12.53
C ARG C 39 -68.80 -27.60 12.95
N LEU C 40 -68.49 -26.31 12.82
CA LEU C 40 -67.14 -25.79 13.03
C LEU C 40 -66.97 -25.14 14.40
N PHE C 41 -67.59 -25.71 15.43
CA PHE C 41 -67.47 -25.17 16.79
C PHE C 41 -66.16 -25.61 17.45
N VAL C 42 -65.89 -26.92 17.43
CA VAL C 42 -64.76 -27.47 18.16
C VAL C 42 -63.44 -26.96 17.59
N LEU C 43 -63.39 -26.67 16.29
CA LEU C 43 -62.15 -26.18 15.69
C LEU C 43 -61.76 -24.83 16.28
N ASP C 44 -62.71 -23.89 16.31
CA ASP C 44 -62.46 -22.60 16.92
C ASP C 44 -62.11 -22.76 18.39
N ILE C 45 -62.85 -23.59 19.11
CA ILE C 45 -62.58 -23.77 20.54
C ILE C 45 -61.16 -24.25 20.78
N VAL C 46 -60.75 -25.29 20.04
CA VAL C 46 -59.42 -25.88 20.23
C VAL C 46 -58.33 -24.88 19.88
N GLY C 47 -58.51 -24.13 18.78
CA GLY C 47 -57.52 -23.11 18.45
C GLY C 47 -57.37 -22.08 19.55
N GLN C 48 -58.49 -21.64 20.12
CA GLN C 48 -58.43 -20.65 21.19
C GLN C 48 -57.69 -21.20 22.40
N ILE C 49 -58.02 -22.43 22.82
CA ILE C 49 -57.37 -22.97 24.02
C ILE C 49 -55.88 -23.19 23.77
N ALA C 50 -55.52 -23.58 22.54
CA ALA C 50 -54.10 -23.77 22.24
C ALA C 50 -53.34 -22.45 22.35
N PHE C 51 -53.89 -21.38 21.80
CA PHE C 51 -53.16 -20.12 21.88
C PHE C 51 -53.17 -19.53 23.29
N LEU C 52 -54.21 -19.79 24.07
CA LEU C 52 -54.19 -19.36 25.47
C LEU C 52 -53.13 -20.13 26.26
N VAL C 53 -52.99 -21.43 26.00
CA VAL C 53 -51.93 -22.20 26.64
C VAL C 53 -50.57 -21.65 26.24
N ASP C 54 -50.41 -21.27 24.97
CA ASP C 54 -49.15 -20.66 24.56
C ASP C 54 -48.91 -19.36 25.31
N ILE C 55 -49.96 -18.56 25.52
CA ILE C 55 -49.81 -17.32 26.28
C ILE C 55 -49.28 -17.61 27.68
N VAL C 56 -49.91 -18.58 28.35
CA VAL C 56 -49.52 -18.91 29.72
C VAL C 56 -48.08 -19.40 29.76
N LEU C 57 -47.69 -20.25 28.81
CA LEU C 57 -46.34 -20.78 28.80
C LEU C 57 -45.31 -19.71 28.44
N GLN C 58 -45.65 -18.80 27.53
CA GLN C 58 -44.76 -17.68 27.22
C GLN C 58 -44.58 -16.78 28.43
N PHE C 59 -45.57 -16.74 29.33
CA PHE C 59 -45.42 -15.98 30.56
C PHE C 59 -44.32 -16.54 31.46
N PHE C 60 -43.84 -17.75 31.19
CA PHE C 60 -42.86 -18.44 32.03
C PHE C 60 -41.53 -18.66 31.31
N VAL C 61 -41.15 -17.77 30.40
CA VAL C 61 -39.98 -17.98 29.55
C VAL C 61 -39.01 -16.83 29.74
N ALA C 62 -37.74 -17.17 30.01
CA ALA C 62 -36.71 -16.16 30.15
C ALA C 62 -36.43 -15.50 28.80
N TYR C 63 -36.16 -14.19 28.84
CA TYR C 63 -35.96 -13.41 27.64
C TYR C 63 -34.52 -12.95 27.57
N ARG C 64 -33.97 -12.89 26.36
CA ARG C 64 -32.63 -12.39 26.15
C ARG C 64 -32.65 -10.86 26.07
N ASP C 65 -31.80 -10.21 26.86
CA ASP C 65 -31.70 -8.77 26.82
C ASP C 65 -31.11 -8.32 25.48
N THR C 66 -31.41 -7.07 25.11
CA THR C 66 -31.05 -6.55 23.79
C THR C 66 -29.77 -5.74 23.81
N GLN C 67 -29.70 -4.68 24.62
CA GLN C 67 -28.51 -3.83 24.64
C GLN C 67 -27.30 -4.57 25.21
N THR C 68 -27.53 -5.51 26.13
CA THR C 68 -26.48 -6.31 26.74
C THR C 68 -26.86 -7.77 26.64
N TYR C 69 -25.85 -8.64 26.52
CA TYR C 69 -26.09 -10.07 26.40
C TYR C 69 -26.28 -10.70 27.77
N ARG C 70 -27.36 -10.27 28.44
CA ARG C 70 -27.73 -10.78 29.75
C ARG C 70 -29.05 -11.53 29.59
N THR C 71 -28.98 -12.84 29.42
CA THR C 71 -30.19 -13.64 29.27
C THR C 71 -30.88 -13.77 30.63
N VAL C 72 -31.44 -12.66 31.13
CA VAL C 72 -31.92 -12.63 32.50
C VAL C 72 -33.06 -13.63 32.71
N TYR C 73 -33.29 -14.02 33.96
CA TYR C 73 -34.35 -14.95 34.32
C TYR C 73 -35.12 -14.43 35.53
N LYS C 74 -35.46 -13.14 35.53
CA LYS C 74 -36.23 -12.55 36.62
C LYS C 74 -37.71 -12.67 36.29
N PRO C 75 -38.49 -13.47 37.03
CA PRO C 75 -39.90 -13.67 36.65
C PRO C 75 -40.70 -12.38 36.58
N THR C 76 -40.44 -11.43 37.49
CA THR C 76 -41.13 -10.15 37.42
C THR C 76 -40.79 -9.40 36.14
N ARG C 77 -39.54 -9.48 35.71
CA ARG C 77 -39.14 -8.75 34.52
C ARG C 77 -39.61 -9.43 33.24
N ILE C 78 -39.63 -10.77 33.20
CA ILE C 78 -40.23 -11.44 32.06
C ILE C 78 -41.72 -11.12 31.99
N ALA C 79 -42.37 -11.03 33.15
CA ALA C 79 -43.75 -10.56 33.22
C ALA C 79 -43.84 -9.20 32.55
N PHE C 80 -43.16 -8.20 33.10
CA PHE C 80 -43.21 -6.84 32.59
C PHE C 80 -42.99 -6.77 31.08
N ARG C 81 -41.95 -7.44 30.59
CA ARG C 81 -41.64 -7.37 29.16
C ARG C 81 -42.75 -7.98 28.32
N TYR C 82 -43.28 -9.15 28.73
CA TYR C 82 -44.34 -9.77 27.96
C TYR C 82 -45.63 -8.94 28.02
N LEU C 83 -45.99 -8.46 29.21
CA LEU C 83 -47.20 -7.67 29.37
C LEU C 83 -47.10 -6.31 28.69
N LYS C 84 -45.91 -5.88 28.31
CA LYS C 84 -45.79 -4.64 27.55
C LYS C 84 -46.12 -4.86 26.08
N SER C 85 -45.36 -5.72 25.42
CA SER C 85 -45.38 -5.76 23.95
C SER C 85 -46.54 -6.57 23.38
N HIS C 86 -46.57 -7.87 23.66
CA HIS C 86 -47.44 -8.80 22.95
C HIS C 86 -48.31 -9.60 23.91
N PHE C 87 -48.96 -8.92 24.85
CA PHE C 87 -49.97 -9.56 25.69
C PHE C 87 -51.38 -9.12 25.37
N LEU C 88 -51.60 -7.80 25.26
CA LEU C 88 -52.96 -7.30 25.09
C LEU C 88 -53.60 -7.85 23.83
N MET C 89 -52.87 -7.81 22.71
CA MET C 89 -53.43 -8.28 21.44
C MET C 89 -53.68 -9.77 21.48
N ASP C 90 -52.75 -10.55 22.04
CA ASP C 90 -52.91 -11.98 22.08
C ASP C 90 -54.04 -12.39 23.02
N PHE C 91 -54.26 -11.63 24.08
CA PHE C 91 -55.38 -11.93 24.97
C PHE C 91 -56.71 -11.56 24.33
N ILE C 92 -56.79 -10.38 23.71
CA ILE C 92 -58.04 -9.97 23.09
C ILE C 92 -58.42 -10.91 21.96
N GLY C 93 -57.43 -11.33 21.16
CA GLY C 93 -57.71 -12.28 20.10
C GLY C 93 -58.16 -13.63 20.59
N CYS C 94 -57.95 -13.93 21.87
CA CYS C 94 -58.27 -15.26 22.39
C CYS C 94 -59.75 -15.40 22.80
N PHE C 95 -60.49 -14.31 22.87
CA PHE C 95 -61.89 -14.39 23.29
C PHE C 95 -62.71 -15.09 22.21
N PRO C 96 -63.81 -15.73 22.60
CA PRO C 96 -64.68 -16.35 21.58
C PRO C 96 -65.45 -15.30 20.80
N TRP C 97 -65.04 -15.04 19.56
CA TRP C 97 -65.64 -13.98 18.75
C TRP C 97 -66.71 -14.50 17.81
N ASP C 98 -67.10 -15.76 17.94
CA ASP C 98 -68.26 -16.28 17.26
C ASP C 98 -69.46 -16.45 18.19
N LEU C 99 -69.22 -16.95 19.40
CA LEU C 99 -70.30 -17.03 20.39
C LEU C 99 -70.77 -15.63 20.79
N ILE C 100 -69.84 -14.69 20.93
CA ILE C 100 -70.21 -13.31 21.25
C ILE C 100 -71.07 -12.72 20.14
N TYR C 101 -70.71 -12.99 18.89
CA TYR C 101 -71.53 -12.51 17.77
C TYR C 101 -72.92 -13.12 17.79
N LYS C 102 -73.01 -14.42 18.06
CA LYS C 102 -74.29 -15.11 18.11
C LYS C 102 -74.96 -15.00 19.47
N ALA C 103 -74.57 -14.02 20.28
CA ALA C 103 -75.25 -13.76 21.56
C ALA C 103 -75.59 -12.29 21.68
N SER C 104 -74.78 -11.42 21.08
CA SER C 104 -74.96 -9.97 21.18
C SER C 104 -75.84 -9.43 20.06
N GLY C 105 -77.00 -10.04 19.86
CA GLY C 105 -77.96 -9.54 18.90
C GLY C 105 -77.49 -9.50 17.47
N LYS C 106 -76.43 -10.23 17.14
CA LYS C 106 -75.89 -10.30 15.79
C LYS C 106 -75.59 -8.90 15.23
N HIS C 107 -74.68 -8.21 15.89
CA HIS C 107 -74.24 -6.90 15.44
C HIS C 107 -72.92 -7.05 14.68
N GLU C 108 -72.75 -6.21 13.66
CA GLU C 108 -71.67 -6.45 12.68
C GLU C 108 -70.30 -6.15 13.27
N LEU C 109 -70.18 -5.17 14.16
CA LEU C 109 -68.87 -4.72 14.59
C LEU C 109 -68.15 -5.77 15.43
N VAL C 110 -68.89 -6.54 16.22
CA VAL C 110 -68.23 -7.59 17.00
C VAL C 110 -67.61 -8.63 16.08
N ARG C 111 -68.19 -8.82 14.89
CA ARG C 111 -67.55 -9.68 13.90
C ARG C 111 -66.40 -8.97 13.19
N TYR C 112 -66.52 -7.66 12.96
CA TYR C 112 -65.39 -6.90 12.41
C TYR C 112 -64.18 -6.98 13.32
N LEU C 113 -64.41 -7.21 14.62
CA LEU C 113 -63.31 -7.33 15.58
C LEU C 113 -62.46 -8.58 15.35
N LEU C 114 -62.93 -9.51 14.51
CA LEU C 114 -62.23 -10.78 14.32
C LEU C 114 -60.81 -10.59 13.78
N TRP C 115 -60.54 -9.45 13.15
CA TRP C 115 -59.24 -9.23 12.53
C TRP C 115 -58.12 -9.01 13.54
N ILE C 116 -58.41 -9.06 14.83
CA ILE C 116 -57.35 -9.05 15.83
C ILE C 116 -56.53 -10.32 15.74
N ARG C 117 -57.16 -11.43 15.35
CA ARG C 117 -56.50 -12.73 15.28
C ARG C 117 -55.42 -12.78 14.20
N LEU C 118 -55.36 -11.79 13.30
CA LEU C 118 -54.28 -11.73 12.33
C LEU C 118 -52.94 -11.38 12.96
N PHE C 119 -52.93 -10.99 14.23
CA PHE C 119 -51.67 -10.66 14.91
C PHE C 119 -50.78 -11.88 15.11
N ARG C 120 -51.30 -13.08 14.90
CA ARG C 120 -50.50 -14.29 15.01
C ARG C 120 -49.50 -14.46 13.88
N VAL C 121 -49.58 -13.65 12.83
CA VAL C 121 -48.58 -13.69 11.76
C VAL C 121 -47.21 -13.25 12.26
N ARG C 122 -47.15 -12.62 13.42
CA ARG C 122 -45.87 -12.34 14.05
C ARG C 122 -45.07 -13.63 14.28
N LYS C 123 -45.76 -14.76 14.46
CA LYS C 123 -45.06 -16.02 14.65
C LYS C 123 -44.27 -16.41 13.41
N VAL C 124 -44.90 -16.30 12.23
CA VAL C 124 -44.19 -16.58 10.99
C VAL C 124 -43.09 -15.55 10.75
N VAL C 125 -43.33 -14.30 11.14
CA VAL C 125 -42.30 -13.27 10.97
C VAL C 125 -41.06 -13.61 11.79
N GLU C 126 -41.25 -13.98 13.07
CA GLU C 126 -40.12 -14.38 13.89
C GLU C 126 -39.45 -15.65 13.36
N PHE C 127 -40.24 -16.59 12.84
CA PHE C 127 -39.65 -17.79 12.25
C PHE C 127 -38.73 -17.43 11.09
N PHE C 128 -39.16 -16.50 10.23
CA PHE C 128 -38.29 -16.09 9.14
C PHE C 128 -37.08 -15.34 9.64
N GLN C 129 -37.20 -14.60 10.74
CA GLN C 129 -36.03 -13.98 11.35
C GLN C 129 -35.02 -15.03 11.82
N ARG C 130 -35.52 -16.07 12.49
CA ARG C 130 -34.63 -17.15 12.92
C ARG C 130 -33.96 -17.82 11.73
N LEU C 131 -34.72 -18.08 10.67
CA LEU C 131 -34.14 -18.69 9.48
C LEU C 131 -33.08 -17.78 8.86
N GLU C 132 -33.30 -16.47 8.91
CA GLU C 132 -32.30 -15.54 8.40
C GLU C 132 -31.02 -15.61 9.21
N LYS C 133 -31.13 -15.71 10.54
CA LYS C 133 -29.93 -15.78 11.37
C LYS C 133 -29.12 -17.05 11.08
N ASP C 134 -29.80 -18.16 10.79
CA ASP C 134 -29.12 -19.42 10.56
C ASP C 134 -28.20 -19.32 9.34
N THR C 135 -27.06 -19.99 9.42
CA THR C 135 -26.04 -19.92 8.38
C THR C 135 -26.23 -20.95 7.27
N ARG C 136 -27.16 -21.90 7.42
CA ARG C 136 -27.39 -22.87 6.36
C ARG C 136 -27.93 -22.21 5.10
N ILE C 137 -28.83 -21.24 5.25
CA ILE C 137 -29.58 -20.67 4.14
C ILE C 137 -29.10 -19.25 3.91
N ASN C 138 -28.83 -18.91 2.65
CA ASN C 138 -28.34 -17.58 2.29
C ASN C 138 -29.32 -16.50 2.74
N TYR C 139 -28.78 -15.30 2.98
CA TYR C 139 -29.61 -14.19 3.47
C TYR C 139 -30.62 -13.75 2.42
N LEU C 140 -30.18 -13.56 1.19
CA LEU C 140 -31.02 -12.95 0.18
C LEU C 140 -32.08 -13.91 -0.33
N PHE C 141 -31.79 -15.20 -0.36
CA PHE C 141 -32.84 -16.16 -0.67
C PHE C 141 -33.90 -16.18 0.43
N THR C 142 -33.48 -15.97 1.69
CA THR C 142 -34.45 -15.82 2.75
C THR C 142 -35.34 -14.60 2.53
N ARG C 143 -34.74 -13.48 2.12
CA ARG C 143 -35.54 -12.29 1.85
C ARG C 143 -36.53 -12.52 0.70
N ILE C 144 -36.08 -13.19 -0.37
CA ILE C 144 -36.98 -13.49 -1.48
C ILE C 144 -38.12 -14.40 -1.04
N LEU C 145 -37.81 -15.43 -0.26
CA LEU C 145 -38.85 -16.34 0.24
C LEU C 145 -39.84 -15.61 1.14
N LYS C 146 -39.34 -14.73 2.00
CA LYS C 146 -40.24 -13.98 2.86
C LYS C 146 -41.17 -13.09 2.05
N LEU C 147 -40.65 -12.41 1.03
CA LEU C 147 -41.51 -11.60 0.17
C LEU C 147 -42.52 -12.44 -0.59
N LEU C 148 -42.13 -13.62 -1.07
CA LEU C 148 -43.07 -14.52 -1.72
C LEU C 148 -44.18 -14.98 -0.79
N PHE C 149 -43.89 -15.21 0.49
CA PHE C 149 -44.97 -15.53 1.42
C PHE C 149 -45.86 -14.33 1.71
N VAL C 150 -45.26 -13.14 1.81
CA VAL C 150 -46.05 -11.92 2.06
C VAL C 150 -47.02 -11.68 0.91
N GLU C 151 -46.55 -11.84 -0.32
CA GLU C 151 -47.43 -11.65 -1.48
C GLU C 151 -48.61 -12.60 -1.46
N VAL C 152 -48.37 -13.87 -1.16
CA VAL C 152 -49.45 -14.85 -1.19
C VAL C 152 -50.43 -14.61 -0.06
N TYR C 153 -49.94 -14.25 1.13
CA TYR C 153 -50.88 -13.94 2.21
C TYR C 153 -51.72 -12.72 1.89
N CYS C 154 -51.11 -11.67 1.33
CA CYS C 154 -51.86 -10.49 0.97
C CYS C 154 -52.90 -10.80 -0.10
N THR C 155 -52.55 -11.66 -1.06
CA THR C 155 -53.50 -12.03 -2.10
C THR C 155 -54.68 -12.81 -1.53
N HIS C 156 -54.41 -13.77 -0.65
CA HIS C 156 -55.51 -14.54 -0.05
C HIS C 156 -56.42 -13.64 0.79
N THR C 157 -55.83 -12.76 1.58
CA THR C 157 -56.64 -11.84 2.39
C THR C 157 -57.46 -10.90 1.49
N ALA C 158 -56.85 -10.41 0.41
CA ALA C 158 -57.56 -9.53 -0.51
C ALA C 158 -58.71 -10.25 -1.19
N ALA C 159 -58.53 -11.53 -1.53
CA ALA C 159 -59.64 -12.31 -2.09
C ALA C 159 -60.78 -12.43 -1.09
N CYS C 160 -60.46 -12.71 0.18
CA CYS C 160 -61.52 -12.79 1.19
C CYS C 160 -62.27 -11.47 1.33
N ILE C 161 -61.54 -10.36 1.36
CA ILE C 161 -62.18 -9.05 1.49
C ILE C 161 -63.00 -8.72 0.25
N PHE C 162 -62.52 -9.12 -0.93
CA PHE C 162 -63.23 -8.81 -2.16
C PHE C 162 -64.53 -9.58 -2.24
N TYR C 163 -64.55 -10.83 -1.75
CA TYR C 163 -65.85 -11.49 -1.67
C TYR C 163 -66.73 -10.87 -0.60
N TYR C 164 -66.13 -10.41 0.50
CA TYR C 164 -66.95 -9.81 1.55
C TYR C 164 -67.68 -8.58 1.04
N LEU C 165 -67.00 -7.76 0.24
CA LEU C 165 -67.62 -6.53 -0.26
C LEU C 165 -68.85 -6.80 -1.11
N ALA C 166 -69.01 -8.01 -1.63
CA ALA C 166 -70.18 -8.37 -2.41
C ALA C 166 -71.33 -8.90 -1.58
N THR C 167 -71.16 -8.99 -0.26
CA THR C 167 -72.24 -9.37 0.64
C THR C 167 -72.81 -8.20 1.42
N THR C 168 -72.14 -7.05 1.38
CA THR C 168 -72.70 -5.85 2.01
C THR C 168 -73.96 -5.38 1.30
N LEU C 169 -74.05 -5.58 -0.01
CA LEU C 169 -75.21 -5.17 -0.77
C LEU C 169 -76.40 -6.10 -0.47
N PRO C 170 -77.62 -5.56 -0.45
CA PRO C 170 -78.78 -6.36 -0.10
C PRO C 170 -78.96 -7.51 -1.09
N PRO C 171 -79.50 -8.64 -0.62
CA PRO C 171 -79.63 -9.80 -1.52
C PRO C 171 -80.50 -9.54 -2.74
N GLU C 172 -81.52 -8.70 -2.64
CA GLU C 172 -82.36 -8.41 -3.80
C GLU C 172 -81.57 -7.68 -4.87
N ASN C 173 -80.74 -6.72 -4.48
CA ASN C 173 -79.91 -5.96 -5.41
C ASN C 173 -78.52 -6.59 -5.52
N GLU C 174 -78.52 -7.87 -5.91
CA GLU C 174 -77.29 -8.62 -6.10
C GLU C 174 -76.78 -8.58 -7.53
N GLY C 175 -77.55 -8.02 -8.46
CA GLY C 175 -77.11 -7.88 -9.82
C GLY C 175 -76.13 -6.75 -10.04
N TYR C 176 -75.76 -6.04 -8.98
CA TYR C 176 -74.85 -4.91 -9.05
C TYR C 176 -73.57 -5.17 -8.25
N THR C 177 -73.03 -6.38 -8.34
CA THR C 177 -71.81 -6.75 -7.65
C THR C 177 -70.87 -7.48 -8.62
N TRP C 178 -69.61 -7.62 -8.21
CA TRP C 178 -68.66 -8.33 -9.06
C TRP C 178 -69.08 -9.77 -9.27
N ILE C 179 -69.51 -10.44 -8.20
CA ILE C 179 -70.15 -11.73 -8.29
C ILE C 179 -71.66 -11.50 -8.32
N GLY C 180 -72.40 -12.48 -8.83
CA GLY C 180 -73.81 -12.29 -9.08
C GLY C 180 -74.11 -11.64 -10.39
N SER C 181 -73.11 -11.08 -11.06
CA SER C 181 -73.22 -10.61 -12.43
C SER C 181 -72.35 -11.44 -13.37
N LEU C 182 -71.65 -12.45 -12.85
CA LEU C 182 -70.82 -13.30 -13.68
C LEU C 182 -71.66 -14.21 -14.55
N LYS C 183 -71.19 -14.44 -15.77
CA LYS C 183 -71.77 -15.46 -16.65
C LYS C 183 -70.65 -16.24 -17.31
N LEU C 184 -69.70 -16.71 -16.50
CA LEU C 184 -68.56 -17.43 -17.02
C LEU C 184 -68.98 -18.66 -17.81
N GLY C 185 -68.75 -18.63 -19.13
CA GLY C 185 -69.08 -19.73 -20.00
C GLY C 185 -70.57 -20.04 -20.05
N ASP C 186 -70.95 -21.18 -19.48
CA ASP C 186 -72.35 -21.57 -19.40
C ASP C 186 -72.94 -21.33 -18.02
N TYR C 187 -72.10 -21.26 -17.00
CA TYR C 187 -72.55 -21.11 -15.61
C TYR C 187 -72.81 -19.64 -15.30
N SER C 188 -73.93 -19.37 -14.64
CA SER C 188 -74.28 -18.04 -14.19
C SER C 188 -74.44 -18.06 -12.68
N TYR C 189 -73.81 -17.10 -12.00
CA TYR C 189 -73.91 -16.97 -10.54
C TYR C 189 -75.16 -16.16 -10.22
N GLU C 190 -76.30 -16.84 -10.21
CA GLU C 190 -77.55 -16.14 -9.94
C GLU C 190 -77.71 -15.85 -8.44
N ASN C 191 -77.79 -16.89 -7.63
CA ASN C 191 -77.87 -16.74 -6.18
C ASN C 191 -76.53 -17.17 -5.61
N PHE C 192 -75.59 -16.22 -5.56
CA PHE C 192 -74.22 -16.56 -5.23
C PHE C 192 -74.04 -16.95 -3.76
N ARG C 193 -75.04 -16.74 -2.92
CA ARG C 193 -74.97 -17.20 -1.54
C ARG C 193 -75.45 -18.64 -1.37
N GLU C 194 -75.85 -19.29 -2.46
CA GLU C 194 -76.33 -20.66 -2.41
C GLU C 194 -75.41 -21.62 -3.16
N ILE C 195 -74.19 -21.20 -3.47
CA ILE C 195 -73.22 -22.06 -4.11
C ILE C 195 -72.33 -22.63 -3.01
N ASP C 196 -71.62 -23.72 -3.34
CA ASP C 196 -70.68 -24.29 -2.39
C ASP C 196 -69.63 -23.26 -1.99
N LEU C 197 -69.07 -23.42 -0.79
CA LEU C 197 -68.08 -22.48 -0.30
C LEU C 197 -66.87 -22.44 -1.22
N TRP C 198 -66.46 -23.60 -1.74
CA TRP C 198 -65.22 -23.65 -2.50
C TRP C 198 -65.35 -23.01 -3.86
N LYS C 199 -66.55 -23.04 -4.46
CA LYS C 199 -66.75 -22.36 -5.73
C LYS C 199 -66.55 -20.85 -5.59
N ARG C 200 -67.23 -20.25 -4.61
CA ARG C 200 -67.07 -18.82 -4.38
C ARG C 200 -65.64 -18.48 -4.01
N TYR C 201 -65.03 -19.29 -3.14
CA TYR C 201 -63.66 -19.00 -2.72
C TYR C 201 -62.70 -19.06 -3.89
N THR C 202 -62.81 -20.08 -4.73
CA THR C 202 -61.87 -20.20 -5.84
C THR C 202 -62.10 -19.13 -6.89
N THR C 203 -63.35 -18.72 -7.12
CA THR C 203 -63.59 -17.61 -8.03
C THR C 203 -62.93 -16.33 -7.52
N ALA C 204 -63.15 -16.01 -6.24
CA ALA C 204 -62.56 -14.79 -5.69
C ALA C 204 -61.04 -14.85 -5.71
N LEU C 205 -60.47 -15.99 -5.35
CA LEU C 205 -59.02 -16.14 -5.36
C LEU C 205 -58.46 -16.09 -6.77
N TYR C 206 -59.21 -16.59 -7.75
CA TYR C 206 -58.79 -16.49 -9.14
C TYR C 206 -58.68 -15.03 -9.55
N PHE C 207 -59.70 -14.24 -9.21
CA PHE C 207 -59.63 -12.81 -9.49
C PHE C 207 -58.41 -12.18 -8.83
N ALA C 208 -58.19 -12.48 -7.54
CA ALA C 208 -57.09 -11.84 -6.83
C ALA C 208 -55.73 -12.27 -7.36
N ILE C 209 -55.59 -13.52 -7.77
CA ILE C 209 -54.29 -14.02 -8.22
C ILE C 209 -53.96 -13.51 -9.62
N VAL C 210 -54.95 -13.48 -10.53
CA VAL C 210 -54.66 -12.88 -11.82
C VAL C 210 -54.66 -11.36 -11.78
N THR C 211 -55.00 -10.76 -10.64
CA THR C 211 -54.76 -9.34 -10.46
C THR C 211 -53.39 -9.06 -9.87
N MET C 212 -52.88 -9.89 -8.96
CA MET C 212 -51.58 -9.61 -8.36
C MET C 212 -50.44 -9.82 -9.35
N ALA C 213 -50.63 -10.66 -10.37
CA ALA C 213 -49.62 -10.88 -11.40
C ALA C 213 -49.75 -9.90 -12.55
N THR C 214 -50.68 -8.94 -12.45
CA THR C 214 -50.92 -7.93 -13.48
C THR C 214 -51.24 -8.55 -14.84
N VAL C 215 -51.94 -9.68 -14.83
CA VAL C 215 -52.47 -10.21 -16.08
C VAL C 215 -53.81 -9.56 -16.40
N GLY C 216 -54.74 -9.60 -15.44
CA GLY C 216 -56.02 -8.95 -15.63
C GLY C 216 -56.75 -9.36 -16.89
N TYR C 217 -57.40 -10.49 -16.85
CA TYR C 217 -58.06 -10.95 -18.08
C TYR C 217 -59.25 -10.05 -18.24
N GLY C 218 -60.02 -9.84 -17.20
CA GLY C 218 -61.21 -9.02 -17.32
C GLY C 218 -62.50 -9.77 -17.37
N ASP C 219 -62.48 -11.10 -17.20
CA ASP C 219 -63.73 -11.85 -17.06
C ASP C 219 -64.41 -11.52 -15.75
N ILE C 220 -63.63 -11.33 -14.69
CA ILE C 220 -64.11 -10.88 -13.39
C ILE C 220 -63.51 -9.51 -13.11
N HIS C 221 -64.38 -8.52 -12.92
CA HIS C 221 -63.92 -7.16 -12.66
C HIS C 221 -64.81 -6.53 -11.59
N ALA C 222 -64.47 -5.30 -11.20
CA ALA C 222 -65.24 -4.58 -10.21
C ALA C 222 -66.40 -3.84 -10.86
N VAL C 223 -67.53 -3.80 -10.16
CA VAL C 223 -68.75 -3.21 -10.68
C VAL C 223 -69.28 -2.10 -9.78
N ASN C 224 -69.32 -2.36 -8.47
CA ASN C 224 -69.84 -1.39 -7.52
C ASN C 224 -68.91 -0.21 -7.33
N LEU C 225 -69.32 0.74 -6.51
CA LEU C 225 -68.47 1.88 -6.21
C LEU C 225 -67.52 1.58 -5.07
N ARG C 226 -67.82 0.58 -4.25
CA ARG C 226 -66.94 0.12 -3.19
C ARG C 226 -65.92 -0.90 -3.66
N GLU C 227 -66.21 -1.62 -4.75
CA GLU C 227 -65.25 -2.57 -5.29
C GLU C 227 -64.20 -1.87 -6.16
N MET C 228 -64.50 -0.69 -6.68
CA MET C 228 -63.48 0.06 -7.40
C MET C 228 -62.42 0.60 -6.45
N ILE C 229 -62.86 1.22 -5.35
CA ILE C 229 -61.93 1.82 -4.39
C ILE C 229 -61.05 0.75 -3.76
N PHE C 230 -61.54 -0.48 -3.67
CA PHE C 230 -60.71 -1.54 -3.13
C PHE C 230 -59.63 -1.97 -4.12
N VAL C 231 -59.99 -2.09 -5.40
CA VAL C 231 -59.02 -2.55 -6.39
C VAL C 231 -57.94 -1.49 -6.61
N MET C 232 -58.29 -0.20 -6.55
CA MET C 232 -57.26 0.82 -6.68
C MET C 232 -56.20 0.66 -5.60
N ILE C 233 -56.62 0.52 -4.35
CA ILE C 233 -55.68 0.36 -3.23
C ILE C 233 -54.88 -0.93 -3.41
N TYR C 234 -55.56 -2.02 -3.77
CA TYR C 234 -54.88 -3.31 -3.87
C TYR C 234 -53.80 -3.28 -4.94
N VAL C 235 -54.10 -2.73 -6.11
CA VAL C 235 -53.10 -2.70 -7.16
C VAL C 235 -51.99 -1.71 -6.85
N SER C 236 -52.31 -0.59 -6.19
CA SER C 236 -51.26 0.36 -5.82
C SER C 236 -50.26 -0.27 -4.85
N PHE C 237 -50.75 -1.08 -3.92
CA PHE C 237 -49.86 -1.74 -2.97
C PHE C 237 -49.09 -2.90 -3.64
N ASP C 238 -49.79 -3.65 -4.50
CA ASP C 238 -49.16 -4.76 -5.22
C ASP C 238 -48.02 -4.27 -6.10
N MET C 239 -48.14 -3.07 -6.67
CA MET C 239 -47.07 -2.55 -7.53
C MET C 239 -45.75 -2.46 -6.78
N VAL C 240 -45.77 -1.86 -5.59
CA VAL C 240 -44.55 -1.72 -4.81
C VAL C 240 -44.06 -3.08 -4.33
N LEU C 241 -44.98 -3.99 -4.00
CA LEU C 241 -44.55 -5.34 -3.61
C LEU C 241 -43.80 -6.03 -4.73
N GLY C 242 -44.31 -5.93 -5.96
CA GLY C 242 -43.65 -6.57 -7.08
C GLY C 242 -42.31 -5.93 -7.41
N ALA C 243 -42.22 -4.61 -7.27
CA ALA C 243 -40.94 -3.94 -7.46
C ALA C 243 -39.92 -4.42 -6.44
N TYR C 244 -40.35 -4.62 -5.19
CA TYR C 244 -39.45 -5.15 -4.17
C TYR C 244 -38.97 -6.55 -4.54
N LEU C 245 -39.88 -7.40 -5.02
CA LEU C 245 -39.48 -8.76 -5.41
C LEU C 245 -38.43 -8.72 -6.52
N ILE C 246 -38.67 -7.91 -7.55
CA ILE C 246 -37.70 -7.81 -8.64
C ILE C 246 -36.36 -7.30 -8.12
N GLY C 247 -36.38 -6.32 -7.23
CA GLY C 247 -35.13 -5.78 -6.70
C GLY C 247 -34.34 -6.80 -5.90
N ASN C 248 -35.02 -7.59 -5.06
CA ASN C 248 -34.31 -8.59 -4.29
C ASN C 248 -33.72 -9.69 -5.17
N ILE C 249 -34.47 -10.14 -6.18
CA ILE C 249 -33.90 -11.14 -7.07
C ILE C 249 -32.71 -10.57 -7.83
N THR C 250 -32.80 -9.30 -8.24
CA THR C 250 -31.69 -8.66 -8.93
C THR C 250 -30.45 -8.60 -8.05
N ALA C 251 -30.62 -8.23 -6.79
CA ALA C 251 -29.45 -8.19 -5.89
C ALA C 251 -28.85 -9.58 -5.72
N LEU C 252 -29.69 -10.59 -5.51
CA LEU C 252 -29.18 -11.95 -5.35
C LEU C 252 -28.36 -12.36 -6.57
N ILE C 253 -28.84 -12.05 -7.77
CA ILE C 253 -28.10 -12.43 -8.96
C ILE C 253 -26.82 -11.61 -9.09
N VAL C 254 -26.89 -10.31 -8.81
CA VAL C 254 -25.73 -9.43 -9.01
C VAL C 254 -24.63 -9.67 -7.99
N LYS C 255 -24.89 -10.45 -6.94
CA LYS C 255 -23.80 -10.81 -6.03
C LYS C 255 -22.65 -11.50 -6.78
N GLY C 256 -22.97 -12.48 -7.62
CA GLY C 256 -21.98 -13.10 -8.48
C GLY C 256 -22.02 -14.61 -8.40
N SER C 257 -21.19 -15.23 -9.25
CA SER C 257 -21.07 -16.67 -9.31
C SER C 257 -19.68 -17.05 -9.82
N ASN C 258 -19.33 -18.32 -9.61
CA ASN C 258 -17.98 -18.78 -9.96
C ASN C 258 -17.74 -18.77 -11.45
N THR C 259 -18.71 -19.22 -12.25
CA THR C 259 -18.55 -19.23 -13.70
C THR C 259 -18.39 -17.81 -14.23
N GLU C 260 -19.14 -16.86 -13.66
CA GLU C 260 -19.00 -15.47 -14.08
C GLU C 260 -17.60 -14.94 -13.81
N ARG C 261 -17.05 -15.22 -12.63
CA ARG C 261 -15.70 -14.78 -12.31
C ARG C 261 -14.68 -15.42 -13.24
N PHE C 262 -14.83 -16.71 -13.51
CA PHE C 262 -13.89 -17.38 -14.42
C PHE C 262 -13.97 -16.77 -15.81
N ARG C 263 -15.18 -16.47 -16.28
CA ARG C 263 -15.32 -15.90 -17.61
C ARG C 263 -14.72 -14.51 -17.68
N ASP C 264 -14.83 -13.72 -16.61
CA ASP C 264 -14.16 -12.42 -16.58
C ASP C 264 -12.64 -12.58 -16.61
N LYS C 265 -12.12 -13.52 -15.83
CA LYS C 265 -10.67 -13.76 -15.83
C LYS C 265 -10.19 -14.19 -17.21
N MET C 266 -10.93 -15.10 -17.87
CA MET C 266 -10.54 -15.53 -19.19
C MET C 266 -10.75 -14.44 -20.23
N ASN C 267 -11.69 -13.53 -20.01
CA ASN C 267 -11.81 -12.36 -20.88
C ASN C 267 -10.54 -11.52 -20.84
N ASP C 268 -10.08 -11.19 -19.62
CA ASP C 268 -8.84 -10.43 -19.50
C ASP C 268 -7.67 -11.19 -20.12
N LEU C 269 -7.59 -12.50 -19.85
CA LEU C 269 -6.49 -13.29 -20.38
C LEU C 269 -6.50 -13.32 -21.90
N ILE C 270 -7.66 -13.57 -22.51
CA ILE C 270 -7.71 -13.69 -23.97
C ILE C 270 -7.42 -12.35 -24.61
N SER C 271 -7.86 -11.25 -23.99
CA SER C 271 -7.50 -9.94 -24.52
C SER C 271 -5.98 -9.75 -24.52
N PHE C 272 -5.34 -9.99 -23.37
CA PHE C 272 -3.90 -9.79 -23.28
C PHE C 272 -3.14 -10.72 -24.22
N MET C 273 -3.62 -11.96 -24.37
CA MET C 273 -2.92 -12.95 -25.17
C MET C 273 -3.08 -12.72 -26.67
N ASN C 274 -4.27 -12.33 -27.13
CA ASN C 274 -4.41 -11.98 -28.53
C ASN C 274 -3.66 -10.70 -28.86
N ARG C 275 -3.60 -9.76 -27.91
CA ARG C 275 -2.90 -8.50 -28.14
C ARG C 275 -1.41 -8.73 -28.40
N LYS C 276 -0.77 -9.58 -27.60
CA LYS C 276 0.66 -9.81 -27.70
C LYS C 276 1.03 -10.81 -28.79
N LYS C 277 0.05 -11.45 -29.42
CA LYS C 277 0.26 -12.33 -30.57
C LYS C 277 1.14 -13.53 -30.20
N LEU C 278 0.84 -14.18 -29.08
CA LEU C 278 1.57 -15.38 -28.71
C LEU C 278 1.01 -16.60 -29.44
N GLY C 279 1.76 -17.70 -29.37
CA GLY C 279 1.42 -18.88 -30.14
C GLY C 279 0.22 -19.62 -29.58
N ARG C 280 -0.39 -20.43 -30.46
CA ARG C 280 -1.61 -21.13 -30.11
C ARG C 280 -1.37 -22.24 -29.08
N ASP C 281 -0.24 -22.93 -29.16
CA ASP C 281 0.07 -23.95 -28.15
C ASP C 281 0.22 -23.31 -26.77
N LEU C 282 0.84 -22.13 -26.70
CA LEU C 282 0.89 -21.39 -25.45
C LEU C 282 -0.51 -20.99 -24.99
N ARG C 283 -1.37 -20.63 -25.94
CA ARG C 283 -2.76 -20.31 -25.60
C ARG C 283 -3.45 -21.50 -24.95
N SER C 284 -3.28 -22.69 -25.53
CA SER C 284 -3.88 -23.89 -24.97
C SER C 284 -3.32 -24.19 -23.58
N GLN C 285 -2.00 -24.07 -23.42
CA GLN C 285 -1.39 -24.33 -22.11
C GLN C 285 -1.95 -23.38 -21.06
N ILE C 286 -2.01 -22.09 -21.39
CA ILE C 286 -2.49 -21.09 -20.42
C ILE C 286 -3.95 -21.33 -20.08
N THR C 287 -4.79 -21.59 -21.08
CA THR C 287 -6.21 -21.78 -20.80
C THR C 287 -6.45 -23.04 -19.99
N GLY C 288 -5.69 -24.12 -20.27
CA GLY C 288 -5.83 -25.31 -19.46
C GLY C 288 -5.41 -25.08 -18.01
N HIS C 289 -4.29 -24.38 -17.82
CA HIS C 289 -3.83 -24.13 -16.45
C HIS C 289 -4.83 -23.26 -15.69
N VAL C 290 -5.36 -22.22 -16.33
CA VAL C 290 -6.30 -21.34 -15.63
C VAL C 290 -7.62 -22.06 -15.38
N ARG C 291 -8.03 -22.95 -16.30
CA ARG C 291 -9.23 -23.75 -16.06
C ARG C 291 -9.07 -24.65 -14.85
N LEU C 292 -7.91 -25.31 -14.73
CA LEU C 292 -7.64 -26.07 -13.51
C LEU C 292 -7.63 -25.15 -12.30
N GLN C 293 -7.00 -23.99 -12.42
CA GLN C 293 -6.87 -23.06 -11.31
C GLN C 293 -8.22 -22.69 -10.74
N TYR C 294 -9.18 -22.39 -11.62
CA TYR C 294 -10.53 -22.06 -11.14
C TYR C 294 -11.43 -23.21 -10.70
N ASP C 295 -11.16 -24.44 -11.14
CA ASP C 295 -11.87 -25.59 -10.58
C ASP C 295 -11.23 -26.16 -9.30
N SER C 296 -10.00 -25.72 -9.03
CA SER C 296 -9.24 -26.18 -7.87
C SER C 296 -9.58 -25.26 -6.71
N HIS C 297 -10.45 -24.27 -6.93
CA HIS C 297 -10.80 -23.28 -5.91
C HIS C 297 -9.55 -22.55 -5.41
N TYR C 298 -8.77 -22.05 -6.37
CA TYR C 298 -7.55 -21.32 -6.03
C TYR C 298 -7.84 -19.97 -5.41
N THR C 299 -9.00 -19.37 -5.72
CA THR C 299 -9.32 -18.03 -5.22
C THR C 299 -9.62 -18.00 -3.73
N ASP C 300 -9.72 -19.17 -3.07
CA ASP C 300 -9.92 -19.16 -1.63
C ASP C 300 -8.69 -18.65 -0.90
N THR C 301 -7.50 -18.81 -1.50
CA THR C 301 -6.27 -18.38 -0.84
C THR C 301 -6.26 -16.88 -0.60
N VAL C 302 -6.63 -16.09 -1.61
CA VAL C 302 -6.65 -14.64 -1.45
C VAL C 302 -7.80 -14.23 -0.53
N MET C 303 -8.94 -14.91 -0.63
CA MET C 303 -10.06 -14.59 0.25
C MET C 303 -9.68 -14.77 1.71
N LEU C 304 -8.98 -15.87 2.02
CA LEU C 304 -8.45 -16.04 3.36
C LEU C 304 -7.37 -15.01 3.65
N GLN C 305 -6.62 -14.60 2.63
CA GLN C 305 -5.53 -13.66 2.79
C GLN C 305 -5.98 -12.29 3.24
N ASP C 306 -7.26 -11.94 3.06
CA ASP C 306 -7.75 -10.61 3.37
C ASP C 306 -8.02 -10.51 4.87
N ILE C 307 -7.02 -10.03 5.61
CA ILE C 307 -7.12 -9.74 7.03
C ILE C 307 -7.62 -10.91 7.85
N PRO C 308 -6.91 -12.04 7.90
CA PRO C 308 -7.10 -12.96 9.02
C PRO C 308 -6.20 -12.53 10.18
N ALA C 309 -5.08 -11.90 9.83
CA ALA C 309 -4.16 -11.32 10.81
C ALA C 309 -3.63 -12.38 11.79
N SER C 310 -2.89 -13.36 11.26
CA SER C 310 -2.03 -14.30 11.98
C SER C 310 -2.78 -15.40 12.71
N ILE C 311 -4.11 -15.46 12.64
CA ILE C 311 -4.83 -16.60 13.23
C ILE C 311 -4.84 -17.72 12.21
N ARG C 312 -4.15 -17.50 11.08
CA ARG C 312 -3.90 -18.55 10.10
C ARG C 312 -3.02 -19.66 10.68
N ALA C 313 -2.38 -19.40 11.82
CA ALA C 313 -1.39 -20.33 12.36
C ALA C 313 -1.98 -21.72 12.52
N LYS C 314 -2.99 -21.85 13.37
CA LYS C 314 -3.58 -23.16 13.66
C LYS C 314 -4.25 -23.78 12.44
N ILE C 315 -4.83 -22.97 11.56
CA ILE C 315 -5.41 -23.50 10.32
C ILE C 315 -4.34 -24.21 9.50
N ALA C 316 -3.20 -23.53 9.30
CA ALA C 316 -2.09 -24.16 8.59
C ALA C 316 -1.56 -25.36 9.35
N GLN C 317 -1.47 -25.28 10.68
CA GLN C 317 -0.94 -26.39 11.47
C GLN C 317 -1.78 -27.64 11.28
N LEU C 318 -3.10 -27.49 11.30
CA LEU C 318 -4.00 -28.62 11.16
C LEU C 318 -4.15 -29.06 9.71
N LEU C 319 -3.86 -28.19 8.74
CA LEU C 319 -4.10 -28.51 7.33
C LEU C 319 -2.88 -29.04 6.59
N TYR C 320 -1.66 -28.63 6.96
CA TYR C 320 -0.49 -28.95 6.15
C TYR C 320 0.51 -29.87 6.84
N LEU C 321 0.59 -29.86 8.17
CA LEU C 321 1.52 -30.70 8.92
C LEU C 321 1.46 -32.18 8.52
N PRO C 322 0.30 -32.74 8.16
CA PRO C 322 0.29 -34.13 7.69
C PRO C 322 1.29 -34.42 6.59
N TYR C 323 1.53 -33.50 5.67
CA TYR C 323 2.45 -33.72 4.56
C TYR C 323 3.85 -33.17 4.82
N ILE C 324 4.12 -32.66 6.02
CA ILE C 324 5.37 -31.94 6.26
C ILE C 324 6.41 -32.86 6.89
N LYS C 325 6.10 -33.43 8.05
CA LYS C 325 7.07 -34.28 8.73
C LYS C 325 7.41 -35.54 7.93
N LYS C 326 6.56 -35.92 6.98
CA LYS C 326 6.77 -37.17 6.27
C LYS C 326 7.92 -37.09 5.28
N VAL C 327 8.21 -35.89 4.78
CA VAL C 327 9.19 -35.77 3.69
C VAL C 327 10.57 -36.15 4.20
N PRO C 328 11.36 -36.95 3.46
CA PRO C 328 12.68 -37.39 3.90
C PRO C 328 13.75 -36.29 3.83
N LEU C 329 13.41 -35.11 4.36
CA LEU C 329 14.41 -34.07 4.60
C LEU C 329 14.20 -33.37 5.93
N PHE C 330 13.18 -33.75 6.70
CA PHE C 330 12.89 -33.13 7.98
C PHE C 330 13.09 -34.06 9.15
N LYS C 331 13.57 -35.28 8.92
CA LYS C 331 13.67 -36.27 10.01
C LYS C 331 14.58 -35.77 11.13
N GLY C 332 14.00 -35.61 12.33
CA GLY C 332 14.77 -35.17 13.48
C GLY C 332 14.97 -33.67 13.59
N CYS C 333 14.21 -32.87 12.86
CA CYS C 333 14.33 -31.42 12.94
C CYS C 333 13.46 -30.88 14.06
N SER C 334 13.61 -29.59 14.33
CA SER C 334 12.91 -28.97 15.45
C SER C 334 11.43 -28.77 15.15
N THR C 335 10.62 -28.70 16.22
CA THR C 335 9.18 -28.55 16.06
C THR C 335 8.81 -27.14 15.60
N GLU C 336 9.40 -26.12 16.22
CA GLU C 336 9.10 -24.75 15.80
C GLU C 336 9.64 -24.48 14.40
N PHE C 337 10.71 -25.18 14.01
CA PHE C 337 11.23 -25.06 12.66
C PHE C 337 10.22 -25.57 11.64
N ILE C 338 9.48 -26.61 11.99
CA ILE C 338 8.39 -27.07 11.14
C ILE C 338 7.23 -26.07 11.19
N ASN C 339 6.93 -25.56 12.39
CA ASN C 339 5.82 -24.62 12.55
C ASN C 339 5.99 -23.41 11.64
N GLN C 340 7.19 -22.84 11.63
CA GLN C 340 7.41 -21.57 10.93
C GLN C 340 7.43 -21.75 9.42
N ILE C 341 7.98 -22.88 8.93
CA ILE C 341 7.90 -23.13 7.50
C ILE C 341 6.45 -23.38 7.10
N VAL C 342 5.67 -24.03 7.97
CA VAL C 342 4.29 -24.33 7.63
C VAL C 342 3.46 -23.06 7.55
N ILE C 343 3.67 -22.11 8.47
CA ILE C 343 2.85 -20.89 8.45
C ILE C 343 3.06 -20.09 7.17
N ARG C 344 4.10 -20.39 6.40
CA ARG C 344 4.37 -19.73 5.12
C ARG C 344 4.43 -20.80 4.04
N LEU C 345 3.28 -21.10 3.43
CA LEU C 345 3.20 -22.12 2.40
C LEU C 345 2.04 -21.82 1.47
N HIS C 346 2.08 -22.40 0.28
CA HIS C 346 1.02 -22.25 -0.71
C HIS C 346 0.93 -23.52 -1.53
N GLU C 347 -0.28 -23.89 -1.92
CA GLU C 347 -0.49 -25.06 -2.76
C GLU C 347 -0.71 -24.64 -4.22
N GLU C 348 -0.55 -25.61 -5.12
CA GLU C 348 -0.73 -25.34 -6.54
C GLU C 348 -0.90 -26.67 -7.27
N TYR C 349 -1.66 -26.62 -8.36
CA TYR C 349 -1.96 -27.79 -9.18
C TYR C 349 -1.41 -27.58 -10.58
N PHE C 350 -0.75 -28.60 -11.12
CA PHE C 350 -0.15 -28.53 -12.45
C PHE C 350 -0.69 -29.66 -13.32
N LEU C 351 -1.15 -29.31 -14.53
CA LEU C 351 -1.57 -30.28 -15.52
C LEU C 351 -0.37 -30.96 -16.15
N PRO C 352 -0.54 -32.17 -16.71
CA PRO C 352 0.58 -32.85 -17.36
C PRO C 352 1.16 -32.03 -18.51
N GLY C 353 2.47 -32.17 -18.70
CA GLY C 353 3.20 -31.49 -19.75
C GLY C 353 3.99 -30.28 -19.28
N GLU C 354 3.68 -29.76 -18.09
CA GLU C 354 4.35 -28.59 -17.56
C GLU C 354 5.71 -28.96 -16.96
N VAL C 355 6.57 -27.95 -16.83
CA VAL C 355 7.87 -28.09 -16.19
C VAL C 355 7.89 -27.16 -14.99
N ILE C 356 8.16 -27.71 -13.81
CA ILE C 356 8.10 -26.92 -12.59
C ILE C 356 9.43 -26.23 -12.33
N THR C 357 10.54 -26.93 -12.60
CA THR C 357 11.86 -26.39 -12.31
C THR C 357 12.81 -26.80 -13.41
N GLU C 358 13.50 -25.83 -14.00
CA GLU C 358 14.50 -26.09 -15.02
C GLU C 358 15.88 -26.16 -14.37
N GLN C 359 16.73 -27.05 -14.88
CA GLN C 359 18.06 -27.18 -14.30
C GLN C 359 18.89 -25.92 -14.54
N GLY C 360 18.64 -25.21 -15.65
CA GLY C 360 19.45 -24.06 -15.98
C GLY C 360 19.28 -22.91 -15.00
N ASN C 361 18.04 -22.54 -14.71
CA ASN C 361 17.79 -21.38 -13.86
C ASN C 361 17.89 -21.74 -12.40
N VAL C 362 18.33 -20.76 -11.59
CA VAL C 362 18.44 -20.95 -10.16
C VAL C 362 17.06 -21.15 -9.56
N VAL C 363 17.02 -21.76 -8.38
CA VAL C 363 15.76 -22.00 -7.69
C VAL C 363 15.36 -20.75 -6.92
N ASP C 364 14.06 -20.52 -6.81
CA ASP C 364 13.54 -19.42 -6.02
C ASP C 364 12.43 -19.92 -5.10
N HIS C 365 11.74 -20.98 -5.52
CA HIS C 365 10.78 -21.70 -4.71
C HIS C 365 11.10 -23.19 -4.77
N LEU C 366 11.06 -23.86 -3.62
CA LEU C 366 11.22 -25.30 -3.55
C LEU C 366 9.88 -25.92 -3.21
N TYR C 367 9.57 -27.05 -3.83
CA TYR C 367 8.21 -27.60 -3.84
C TYR C 367 8.18 -28.93 -3.10
N PHE C 368 7.31 -29.01 -2.10
CA PHE C 368 7.03 -30.27 -1.42
C PHE C 368 5.85 -30.95 -2.08
N VAL C 369 6.02 -32.21 -2.46
CA VAL C 369 4.98 -32.96 -3.15
C VAL C 369 4.11 -33.66 -2.11
N CYS C 370 2.80 -33.41 -2.16
CA CYS C 370 1.85 -34.07 -1.28
C CYS C 370 0.88 -34.98 -2.00
N GLU C 371 0.63 -34.74 -3.30
CA GLU C 371 -0.21 -35.61 -4.09
C GLU C 371 0.28 -35.57 -5.53
N GLY C 372 -0.10 -36.58 -6.30
CA GLY C 372 0.30 -36.66 -7.69
C GLY C 372 1.70 -37.21 -7.85
N LEU C 373 2.10 -37.36 -9.12
CA LEU C 373 3.41 -37.89 -9.47
C LEU C 373 4.06 -36.95 -10.47
N LEU C 374 5.38 -36.80 -10.34
CA LEU C 374 6.16 -35.95 -11.23
C LEU C 374 7.52 -36.58 -11.44
N GLU C 375 8.19 -36.19 -12.53
CA GLU C 375 9.45 -36.80 -12.93
C GLU C 375 10.57 -35.77 -12.91
N ALA C 376 11.67 -36.12 -12.28
CA ALA C 376 12.90 -35.33 -12.32
C ALA C 376 13.81 -35.90 -13.40
N LEU C 377 14.68 -35.04 -13.95
CA LEU C 377 15.58 -35.46 -15.01
C LEU C 377 16.67 -34.41 -15.19
N VAL C 378 17.92 -34.85 -15.26
CA VAL C 378 19.04 -33.95 -15.51
C VAL C 378 19.27 -33.87 -17.01
N THR C 379 19.63 -32.67 -17.49
CA THR C 379 19.93 -32.51 -18.90
C THR C 379 21.17 -33.34 -19.23
N LYS C 380 20.95 -34.46 -19.92
CA LYS C 380 22.01 -35.41 -20.17
C LYS C 380 23.06 -34.82 -21.10
N THR C 381 24.34 -35.09 -20.79
CA THR C 381 25.44 -34.60 -21.61
C THR C 381 25.46 -35.23 -22.99
N ASP C 382 24.72 -36.32 -23.22
CA ASP C 382 24.57 -36.91 -24.54
C ASP C 382 23.69 -36.06 -25.45
N GLY C 383 22.98 -35.08 -24.92
CA GLY C 383 22.05 -34.28 -25.68
C GLY C 383 20.60 -34.60 -25.45
N SER C 384 20.24 -35.07 -24.26
CA SER C 384 18.87 -35.46 -23.95
C SER C 384 18.63 -35.20 -22.47
N GLU C 385 17.57 -35.81 -21.92
CA GLU C 385 17.17 -35.57 -20.54
C GLU C 385 17.12 -36.81 -19.67
N GLU C 386 16.99 -38.01 -20.25
CA GLU C 386 16.92 -39.29 -19.55
C GLU C 386 15.95 -39.24 -18.37
N SER C 387 16.15 -40.10 -17.37
CA SER C 387 15.23 -40.16 -16.23
C SER C 387 15.96 -40.70 -15.02
N VAL C 388 15.66 -40.14 -13.84
CA VAL C 388 16.32 -40.53 -12.60
C VAL C 388 15.31 -41.06 -11.57
N THR C 389 14.35 -40.23 -11.16
CA THR C 389 13.46 -40.61 -10.07
C THR C 389 12.04 -40.14 -10.37
N LEU C 390 11.06 -40.92 -9.90
CA LEU C 390 9.64 -40.61 -10.05
C LEU C 390 9.08 -40.42 -8.64
N LEU C 391 9.15 -39.17 -8.17
CA LEU C 391 8.81 -38.83 -6.79
C LEU C 391 7.31 -38.60 -6.70
N GLY C 392 6.63 -39.61 -6.17
CA GLY C 392 5.22 -39.52 -5.85
C GLY C 392 4.74 -39.16 -4.45
N PRO C 393 5.13 -39.90 -3.40
CA PRO C 393 4.55 -39.50 -2.10
C PRO C 393 5.39 -38.78 -1.03
N HIS C 394 4.95 -37.62 -0.53
CA HIS C 394 5.62 -36.98 0.60
C HIS C 394 7.09 -36.69 0.33
N THR C 395 7.42 -36.12 -0.83
CA THR C 395 8.80 -35.92 -1.25
C THR C 395 8.95 -34.49 -1.74
N SER C 396 10.16 -33.95 -1.62
CA SER C 396 10.42 -32.57 -2.04
C SER C 396 11.61 -32.54 -3.00
N PHE C 397 11.65 -31.49 -3.81
CA PHE C 397 12.74 -31.25 -4.73
C PHE C 397 13.06 -29.76 -4.76
N GLY C 398 14.31 -29.45 -5.05
CA GLY C 398 14.81 -28.09 -5.00
C GLY C 398 15.59 -27.76 -3.73
N ASP C 399 15.43 -28.55 -2.67
CA ASP C 399 16.20 -28.33 -1.45
C ASP C 399 17.69 -28.53 -1.70
N ILE C 400 18.05 -29.57 -2.45
CA ILE C 400 19.45 -29.85 -2.71
C ILE C 400 20.13 -28.67 -3.37
N SER C 401 19.37 -27.86 -4.12
CA SER C 401 19.93 -26.62 -4.66
C SER C 401 20.15 -25.59 -3.56
N ILE C 402 19.22 -25.51 -2.60
CA ILE C 402 19.38 -24.54 -1.52
C ILE C 402 20.54 -24.91 -0.61
N ILE C 403 20.93 -26.18 -0.58
CA ILE C 403 22.09 -26.57 0.23
C ILE C 403 23.39 -26.49 -0.56
N CYS C 404 23.40 -26.98 -1.80
CA CYS C 404 24.62 -26.98 -2.60
C CYS C 404 24.97 -25.59 -3.13
N ASN C 405 24.01 -24.66 -3.11
CA ASN C 405 24.23 -23.29 -3.59
C ASN C 405 24.68 -23.27 -5.05
N ILE C 406 24.08 -24.13 -5.87
CA ILE C 406 24.38 -24.19 -7.30
C ILE C 406 23.08 -24.29 -8.08
N SER C 407 23.19 -24.46 -9.40
CA SER C 407 22.01 -24.62 -10.24
C SER C 407 21.32 -25.95 -9.94
N GLN C 408 20.11 -26.08 -10.46
CA GLN C 408 19.31 -27.27 -10.19
C GLN C 408 19.95 -28.49 -10.84
N PRO C 409 20.24 -29.55 -10.08
CA PRO C 409 20.82 -30.74 -10.70
C PRO C 409 19.85 -31.37 -11.69
N PHE C 410 18.55 -31.35 -11.42
CA PHE C 410 17.56 -31.93 -12.31
C PHE C 410 16.46 -30.99 -12.76
N THR C 411 16.13 -31.05 -14.05
CA THR C 411 14.90 -30.43 -14.55
C THR C 411 13.75 -31.36 -14.17
N VAL C 412 12.70 -30.80 -13.59
CA VAL C 412 11.58 -31.58 -13.07
C VAL C 412 10.34 -31.20 -13.86
N ARG C 413 9.80 -32.15 -14.62
CA ARG C 413 8.53 -31.97 -15.30
C ARG C 413 7.46 -32.82 -14.65
N VAL C 414 6.20 -32.43 -14.88
CA VAL C 414 5.08 -33.11 -14.25
C VAL C 414 4.74 -34.39 -14.99
N CYS C 415 3.92 -35.22 -14.35
CA CYS C 415 3.37 -36.43 -14.96
C CYS C 415 1.85 -36.40 -15.02
N GLU C 416 1.20 -36.05 -13.92
CA GLU C 416 -0.26 -35.88 -13.89
C GLU C 416 -0.57 -34.73 -12.94
N LEU C 417 -1.86 -34.50 -12.69
CA LEU C 417 -2.28 -33.48 -11.74
C LEU C 417 -1.64 -33.73 -10.39
N CYS C 418 -0.85 -32.75 -9.91
CA CYS C 418 -0.07 -32.90 -8.69
C CYS C 418 -0.39 -31.77 -7.73
N HIS C 419 -0.67 -32.13 -6.47
CA HIS C 419 -0.92 -31.17 -5.41
C HIS C 419 0.42 -30.88 -4.73
N LEU C 420 1.01 -29.73 -5.06
CA LEU C 420 2.34 -29.38 -4.58
C LEU C 420 2.27 -28.19 -3.64
N LEU C 421 2.98 -28.31 -2.52
CA LEU C 421 3.14 -27.21 -1.58
C LEU C 421 4.47 -26.52 -1.86
N ARG C 422 4.46 -25.20 -1.91
CA ARG C 422 5.59 -24.42 -2.41
C ARG C 422 6.02 -23.39 -1.37
N LEU C 423 7.33 -23.33 -1.13
CA LEU C 423 7.93 -22.35 -0.24
C LEU C 423 9.05 -21.62 -0.97
N ASP C 424 9.14 -20.31 -0.77
CA ASP C 424 10.20 -19.54 -1.41
C ASP C 424 11.55 -19.77 -0.73
N LYS C 425 12.62 -19.53 -1.48
CA LYS C 425 13.97 -19.70 -0.94
C LYS C 425 14.30 -18.62 0.07
N GLN C 426 13.74 -17.41 -0.11
CA GLN C 426 14.09 -16.30 0.77
C GLN C 426 13.67 -16.57 2.21
N SER C 427 12.43 -17.00 2.41
CA SER C 427 11.98 -17.30 3.76
C SER C 427 12.67 -18.54 4.34
N PHE C 428 13.04 -19.50 3.49
CA PHE C 428 13.81 -20.63 3.99
C PHE C 428 15.16 -20.19 4.54
N SER C 429 15.85 -19.29 3.84
CA SER C 429 17.12 -18.77 4.37
C SER C 429 16.86 -17.95 5.62
N ASN C 430 15.81 -17.11 5.60
CA ASN C 430 15.49 -16.24 6.73
C ASN C 430 14.97 -17.01 7.93
N ILE C 431 14.62 -18.28 7.77
CA ILE C 431 14.29 -19.10 8.93
C ILE C 431 15.40 -20.09 9.26
N LEU C 432 16.29 -20.38 8.31
CA LEU C 432 17.52 -21.09 8.66
C LEU C 432 18.42 -20.23 9.54
N GLU C 433 18.40 -18.92 9.33
CA GLU C 433 19.25 -18.05 10.13
C GLU C 433 18.82 -18.03 11.59
N ILE C 434 17.50 -18.09 11.86
CA ILE C 434 17.06 -18.09 13.24
C ILE C 434 17.19 -19.47 13.88
N TYR C 435 16.79 -20.47 13.09
CA TYR C 435 16.93 -21.87 13.53
C TYR C 435 18.16 -22.39 12.81
N PHE C 436 19.29 -21.73 13.03
CA PHE C 436 20.56 -22.11 12.37
C PHE C 436 20.92 -23.53 12.82
N HIS C 437 20.75 -23.83 14.10
CA HIS C 437 21.18 -25.17 14.58
C HIS C 437 20.27 -26.20 13.92
N ASP C 438 19.02 -25.81 13.71
CA ASP C 438 18.02 -26.73 13.09
C ASP C 438 18.41 -26.98 11.62
N GLY C 439 18.76 -25.93 10.89
CA GLY C 439 19.22 -26.18 9.52
C GLY C 439 20.53 -26.93 9.57
N ARG C 440 21.26 -26.77 10.68
CA ARG C 440 22.52 -27.53 10.82
C ARG C 440 22.15 -29.02 10.76
N THR C 441 21.18 -29.43 11.56
CA THR C 441 20.74 -30.84 11.44
C THR C 441 20.25 -31.07 10.01
N ILE C 442 19.62 -30.06 9.44
CA ILE C 442 18.99 -30.25 8.09
C ILE C 442 20.02 -30.66 7.03
N LEU C 443 21.17 -29.97 7.01
CA LEU C 443 22.22 -30.40 6.05
C LEU C 443 22.73 -31.78 6.49
N ASN C 444 22.80 -32.02 7.81
CA ASN C 444 23.21 -33.39 8.24
C ASN C 444 22.26 -34.36 7.57
N ASN C 445 20.97 -34.09 7.68
CA ASN C 445 19.93 -34.98 7.11
C ASN C 445 20.20 -35.19 5.62
N ILE C 446 20.32 -34.11 4.87
CA ILE C 446 20.46 -34.32 3.40
C ILE C 446 21.72 -35.14 3.12
N MET C 447 22.83 -34.87 3.79
CA MET C 447 24.09 -35.60 3.42
C MET C 447 23.99 -37.08 3.82
N GLU C 448 23.36 -37.38 4.97
CA GLU C 448 23.29 -38.79 5.42
C GLU C 448 22.35 -39.50 4.46
N GLU C 449 21.39 -38.75 3.94
CA GLU C 449 20.43 -39.33 2.97
C GLU C 449 21.20 -39.65 1.69
N LYS C 450 22.09 -38.75 1.28
CA LYS C 450 22.92 -38.99 0.07
C LYS C 450 23.74 -40.25 0.33
N GLU C 451 24.23 -40.40 1.55
CA GLU C 451 24.97 -41.65 1.88
C GLU C 451 24.05 -42.84 1.61
N SER C 452 22.89 -42.88 2.27
CA SER C 452 21.97 -44.05 2.13
C SER C 452 21.35 -44.15 0.73
N ASN C 453 20.46 -43.22 0.37
CA ASN C 453 19.79 -43.26 -0.92
C ASN C 453 20.59 -42.40 -1.90
N ASP C 454 21.61 -43.02 -2.51
CA ASP C 454 22.47 -42.30 -3.44
C ASP C 454 21.78 -41.94 -4.75
N ARG C 455 20.73 -42.67 -5.12
CA ARG C 455 20.03 -42.40 -6.37
C ARG C 455 19.15 -41.16 -6.29
N ILE C 456 19.03 -40.54 -5.13
CA ILE C 456 18.14 -39.38 -4.97
C ILE C 456 18.85 -38.12 -5.47
N LYS C 457 19.94 -37.72 -4.82
CA LYS C 457 20.64 -36.50 -5.22
C LYS C 457 22.15 -36.62 -5.10
N LYS C 458 22.71 -37.82 -4.99
CA LYS C 458 24.16 -37.96 -4.93
C LYS C 458 24.82 -37.86 -6.30
N LEU C 459 24.06 -37.95 -7.39
CA LEU C 459 24.62 -37.95 -8.74
C LEU C 459 25.06 -36.53 -9.08
N GLU C 460 26.23 -36.16 -8.53
CA GLU C 460 26.79 -34.84 -8.80
C GLU C 460 28.23 -34.80 -8.30
N SER C 461 28.48 -34.23 -7.12
CA SER C 461 29.81 -34.15 -6.53
C SER C 461 29.64 -33.94 -5.03
N ASP C 462 30.74 -33.65 -4.35
CA ASP C 462 30.71 -33.43 -2.92
C ASP C 462 30.10 -32.07 -2.59
N ILE C 463 29.49 -31.98 -1.42
CA ILE C 463 28.91 -30.73 -0.94
C ILE C 463 29.54 -30.24 0.34
N VAL C 464 30.12 -31.12 1.17
CA VAL C 464 30.68 -30.70 2.45
C VAL C 464 31.76 -29.65 2.24
N ILE C 465 32.57 -29.81 1.19
CA ILE C 465 33.55 -28.79 0.85
C ILE C 465 32.87 -27.46 0.54
N HIS C 466 31.69 -27.50 -0.11
CA HIS C 466 31.00 -26.28 -0.45
C HIS C 466 30.50 -25.55 0.80
N ILE C 467 29.95 -26.29 1.77
CA ILE C 467 29.50 -25.65 3.00
C ILE C 467 30.68 -25.13 3.81
N GLY C 468 31.77 -25.90 3.86
CA GLY C 468 32.98 -25.41 4.48
C GLY C 468 33.52 -24.15 3.83
N LYS C 469 33.41 -24.07 2.50
CA LYS C 469 33.83 -22.86 1.79
C LYS C 469 32.90 -21.70 2.08
N GLN C 470 31.60 -21.97 2.21
CA GLN C 470 30.67 -20.91 2.62
C GLN C 470 31.07 -20.34 3.97
N GLU C 471 31.34 -21.23 4.94
CA GLU C 471 31.75 -20.77 6.26
C GLU C 471 33.08 -20.02 6.20
N ALA C 472 34.05 -20.53 5.44
CA ALA C 472 35.35 -19.90 5.35
C ALA C 472 35.26 -18.53 4.68
N GLU C 473 34.45 -18.42 3.62
CA GLU C 473 34.29 -17.15 2.94
C GLU C 473 33.56 -16.14 3.82
N LEU C 474 32.59 -16.60 4.60
CA LEU C 474 31.95 -15.70 5.56
C LEU C 474 32.95 -15.25 6.62
N ALA C 475 33.87 -16.14 7.00
CA ALA C 475 34.93 -15.75 7.93
C ALA C 475 35.84 -14.68 7.32
N LEU C 476 36.24 -14.86 6.07
CA LEU C 476 37.07 -13.85 5.41
C LEU C 476 36.31 -12.54 5.27
N LYS C 477 35.01 -12.61 4.97
CA LYS C 477 34.19 -11.42 4.87
C LYS C 477 34.06 -10.71 6.21
N VAL C 478 33.90 -11.45 7.31
CA VAL C 478 33.86 -10.78 8.62
C VAL C 478 35.23 -10.23 8.99
N ASN C 479 36.31 -10.86 8.50
CA ASN C 479 37.64 -10.25 8.64
C ASN C 479 37.70 -8.91 7.94
N SER C 480 37.20 -8.86 6.69
CA SER C 480 37.14 -7.61 5.96
C SER C 480 36.24 -6.60 6.67
N ALA C 481 35.13 -7.07 7.24
CA ALA C 481 34.22 -6.17 7.95
C ALA C 481 34.90 -5.56 9.17
N ALA C 482 35.63 -6.37 9.93
CA ALA C 482 36.41 -5.83 11.04
C ALA C 482 37.48 -4.87 10.54
N PHE C 483 38.00 -5.09 9.34
CA PHE C 483 38.90 -4.12 8.73
C PHE C 483 38.18 -2.82 8.39
N GLN C 484 36.90 -2.89 8.00
CA GLN C 484 36.10 -1.70 7.78
C GLN C 484 35.36 -1.24 9.03
N GLY C 485 35.28 -2.08 10.06
CA GLY C 485 34.67 -1.67 11.31
C GLY C 485 33.21 -1.29 11.22
N ASP C 486 32.42 -2.06 10.48
CA ASP C 486 30.99 -1.78 10.31
C ASP C 486 30.23 -2.50 11.41
N PHE C 487 29.82 -1.75 12.43
CA PHE C 487 29.18 -2.34 13.60
C PHE C 487 27.89 -3.07 13.22
N TYR C 488 27.02 -2.40 12.46
CA TYR C 488 25.76 -3.01 12.07
C TYR C 488 25.98 -4.23 11.18
N GLN C 489 26.83 -4.08 10.16
CA GLN C 489 27.08 -5.18 9.24
C GLN C 489 27.79 -6.34 9.94
N LEU C 490 28.75 -6.04 10.82
CA LEU C 490 29.43 -7.12 11.55
C LEU C 490 28.45 -7.84 12.47
N LYS C 491 27.59 -7.10 13.15
CA LYS C 491 26.60 -7.74 14.02
C LYS C 491 25.65 -8.62 13.22
N SER C 492 25.17 -8.12 12.08
CA SER C 492 24.27 -8.90 11.24
C SER C 492 24.96 -10.16 10.72
N LEU C 493 26.22 -10.04 10.30
CA LEU C 493 26.95 -11.20 9.82
C LEU C 493 27.15 -12.24 10.91
N ILE C 494 27.53 -11.79 12.11
CA ILE C 494 27.79 -12.72 13.20
C ILE C 494 26.51 -13.42 13.64
N ARG C 495 25.42 -12.67 13.76
CA ARG C 495 24.15 -13.25 14.17
C ARG C 495 23.47 -14.02 13.03
N SER C 496 23.97 -13.90 11.80
CA SER C 496 23.42 -14.62 10.66
C SER C 496 23.91 -16.05 10.56
N GLY C 497 24.57 -16.58 11.58
CA GLY C 497 25.07 -17.93 11.55
C GLY C 497 26.59 -18.01 11.45
N ALA C 498 27.28 -17.09 12.12
CA ALA C 498 28.73 -17.05 12.12
C ALA C 498 29.26 -17.35 13.52
N ASP C 499 30.37 -18.09 13.57
CA ASP C 499 31.03 -18.39 14.84
C ASP C 499 32.06 -17.30 15.11
N PRO C 500 31.88 -16.48 16.15
CA PRO C 500 32.87 -15.41 16.41
C PRO C 500 34.25 -15.92 16.72
N ASN C 501 34.38 -17.13 17.25
CA ASN C 501 35.68 -17.67 17.64
C ASN C 501 36.57 -18.00 16.44
N LYS C 502 36.01 -18.02 15.23
CA LYS C 502 36.80 -18.35 14.04
C LYS C 502 37.52 -17.10 13.57
N THR C 503 38.84 -17.10 13.69
CA THR C 503 39.68 -15.98 13.32
C THR C 503 40.18 -16.16 11.88
N ASP C 504 41.18 -15.36 11.51
CA ASP C 504 41.90 -15.58 10.26
C ASP C 504 42.53 -16.96 10.27
N TYR C 505 42.65 -17.56 9.08
CA TYR C 505 43.16 -18.92 8.97
C TYR C 505 44.53 -19.05 9.60
N ASP C 506 45.38 -18.02 9.45
CA ASP C 506 46.66 -18.03 10.14
C ASP C 506 46.47 -17.91 11.66
N GLY C 507 45.50 -17.12 12.09
CA GLY C 507 45.21 -17.01 13.50
C GLY C 507 44.91 -15.60 13.97
N ARG C 508 44.96 -14.63 13.06
CA ARG C 508 44.67 -13.24 13.41
C ARG C 508 43.23 -13.11 13.88
N SER C 509 43.05 -12.84 15.18
CA SER C 509 41.73 -12.78 15.78
C SER C 509 40.95 -11.58 15.23
N PRO C 510 39.63 -11.60 15.35
CA PRO C 510 38.84 -10.41 14.98
C PRO C 510 39.30 -9.16 15.71
N LEU C 511 39.85 -9.32 16.92
CA LEU C 511 40.50 -8.19 17.59
C LEU C 511 41.67 -7.68 16.77
N HIS C 512 42.46 -8.58 16.18
CA HIS C 512 43.57 -8.13 15.33
C HIS C 512 43.04 -7.30 14.18
N LEU C 513 41.99 -7.80 13.54
CA LEU C 513 41.48 -7.17 12.33
C LEU C 513 40.84 -5.82 12.63
N ALA C 514 40.15 -5.70 13.77
CA ALA C 514 39.56 -4.42 14.14
C ALA C 514 40.61 -3.43 14.64
N ALA C 515 41.67 -3.93 15.28
CA ALA C 515 42.71 -3.05 15.82
C ALA C 515 43.64 -2.57 14.73
N CYS C 516 43.91 -3.40 13.72
CA CYS C 516 44.84 -3.03 12.66
C CYS C 516 44.36 -1.79 11.91
N ARG C 517 43.06 -1.65 11.74
CA ARG C 517 42.48 -0.49 11.05
C ARG C 517 41.92 0.55 12.01
N GLY C 518 42.22 0.43 13.30
CA GLY C 518 41.82 1.44 14.26
C GLY C 518 40.33 1.49 14.55
N TYR C 519 39.80 0.45 15.20
CA TYR C 519 38.39 0.39 15.58
C TYR C 519 38.29 -0.02 17.03
N GLU C 520 37.68 0.85 17.85
CA GLU C 520 37.59 0.64 19.29
C GLU C 520 36.28 -0.01 19.70
N ASP C 521 35.16 0.66 19.39
CA ASP C 521 33.85 0.08 19.69
C ASP C 521 33.66 -1.24 18.95
N ILE C 522 34.16 -1.31 17.72
CA ILE C 522 34.11 -2.57 16.97
C ILE C 522 34.84 -3.66 17.73
N THR C 523 36.05 -3.35 18.21
CA THR C 523 36.85 -4.34 18.93
C THR C 523 36.12 -4.80 20.19
N LEU C 524 35.57 -3.86 20.97
CA LEU C 524 34.91 -4.22 22.21
C LEU C 524 33.74 -5.20 22.12
N PHE C 525 32.77 -4.92 21.24
CA PHE C 525 31.62 -5.83 21.19
C PHE C 525 31.83 -7.09 20.27
N LEU C 526 32.95 -7.07 19.54
CA LEU C 526 33.33 -8.28 18.83
C LEU C 526 33.99 -9.15 19.88
N ILE C 527 34.67 -8.56 20.87
CA ILE C 527 35.29 -9.38 21.91
C ILE C 527 34.28 -9.75 23.00
N GLN C 528 33.17 -9.01 23.13
CA GLN C 528 32.11 -9.46 24.03
C GLN C 528 31.28 -10.60 23.43
N GLU C 529 31.51 -10.96 22.17
CA GLU C 529 30.79 -12.07 21.54
C GLU C 529 31.20 -13.42 22.10
N GLY C 530 32.24 -13.48 22.92
CA GLY C 530 32.75 -14.73 23.44
C GLY C 530 34.00 -15.24 22.75
N VAL C 531 34.55 -14.49 21.80
CA VAL C 531 35.77 -14.91 21.14
C VAL C 531 36.93 -14.87 22.13
N ASP C 532 37.87 -15.79 21.97
CA ASP C 532 38.99 -15.89 22.90
C ASP C 532 39.84 -14.63 22.86
N VAL C 533 40.37 -14.26 24.03
CA VAL C 533 41.14 -13.03 24.15
C VAL C 533 42.65 -13.27 24.02
N ASN C 534 43.09 -14.51 24.17
CA ASN C 534 44.50 -14.87 24.06
C ASN C 534 44.79 -15.62 22.76
N LEU C 535 44.15 -15.17 21.67
CA LEU C 535 44.25 -15.85 20.39
C LEU C 535 45.54 -15.46 19.69
N LYS C 536 46.62 -16.15 20.08
CA LYS C 536 47.88 -16.01 19.36
C LYS C 536 47.77 -16.69 18.00
N ASP C 537 48.30 -16.03 16.97
CA ASP C 537 48.15 -16.51 15.60
C ASP C 537 49.22 -17.57 15.31
N LYS C 538 49.37 -17.93 14.03
CA LYS C 538 50.43 -18.85 13.63
C LYS C 538 51.80 -18.25 13.94
N PHE C 539 51.95 -16.94 13.75
CA PHE C 539 53.17 -16.26 14.16
C PHE C 539 53.32 -16.17 15.67
N GLY C 540 52.29 -16.54 16.42
CA GLY C 540 52.32 -16.41 17.86
C GLY C 540 52.12 -15.00 18.37
N HIS C 541 51.53 -14.13 17.56
CA HIS C 541 51.39 -12.73 17.92
C HIS C 541 50.21 -12.57 18.86
N THR C 542 50.51 -12.19 20.10
CA THR C 542 49.48 -11.89 21.08
C THR C 542 48.63 -10.72 20.60
N PRO C 543 47.30 -10.83 20.80
CA PRO C 543 46.42 -9.76 20.31
C PRO C 543 46.90 -8.45 20.88
N LEU C 544 47.15 -8.42 22.18
CA LEU C 544 47.72 -7.20 22.77
C LEU C 544 49.08 -6.89 22.15
N PHE C 545 49.86 -7.91 21.80
CA PHE C 545 51.08 -7.70 21.04
C PHE C 545 50.77 -7.10 19.67
N GLU C 546 49.72 -7.58 19.01
CA GLU C 546 49.30 -6.97 17.75
C GLU C 546 48.91 -5.51 17.95
N ALA C 547 48.21 -5.22 19.04
CA ALA C 547 47.82 -3.84 19.32
C ALA C 547 49.03 -2.95 19.54
N VAL C 548 50.03 -3.44 20.29
CA VAL C 548 51.22 -2.64 20.51
C VAL C 548 52.04 -2.50 19.23
N LYS C 549 51.95 -3.47 18.33
CA LYS C 549 52.64 -3.37 17.05
C LYS C 549 51.99 -2.35 16.14
N ALA C 550 50.65 -2.32 16.10
CA ALA C 550 49.92 -1.49 15.15
C ALA C 550 49.60 -0.10 15.69
N GLY C 551 49.82 0.16 16.98
CA GLY C 551 49.68 1.50 17.51
C GLY C 551 48.26 2.01 17.69
N GLN C 552 47.50 1.41 18.61
CA GLN C 552 46.17 1.90 18.95
C GLN C 552 45.97 1.81 20.46
N GLU C 553 45.62 2.93 21.09
CA GLU C 553 45.47 2.97 22.54
C GLU C 553 44.15 2.32 22.99
N GLY C 554 43.10 2.47 22.20
CA GLY C 554 41.80 1.97 22.62
C GLY C 554 41.79 0.46 22.81
N VAL C 555 42.39 -0.27 21.88
CA VAL C 555 42.50 -1.71 22.03
C VAL C 555 43.39 -2.06 23.21
N ILE C 556 44.42 -1.26 23.47
CA ILE C 556 45.27 -1.46 24.64
C ILE C 556 44.42 -1.44 25.91
N GLY C 557 43.55 -0.44 26.03
CA GLY C 557 42.67 -0.39 27.19
C GLY C 557 41.67 -1.52 27.22
N LEU C 558 41.05 -1.81 26.07
CA LEU C 558 39.95 -2.77 26.03
C LEU C 558 40.41 -4.18 26.38
N LEU C 559 41.53 -4.62 25.79
CA LEU C 559 41.99 -5.98 26.03
C LEU C 559 42.35 -6.20 27.49
N VAL C 560 42.97 -5.21 28.14
CA VAL C 560 43.21 -5.32 29.58
C VAL C 560 41.90 -5.29 30.35
N LYS C 561 40.90 -4.54 29.87
CA LYS C 561 39.60 -4.55 30.52
C LYS C 561 38.98 -5.94 30.51
N GLU C 562 39.04 -6.63 29.37
CA GLU C 562 38.45 -7.96 29.27
C GLU C 562 39.26 -8.98 30.06
N GLY C 563 40.58 -8.90 29.99
CA GLY C 563 41.47 -9.87 30.61
C GLY C 563 42.38 -10.50 29.58
N ALA C 564 43.13 -11.51 30.03
CA ALA C 564 44.09 -12.24 29.20
C ALA C 564 45.02 -11.26 28.48
N SER C 565 45.73 -10.47 29.29
CA SER C 565 46.53 -9.37 28.79
C SER C 565 47.74 -9.88 28.00
N PHE C 566 48.55 -8.93 27.54
CA PHE C 566 49.71 -9.22 26.71
C PHE C 566 50.61 -10.27 27.36
N ASN C 567 50.73 -11.42 26.69
CA ASN C 567 51.58 -12.51 27.15
C ASN C 567 52.48 -12.95 26.00
N LEU C 568 53.70 -13.33 26.34
CA LEU C 568 54.66 -13.76 25.33
C LEU C 568 55.71 -14.65 25.99
N GLU C 569 56.34 -15.48 25.17
CA GLU C 569 57.48 -16.27 25.60
C GLU C 569 58.78 -15.47 25.62
N ASP C 570 58.78 -14.27 25.04
CA ASP C 570 59.93 -13.37 25.08
C ASP C 570 59.47 -11.97 25.46
N SER C 571 60.20 -11.33 26.37
CA SER C 571 59.91 -9.96 26.78
C SER C 571 61.07 -9.02 26.52
N GLY C 572 62.29 -9.41 26.91
CA GLY C 572 63.45 -8.56 26.71
C GLY C 572 63.95 -8.49 25.29
N ASN C 573 63.60 -9.46 24.45
CA ASN C 573 64.02 -9.42 23.05
C ASN C 573 63.34 -8.28 22.32
N PHE C 574 62.01 -8.26 22.30
CA PHE C 574 61.30 -7.17 21.65
C PHE C 574 61.55 -5.84 22.36
N LEU C 575 61.71 -5.87 23.68
CA LEU C 575 62.02 -4.64 24.41
C LEU C 575 63.36 -4.07 23.96
N CYS C 576 64.38 -4.92 23.83
CA CYS C 576 65.69 -4.44 23.40
C CYS C 576 65.65 -3.94 21.96
N THR C 577 64.92 -4.64 21.09
CA THR C 577 64.80 -4.19 19.71
C THR C 577 64.11 -2.83 19.63
N THR C 578 63.05 -2.64 20.42
CA THR C 578 62.35 -1.35 20.42
C THR C 578 63.23 -0.26 21.01
N VAL C 579 64.00 -0.57 22.05
CA VAL C 579 64.93 0.41 22.61
C VAL C 579 65.96 0.81 21.57
N ALA C 580 66.45 -0.16 20.80
CA ALA C 580 67.37 0.16 19.71
C ALA C 580 66.70 1.05 18.67
N LYS C 581 65.43 0.76 18.33
CA LYS C 581 64.70 1.63 17.43
C LYS C 581 64.30 2.94 18.09
N GLY C 582 64.28 2.99 19.42
CA GLY C 582 63.95 4.23 20.12
C GLY C 582 62.55 4.73 19.87
N ASP C 583 61.59 3.82 19.71
CA ASP C 583 60.19 4.19 19.49
C ASP C 583 59.53 4.40 20.84
N SER C 584 59.58 5.64 21.33
CA SER C 584 59.14 5.93 22.69
C SER C 584 57.68 5.58 22.89
N ASP C 585 56.83 5.84 21.88
CA ASP C 585 55.45 5.43 21.97
C ASP C 585 55.35 3.91 22.15
N PHE C 586 56.09 3.16 21.34
CA PHE C 586 56.09 1.71 21.48
C PHE C 586 56.71 1.28 22.80
N LEU C 587 57.72 1.99 23.29
CA LEU C 587 58.35 1.63 24.56
C LEU C 587 57.38 1.78 25.72
N LYS C 588 56.73 2.94 25.83
CA LYS C 588 55.71 3.13 26.85
C LYS C 588 54.54 2.20 26.64
N ARG C 589 54.27 1.83 25.38
CA ARG C 589 53.11 1.02 25.05
C ARG C 589 53.29 -0.44 25.48
N LEU C 590 54.47 -1.01 25.24
CA LEU C 590 54.78 -2.33 25.78
C LEU C 590 54.79 -2.31 27.29
N LEU C 591 55.36 -1.25 27.88
CA LEU C 591 55.35 -1.09 29.32
C LEU C 591 53.96 -0.75 29.85
N SER C 592 53.05 -0.31 28.99
CA SER C 592 51.70 0.02 29.43
C SER C 592 50.96 -1.22 29.94
N SER C 593 51.13 -2.35 29.24
CA SER C 593 50.48 -3.58 29.66
C SER C 593 51.20 -4.26 30.81
N GLY C 594 52.38 -3.77 31.20
CA GLY C 594 53.08 -4.35 32.32
C GLY C 594 53.95 -5.54 32.00
N MET C 595 54.36 -5.71 30.74
CA MET C 595 55.27 -6.79 30.39
C MET C 595 56.61 -6.58 31.08
N ASN C 596 57.22 -7.69 31.51
CA ASN C 596 58.42 -7.69 32.34
C ASN C 596 59.57 -6.94 31.70
N PRO C 597 59.96 -5.78 32.24
CA PRO C 597 61.17 -5.11 31.78
C PRO C 597 62.44 -5.64 32.41
N ASN C 598 62.33 -6.57 33.36
CA ASN C 598 63.47 -7.19 34.02
C ASN C 598 63.76 -8.58 33.47
N SER C 599 63.20 -8.93 32.31
CA SER C 599 63.37 -10.26 31.74
C SER C 599 64.73 -10.37 31.06
N GLU C 600 64.91 -11.43 30.27
CA GLU C 600 66.15 -11.70 29.57
C GLU C 600 65.94 -11.56 28.07
N ASP C 601 67.01 -11.84 27.33
CA ASP C 601 67.09 -11.71 25.88
C ASP C 601 67.50 -13.06 25.30
N TYR C 602 67.93 -13.06 24.03
CA TYR C 602 68.51 -14.27 23.45
C TYR C 602 69.68 -14.76 24.29
N ASP C 603 70.37 -13.85 24.97
CA ASP C 603 71.28 -14.15 26.06
C ASP C 603 70.73 -13.52 27.33
N HIS C 604 71.50 -13.58 28.42
CA HIS C 604 71.07 -12.95 29.67
C HIS C 604 71.33 -11.45 29.59
N ARG C 605 70.57 -10.80 28.72
CA ARG C 605 70.68 -9.36 28.48
C ARG C 605 69.39 -8.70 28.93
N THR C 606 69.40 -8.13 30.12
CA THR C 606 68.22 -7.44 30.65
C THR C 606 67.94 -6.19 29.81
N PRO C 607 66.66 -5.83 29.65
CA PRO C 607 66.35 -4.57 28.95
C PRO C 607 67.00 -3.36 29.58
N LEU C 608 67.20 -3.35 30.90
CA LEU C 608 67.96 -2.27 31.52
C LEU C 608 69.40 -2.26 31.01
N HIS C 609 69.98 -3.45 30.80
CA HIS C 609 71.31 -3.54 30.22
C HIS C 609 71.34 -2.92 28.82
N VAL C 610 70.30 -3.16 28.02
CA VAL C 610 70.22 -2.55 26.70
C VAL C 610 70.08 -1.04 26.81
N ALA C 611 69.27 -0.56 27.77
CA ALA C 611 69.12 0.87 27.95
C ALA C 611 70.45 1.52 28.32
N ALA C 612 71.23 0.86 29.18
CA ALA C 612 72.59 1.33 29.45
C ALA C 612 73.46 1.25 28.21
N SER C 613 73.21 0.27 27.34
CA SER C 613 73.99 0.16 26.10
C SER C 613 73.65 1.29 25.13
N GLU C 614 72.49 1.92 25.26
CA GLU C 614 72.15 3.01 24.36
C GLU C 614 72.77 4.33 24.80
N GLY C 615 72.38 4.83 25.97
CA GLY C 615 73.05 6.01 26.49
C GLY C 615 72.20 7.12 27.10
N LEU C 616 70.94 7.22 26.71
CA LEU C 616 70.12 8.35 27.14
C LEU C 616 69.71 8.21 28.60
N PHE C 617 68.99 9.21 29.10
CA PHE C 617 68.65 9.30 30.51
C PHE C 617 67.16 9.30 30.80
N LEU C 618 66.28 9.47 29.82
CA LEU C 618 64.85 9.48 30.05
C LEU C 618 64.25 8.09 29.95
N MET C 619 64.37 7.44 28.79
CA MET C 619 63.78 6.12 28.61
C MET C 619 64.50 5.09 29.48
N ALA C 620 65.79 5.30 29.69
CA ALA C 620 66.66 4.33 30.35
C ALA C 620 66.13 3.86 31.69
N LYS C 621 65.63 4.78 32.52
CA LYS C 621 65.18 4.44 33.86
C LYS C 621 63.66 4.30 33.95
N MET C 622 62.95 4.29 32.82
CA MET C 622 61.54 3.92 32.86
C MET C 622 61.34 2.42 33.01
N LEU C 623 62.39 1.62 32.80
CA LEU C 623 62.26 0.19 32.98
C LEU C 623 62.53 -0.21 34.42
N VAL C 624 63.51 0.42 35.07
CA VAL C 624 63.77 0.12 36.48
C VAL C 624 62.70 0.70 37.39
N GLU C 625 61.98 1.74 36.94
CA GLU C 625 60.83 2.23 37.70
C GLU C 625 59.69 1.22 37.69
N ALA C 626 59.69 0.30 36.73
CA ALA C 626 58.75 -0.83 36.73
C ALA C 626 59.32 -2.07 37.40
N GLY C 627 60.60 -2.07 37.74
CA GLY C 627 61.17 -3.19 38.46
C GLY C 627 62.31 -3.89 37.74
N ALA C 628 62.96 -3.21 36.80
CA ALA C 628 64.10 -3.81 36.11
C ALA C 628 65.30 -3.88 37.05
N SER C 629 66.24 -4.76 36.69
CA SER C 629 67.37 -5.09 37.55
C SER C 629 68.60 -4.29 37.12
N VAL C 630 69.23 -3.61 38.08
CA VAL C 630 70.48 -2.89 37.84
C VAL C 630 71.69 -3.67 38.31
N ILE C 631 71.49 -4.88 38.86
CA ILE C 631 72.59 -5.76 39.24
C ILE C 631 72.49 -7.09 38.50
N SER C 632 71.68 -7.17 37.44
CA SER C 632 71.50 -8.40 36.68
C SER C 632 72.79 -8.71 35.93
N LYS C 633 73.54 -9.69 36.42
CA LYS C 633 74.76 -10.12 35.74
C LYS C 633 74.41 -10.72 34.38
N ASP C 634 75.16 -10.31 33.37
CA ASP C 634 74.88 -10.69 31.98
C ASP C 634 75.44 -12.09 31.71
N ARG C 635 75.47 -12.47 30.43
CA ARG C 635 76.09 -13.73 30.04
C ARG C 635 77.56 -13.77 30.43
N TRP C 636 78.26 -12.66 30.30
CA TRP C 636 79.62 -12.56 30.83
C TRP C 636 79.62 -12.72 32.34
N GLY C 637 78.68 -12.07 33.02
CA GLY C 637 78.62 -12.10 34.47
C GLY C 637 79.00 -10.79 35.10
N ASN C 638 78.70 -9.68 34.42
CA ASN C 638 79.02 -8.35 34.91
C ASN C 638 77.76 -7.53 35.07
N SER C 639 77.76 -6.66 36.07
CA SER C 639 76.62 -5.78 36.32
C SER C 639 76.48 -4.77 35.19
N PRO C 640 75.27 -4.24 34.96
CA PRO C 640 75.07 -3.28 33.86
C PRO C 640 75.93 -2.03 33.98
N LEU C 641 76.45 -1.71 35.16
CA LEU C 641 77.34 -0.57 35.30
C LEU C 641 78.60 -0.73 34.46
N ASP C 642 79.13 -1.96 34.40
CA ASP C 642 80.33 -2.22 33.62
C ASP C 642 80.10 -1.99 32.13
N GLU C 643 78.98 -2.48 31.60
CA GLU C 643 78.68 -2.21 30.20
C GLU C 643 78.37 -0.74 29.96
N ALA C 644 77.79 -0.07 30.96
CA ALA C 644 77.54 1.36 30.84
C ALA C 644 78.84 2.14 30.67
N ARG C 645 79.86 1.82 31.47
CA ARG C 645 81.15 2.47 31.26
C ARG C 645 81.84 2.00 29.99
N LEU C 646 81.61 0.74 29.60
CA LEU C 646 82.23 0.23 28.37
C LEU C 646 81.73 0.97 27.15
N CYS C 647 80.42 1.28 27.10
CA CYS C 647 79.87 1.95 25.92
C CYS C 647 80.40 3.37 25.78
N GLY C 648 80.80 4.00 26.88
CA GLY C 648 81.40 5.32 26.81
C GLY C 648 80.62 6.42 27.50
N ASN C 649 79.94 6.09 28.59
CA ASN C 649 79.20 7.09 29.36
C ASN C 649 79.26 6.72 30.84
N LYS C 650 79.66 7.69 31.67
CA LYS C 650 79.75 7.48 33.11
C LYS C 650 78.53 7.99 33.85
N LYS C 651 77.91 9.05 33.35
CA LYS C 651 76.63 9.51 33.88
C LYS C 651 75.53 8.47 33.72
N LEU C 652 75.67 7.53 32.80
CA LEU C 652 74.79 6.36 32.80
C LEU C 652 74.96 5.56 34.08
N ILE C 653 76.22 5.35 34.48
CA ILE C 653 76.49 4.70 35.77
C ILE C 653 75.94 5.54 36.91
N LYS C 654 75.97 6.87 36.77
CA LYS C 654 75.40 7.73 37.81
C LYS C 654 73.90 7.53 37.94
N LEU C 655 73.18 7.43 36.81
CA LEU C 655 71.74 7.12 36.88
C LEU C 655 71.50 5.74 37.49
N LEU C 656 72.30 4.75 37.09
CA LEU C 656 72.16 3.42 37.64
C LEU C 656 72.39 3.42 39.15
N GLU C 657 73.36 4.21 39.62
CA GLU C 657 73.59 4.35 41.06
C GLU C 657 72.47 5.11 41.75
N ASP C 658 71.87 6.09 41.07
CA ASP C 658 70.70 6.77 41.62
C ASP C 658 69.58 5.77 41.87
N VAL C 659 69.36 4.87 40.92
CA VAL C 659 68.38 3.80 41.14
C VAL C 659 68.86 2.82 42.20
N LYS C 660 70.17 2.55 42.25
CA LYS C 660 70.77 1.55 43.13
C LYS C 660 70.99 2.03 44.56
N ASN C 661 70.66 3.29 44.86
CA ASN C 661 70.80 3.77 46.23
C ASN C 661 70.02 2.90 47.21
N ALA C 662 68.76 2.58 46.87
CA ALA C 662 67.95 1.75 47.75
C ALA C 662 68.53 0.34 47.87
N GLN C 663 69.01 -0.23 46.77
CA GLN C 663 69.60 -1.56 46.82
C GLN C 663 70.86 -1.58 47.68
N SER C 664 71.71 -0.55 47.53
CA SER C 664 72.92 -0.46 48.35
C SER C 664 72.58 -0.27 49.82
N SER C 665 71.50 0.45 50.11
CA SER C 665 70.99 0.50 51.48
C SER C 665 70.59 -0.90 51.94
N ILE C 666 69.95 -1.68 51.07
CA ILE C 666 69.67 -3.07 51.37
C ILE C 666 70.96 -3.88 51.40
N TYR C 667 71.87 -3.62 50.47
CA TYR C 667 73.14 -4.32 50.41
C TYR C 667 73.98 -4.06 51.65
N ILE D 1 -35.57 38.73 6.11
CA ILE D 1 -35.67 37.61 7.03
C ILE D 1 -34.91 36.41 6.46
N HIS D 2 -34.12 35.75 7.32
CA HIS D 2 -33.42 34.53 6.97
C HIS D 2 -34.40 33.36 6.93
N PRO D 3 -34.15 32.36 6.08
CA PRO D 3 -35.10 31.24 5.97
C PRO D 3 -35.25 30.43 7.24
N LYS D 4 -34.26 30.42 8.14
CA LYS D 4 -34.35 29.55 9.30
C LYS D 4 -35.32 30.07 10.36
N ASN D 5 -35.91 31.25 10.16
CA ASN D 5 -36.86 31.78 11.13
C ASN D 5 -38.04 30.85 11.29
N ARG D 6 -38.49 30.67 12.53
CA ARG D 6 -39.52 29.69 12.83
C ARG D 6 -40.84 30.02 12.14
N TRP D 7 -41.27 31.27 12.23
CA TRP D 7 -42.58 31.64 11.69
C TRP D 7 -42.62 31.45 10.18
N TYR D 8 -41.52 31.74 9.50
CA TYR D 8 -41.45 31.46 8.07
C TYR D 8 -41.60 29.97 7.80
N LYS D 9 -41.03 29.12 8.67
CA LYS D 9 -41.16 27.68 8.48
C LYS D 9 -42.61 27.23 8.64
N ALA D 10 -43.30 27.74 9.66
CA ALA D 10 -44.71 27.39 9.84
C ALA D 10 -45.56 27.87 8.67
N TRP D 11 -45.29 29.09 8.19
CA TRP D 11 -46.00 29.58 7.02
C TRP D 11 -45.71 28.73 5.79
N GLU D 12 -44.48 28.24 5.66
CA GLU D 12 -44.13 27.38 4.54
C GLU D 12 -44.92 26.07 4.61
N MET D 13 -45.08 25.51 5.80
CA MET D 13 -45.91 24.31 5.93
C MET D 13 -47.36 24.59 5.55
N PHE D 14 -47.90 25.73 6.01
CA PHE D 14 -49.27 26.09 5.65
C PHE D 14 -49.44 26.24 4.14
N ILE D 15 -48.49 26.92 3.49
CA ILE D 15 -48.59 27.11 2.05
C ILE D 15 -48.35 25.80 1.32
N LEU D 16 -47.60 24.87 1.92
CA LEU D 16 -47.49 23.54 1.32
C LEU D 16 -48.81 22.81 1.33
N VAL D 17 -49.55 22.91 2.43
CA VAL D 17 -50.88 22.28 2.48
C VAL D 17 -51.79 22.90 1.43
N TRP D 18 -51.77 24.23 1.32
CA TRP D 18 -52.62 24.88 0.32
C TRP D 18 -52.19 24.51 -1.10
N ALA D 19 -50.89 24.38 -1.34
CA ALA D 19 -50.41 23.98 -2.66
C ALA D 19 -50.86 22.57 -3.01
N ILE D 20 -50.84 21.66 -2.04
CA ILE D 20 -51.32 20.30 -2.27
C ILE D 20 -52.80 20.34 -2.65
N TYR D 21 -53.58 21.11 -1.90
CA TYR D 21 -55.02 21.20 -2.20
C TYR D 21 -55.26 21.75 -3.60
N SER D 22 -54.53 22.81 -3.97
CA SER D 22 -54.73 23.42 -5.28
C SER D 22 -54.30 22.49 -6.41
N SER D 23 -53.17 21.80 -6.22
CA SER D 23 -52.70 20.87 -7.23
C SER D 23 -53.67 19.71 -7.42
N LEU D 24 -54.30 19.25 -6.33
CA LEU D 24 -55.26 18.16 -6.47
C LEU D 24 -56.58 18.65 -7.06
N PHE D 25 -56.96 19.89 -6.78
CA PHE D 25 -58.29 20.34 -7.18
C PHE D 25 -58.34 20.93 -8.58
N THR D 26 -57.24 21.51 -9.07
CA THR D 26 -57.30 22.19 -10.37
C THR D 26 -57.67 21.26 -11.51
N PRO D 27 -57.07 20.07 -11.68
CA PRO D 27 -57.57 19.17 -12.73
C PRO D 27 -59.04 18.83 -12.59
N MET D 28 -59.52 18.64 -11.36
CA MET D 28 -60.92 18.30 -11.17
C MET D 28 -61.83 19.47 -11.49
N GLU D 29 -61.40 20.71 -11.22
CA GLU D 29 -62.19 21.86 -11.64
C GLU D 29 -62.19 22.00 -13.15
N PHE D 30 -61.05 21.74 -13.79
CA PHE D 30 -60.97 21.89 -15.23
C PHE D 30 -61.81 20.84 -15.96
N GLY D 31 -61.74 19.59 -15.53
CA GLY D 31 -62.41 18.52 -16.24
C GLY D 31 -63.89 18.38 -15.98
N PHE D 32 -64.25 18.11 -14.72
CA PHE D 32 -65.63 17.72 -14.40
C PHE D 32 -66.58 18.90 -14.30
N PHE D 33 -66.08 20.12 -14.18
CA PHE D 33 -66.91 21.30 -14.03
C PHE D 33 -66.62 22.28 -15.17
N ARG D 34 -67.67 22.71 -15.86
CA ARG D 34 -67.59 23.81 -16.80
C ARG D 34 -68.24 25.02 -16.13
N GLY D 35 -67.41 25.99 -15.75
CA GLY D 35 -67.82 26.94 -14.73
C GLY D 35 -67.67 26.29 -13.36
N LEU D 36 -68.35 26.87 -12.38
CA LEU D 36 -68.40 26.27 -11.06
C LEU D 36 -69.76 26.51 -10.44
N PRO D 37 -70.26 25.57 -9.63
CA PRO D 37 -71.43 25.84 -8.83
C PRO D 37 -71.14 26.96 -7.84
N GLU D 38 -72.18 27.71 -7.48
CA GLU D 38 -71.99 28.90 -6.65
C GLU D 38 -71.50 28.56 -5.25
N ARG D 39 -71.56 27.28 -4.86
CA ARG D 39 -71.13 26.88 -3.53
C ARG D 39 -69.62 26.91 -3.34
N LEU D 40 -68.83 27.14 -4.40
CA LEU D 40 -67.38 27.08 -4.33
C LEU D 40 -66.72 28.43 -4.58
N PHE D 41 -67.38 29.53 -4.21
CA PHE D 41 -66.82 30.85 -4.46
C PHE D 41 -65.75 31.22 -3.43
N VAL D 42 -66.13 31.19 -2.15
CA VAL D 42 -65.22 31.60 -1.09
C VAL D 42 -63.96 30.75 -1.07
N LEU D 43 -64.08 29.48 -1.47
CA LEU D 43 -62.92 28.60 -1.48
C LEU D 43 -61.85 29.12 -2.44
N ASP D 44 -62.24 29.40 -3.69
CA ASP D 44 -61.29 29.91 -4.66
C ASP D 44 -60.77 31.28 -4.25
N ILE D 45 -61.64 32.14 -3.72
CA ILE D 45 -61.19 33.47 -3.33
C ILE D 45 -60.11 33.39 -2.25
N VAL D 46 -60.35 32.59 -1.21
CA VAL D 46 -59.37 32.50 -0.13
C VAL D 46 -58.10 31.80 -0.60
N GLY D 47 -58.20 30.82 -1.49
CA GLY D 47 -56.98 30.22 -2.03
C GLY D 47 -56.12 31.25 -2.75
N GLN D 48 -56.74 32.06 -3.59
CA GLN D 48 -55.98 33.07 -4.33
C GLN D 48 -55.37 34.10 -3.40
N ILE D 49 -56.11 34.54 -2.37
CA ILE D 49 -55.52 35.51 -1.45
C ILE D 49 -54.37 34.89 -0.66
N ALA D 50 -54.47 33.60 -0.31
CA ALA D 50 -53.37 32.95 0.38
C ALA D 50 -52.12 32.92 -0.48
N PHE D 51 -52.28 32.63 -1.77
CA PHE D 51 -51.08 32.61 -2.61
C PHE D 51 -50.55 34.01 -2.93
N LEU D 52 -51.40 35.04 -2.89
CA LEU D 52 -50.88 36.41 -2.97
C LEU D 52 -50.05 36.76 -1.74
N VAL D 53 -50.52 36.35 -0.55
CA VAL D 53 -49.72 36.55 0.65
C VAL D 53 -48.39 35.80 0.51
N ASP D 54 -48.42 34.62 -0.09
CA ASP D 54 -47.17 33.91 -0.34
C ASP D 54 -46.27 34.71 -1.28
N ILE D 55 -46.85 35.36 -2.29
CA ILE D 55 -46.02 36.12 -3.23
C ILE D 55 -45.30 37.25 -2.50
N VAL D 56 -46.00 37.97 -1.62
CA VAL D 56 -45.31 39.08 -0.94
C VAL D 56 -44.27 38.55 0.04
N LEU D 57 -44.61 37.62 0.89
CA LEU D 57 -43.64 37.22 1.85
C LEU D 57 -42.43 36.91 1.09
N GLN D 58 -42.60 36.36 -0.11
CA GLN D 58 -41.45 35.93 -0.90
C GLN D 58 -40.67 37.12 -1.42
N PHE D 59 -41.36 38.23 -1.65
CA PHE D 59 -40.67 39.42 -2.09
C PHE D 59 -39.70 39.89 -1.02
N PHE D 60 -39.83 39.34 0.18
CA PHE D 60 -38.99 39.79 1.28
C PHE D 60 -38.06 38.74 1.90
N VAL D 61 -38.24 37.45 1.54
CA VAL D 61 -37.41 36.46 2.23
C VAL D 61 -36.05 36.39 1.53
N ALA D 62 -34.98 36.32 2.35
CA ALA D 62 -33.61 36.24 1.86
C ALA D 62 -33.30 34.81 1.43
N TYR D 63 -32.04 34.54 1.06
CA TYR D 63 -31.67 33.23 0.55
C TYR D 63 -30.17 33.01 0.75
N ARG D 64 -29.67 31.97 0.11
CA ARG D 64 -28.26 31.58 0.16
C ARG D 64 -27.73 31.43 -1.26
N ASP D 65 -26.57 32.03 -1.53
CA ASP D 65 -25.95 31.90 -2.84
C ASP D 65 -25.31 30.53 -2.98
N THR D 66 -25.23 30.04 -4.22
CA THR D 66 -24.71 28.70 -4.46
C THR D 66 -23.22 28.71 -4.80
N GLN D 67 -22.76 29.71 -5.56
CA GLN D 67 -21.37 29.74 -5.99
C GLN D 67 -20.44 30.09 -4.83
N THR D 68 -20.79 31.11 -4.05
CA THR D 68 -19.93 31.57 -2.96
C THR D 68 -20.30 31.00 -1.61
N TYR D 69 -21.40 30.26 -1.52
CA TYR D 69 -21.89 29.66 -0.27
C TYR D 69 -22.15 30.70 0.81
N ARG D 70 -22.11 31.98 0.47
CA ARG D 70 -22.39 33.04 1.43
C ARG D 70 -23.84 33.49 1.29
N THR D 71 -24.51 33.63 2.43
CA THR D 71 -25.89 34.12 2.42
C THR D 71 -25.95 35.53 1.87
N VAL D 72 -26.94 35.80 1.04
CA VAL D 72 -27.10 37.08 0.36
C VAL D 72 -28.30 37.80 0.96
N TYR D 73 -28.10 39.03 1.43
CA TYR D 73 -29.17 39.82 2.01
C TYR D 73 -29.49 41.06 1.19
N LYS D 74 -28.97 41.17 -0.03
CA LYS D 74 -29.21 42.37 -0.83
C LYS D 74 -30.65 42.42 -1.30
N PRO D 75 -31.48 43.32 -0.77
CA PRO D 75 -32.91 43.31 -1.14
C PRO D 75 -33.15 43.49 -2.63
N THR D 76 -32.36 44.34 -3.28
CA THR D 76 -32.47 44.46 -4.73
C THR D 76 -32.12 43.14 -5.41
N ARG D 77 -31.14 42.42 -4.88
CA ARG D 77 -30.73 41.16 -5.48
C ARG D 77 -31.78 40.07 -5.27
N ILE D 78 -32.40 40.03 -4.09
CA ILE D 78 -33.45 39.03 -3.87
C ILE D 78 -34.66 39.33 -4.75
N ALA D 79 -35.01 40.62 -4.90
CA ALA D 79 -36.10 40.99 -5.79
C ALA D 79 -35.77 40.63 -7.23
N PHE D 80 -34.53 40.86 -7.66
CA PHE D 80 -34.13 40.52 -9.02
C PHE D 80 -34.20 39.01 -9.25
N ARG D 81 -33.74 38.22 -8.28
CA ARG D 81 -33.83 36.77 -8.44
C ARG D 81 -35.28 36.31 -8.51
N TYR D 82 -36.15 36.88 -7.67
CA TYR D 82 -37.55 36.49 -7.71
C TYR D 82 -38.21 36.89 -9.02
N LEU D 83 -37.90 38.07 -9.54
CA LEU D 83 -38.39 38.46 -10.85
C LEU D 83 -37.90 37.53 -11.93
N LYS D 84 -36.62 37.12 -11.84
CA LYS D 84 -36.03 36.29 -12.87
C LYS D 84 -36.66 34.90 -12.90
N SER D 85 -36.93 34.31 -11.74
CA SER D 85 -37.24 32.89 -11.68
C SER D 85 -38.73 32.58 -11.59
N HIS D 86 -39.41 33.04 -10.53
CA HIS D 86 -40.70 32.49 -10.17
C HIS D 86 -41.72 33.58 -9.83
N PHE D 87 -41.86 34.58 -10.71
CA PHE D 87 -42.90 35.58 -10.52
C PHE D 87 -44.06 35.42 -11.49
N LEU D 88 -43.77 35.19 -12.77
CA LEU D 88 -44.81 35.19 -13.78
C LEU D 88 -45.83 34.09 -13.53
N MET D 89 -45.36 32.87 -13.28
CA MET D 89 -46.27 31.75 -13.09
C MET D 89 -47.21 31.99 -11.91
N ASP D 90 -46.64 32.38 -10.75
CA ASP D 90 -47.47 32.58 -9.57
C ASP D 90 -48.44 33.74 -9.77
N PHE D 91 -47.99 34.84 -10.36
CA PHE D 91 -48.89 35.97 -10.56
C PHE D 91 -50.03 35.62 -11.49
N ILE D 92 -49.74 34.94 -12.60
CA ILE D 92 -50.82 34.56 -13.52
C ILE D 92 -51.74 33.55 -12.87
N GLY D 93 -51.19 32.65 -12.05
CA GLY D 93 -52.03 31.69 -11.35
C GLY D 93 -52.97 32.35 -10.36
N CYS D 94 -52.53 33.43 -9.72
CA CYS D 94 -53.38 34.11 -8.75
C CYS D 94 -54.53 34.87 -9.40
N PHE D 95 -54.53 35.02 -10.72
CA PHE D 95 -55.66 35.65 -11.40
C PHE D 95 -56.92 34.82 -11.19
N PRO D 96 -58.06 35.45 -10.87
CA PRO D 96 -59.29 34.68 -10.71
C PRO D 96 -59.86 34.32 -12.08
N TRP D 97 -59.73 33.05 -12.49
CA TRP D 97 -60.06 32.68 -13.85
C TRP D 97 -61.50 32.22 -14.02
N ASP D 98 -62.15 31.77 -12.96
CA ASP D 98 -63.54 31.35 -13.08
C ASP D 98 -64.44 32.52 -13.42
N LEU D 99 -64.30 33.63 -12.70
CA LEU D 99 -65.11 34.81 -12.99
C LEU D 99 -64.79 35.37 -14.36
N ILE D 100 -63.52 35.35 -14.75
CA ILE D 100 -63.15 35.81 -16.09
C ILE D 100 -63.84 34.97 -17.15
N TYR D 101 -63.83 33.65 -16.97
CA TYR D 101 -64.52 32.77 -17.92
C TYR D 101 -66.02 33.04 -17.93
N LYS D 102 -66.61 33.29 -16.76
CA LYS D 102 -68.04 33.56 -16.69
C LYS D 102 -68.39 34.87 -17.39
N ALA D 103 -67.49 35.85 -17.33
CA ALA D 103 -67.77 37.18 -17.85
C ALA D 103 -67.17 37.43 -19.23
N SER D 104 -66.52 36.43 -19.84
CA SER D 104 -65.91 36.59 -21.16
C SER D 104 -66.77 35.95 -22.26
N GLY D 105 -68.09 35.93 -22.09
CA GLY D 105 -68.93 35.30 -23.08
C GLY D 105 -68.86 33.79 -23.10
N LYS D 106 -68.33 33.18 -22.03
CA LYS D 106 -68.26 31.73 -21.89
C LYS D 106 -67.45 31.09 -23.01
N HIS D 107 -66.39 31.75 -23.46
CA HIS D 107 -65.49 31.13 -24.42
C HIS D 107 -64.68 30.03 -23.74
N GLU D 108 -64.41 28.95 -24.49
CA GLU D 108 -63.79 27.77 -23.90
C GLU D 108 -62.30 27.94 -23.67
N LEU D 109 -61.61 28.70 -24.52
CA LEU D 109 -60.16 28.83 -24.40
C LEU D 109 -59.75 29.49 -23.08
N VAL D 110 -60.65 30.24 -22.44
CA VAL D 110 -60.32 30.89 -21.18
C VAL D 110 -60.03 29.86 -20.10
N ARG D 111 -60.79 28.76 -20.07
CA ARG D 111 -60.62 27.77 -19.01
C ARG D 111 -59.25 27.12 -19.05
N TYR D 112 -58.62 27.06 -20.21
CA TYR D 112 -57.35 26.35 -20.33
C TYR D 112 -56.23 27.02 -19.56
N LEU D 113 -56.43 28.23 -19.07
CA LEU D 113 -55.45 28.90 -18.22
C LEU D 113 -55.54 28.46 -16.77
N LEU D 114 -56.51 27.61 -16.42
CA LEU D 114 -56.50 26.98 -15.11
C LEU D 114 -55.30 26.06 -14.93
N TRP D 115 -54.67 25.64 -16.01
CA TRP D 115 -53.53 24.74 -15.92
C TRP D 115 -52.24 25.42 -15.54
N ILE D 116 -52.23 26.76 -15.48
CA ILE D 116 -51.06 27.47 -14.96
C ILE D 116 -50.94 27.25 -13.46
N ARG D 117 -52.07 27.08 -12.77
CA ARG D 117 -52.05 26.80 -11.35
C ARG D 117 -51.36 25.48 -11.03
N LEU D 118 -51.17 24.61 -12.04
CA LEU D 118 -50.43 23.38 -11.81
C LEU D 118 -48.97 23.65 -11.48
N PHE D 119 -48.49 24.86 -11.68
CA PHE D 119 -47.13 25.22 -11.30
C PHE D 119 -46.93 25.26 -9.79
N ARG D 120 -48.00 25.20 -9.01
CA ARG D 120 -47.90 25.15 -7.56
C ARG D 120 -47.42 23.80 -7.04
N VAL D 121 -47.02 22.90 -7.94
CA VAL D 121 -46.42 21.62 -7.57
C VAL D 121 -45.01 21.90 -7.07
N ARG D 122 -44.51 23.10 -7.35
CA ARG D 122 -43.18 23.51 -6.93
C ARG D 122 -43.01 23.38 -5.42
N LYS D 123 -44.06 23.71 -4.65
CA LYS D 123 -43.95 23.62 -3.21
C LYS D 123 -43.71 22.19 -2.74
N VAL D 124 -44.44 21.23 -3.30
CA VAL D 124 -44.24 19.84 -2.92
C VAL D 124 -42.89 19.34 -3.42
N VAL D 125 -42.46 19.78 -4.59
CA VAL D 125 -41.16 19.36 -5.12
C VAL D 125 -40.04 19.86 -4.21
N GLU D 126 -40.12 21.13 -3.80
CA GLU D 126 -39.13 21.68 -2.89
C GLU D 126 -39.16 20.98 -1.54
N PHE D 127 -40.35 20.68 -1.04
CA PHE D 127 -40.47 20.02 0.25
C PHE D 127 -39.81 18.66 0.22
N PHE D 128 -40.07 17.87 -0.82
CA PHE D 128 -39.42 16.57 -0.93
C PHE D 128 -37.91 16.71 -1.13
N GLN D 129 -37.49 17.70 -1.91
CA GLN D 129 -36.06 17.91 -2.13
C GLN D 129 -35.35 18.22 -0.82
N ARG D 130 -35.95 19.06 0.02
CA ARG D 130 -35.34 19.35 1.31
C ARG D 130 -35.50 18.18 2.29
N LEU D 131 -36.50 17.32 2.08
CA LEU D 131 -36.59 16.11 2.88
C LEU D 131 -35.54 15.07 2.51
N GLU D 132 -35.00 15.15 1.29
CA GLU D 132 -33.89 14.28 0.93
C GLU D 132 -32.71 14.54 1.85
N LYS D 133 -32.42 15.81 2.13
CA LYS D 133 -31.23 16.20 2.87
C LYS D 133 -31.42 16.20 4.39
N ASP D 134 -32.40 15.46 4.88
CA ASP D 134 -32.60 15.26 6.31
C ASP D 134 -32.08 13.90 6.74
N THR D 135 -31.18 13.88 7.73
CA THR D 135 -30.51 12.65 8.12
C THR D 135 -31.36 11.77 9.02
N ARG D 136 -32.48 12.27 9.54
CA ARG D 136 -33.31 11.48 10.44
C ARG D 136 -34.35 10.65 9.71
N ILE D 137 -34.50 10.81 8.41
CA ILE D 137 -35.56 10.16 7.64
C ILE D 137 -34.92 9.15 6.70
N ASN D 138 -35.50 7.95 6.64
CA ASN D 138 -34.94 6.87 5.86
C ASN D 138 -34.97 7.20 4.36
N TYR D 139 -33.82 6.97 3.70
CA TYR D 139 -33.68 7.32 2.29
C TYR D 139 -34.58 6.46 1.40
N LEU D 140 -34.70 5.17 1.72
CA LEU D 140 -35.63 4.31 0.99
C LEU D 140 -37.04 4.86 1.09
N PHE D 141 -37.48 5.20 2.30
CA PHE D 141 -38.81 5.75 2.51
C PHE D 141 -39.01 7.02 1.68
N THR D 142 -38.00 7.91 1.68
CA THR D 142 -38.14 9.16 0.95
C THR D 142 -38.25 8.94 -0.55
N ARG D 143 -37.35 8.13 -1.12
CA ARG D 143 -37.37 7.93 -2.56
C ARG D 143 -38.65 7.24 -3.01
N ILE D 144 -39.09 6.22 -2.26
CA ILE D 144 -40.33 5.55 -2.60
C ILE D 144 -41.49 6.52 -2.53
N LEU D 145 -41.53 7.37 -1.51
CA LEU D 145 -42.61 8.34 -1.41
C LEU D 145 -42.61 9.31 -2.58
N LYS D 146 -41.43 9.81 -2.96
CA LYS D 146 -41.39 10.78 -4.06
C LYS D 146 -41.89 10.15 -5.35
N LEU D 147 -41.40 8.95 -5.68
CA LEU D 147 -41.81 8.31 -6.93
C LEU D 147 -43.30 7.97 -6.91
N LEU D 148 -43.80 7.46 -5.79
CA LEU D 148 -45.22 7.12 -5.71
C LEU D 148 -46.09 8.36 -5.83
N PHE D 149 -45.68 9.47 -5.20
CA PHE D 149 -46.47 10.69 -5.34
C PHE D 149 -46.50 11.16 -6.78
N VAL D 150 -45.36 11.09 -7.47
CA VAL D 150 -45.35 11.51 -8.88
C VAL D 150 -46.30 10.65 -9.71
N GLU D 151 -46.24 9.32 -9.50
CA GLU D 151 -47.09 8.43 -10.28
C GLU D 151 -48.57 8.68 -9.99
N VAL D 152 -48.93 8.83 -8.71
CA VAL D 152 -50.34 9.00 -8.36
C VAL D 152 -50.86 10.35 -8.85
N TYR D 153 -50.03 11.39 -8.81
CA TYR D 153 -50.47 12.67 -9.33
C TYR D 153 -50.68 12.62 -10.84
N CYS D 154 -49.76 11.99 -11.56
CA CYS D 154 -49.96 11.83 -13.00
C CYS D 154 -51.23 11.05 -13.30
N THR D 155 -51.51 10.03 -12.48
CA THR D 155 -52.74 9.26 -12.65
C THR D 155 -53.98 10.12 -12.42
N HIS D 156 -53.96 10.96 -11.38
CA HIS D 156 -55.11 11.81 -11.09
C HIS D 156 -55.38 12.78 -12.24
N THR D 157 -54.33 13.46 -12.71
CA THR D 157 -54.54 14.40 -13.80
C THR D 157 -54.93 13.69 -15.09
N ALA D 158 -54.43 12.46 -15.31
CA ALA D 158 -54.84 11.71 -16.48
C ALA D 158 -56.31 11.32 -16.41
N ALA D 159 -56.81 10.97 -15.23
CA ALA D 159 -58.23 10.67 -15.09
C ALA D 159 -59.07 11.90 -15.41
N CYS D 160 -58.66 13.07 -14.89
CA CYS D 160 -59.42 14.28 -15.17
C CYS D 160 -59.41 14.62 -16.66
N ILE D 161 -58.25 14.48 -17.31
CA ILE D 161 -58.17 14.76 -18.74
C ILE D 161 -59.00 13.76 -19.54
N PHE D 162 -59.03 12.50 -19.11
CA PHE D 162 -59.82 11.50 -19.81
C PHE D 162 -61.31 11.84 -19.76
N TYR D 163 -61.80 12.22 -18.57
CA TYR D 163 -63.21 12.61 -18.52
C TYR D 163 -63.46 13.88 -19.34
N TYR D 164 -62.50 14.80 -19.38
CA TYR D 164 -62.67 15.97 -20.24
C TYR D 164 -62.82 15.57 -21.70
N LEU D 165 -61.96 14.66 -22.17
CA LEU D 165 -62.08 14.18 -23.54
C LEU D 165 -63.41 13.51 -23.78
N ALA D 166 -63.94 12.83 -22.77
CA ALA D 166 -65.29 12.27 -22.90
C ALA D 166 -66.33 13.37 -23.07
N THR D 167 -66.22 14.45 -22.30
CA THR D 167 -67.25 15.47 -22.32
C THR D 167 -67.06 16.51 -23.42
N THR D 168 -66.00 16.40 -24.22
CA THR D 168 -65.85 17.35 -25.32
C THR D 168 -66.73 17.00 -26.53
N LEU D 169 -67.42 15.86 -26.51
CA LEU D 169 -68.35 15.49 -27.56
C LEU D 169 -69.74 16.05 -27.26
N PRO D 170 -70.55 16.31 -28.30
CA PRO D 170 -71.88 16.88 -28.05
C PRO D 170 -72.76 15.92 -27.30
N PRO D 171 -73.74 16.42 -26.55
CA PRO D 171 -74.61 15.53 -25.75
C PRO D 171 -75.39 14.54 -26.60
N GLU D 172 -75.64 14.84 -27.87
CA GLU D 172 -76.37 13.90 -28.72
C GLU D 172 -75.58 12.60 -28.91
N ASN D 173 -74.29 12.71 -29.17
CA ASN D 173 -73.43 11.53 -29.35
C ASN D 173 -72.72 11.17 -28.05
N GLU D 174 -73.51 10.91 -27.01
CA GLU D 174 -72.93 10.43 -25.77
C GLU D 174 -72.60 8.95 -25.85
N GLY D 175 -73.15 8.23 -26.82
CA GLY D 175 -72.53 7.01 -27.26
C GLY D 175 -71.29 7.34 -28.06
N TYR D 176 -70.53 6.31 -28.42
CA TYR D 176 -69.24 6.51 -29.07
C TYR D 176 -68.33 7.36 -28.20
N THR D 177 -68.38 7.11 -26.89
CA THR D 177 -67.57 7.77 -25.89
C THR D 177 -67.24 6.74 -24.81
N TRP D 178 -66.09 6.89 -24.15
CA TRP D 178 -65.68 5.87 -23.20
C TRP D 178 -66.68 5.74 -22.06
N ILE D 179 -67.28 6.85 -21.64
CA ILE D 179 -68.41 6.85 -20.73
C ILE D 179 -69.63 7.26 -21.54
N GLY D 180 -70.78 6.66 -21.22
CA GLY D 180 -71.97 6.74 -22.04
C GLY D 180 -72.22 5.49 -22.85
N SER D 181 -71.18 4.68 -23.06
CA SER D 181 -71.30 3.35 -23.63
C SER D 181 -70.86 2.28 -22.63
N LEU D 182 -71.04 2.56 -21.34
CA LEU D 182 -70.62 1.67 -20.27
C LEU D 182 -71.84 0.94 -19.70
N LYS D 183 -71.66 -0.34 -19.39
CA LYS D 183 -72.74 -1.18 -18.89
C LYS D 183 -72.24 -2.03 -17.72
N LEU D 184 -71.59 -1.40 -16.76
CA LEU D 184 -71.04 -2.13 -15.62
C LEU D 184 -72.17 -2.71 -14.77
N GLY D 185 -72.22 -4.04 -14.68
CA GLY D 185 -73.27 -4.69 -13.92
C GLY D 185 -74.62 -4.47 -14.56
N ASP D 186 -75.58 -4.00 -13.76
CA ASP D 186 -76.89 -3.61 -14.28
C ASP D 186 -77.03 -2.10 -14.38
N TYR D 187 -75.94 -1.35 -14.20
CA TYR D 187 -75.96 0.10 -14.27
C TYR D 187 -75.48 0.55 -15.65
N SER D 188 -76.24 1.43 -16.29
CA SER D 188 -75.88 1.99 -17.59
C SER D 188 -75.65 3.48 -17.43
N TYR D 189 -74.48 3.94 -17.87
CA TYR D 189 -74.13 5.37 -17.81
C TYR D 189 -74.81 6.12 -18.95
N GLU D 190 -76.15 6.13 -18.91
CA GLU D 190 -76.92 6.68 -20.01
C GLU D 190 -76.63 8.16 -20.20
N ASN D 191 -76.99 8.99 -19.22
CA ASN D 191 -76.79 10.43 -19.27
C ASN D 191 -75.62 10.74 -18.33
N PHE D 192 -74.41 10.68 -18.87
CA PHE D 192 -73.22 10.76 -18.03
C PHE D 192 -72.91 12.17 -17.54
N ARG D 193 -73.84 13.12 -17.71
CA ARG D 193 -73.67 14.46 -17.14
C ARG D 193 -74.59 14.71 -15.95
N GLU D 194 -75.45 13.76 -15.61
CA GLU D 194 -76.32 13.90 -14.46
C GLU D 194 -75.98 12.95 -13.31
N ILE D 195 -75.01 12.06 -13.50
CA ILE D 195 -74.59 11.21 -12.40
C ILE D 195 -73.83 12.05 -11.38
N ASP D 196 -73.83 11.57 -10.13
CA ASP D 196 -73.09 12.25 -9.07
C ASP D 196 -71.64 12.43 -9.47
N LEU D 197 -71.08 13.57 -9.08
CA LEU D 197 -69.69 13.87 -9.44
C LEU D 197 -68.74 12.76 -8.99
N TRP D 198 -69.04 12.14 -7.85
CA TRP D 198 -68.10 11.16 -7.30
C TRP D 198 -68.14 9.84 -8.04
N LYS D 199 -69.31 9.42 -8.55
CA LYS D 199 -69.34 8.23 -9.37
C LYS D 199 -68.50 8.41 -10.63
N ARG D 200 -68.68 9.53 -11.33
CA ARG D 200 -67.89 9.79 -12.53
C ARG D 200 -66.42 9.88 -12.21
N TYR D 201 -66.07 10.60 -11.14
CA TYR D 201 -64.67 10.78 -10.79
C TYR D 201 -64.00 9.47 -10.46
N THR D 202 -64.63 8.65 -9.61
CA THR D 202 -63.99 7.41 -9.21
C THR D 202 -64.02 6.37 -10.32
N THR D 203 -64.98 6.43 -11.25
CA THR D 203 -64.90 5.56 -12.42
C THR D 203 -63.71 5.92 -13.30
N ALA D 204 -63.52 7.21 -13.57
CA ALA D 204 -62.38 7.64 -14.37
C ALA D 204 -61.06 7.30 -13.67
N LEU D 205 -61.02 7.47 -12.36
CA LEU D 205 -59.80 7.14 -11.62
C LEU D 205 -59.57 5.66 -11.66
N TYR D 206 -60.61 4.85 -11.52
CA TYR D 206 -60.47 3.41 -11.63
C TYR D 206 -59.81 3.03 -12.95
N PHE D 207 -60.31 3.60 -14.05
CA PHE D 207 -59.69 3.34 -15.35
C PHE D 207 -58.23 3.73 -15.35
N ALA D 208 -57.93 4.95 -14.87
CA ALA D 208 -56.56 5.45 -14.94
C ALA D 208 -55.61 4.61 -14.08
N ILE D 209 -56.09 4.11 -12.93
CA ILE D 209 -55.20 3.37 -12.05
C ILE D 209 -54.97 1.96 -12.57
N VAL D 210 -56.00 1.25 -13.05
CA VAL D 210 -55.75 -0.06 -13.65
C VAL D 210 -54.97 0.04 -14.95
N THR D 211 -54.79 1.25 -15.49
CA THR D 211 -53.95 1.39 -16.70
C THR D 211 -52.56 1.80 -16.25
N MET D 212 -52.38 2.49 -15.12
CA MET D 212 -51.01 2.75 -14.68
C MET D 212 -50.37 1.55 -14.01
N ALA D 213 -51.17 0.64 -13.44
CA ALA D 213 -50.64 -0.58 -12.86
C ALA D 213 -50.45 -1.68 -13.90
N THR D 214 -50.75 -1.37 -15.17
CA THR D 214 -50.64 -2.30 -16.29
C THR D 214 -51.48 -3.56 -16.07
N VAL D 215 -52.62 -3.43 -15.40
CA VAL D 215 -53.56 -4.54 -15.33
C VAL D 215 -54.49 -4.52 -16.54
N GLY D 216 -55.21 -3.42 -16.75
CA GLY D 216 -56.04 -3.28 -17.92
C GLY D 216 -57.13 -4.32 -17.99
N TYR D 217 -58.12 -4.22 -17.12
CA TYR D 217 -59.19 -5.22 -17.10
C TYR D 217 -59.95 -5.23 -18.42
N GLY D 218 -60.30 -4.06 -18.94
CA GLY D 218 -60.94 -3.98 -20.25
C GLY D 218 -62.41 -3.66 -20.22
N ASP D 219 -62.99 -3.45 -19.04
CA ASP D 219 -64.39 -3.05 -18.94
C ASP D 219 -64.55 -1.60 -19.34
N ILE D 220 -63.53 -0.78 -19.05
CA ILE D 220 -63.51 0.63 -19.40
C ILE D 220 -62.33 0.83 -20.34
N HIS D 221 -62.62 1.14 -21.60
CA HIS D 221 -61.58 1.30 -22.59
C HIS D 221 -61.88 2.51 -23.47
N ALA D 222 -60.83 3.04 -24.09
CA ALA D 222 -61.00 4.13 -25.03
C ALA D 222 -61.72 3.64 -26.29
N VAL D 223 -62.61 4.47 -26.81
CA VAL D 223 -63.44 4.07 -27.94
C VAL D 223 -63.44 5.07 -29.08
N ASN D 224 -63.06 6.31 -28.87
CA ASN D 224 -63.03 7.33 -29.91
C ASN D 224 -61.62 7.45 -30.46
N LEU D 225 -61.42 8.42 -31.35
CA LEU D 225 -60.07 8.71 -31.84
C LEU D 225 -59.36 9.78 -31.02
N ARG D 226 -60.09 10.58 -30.25
CA ARG D 226 -59.45 11.51 -29.33
C ARG D 226 -59.07 10.83 -28.02
N GLU D 227 -59.63 9.66 -27.73
CA GLU D 227 -59.27 8.89 -26.56
C GLU D 227 -58.18 7.86 -26.83
N MET D 228 -58.13 7.32 -28.04
CA MET D 228 -57.05 6.40 -28.40
C MET D 228 -55.70 7.10 -28.31
N ILE D 229 -55.60 8.32 -28.82
CA ILE D 229 -54.34 9.06 -28.80
C ILE D 229 -53.91 9.35 -27.37
N PHE D 230 -54.86 9.78 -26.53
CA PHE D 230 -54.52 10.07 -25.15
C PHE D 230 -54.08 8.82 -24.42
N VAL D 231 -54.75 7.69 -24.67
CA VAL D 231 -54.37 6.45 -24.00
C VAL D 231 -52.99 6.01 -24.45
N MET D 232 -52.67 6.17 -25.73
CA MET D 232 -51.33 5.81 -26.21
C MET D 232 -50.26 6.66 -25.53
N ILE D 233 -50.47 7.98 -25.47
CA ILE D 233 -49.50 8.86 -24.83
C ILE D 233 -49.34 8.48 -23.36
N TYR D 234 -50.48 8.27 -22.69
CA TYR D 234 -50.46 8.02 -21.25
C TYR D 234 -49.76 6.71 -20.93
N VAL D 235 -50.01 5.65 -21.70
CA VAL D 235 -49.38 4.38 -21.40
C VAL D 235 -47.90 4.41 -21.73
N SER D 236 -47.47 5.15 -22.76
CA SER D 236 -46.03 5.29 -22.99
C SER D 236 -45.35 5.97 -21.81
N PHE D 237 -45.92 7.08 -21.36
CA PHE D 237 -45.35 7.83 -20.23
C PHE D 237 -45.32 6.96 -18.98
N ASP D 238 -46.40 6.22 -18.71
CA ASP D 238 -46.43 5.37 -17.52
C ASP D 238 -45.49 4.18 -17.63
N MET D 239 -45.26 3.66 -18.83
CA MET D 239 -44.29 2.59 -18.99
C MET D 239 -42.90 3.08 -18.58
N VAL D 240 -42.52 4.27 -19.06
CA VAL D 240 -41.22 4.82 -18.67
C VAL D 240 -41.17 5.05 -17.16
N LEU D 241 -42.24 5.60 -16.58
CA LEU D 241 -42.25 5.88 -15.14
C LEU D 241 -42.15 4.60 -14.32
N GLY D 242 -42.86 3.55 -14.72
CA GLY D 242 -42.78 2.30 -13.98
C GLY D 242 -41.41 1.67 -14.04
N ALA D 243 -40.78 1.73 -15.22
CA ALA D 243 -39.40 1.28 -15.31
C ALA D 243 -38.50 2.07 -14.36
N TYR D 244 -38.73 3.39 -14.27
CA TYR D 244 -37.93 4.23 -13.38
C TYR D 244 -38.10 3.83 -11.92
N LEU D 245 -39.36 3.60 -11.49
CA LEU D 245 -39.60 3.22 -10.10
C LEU D 245 -38.97 1.87 -9.77
N ILE D 246 -39.11 0.90 -10.69
CA ILE D 246 -38.45 -0.39 -10.49
C ILE D 246 -36.95 -0.21 -10.36
N GLY D 247 -36.37 0.65 -11.21
CA GLY D 247 -34.94 0.88 -11.14
C GLY D 247 -34.49 1.46 -9.82
N ASN D 248 -35.24 2.44 -9.30
CA ASN D 248 -34.86 3.05 -8.03
C ASN D 248 -34.93 2.03 -6.90
N ILE D 249 -36.01 1.25 -6.83
CA ILE D 249 -36.12 0.27 -5.75
C ILE D 249 -35.02 -0.77 -5.87
N THR D 250 -34.75 -1.23 -7.09
CA THR D 250 -33.71 -2.24 -7.29
C THR D 250 -32.34 -1.71 -6.87
N ALA D 251 -32.02 -0.46 -7.25
CA ALA D 251 -30.73 0.10 -6.89
C ALA D 251 -30.57 0.25 -5.39
N LEU D 252 -31.63 0.73 -4.71
CA LEU D 252 -31.52 0.91 -3.26
C LEU D 252 -31.44 -0.43 -2.53
N ILE D 253 -32.09 -1.48 -3.05
CA ILE D 253 -31.94 -2.81 -2.46
C ILE D 253 -30.54 -3.35 -2.72
N VAL D 254 -29.99 -3.07 -3.91
CA VAL D 254 -28.68 -3.61 -4.28
C VAL D 254 -27.58 -2.97 -3.45
N LYS D 255 -27.71 -1.68 -3.12
CA LYS D 255 -26.66 -0.98 -2.38
C LYS D 255 -26.31 -1.72 -1.09
N GLY D 256 -27.31 -2.13 -0.33
CA GLY D 256 -27.08 -2.93 0.85
C GLY D 256 -26.51 -2.16 2.03
N SER D 257 -26.11 -2.91 3.05
CA SER D 257 -25.59 -2.33 4.29
C SER D 257 -24.52 -3.25 4.86
N ASN D 258 -23.89 -2.79 5.94
CA ASN D 258 -22.80 -3.55 6.55
C ASN D 258 -23.27 -4.89 7.08
N THR D 259 -24.52 -4.96 7.58
CA THR D 259 -25.08 -6.23 8.02
C THR D 259 -25.15 -7.24 6.87
N GLU D 260 -25.11 -6.76 5.62
CA GLU D 260 -25.06 -7.64 4.47
C GLU D 260 -23.64 -8.06 4.11
N ARG D 261 -22.66 -7.15 4.21
CA ARG D 261 -21.28 -7.53 3.96
C ARG D 261 -20.80 -8.56 4.97
N PHE D 262 -21.15 -8.36 6.25
CA PHE D 262 -20.82 -9.36 7.26
C PHE D 262 -21.35 -10.74 6.87
N ARG D 263 -22.65 -10.81 6.54
CA ARG D 263 -23.26 -12.09 6.26
C ARG D 263 -22.68 -12.72 5.00
N ASP D 264 -22.35 -11.91 4.00
CA ASP D 264 -21.75 -12.44 2.78
C ASP D 264 -20.39 -13.06 3.06
N LYS D 265 -19.53 -12.31 3.77
CA LYS D 265 -18.20 -12.85 4.08
C LYS D 265 -18.31 -14.11 4.93
N MET D 266 -19.20 -14.10 5.91
CA MET D 266 -19.36 -15.28 6.77
C MET D 266 -19.92 -16.47 6.01
N ASN D 267 -20.83 -16.26 5.06
CA ASN D 267 -21.32 -17.37 4.25
C ASN D 267 -20.20 -17.97 3.42
N ASP D 268 -19.38 -17.13 2.80
CA ASP D 268 -18.24 -17.64 2.03
C ASP D 268 -17.27 -18.40 2.93
N LEU D 269 -16.91 -17.83 4.07
CA LEU D 269 -16.04 -18.62 4.98
C LEU D 269 -16.73 -19.95 5.23
N ILE D 270 -17.95 -19.92 5.77
CA ILE D 270 -18.58 -21.18 6.17
C ILE D 270 -18.44 -22.21 5.05
N SER D 271 -18.70 -21.80 3.81
CA SER D 271 -18.50 -22.71 2.68
C SER D 271 -17.08 -23.24 2.67
N PHE D 272 -16.09 -22.35 2.77
CA PHE D 272 -14.69 -22.76 2.72
C PHE D 272 -14.35 -23.71 3.86
N MET D 273 -14.80 -23.38 5.08
CA MET D 273 -14.40 -24.16 6.25
C MET D 273 -15.07 -25.54 6.26
N ASN D 274 -16.38 -25.59 6.03
CA ASN D 274 -17.06 -26.88 6.05
C ASN D 274 -16.72 -27.72 4.83
N ARG D 275 -16.23 -27.11 3.75
CA ARG D 275 -15.77 -27.88 2.61
C ARG D 275 -14.56 -28.74 2.97
N LYS D 276 -13.74 -28.28 3.91
CA LYS D 276 -12.50 -28.97 4.27
C LYS D 276 -12.54 -29.59 5.66
N LYS D 277 -13.65 -29.47 6.39
CA LYS D 277 -13.80 -30.08 7.73
C LYS D 277 -12.70 -29.62 8.67
N LEU D 278 -12.72 -28.32 8.98
CA LEU D 278 -11.61 -27.73 9.73
C LEU D 278 -11.69 -28.06 11.22
N GLY D 279 -12.72 -27.58 11.91
CA GLY D 279 -12.81 -27.79 13.35
C GLY D 279 -13.46 -26.64 14.08
N ARG D 280 -14.18 -26.95 15.16
CA ARG D 280 -15.05 -25.97 15.80
C ARG D 280 -14.30 -24.89 16.55
N ASP D 281 -13.14 -25.20 17.13
CA ASP D 281 -12.39 -24.19 17.87
C ASP D 281 -11.91 -23.08 16.94
N LEU D 282 -11.28 -23.45 15.82
CA LEU D 282 -10.86 -22.44 14.86
C LEU D 282 -12.07 -21.78 14.20
N ARG D 283 -13.20 -22.50 14.12
CA ARG D 283 -14.44 -21.86 13.71
C ARG D 283 -14.79 -20.71 14.64
N SER D 284 -14.65 -20.94 15.95
CA SER D 284 -14.93 -19.89 16.92
C SER D 284 -13.97 -18.71 16.75
N GLN D 285 -12.68 -19.00 16.59
CA GLN D 285 -11.72 -17.91 16.43
C GLN D 285 -12.02 -17.11 15.17
N ILE D 286 -12.30 -17.80 14.09
CA ILE D 286 -12.66 -17.15 12.84
C ILE D 286 -13.90 -16.27 12.99
N THR D 287 -14.95 -16.80 13.62
CA THR D 287 -16.18 -16.04 13.77
C THR D 287 -15.96 -14.79 14.62
N GLY D 288 -15.22 -14.91 15.71
CA GLY D 288 -14.93 -13.73 16.51
C GLY D 288 -14.14 -12.70 15.74
N HIS D 289 -13.13 -13.15 14.98
CA HIS D 289 -12.31 -12.24 14.20
C HIS D 289 -13.14 -11.46 13.19
N VAL D 290 -13.95 -12.18 12.40
CA VAL D 290 -14.76 -11.51 11.39
C VAL D 290 -15.80 -10.62 12.05
N ARG D 291 -16.34 -11.05 13.19
CA ARG D 291 -17.29 -10.23 13.93
C ARG D 291 -16.68 -8.88 14.27
N LEU D 292 -15.43 -8.88 14.71
CA LEU D 292 -14.83 -7.61 15.08
C LEU D 292 -14.49 -6.76 13.86
N GLN D 293 -13.89 -7.34 12.81
CA GLN D 293 -13.55 -6.40 11.75
C GLN D 293 -14.77 -5.97 10.92
N TYR D 294 -15.93 -6.62 11.07
CA TYR D 294 -17.12 -6.22 10.34
C TYR D 294 -18.17 -5.57 11.24
N ASP D 295 -17.70 -4.78 12.20
CA ASP D 295 -18.58 -3.91 12.98
C ASP D 295 -18.23 -2.46 12.69
N SER D 296 -19.00 -1.55 13.29
CA SER D 296 -18.77 -0.12 13.11
C SER D 296 -17.51 0.37 13.82
N HIS D 297 -16.92 -0.45 14.70
CA HIS D 297 -15.76 -0.01 15.47
C HIS D 297 -14.46 -0.02 14.67
N TYR D 298 -14.40 -0.78 13.57
CA TYR D 298 -13.15 -0.96 12.83
C TYR D 298 -13.01 0.00 11.65
N THR D 299 -13.89 0.99 11.55
CA THR D 299 -13.73 2.03 10.56
C THR D 299 -13.57 3.42 11.16
N ASP D 300 -13.39 3.52 12.48
CA ASP D 300 -13.36 4.81 13.16
C ASP D 300 -12.22 5.70 12.67
N THR D 301 -11.01 5.16 12.68
CA THR D 301 -9.87 5.92 12.15
C THR D 301 -9.98 6.09 10.63
N VAL D 302 -10.79 5.27 9.98
CA VAL D 302 -10.90 5.32 8.53
C VAL D 302 -11.73 6.52 8.09
N MET D 303 -12.90 6.74 8.72
CA MET D 303 -13.70 7.88 8.29
C MET D 303 -13.13 9.18 8.82
N LEU D 304 -12.49 9.13 10.00
CA LEU D 304 -11.99 10.35 10.61
C LEU D 304 -10.68 10.78 9.96
N GLN D 305 -10.71 10.90 8.63
CA GLN D 305 -9.55 11.32 7.86
C GLN D 305 -9.73 12.66 7.17
N ASP D 306 -10.97 13.13 7.01
CA ASP D 306 -11.22 14.37 6.28
C ASP D 306 -11.66 15.52 7.18
N ILE D 307 -12.21 15.21 8.35
CA ILE D 307 -12.57 16.31 9.29
C ILE D 307 -11.33 17.18 9.35
N PRO D 308 -11.43 18.52 9.25
CA PRO D 308 -10.26 19.36 9.15
C PRO D 308 -9.11 18.82 9.98
N ALA D 309 -9.24 18.94 11.30
CA ALA D 309 -8.23 18.49 12.26
C ALA D 309 -8.65 19.24 13.50
N SER D 310 -9.09 20.45 13.24
CA SER D 310 -9.52 21.26 14.37
C SER D 310 -10.61 20.59 15.18
N ILE D 311 -11.65 20.10 14.52
CA ILE D 311 -12.71 19.39 15.22
C ILE D 311 -12.22 18.04 15.74
N ARG D 312 -11.40 17.34 14.95
CA ARG D 312 -10.79 16.12 15.44
C ARG D 312 -9.98 16.37 16.70
N ALA D 313 -9.37 17.56 16.81
CA ALA D 313 -8.64 17.90 18.01
C ALA D 313 -9.57 17.88 19.22
N LYS D 314 -10.76 18.46 19.11
CA LYS D 314 -11.68 18.48 20.24
C LYS D 314 -12.26 17.09 20.51
N ILE D 315 -12.52 16.31 19.45
CA ILE D 315 -12.99 14.95 19.68
C ILE D 315 -11.93 14.14 20.43
N ALA D 316 -10.66 14.27 20.04
CA ALA D 316 -9.60 13.57 20.75
C ALA D 316 -9.49 14.06 22.19
N GLN D 317 -9.50 15.38 22.39
CA GLN D 317 -9.36 15.93 23.73
C GLN D 317 -10.55 15.63 24.62
N LEU D 318 -11.69 15.26 24.03
CA LEU D 318 -12.84 14.84 24.81
C LEU D 318 -12.88 13.34 25.08
N LEU D 319 -12.31 12.53 24.18
CA LEU D 319 -12.40 11.08 24.32
C LEU D 319 -11.18 10.46 24.98
N TYR D 320 -9.98 10.78 24.47
CA TYR D 320 -8.78 10.06 24.82
C TYR D 320 -7.98 10.70 25.95
N LEU D 321 -8.38 11.88 26.42
CA LEU D 321 -7.54 12.62 27.37
C LEU D 321 -7.30 11.88 28.68
N PRO D 322 -8.32 11.37 29.39
CA PRO D 322 -8.03 10.66 30.65
C PRO D 322 -7.16 9.43 30.47
N TYR D 323 -7.35 8.71 29.36
CA TYR D 323 -6.59 7.50 29.12
C TYR D 323 -5.10 7.80 29.05
N ILE D 324 -4.73 8.81 28.26
CA ILE D 324 -3.32 9.16 28.11
C ILE D 324 -2.82 9.84 29.38
N LYS D 325 -3.68 10.52 30.12
CA LYS D 325 -3.23 11.23 31.32
C LYS D 325 -2.98 10.28 32.48
N LYS D 326 -3.61 9.11 32.49
CA LYS D 326 -3.46 8.20 33.61
C LYS D 326 -2.19 7.36 33.53
N VAL D 327 -1.42 7.47 32.45
CA VAL D 327 -0.20 6.67 32.29
C VAL D 327 0.90 7.30 33.14
N PRO D 328 1.75 6.47 33.78
CA PRO D 328 2.73 7.07 34.71
C PRO D 328 3.87 7.74 33.95
N LEU D 329 4.28 7.17 32.82
CA LEU D 329 5.40 7.72 32.07
C LEU D 329 5.22 9.23 31.86
N PHE D 330 3.99 9.62 31.52
CA PHE D 330 3.72 11.03 31.28
C PHE D 330 3.53 11.91 32.51
N LYS D 331 4.56 12.05 33.33
CA LYS D 331 4.47 12.95 34.47
C LYS D 331 5.19 14.26 34.24
N GLY D 332 5.32 14.69 32.98
CA GLY D 332 5.93 15.98 32.70
C GLY D 332 5.14 17.15 33.26
N CYS D 333 3.91 16.91 33.70
CA CYS D 333 3.04 17.84 34.40
C CYS D 333 2.58 19.01 33.53
N SER D 334 3.04 19.10 32.29
CA SER D 334 2.60 20.14 31.37
C SER D 334 1.38 19.62 30.64
N THR D 335 0.20 20.01 31.12
CA THR D 335 -1.03 19.62 30.45
C THR D 335 -1.11 20.18 29.03
N GLU D 336 -0.32 21.21 28.73
CA GLU D 336 -0.17 21.64 27.34
C GLU D 336 0.58 20.59 26.52
N PHE D 337 1.66 20.05 27.08
CA PHE D 337 2.34 18.92 26.45
C PHE D 337 1.39 17.74 26.32
N ILE D 338 0.56 17.50 27.34
CA ILE D 338 -0.37 16.38 27.29
C ILE D 338 -1.41 16.59 26.19
N ASN D 339 -1.96 17.80 26.08
CA ASN D 339 -2.93 18.04 25.01
C ASN D 339 -2.28 18.00 23.65
N GLN D 340 -0.97 18.30 23.57
CA GLN D 340 -0.25 18.05 22.33
C GLN D 340 -0.17 16.56 22.03
N ILE D 341 -0.05 15.75 23.08
CA ILE D 341 -0.05 14.29 22.89
C ILE D 341 -1.42 13.82 22.39
N VAL D 342 -2.50 14.34 22.98
CA VAL D 342 -3.83 13.84 22.66
C VAL D 342 -4.22 14.21 21.23
N ILE D 343 -3.72 15.35 20.73
CA ILE D 343 -4.16 15.87 19.44
C ILE D 343 -3.71 15.01 18.27
N ARG D 344 -2.90 13.98 18.50
CA ARG D 344 -2.35 13.14 17.44
C ARG D 344 -2.46 11.67 17.80
N LEU D 345 -3.64 11.24 18.23
CA LEU D 345 -3.88 9.86 18.61
C LEU D 345 -4.88 9.19 17.67
N HIS D 346 -4.61 7.94 17.32
CA HIS D 346 -5.48 7.14 16.48
C HIS D 346 -5.66 5.76 17.12
N GLU D 347 -6.90 5.31 17.20
CA GLU D 347 -7.22 4.06 17.89
C GLU D 347 -6.95 2.86 16.99
N GLU D 348 -6.95 1.68 17.60
CA GLU D 348 -6.77 0.42 16.91
C GLU D 348 -7.14 -0.73 17.84
N TYR D 349 -7.86 -1.72 17.30
CA TYR D 349 -8.37 -2.83 18.09
C TYR D 349 -7.82 -4.15 17.55
N PHE D 350 -7.44 -5.05 18.45
CA PHE D 350 -6.95 -6.38 18.09
C PHE D 350 -7.58 -7.44 18.98
N LEU D 351 -8.07 -8.51 18.36
CA LEU D 351 -8.59 -9.63 19.13
C LEU D 351 -7.47 -10.39 19.82
N PRO D 352 -7.73 -11.04 20.96
CA PRO D 352 -6.73 -11.91 21.57
C PRO D 352 -6.09 -12.88 20.58
N GLY D 353 -4.79 -12.74 20.37
CA GLY D 353 -4.06 -13.58 19.44
C GLY D 353 -3.47 -12.89 18.23
N GLU D 354 -3.19 -11.59 18.30
CA GLU D 354 -2.62 -10.84 17.19
C GLU D 354 -1.19 -10.43 17.51
N VAL D 355 -0.32 -10.54 16.51
CA VAL D 355 1.03 -9.99 16.64
C VAL D 355 0.98 -8.50 16.33
N ILE D 356 1.47 -7.70 17.27
CA ILE D 356 1.48 -6.25 17.09
C ILE D 356 2.87 -5.85 16.61
N THR D 357 3.88 -6.08 17.43
CA THR D 357 5.25 -5.71 17.12
C THR D 357 6.18 -6.86 17.46
N GLU D 358 7.25 -6.97 16.68
CA GLU D 358 8.29 -7.97 16.92
C GLU D 358 9.64 -7.37 16.53
N GLN D 359 10.68 -8.20 16.59
CA GLN D 359 12.02 -7.72 16.31
C GLN D 359 12.15 -7.23 14.87
N GLY D 360 11.44 -7.87 13.94
CA GLY D 360 11.60 -7.52 12.53
C GLY D 360 11.23 -6.08 12.23
N ASN D 361 10.14 -5.60 12.81
CA ASN D 361 9.69 -4.23 12.55
C ASN D 361 10.45 -3.25 13.42
N VAL D 362 10.88 -2.15 12.82
CA VAL D 362 11.46 -1.04 13.55
C VAL D 362 10.34 -0.17 14.11
N VAL D 363 10.68 0.75 15.01
CA VAL D 363 9.65 1.60 15.62
C VAL D 363 9.00 2.46 14.55
N ASP D 364 7.66 2.52 14.60
CA ASP D 364 6.91 3.34 13.66
C ASP D 364 5.85 4.15 14.40
N HIS D 365 5.47 3.70 15.59
CA HIS D 365 4.36 4.33 16.30
C HIS D 365 4.52 4.09 17.79
N LEU D 366 3.85 4.94 18.57
CA LEU D 366 3.85 4.82 20.03
C LEU D 366 2.56 4.12 20.45
N TYR D 367 2.62 2.79 20.50
CA TYR D 367 1.44 1.98 20.83
C TYR D 367 1.16 2.12 22.32
N PHE D 368 0.12 2.88 22.67
CA PHE D 368 -0.35 2.93 24.04
C PHE D 368 -1.45 1.91 24.25
N VAL D 369 -1.54 1.39 25.47
CA VAL D 369 -2.42 0.28 25.78
C VAL D 369 -3.59 0.78 26.63
N CYS D 370 -4.80 0.48 26.16
CA CYS D 370 -6.02 0.72 26.92
C CYS D 370 -6.45 -0.59 27.60
N GLU D 371 -7.67 -0.63 28.13
CA GLU D 371 -8.18 -1.79 28.85
C GLU D 371 -7.99 -3.08 28.06
N GLY D 372 -7.18 -3.99 28.59
CA GLY D 372 -6.90 -5.25 27.95
C GLY D 372 -5.48 -5.70 28.24
N LEU D 373 -5.21 -6.97 27.96
CA LEU D 373 -3.92 -7.58 28.24
C LEU D 373 -3.29 -8.06 26.94
N LEU D 374 -2.04 -7.66 26.72
CA LEU D 374 -1.26 -8.12 25.58
C LEU D 374 0.01 -8.78 26.09
N GLU D 375 0.31 -9.97 25.57
CA GLU D 375 1.48 -10.72 26.03
C GLU D 375 2.74 -10.17 25.36
N ALA D 376 3.77 -9.97 26.17
CA ALA D 376 5.09 -9.58 25.68
C ALA D 376 6.03 -10.76 25.86
N LEU D 377 6.69 -11.17 24.79
CA LEU D 377 7.64 -12.28 24.77
C LEU D 377 8.90 -11.86 24.04
N VAL D 378 9.91 -12.72 24.05
CA VAL D 378 11.05 -12.57 23.17
C VAL D 378 11.34 -13.92 22.52
N THR D 379 12.41 -14.01 21.76
CA THR D 379 12.77 -15.22 21.04
C THR D 379 14.04 -15.83 21.66
N LYS D 380 14.15 -17.15 21.51
CA LYS D 380 15.31 -17.89 21.98
C LYS D 380 15.67 -18.94 20.94
N THR D 381 16.61 -19.84 21.24
CA THR D 381 17.02 -20.85 20.26
C THR D 381 16.39 -22.16 20.73
N ASP D 382 15.59 -22.16 21.80
CA ASP D 382 14.80 -23.30 22.22
C ASP D 382 13.29 -23.20 22.52
N GLY D 383 12.50 -23.47 21.48
CA GLY D 383 11.08 -23.19 21.56
C GLY D 383 10.86 -21.71 21.73
N SER D 384 11.77 -20.89 21.20
CA SER D 384 11.78 -19.45 21.46
C SER D 384 11.71 -19.18 22.95
N GLU D 385 11.08 -18.07 23.34
CA GLU D 385 11.00 -17.68 24.74
C GLU D 385 9.56 -17.30 25.06
N GLU D 386 9.19 -17.47 26.34
CA GLU D 386 7.84 -17.24 26.80
C GLU D 386 7.87 -16.41 28.08
N SER D 387 6.79 -15.66 28.32
CA SER D 387 6.58 -14.93 29.56
C SER D 387 7.66 -13.89 29.85
N VAL D 388 7.75 -12.85 29.02
CA VAL D 388 8.57 -11.69 29.29
C VAL D 388 7.88 -10.68 30.19
N THR D 389 6.68 -10.24 29.82
CA THR D 389 5.93 -9.27 30.61
C THR D 389 4.48 -9.28 30.13
N LEU D 390 3.56 -9.09 31.06
CA LEU D 390 2.14 -8.97 30.77
C LEU D 390 1.69 -7.53 30.98
N LEU D 391 1.66 -6.77 29.89
CA LEU D 391 1.31 -5.36 29.95
C LEU D 391 -0.15 -5.18 30.32
N GLY D 392 -0.41 -4.18 31.16
CA GLY D 392 -1.75 -3.89 31.61
C GLY D 392 -2.15 -2.46 31.33
N PRO D 393 -3.35 -2.08 31.76
CA PRO D 393 -3.85 -0.72 31.49
C PRO D 393 -2.99 0.34 32.18
N HIS D 394 -3.12 1.57 31.68
CA HIS D 394 -2.37 2.71 32.19
C HIS D 394 -0.87 2.45 32.18
N THR D 395 -0.37 1.86 31.09
CA THR D 395 1.06 1.65 30.89
C THR D 395 1.40 2.05 29.46
N SER D 396 2.68 1.96 29.14
CA SER D 396 3.17 2.26 27.81
C SER D 396 3.60 0.98 27.10
N PHE D 397 4.00 1.13 25.85
CA PHE D 397 4.42 0.00 25.02
C PHE D 397 5.16 0.51 23.79
N GLY D 398 6.35 -0.02 23.53
CA GLY D 398 7.13 0.44 22.40
C GLY D 398 7.56 1.89 22.52
N ASP D 399 8.24 2.22 23.61
CA ASP D 399 8.69 3.58 23.88
C ASP D 399 10.20 3.75 23.78
N ILE D 400 10.98 2.76 24.26
CA ILE D 400 12.43 2.88 24.22
C ILE D 400 12.95 2.92 22.79
N SER D 401 12.25 2.26 21.86
CA SER D 401 12.71 2.25 20.48
C SER D 401 12.74 3.65 19.89
N ILE D 402 11.68 4.43 20.10
CA ILE D 402 11.74 5.83 19.67
C ILE D 402 12.66 6.64 20.57
N ILE D 403 12.76 6.25 21.85
CA ILE D 403 13.53 7.05 22.82
C ILE D 403 15.01 7.08 22.43
N CYS D 404 15.59 5.91 22.14
CA CYS D 404 17.03 5.85 21.87
C CYS D 404 17.34 5.41 20.45
N ASN D 405 16.88 4.23 20.02
CA ASN D 405 17.32 3.69 18.74
C ASN D 405 16.26 2.78 18.16
N ILE D 406 16.25 2.68 16.83
CA ILE D 406 15.21 1.99 16.08
C ILE D 406 15.27 0.49 16.35
N SER D 407 14.25 -0.23 15.85
CA SER D 407 13.98 -1.64 16.08
C SER D 407 13.27 -1.82 17.41
N GLN D 408 12.19 -2.60 17.42
CA GLN D 408 11.39 -2.82 18.61
C GLN D 408 11.53 -4.26 19.06
N PRO D 409 12.37 -4.54 20.05
CA PRO D 409 12.50 -5.92 20.55
C PRO D 409 11.29 -6.31 21.37
N PHE D 410 11.36 -7.47 22.02
CA PHE D 410 10.27 -7.98 22.85
C PHE D 410 9.01 -8.19 22.02
N THR D 411 9.12 -9.17 21.11
CA THR D 411 7.99 -9.61 20.30
C THR D 411 6.72 -9.74 21.12
N VAL D 412 5.69 -9.01 20.72
CA VAL D 412 4.44 -8.93 21.48
C VAL D 412 3.31 -9.48 20.63
N ARG D 413 2.62 -10.49 21.16
CA ARG D 413 1.41 -11.01 20.56
C ARG D 413 0.29 -10.86 21.58
N VAL D 414 -0.77 -10.14 21.19
CA VAL D 414 -1.80 -9.77 22.15
C VAL D 414 -2.51 -11.01 22.69
N CYS D 415 -3.03 -10.88 23.91
CA CYS D 415 -3.72 -11.98 24.58
C CYS D 415 -5.15 -11.66 24.98
N GLU D 416 -5.55 -10.39 24.98
CA GLU D 416 -6.92 -10.00 25.30
C GLU D 416 -7.30 -8.82 24.41
N LEU D 417 -8.61 -8.58 24.33
CA LEU D 417 -9.11 -7.43 23.59
C LEU D 417 -8.74 -6.13 24.28
N CYS D 418 -8.29 -5.16 23.49
CA CYS D 418 -7.83 -3.89 24.04
C CYS D 418 -7.88 -2.82 22.96
N HIS D 419 -8.21 -1.60 23.37
CA HIS D 419 -8.39 -0.46 22.47
C HIS D 419 -7.13 0.40 22.42
N LEU D 420 -6.05 -0.19 21.92
CA LEU D 420 -4.76 0.48 21.93
C LEU D 420 -4.79 1.81 21.18
N LEU D 421 -4.14 2.81 21.76
CA LEU D 421 -3.91 4.07 21.07
C LEU D 421 -2.62 3.99 20.26
N ARG D 422 -2.41 4.99 19.41
CA ARG D 422 -1.27 4.95 18.50
C ARG D 422 -0.88 6.38 18.14
N LEU D 423 0.37 6.74 18.41
CA LEU D 423 0.90 8.07 18.13
C LEU D 423 2.15 7.94 17.27
N ASP D 424 2.28 8.81 16.27
CA ASP D 424 3.38 8.73 15.33
C ASP D 424 4.71 9.07 16.02
N LYS D 425 5.73 8.28 15.71
CA LYS D 425 7.04 8.50 16.33
C LYS D 425 7.63 9.84 15.94
N GLN D 426 7.49 10.22 14.67
CA GLN D 426 7.99 11.52 14.22
C GLN D 426 7.24 12.66 14.92
N SER D 427 5.93 12.49 15.12
CA SER D 427 5.15 13.50 15.83
C SER D 427 5.66 13.67 17.25
N PHE D 428 5.92 12.56 17.94
CA PHE D 428 6.49 12.63 19.28
C PHE D 428 7.87 13.27 19.25
N SER D 429 8.62 13.05 18.18
CA SER D 429 9.92 13.69 18.03
C SER D 429 9.77 15.21 17.97
N ASN D 430 8.82 15.70 17.18
CA ASN D 430 8.60 17.15 17.14
C ASN D 430 8.13 17.67 18.49
N ILE D 431 7.24 16.92 19.16
CA ILE D 431 6.70 17.39 20.44
C ILE D 431 7.81 17.47 21.49
N LEU D 432 8.71 16.49 21.52
CA LEU D 432 9.85 16.58 22.43
C LEU D 432 10.84 17.66 22.01
N GLU D 433 10.93 17.94 20.71
CA GLU D 433 11.76 19.06 20.26
C GLU D 433 11.24 20.38 20.81
N ILE D 434 9.92 20.57 20.80
CA ILE D 434 9.33 21.80 21.33
C ILE D 434 9.15 21.76 22.85
N TYR D 435 9.31 20.60 23.47
CA TYR D 435 9.12 20.42 24.91
C TYR D 435 10.29 19.64 25.51
N PHE D 436 11.51 20.11 25.21
CA PHE D 436 12.72 19.40 25.61
C PHE D 436 12.76 19.12 27.10
N HIS D 437 12.30 20.07 27.93
CA HIS D 437 12.26 19.85 29.37
C HIS D 437 11.33 18.69 29.73
N ASP D 438 10.17 18.63 29.09
CA ASP D 438 9.27 17.51 29.31
C ASP D 438 9.87 16.21 28.79
N GLY D 439 10.72 16.29 27.76
CA GLY D 439 11.46 15.10 27.35
C GLY D 439 12.44 14.64 28.41
N ARG D 440 13.10 15.59 29.08
CA ARG D 440 13.97 15.24 30.20
C ARG D 440 13.17 14.57 31.31
N THR D 441 11.98 15.10 31.60
CA THR D 441 11.12 14.46 32.59
C THR D 441 10.70 13.07 32.14
N ILE D 442 10.46 12.89 30.84
CA ILE D 442 10.09 11.58 30.30
C ILE D 442 11.22 10.58 30.54
N LEU D 443 12.45 10.98 30.23
CA LEU D 443 13.58 10.07 30.46
C LEU D 443 13.81 9.82 31.95
N ASN D 444 13.55 10.82 32.80
CA ASN D 444 13.66 10.60 34.24
C ASN D 444 12.67 9.52 34.70
N ASN D 445 11.42 9.65 34.31
CA ASN D 445 10.42 8.64 34.66
C ASN D 445 10.76 7.30 34.04
N ILE D 446 11.35 7.30 32.84
CA ILE D 446 11.76 6.06 32.20
C ILE D 446 12.82 5.35 33.03
N MET D 447 13.79 6.12 33.52
CA MET D 447 14.80 5.55 34.42
C MET D 447 14.17 4.99 35.68
N GLU D 448 13.27 5.76 36.29
CA GLU D 448 12.64 5.33 37.53
C GLU D 448 11.86 4.04 37.34
N GLU D 449 11.08 3.94 36.25
CA GLU D 449 10.31 2.73 36.01
C GLU D 449 11.19 1.58 35.49
N LYS D 450 12.35 1.89 34.91
CA LYS D 450 13.30 0.85 34.57
C LYS D 450 13.81 0.18 35.83
N GLU D 451 14.17 0.99 36.84
CA GLU D 451 14.56 0.41 38.11
C GLU D 451 13.37 -0.14 38.89
N SER D 452 12.15 0.24 38.50
CA SER D 452 10.96 -0.25 39.20
C SER D 452 10.50 -1.60 38.65
N ASN D 453 10.15 -1.64 37.37
CA ASN D 453 9.56 -2.83 36.77
C ASN D 453 10.53 -3.48 35.79
N ASP D 454 10.17 -4.69 35.36
CA ASP D 454 11.00 -5.48 34.45
C ASP D 454 10.56 -5.30 32.99
N ARG D 455 10.48 -4.05 32.53
CA ARG D 455 10.27 -3.78 31.12
C ARG D 455 11.41 -2.97 30.51
N ILE D 456 11.82 -1.89 31.18
CA ILE D 456 12.86 -1.02 30.63
C ILE D 456 14.26 -1.44 31.09
N LYS D 457 14.38 -2.13 32.22
CA LYS D 457 15.68 -2.63 32.65
C LYS D 457 16.27 -3.63 31.65
N LYS D 458 15.44 -4.21 30.79
CA LYS D 458 15.95 -5.03 29.70
C LYS D 458 16.58 -4.15 28.64
N LEU D 459 17.82 -4.47 28.26
CA LEU D 459 18.58 -3.71 27.27
C LEU D 459 18.71 -2.24 27.69
N GLU D 460 19.30 -2.03 28.86
CA GLU D 460 19.51 -0.69 29.39
C GLU D 460 20.80 -0.04 28.90
N SER D 461 21.64 -0.79 28.18
CA SER D 461 22.89 -0.22 27.68
C SER D 461 22.63 0.92 26.71
N ASP D 462 21.69 0.72 25.78
CA ASP D 462 21.36 1.79 24.84
C ASP D 462 20.71 2.98 25.55
N ILE D 463 19.99 2.72 26.65
CA ILE D 463 19.41 3.81 27.42
C ILE D 463 20.50 4.63 28.09
N VAL D 464 21.52 3.96 28.63
CA VAL D 464 22.66 4.67 29.21
C VAL D 464 23.38 5.48 28.14
N ILE D 465 23.56 4.90 26.96
CA ILE D 465 24.19 5.63 25.85
C ILE D 465 23.36 6.87 25.50
N HIS D 466 22.04 6.71 25.46
CA HIS D 466 21.16 7.82 25.11
C HIS D 466 21.22 8.94 26.13
N ILE D 467 21.19 8.60 27.43
CA ILE D 467 21.25 9.64 28.44
C ILE D 467 22.63 10.31 28.43
N GLY D 468 23.69 9.55 28.16
CA GLY D 468 25.00 10.17 28.04
C GLY D 468 25.09 11.14 26.88
N LYS D 469 24.56 10.75 25.71
CA LYS D 469 24.56 11.64 24.56
C LYS D 469 23.72 12.88 24.82
N GLN D 470 22.56 12.70 25.47
CA GLN D 470 21.73 13.84 25.82
C GLN D 470 22.46 14.80 26.75
N GLU D 471 23.14 14.26 27.77
CA GLU D 471 23.86 15.13 28.69
C GLU D 471 25.04 15.81 28.00
N ALA D 472 25.66 15.15 27.02
CA ALA D 472 26.69 15.80 26.22
C ALA D 472 26.11 16.98 25.45
N GLU D 473 24.92 16.78 24.87
CA GLU D 473 24.28 17.88 24.14
C GLU D 473 23.95 19.04 25.08
N LEU D 474 23.46 18.74 26.29
CA LEU D 474 23.19 19.80 27.25
C LEU D 474 24.48 20.49 27.69
N ALA D 475 25.58 19.73 27.79
CA ALA D 475 26.87 20.35 28.09
C ALA D 475 27.26 21.33 26.99
N LEU D 476 27.04 20.95 25.73
CA LEU D 476 27.27 21.89 24.63
C LEU D 476 26.42 23.14 24.81
N LYS D 477 25.13 22.95 25.15
CA LYS D 477 24.24 24.10 25.30
C LYS D 477 24.73 25.03 26.41
N VAL D 478 25.09 24.47 27.57
CA VAL D 478 25.49 25.29 28.71
C VAL D 478 26.82 25.98 28.44
N ASN D 479 27.74 25.30 27.75
CA ASN D 479 29.02 25.91 27.45
C ASN D 479 28.86 27.04 26.44
N SER D 480 28.00 26.86 25.44
CA SER D 480 27.73 27.94 24.50
C SER D 480 27.06 29.13 25.20
N ALA D 481 26.13 28.84 26.11
CA ALA D 481 25.49 29.89 26.88
C ALA D 481 26.52 30.69 27.67
N ALA D 482 27.40 30.00 28.40
CA ALA D 482 28.45 30.70 29.14
C ALA D 482 29.42 31.41 28.20
N PHE D 483 29.58 30.91 26.97
CA PHE D 483 30.40 31.60 25.98
C PHE D 483 29.80 32.95 25.63
N GLN D 484 28.48 33.00 25.47
CA GLN D 484 27.82 34.28 25.30
C GLN D 484 27.47 34.93 26.64
N GLY D 485 27.55 34.18 27.74
CA GLY D 485 27.20 34.67 29.07
C GLY D 485 25.85 34.09 29.43
N ASP D 486 24.79 34.89 29.40
CA ASP D 486 23.43 34.39 29.60
C ASP D 486 23.24 33.79 30.99
N PHE D 487 23.31 34.66 32.00
CA PHE D 487 22.92 34.26 33.35
C PHE D 487 21.50 33.73 33.38
N TYR D 488 20.62 34.29 32.54
CA TYR D 488 19.26 33.77 32.45
C TYR D 488 19.24 32.38 31.83
N GLN D 489 20.07 32.13 30.82
CA GLN D 489 20.22 30.76 30.38
C GLN D 489 20.93 29.90 31.42
N LEU D 490 21.72 30.50 32.31
CA LEU D 490 22.31 29.73 33.40
C LEU D 490 21.23 29.20 34.34
N LYS D 491 20.27 30.06 34.72
CA LYS D 491 19.18 29.56 35.54
C LYS D 491 18.27 28.64 34.75
N SER D 492 18.13 28.86 33.44
CA SER D 492 17.36 27.93 32.61
C SER D 492 17.98 26.54 32.61
N LEU D 493 19.31 26.46 32.51
CA LEU D 493 19.98 25.16 32.48
C LEU D 493 20.03 24.51 33.85
N ILE D 494 20.15 25.29 34.93
CA ILE D 494 20.05 24.67 36.25
C ILE D 494 18.64 24.16 36.48
N ARG D 495 17.63 24.80 35.89
CA ARG D 495 16.28 24.23 35.88
C ARG D 495 16.23 22.96 35.05
N SER D 496 16.97 22.93 33.93
CA SER D 496 17.00 21.74 33.08
C SER D 496 17.84 20.63 33.67
N GLY D 497 18.68 20.93 34.67
CA GLY D 497 19.47 19.91 35.32
C GLY D 497 20.68 19.43 34.55
N ALA D 498 21.17 20.22 33.59
CA ALA D 498 22.36 19.83 32.83
C ALA D 498 23.57 19.77 33.74
N ASP D 499 24.52 18.90 33.41
CA ASP D 499 25.70 18.71 34.23
C ASP D 499 26.60 19.94 34.19
N PRO D 500 26.84 20.58 35.33
CA PRO D 500 27.72 21.76 35.34
C PRO D 500 29.19 21.36 35.40
N ASN D 501 29.46 20.21 36.02
CA ASN D 501 30.84 19.74 36.14
C ASN D 501 31.42 19.31 34.81
N LYS D 502 30.57 18.85 33.90
CA LYS D 502 31.03 18.40 32.59
C LYS D 502 31.49 19.57 31.73
N THR D 503 32.56 19.36 30.98
CA THR D 503 33.08 20.42 30.11
C THR D 503 32.35 20.45 28.78
N ASP D 504 32.90 21.17 27.80
CA ASP D 504 32.29 21.20 26.48
C ASP D 504 32.77 20.05 25.62
N TYR D 505 32.12 19.83 24.48
CA TYR D 505 32.52 18.74 23.59
C TYR D 505 34.05 18.65 23.37
N ASP D 506 34.64 19.81 23.07
CA ASP D 506 36.09 19.88 22.93
C ASP D 506 36.99 19.49 24.10
N GLY D 507 36.54 19.73 25.34
CA GLY D 507 37.31 19.34 26.50
C GLY D 507 37.65 20.48 27.42
N ARG D 508 36.97 21.61 27.25
CA ARG D 508 37.23 22.80 28.04
C ARG D 508 36.11 22.98 29.06
N SER D 509 36.48 23.12 30.33
CA SER D 509 35.50 23.19 31.39
C SER D 509 34.70 24.50 31.28
N PRO D 510 33.47 24.51 31.81
CA PRO D 510 32.70 25.76 31.79
C PRO D 510 33.41 26.90 32.51
N LEU D 511 34.18 26.61 33.56
CA LEU D 511 34.91 27.67 34.25
C LEU D 511 36.09 28.16 33.42
N HIS D 512 36.79 27.26 32.71
CA HIS D 512 37.83 27.71 31.79
C HIS D 512 37.25 28.64 30.73
N LEU D 513 36.12 28.24 30.16
CA LEU D 513 35.48 29.05 29.12
C LEU D 513 35.00 30.38 29.66
N ALA D 514 34.44 30.39 30.87
CA ALA D 514 34.02 31.64 31.50
C ALA D 514 35.20 32.51 31.88
N ALA D 515 36.38 31.91 32.06
CA ALA D 515 37.59 32.70 32.25
C ALA D 515 38.08 33.29 30.93
N CYS D 516 37.90 32.55 29.84
CA CYS D 516 38.38 33.03 28.54
C CYS D 516 37.62 34.26 28.07
N ARG D 517 36.31 34.30 28.31
CA ARG D 517 35.48 35.44 27.94
C ARG D 517 35.05 36.16 29.22
N GLY D 518 35.26 37.48 29.24
CA GLY D 518 35.00 38.26 30.45
C GLY D 518 33.57 38.18 30.92
N TYR D 519 33.35 37.44 32.01
CA TYR D 519 32.01 37.31 32.59
C TYR D 519 32.19 36.92 34.07
N GLU D 520 32.07 37.90 34.96
CA GLU D 520 32.25 37.63 36.38
C GLU D 520 31.04 36.90 36.99
N ASP D 521 29.83 37.27 36.58
CA ASP D 521 28.63 36.64 37.11
C ASP D 521 28.60 35.16 36.75
N ILE D 522 28.99 34.81 35.51
CA ILE D 522 29.02 33.41 35.11
C ILE D 522 30.02 32.64 35.95
N THR D 523 31.19 33.24 36.21
CA THR D 523 32.21 32.56 37.01
C THR D 523 31.74 32.33 38.43
N LEU D 524 31.10 33.33 39.05
CA LEU D 524 30.63 33.12 40.42
C LEU D 524 29.50 32.11 40.47
N PHE D 525 28.62 32.09 39.45
CA PHE D 525 27.59 31.07 39.41
C PHE D 525 28.20 29.68 39.26
N LEU D 526 29.24 29.55 38.44
CA LEU D 526 29.91 28.26 38.29
C LEU D 526 30.57 27.83 39.59
N ILE D 527 31.17 28.76 40.31
CA ILE D 527 31.76 28.45 41.62
C ILE D 527 30.68 27.97 42.58
N GLN D 528 29.55 28.67 42.61
CA GLN D 528 28.44 28.27 43.49
C GLN D 528 27.82 26.96 43.06
N GLU D 529 27.99 26.58 41.79
CA GLU D 529 27.37 25.38 41.24
C GLU D 529 28.20 24.13 41.49
N GLY D 530 29.36 24.24 42.12
CA GLY D 530 30.22 23.10 42.33
C GLY D 530 31.12 22.75 41.16
N VAL D 531 31.15 23.57 40.11
CA VAL D 531 32.05 23.32 38.99
C VAL D 531 33.48 23.38 39.48
N ASP D 532 34.29 22.44 39.02
CA ASP D 532 35.68 22.33 39.45
C ASP D 532 36.44 23.61 39.12
N VAL D 533 36.88 24.34 40.15
CA VAL D 533 37.54 25.61 39.94
C VAL D 533 38.90 25.42 39.29
N ASN D 534 39.63 24.37 39.66
CA ASN D 534 40.94 24.08 39.08
C ASN D 534 40.85 22.81 38.25
N LEU D 535 41.09 22.93 36.96
CA LEU D 535 41.04 21.78 36.06
C LEU D 535 41.84 22.12 34.81
N LYS D 536 42.22 21.07 34.09
CA LYS D 536 43.01 21.22 32.87
C LYS D 536 42.09 21.21 31.65
N ASP D 537 42.47 21.99 30.64
CA ASP D 537 41.71 22.03 29.40
C ASP D 537 42.03 20.80 28.56
N LYS D 538 41.48 20.76 27.34
CA LYS D 538 41.77 19.65 26.44
C LYS D 538 43.24 19.61 26.07
N PHE D 539 43.82 20.75 25.72
CA PHE D 539 45.25 20.85 25.46
C PHE D 539 46.05 21.02 26.74
N GLY D 540 45.39 21.20 27.87
CA GLY D 540 46.08 21.28 29.15
C GLY D 540 46.31 22.68 29.68
N HIS D 541 45.27 23.52 29.66
CA HIS D 541 45.34 24.85 30.26
C HIS D 541 44.48 24.90 31.51
N THR D 542 44.97 25.57 32.54
CA THR D 542 44.20 25.91 33.72
C THR D 542 43.33 27.13 33.43
N PRO D 543 42.19 27.28 34.12
CA PRO D 543 41.35 28.47 33.88
C PRO D 543 42.07 29.78 34.14
N LEU D 544 42.98 29.80 35.11
CA LEU D 544 43.77 30.99 35.36
C LEU D 544 44.59 31.37 34.13
N PHE D 545 45.09 30.37 33.40
CA PHE D 545 45.84 30.65 32.17
C PHE D 545 44.94 31.30 31.13
N GLU D 546 43.71 30.83 30.99
CA GLU D 546 42.78 31.46 30.06
C GLU D 546 42.49 32.90 30.46
N ALA D 547 42.27 33.14 31.76
CA ALA D 547 42.03 34.50 32.23
C ALA D 547 43.24 35.39 31.98
N VAL D 548 44.45 34.86 32.19
CA VAL D 548 45.66 35.64 32.00
C VAL D 548 45.84 36.00 30.54
N LYS D 549 45.69 35.02 29.64
CA LYS D 549 45.87 35.26 28.22
C LYS D 549 44.77 36.16 27.65
N ALA D 550 43.56 36.08 28.19
CA ALA D 550 42.46 36.90 27.72
C ALA D 550 42.30 38.20 28.49
N GLY D 551 43.18 38.47 29.46
CA GLY D 551 43.13 39.73 30.19
C GLY D 551 42.00 39.84 31.19
N GLN D 552 41.53 38.71 31.74
CA GLN D 552 40.46 38.74 32.75
C GLN D 552 41.09 38.80 34.13
N GLU D 553 41.42 40.02 34.56
CA GLU D 553 41.98 40.22 35.89
C GLU D 553 40.99 39.87 36.98
N GLY D 554 39.71 40.21 36.78
CA GLY D 554 38.70 39.88 37.77
C GLY D 554 38.52 38.39 37.95
N VAL D 555 38.54 37.64 36.85
CA VAL D 555 38.47 36.19 36.94
C VAL D 555 39.72 35.64 37.61
N ILE D 556 40.87 36.25 37.38
CA ILE D 556 42.09 35.85 38.08
C ILE D 556 41.91 36.03 39.59
N GLY D 557 41.35 37.18 39.99
CA GLY D 557 41.13 37.41 41.41
C GLY D 557 40.14 36.43 42.02
N LEU D 558 39.06 36.12 41.29
CA LEU D 558 38.10 35.15 41.79
C LEU D 558 38.72 33.76 41.92
N LEU D 559 39.53 33.36 40.93
CA LEU D 559 40.21 32.08 41.00
C LEU D 559 41.18 32.03 42.18
N VAL D 560 41.89 33.13 42.41
CA VAL D 560 42.83 33.18 43.52
C VAL D 560 42.10 33.08 44.85
N LYS D 561 41.00 33.83 45.01
CA LYS D 561 40.25 33.79 46.25
C LYS D 561 39.59 32.43 46.45
N GLU D 562 39.29 31.71 45.37
CA GLU D 562 38.83 30.34 45.51
C GLU D 562 39.98 29.38 45.81
N GLY D 563 41.18 29.67 45.30
CA GLY D 563 42.36 28.87 45.56
C GLY D 563 42.90 28.08 44.39
N ALA D 564 42.41 28.31 43.18
CA ALA D 564 42.88 27.55 42.03
C ALA D 564 44.30 27.95 41.64
N SER D 565 45.06 26.97 41.17
CA SER D 565 46.43 27.17 40.73
C SER D 565 46.60 26.61 39.33
N PHE D 566 47.72 26.98 38.69
CA PHE D 566 48.00 26.47 37.33
C PHE D 566 48.16 24.95 37.33
N ASN D 567 49.13 24.44 38.08
CA ASN D 567 49.46 23.00 38.05
C ASN D 567 49.76 22.56 36.61
N LEU D 568 50.44 23.43 35.87
CA LEU D 568 50.78 23.14 34.48
C LEU D 568 51.96 22.18 34.40
N GLU D 569 51.90 21.24 33.46
CA GLU D 569 52.95 20.25 33.33
C GLU D 569 54.27 20.86 32.88
N ASP D 570 54.22 22.01 32.21
CA ASP D 570 55.42 22.69 31.75
C ASP D 570 55.43 24.13 32.23
N SER D 571 55.18 24.33 33.53
CA SER D 571 55.13 25.68 34.09
C SER D 571 56.44 26.42 33.88
N GLY D 572 57.56 25.73 34.01
CA GLY D 572 58.86 26.36 33.85
C GLY D 572 59.08 26.93 32.47
N ASN D 573 58.94 26.10 31.43
CA ASN D 573 59.17 26.58 30.08
C ASN D 573 58.10 27.57 29.64
N PHE D 574 56.88 27.43 30.14
CA PHE D 574 55.85 28.43 29.87
C PHE D 574 56.24 29.79 30.45
N LEU D 575 56.74 29.78 31.70
CA LEU D 575 57.24 31.01 32.30
C LEU D 575 58.39 31.60 31.49
N CYS D 576 59.30 30.74 31.03
CA CYS D 576 60.44 31.22 30.25
C CYS D 576 59.99 31.80 28.91
N THR D 577 59.02 31.17 28.25
CA THR D 577 58.50 31.72 27.00
C THR D 577 57.79 33.05 27.24
N THR D 578 57.07 33.17 28.35
CA THR D 578 56.47 34.46 28.70
C THR D 578 57.52 35.53 28.91
N VAL D 579 58.62 35.17 29.58
CA VAL D 579 59.71 36.11 29.79
C VAL D 579 60.31 36.53 28.45
N ALA D 580 60.50 35.55 27.54
CA ALA D 580 61.05 35.86 26.22
C ALA D 580 60.11 36.77 25.43
N LYS D 581 58.80 36.58 25.58
CA LYS D 581 57.84 37.47 24.95
C LYS D 581 57.98 38.90 25.48
N GLY D 582 58.46 39.06 26.72
CA GLY D 582 58.66 40.36 27.31
C GLY D 582 57.42 41.01 27.88
N ASP D 583 56.28 40.34 27.84
CA ASP D 583 55.03 40.91 28.34
C ASP D 583 55.06 40.93 29.85
N SER D 584 55.22 42.13 30.43
CA SER D 584 55.24 42.27 31.87
C SER D 584 53.89 41.93 32.49
N ASP D 585 52.79 42.35 31.85
CA ASP D 585 51.46 42.11 32.42
C ASP D 585 51.16 40.62 32.52
N PHE D 586 51.61 39.84 31.53
CA PHE D 586 51.38 38.39 31.58
C PHE D 586 52.03 37.78 32.82
N LEU D 587 53.30 38.10 33.06
CA LEU D 587 53.97 37.53 34.22
C LEU D 587 53.44 38.09 35.53
N LYS D 588 52.98 39.34 35.54
CA LYS D 588 52.38 39.86 36.77
C LYS D 588 51.07 39.14 37.07
N ARG D 589 50.29 38.80 36.03
CA ARG D 589 49.11 37.97 36.24
C ARG D 589 49.50 36.59 36.76
N LEU D 590 50.58 36.02 36.22
CA LEU D 590 51.05 34.72 36.72
C LEU D 590 51.44 34.80 38.19
N LEU D 591 52.13 35.87 38.57
CA LEU D 591 52.53 36.04 39.97
C LEU D 591 51.34 36.26 40.88
N SER D 592 50.36 37.05 40.42
CA SER D 592 49.14 37.23 41.19
C SER D 592 48.41 35.91 41.39
N SER D 593 48.43 35.05 40.37
CA SER D 593 47.83 33.73 40.52
C SER D 593 48.64 32.82 41.42
N GLY D 594 49.96 33.05 41.55
CA GLY D 594 50.74 32.36 42.56
C GLY D 594 51.88 31.47 42.07
N MET D 595 52.28 31.58 40.80
CA MET D 595 53.35 30.75 40.25
C MET D 595 54.71 31.29 40.63
N ASN D 596 55.62 30.37 40.95
CA ASN D 596 57.00 30.74 41.26
C ASN D 596 57.66 31.27 40.00
N PRO D 597 57.99 32.56 39.92
CA PRO D 597 58.47 33.12 38.66
C PRO D 597 59.79 32.55 38.18
N ASN D 598 60.61 32.01 39.08
CA ASN D 598 61.92 31.48 38.74
C ASN D 598 61.90 29.96 38.58
N SER D 599 60.73 29.39 38.30
CA SER D 599 60.59 27.95 38.18
C SER D 599 61.46 27.41 37.06
N GLU D 600 62.15 26.31 37.34
CA GLU D 600 63.07 25.74 36.37
C GLU D 600 62.34 25.21 35.14
N ASP D 601 62.94 25.43 33.98
CA ASP D 601 62.37 24.96 32.73
C ASP D 601 62.69 23.48 32.53
N TYR D 602 62.47 22.97 31.32
CA TYR D 602 62.71 21.56 31.05
C TYR D 602 64.17 21.18 31.26
N ASP D 603 65.09 22.00 30.77
CA ASP D 603 66.52 21.75 30.95
C ASP D 603 67.07 22.49 32.17
N HIS D 604 66.39 22.31 33.31
CA HIS D 604 66.77 22.93 34.59
C HIS D 604 67.27 24.36 34.42
N ARG D 605 66.50 25.15 33.68
CA ARG D 605 66.86 26.51 33.33
C ARG D 605 66.00 27.49 34.12
N THR D 606 66.65 28.50 34.70
CA THR D 606 65.92 29.54 35.42
C THR D 606 65.62 30.70 34.48
N PRO D 607 64.37 31.18 34.44
CA PRO D 607 64.05 32.31 33.57
C PRO D 607 64.80 33.58 33.91
N LEU D 608 65.37 33.67 35.11
CA LEU D 608 66.17 34.84 35.47
C LEU D 608 67.38 34.99 34.55
N HIS D 609 67.95 33.87 34.08
CA HIS D 609 69.11 33.95 33.20
C HIS D 609 68.77 34.64 31.88
N VAL D 610 67.72 34.16 31.20
CA VAL D 610 67.33 34.79 29.94
C VAL D 610 66.79 36.20 30.19
N ALA D 611 66.15 36.42 31.34
CA ALA D 611 65.69 37.76 31.67
C ALA D 611 66.84 38.75 31.79
N ALA D 612 67.91 38.34 32.47
CA ALA D 612 69.08 39.20 32.59
C ALA D 612 69.81 39.36 31.26
N SER D 613 69.84 38.30 30.45
CA SER D 613 70.48 38.41 29.14
C SER D 613 69.74 39.39 28.24
N GLU D 614 68.41 39.40 28.30
CA GLU D 614 67.63 40.36 27.52
C GLU D 614 67.90 41.79 27.98
N GLY D 615 67.98 42.01 29.28
CA GLY D 615 68.35 43.30 29.83
C GLY D 615 67.21 44.20 30.24
N LEU D 616 65.96 43.77 30.08
CA LEU D 616 64.83 44.59 30.49
C LEU D 616 64.76 44.64 32.01
N PHE D 617 64.93 45.83 32.58
CA PHE D 617 64.93 45.97 34.03
C PHE D 617 63.56 45.69 34.63
N LEU D 618 62.48 46.01 33.90
CA LEU D 618 61.14 45.73 34.40
C LEU D 618 60.85 44.29 34.80
N MET D 619 61.19 43.35 33.93
CA MET D 619 60.99 41.94 34.26
C MET D 619 61.95 41.34 35.31
N ALA D 620 63.16 41.90 35.37
CA ALA D 620 64.08 41.48 36.44
C ALA D 620 63.46 41.95 37.76
N LYS D 621 63.00 43.21 37.80
CA LYS D 621 62.34 43.69 39.02
C LYS D 621 61.10 42.88 39.34
N MET D 622 60.32 42.55 38.31
CA MET D 622 59.14 41.72 38.49
C MET D 622 59.51 40.31 38.94
N LEU D 623 60.59 39.77 38.38
CA LEU D 623 61.03 38.42 38.72
C LEU D 623 61.52 38.35 40.16
N VAL D 624 62.09 39.45 40.67
CA VAL D 624 62.56 39.48 42.05
C VAL D 624 61.49 39.96 43.03
N GLU D 625 60.39 40.53 42.55
CA GLU D 625 59.32 40.95 43.46
C GLU D 625 58.70 39.76 44.17
N ALA D 626 58.42 38.68 43.43
CA ALA D 626 57.85 37.47 44.03
C ALA D 626 58.91 36.53 44.58
N GLY D 627 60.18 36.87 44.45
CA GLY D 627 61.26 36.02 44.93
C GLY D 627 62.01 35.34 43.80
N ALA D 628 63.15 35.89 43.43
CA ALA D 628 63.98 35.31 42.38
C ALA D 628 64.97 34.32 42.98
N SER D 629 65.58 33.52 42.10
CA SER D 629 66.56 32.51 42.49
C SER D 629 67.82 32.74 41.67
N VAL D 630 68.68 33.65 42.15
CA VAL D 630 69.98 33.84 41.53
C VAL D 630 70.90 32.68 41.86
N ILE D 631 70.68 32.02 43.00
CA ILE D 631 71.46 30.86 43.37
C ILE D 631 71.20 29.70 42.41
N SER D 632 69.97 29.58 41.92
CA SER D 632 69.63 28.49 41.02
C SER D 632 70.45 28.56 39.74
N LYS D 633 70.95 27.40 39.30
CA LYS D 633 71.78 27.31 38.12
C LYS D 633 70.91 27.17 36.87
N ASP D 634 71.55 26.91 35.73
CA ASP D 634 70.85 26.77 34.47
C ASP D 634 71.53 25.67 33.66
N ARG D 635 71.03 25.46 32.43
CA ARG D 635 71.63 24.47 31.54
C ARG D 635 73.03 24.87 31.10
N TRP D 636 73.38 26.15 31.19
CA TRP D 636 74.71 26.62 30.80
C TRP D 636 75.73 26.51 31.92
N GLY D 637 75.31 26.12 33.12
CA GLY D 637 76.19 26.18 34.26
C GLY D 637 76.49 27.59 34.71
N ASN D 638 75.63 28.55 34.38
CA ASN D 638 75.84 29.96 34.64
C ASN D 638 75.00 30.42 35.83
N SER D 639 75.08 31.70 36.12
CA SER D 639 74.30 32.36 37.15
C SER D 639 73.67 33.63 36.58
N PRO D 640 72.53 34.05 37.12
CA PRO D 640 71.92 35.30 36.63
C PRO D 640 72.83 36.51 36.78
N LEU D 641 73.74 36.49 37.76
CA LEU D 641 74.72 37.57 37.88
C LEU D 641 75.59 37.65 36.63
N ASP D 642 76.04 36.50 36.13
CA ASP D 642 76.89 36.48 34.94
C ASP D 642 76.12 36.98 33.72
N GLU D 643 74.86 36.57 33.57
CA GLU D 643 74.05 37.05 32.44
C GLU D 643 73.83 38.56 32.53
N ALA D 644 73.52 39.06 33.72
CA ALA D 644 73.30 40.49 33.89
C ALA D 644 74.57 41.28 33.59
N ARG D 645 75.72 40.82 34.06
CA ARG D 645 76.96 41.53 33.79
C ARG D 645 77.38 41.39 32.32
N LEU D 646 76.98 40.30 31.67
CA LEU D 646 77.22 40.18 30.23
C LEU D 646 76.37 41.17 29.45
N CYS D 647 75.13 41.38 29.88
CA CYS D 647 74.27 42.36 29.22
C CYS D 647 74.83 43.77 29.35
N GLY D 648 75.31 44.13 30.54
CA GLY D 648 75.93 45.41 30.77
C GLY D 648 75.06 46.45 31.44
N ASN D 649 73.82 46.11 31.79
CA ASN D 649 72.94 47.06 32.47
C ASN D 649 73.30 47.10 33.95
N LYS D 650 73.83 48.23 34.40
CA LYS D 650 74.37 48.31 35.76
C LYS D 650 73.27 48.11 36.81
N LYS D 651 72.11 48.72 36.62
CA LYS D 651 71.02 48.55 37.59
C LYS D 651 70.54 47.12 37.63
N LEU D 652 70.53 46.44 36.49
CA LEU D 652 70.16 45.03 36.44
C LEU D 652 71.10 44.20 37.31
N ILE D 653 72.41 44.42 37.14
CA ILE D 653 73.40 43.68 37.94
C ILE D 653 73.25 44.03 39.40
N LYS D 654 72.97 45.30 39.72
CA LYS D 654 72.81 45.71 41.11
C LYS D 654 71.64 44.98 41.76
N LEU D 655 70.48 44.98 41.09
CA LEU D 655 69.30 44.31 41.65
C LEU D 655 69.53 42.81 41.79
N LEU D 656 70.12 42.18 40.77
CA LEU D 656 70.37 40.76 40.83
C LEU D 656 71.37 40.42 41.92
N GLU D 657 72.37 41.28 42.13
CA GLU D 657 73.33 41.05 43.22
C GLU D 657 72.67 41.21 44.58
N ASP D 658 71.75 42.18 44.72
CA ASP D 658 71.01 42.32 45.97
C ASP D 658 70.20 41.06 46.26
N VAL D 659 69.53 40.52 45.24
CA VAL D 659 68.73 39.31 45.45
C VAL D 659 69.63 38.11 45.74
N LYS D 660 70.80 38.04 45.08
CA LYS D 660 71.75 36.98 45.36
C LYS D 660 72.25 37.03 46.80
N ASN D 661 72.54 38.24 47.29
CA ASN D 661 72.96 38.40 48.68
C ASN D 661 71.83 38.02 49.64
N ALA D 662 70.59 38.38 49.28
CA ALA D 662 69.45 37.98 50.10
C ALA D 662 69.33 36.46 50.17
N GLN D 663 69.52 35.78 49.04
CA GLN D 663 69.52 34.31 49.04
C GLN D 663 70.66 33.75 49.88
N SER D 664 71.84 34.37 49.78
CA SER D 664 72.99 33.90 50.54
C SER D 664 72.78 34.07 52.04
N SER D 665 72.06 35.12 52.44
CA SER D 665 71.77 35.32 53.86
C SER D 665 70.93 34.18 54.42
N ILE D 666 69.94 33.72 53.67
CA ILE D 666 69.11 32.61 54.09
C ILE D 666 69.62 31.31 53.47
K K E . -52.07 -6.79 -18.31
K K F . -58.10 -7.63 -20.43
#